data_8H11
#
_entry.id   8H11
#
_cell.length_a   1.00
_cell.length_b   1.00
_cell.length_c   1.00
_cell.angle_alpha   90.00
_cell.angle_beta   90.00
_cell.angle_gamma   90.00
#
_symmetry.space_group_name_H-M   'P 1'
#
loop_
_entity.id
_entity.type
_entity.pdbx_description
1 polymer 'Spike glycoprotein'
2 branched 2-acetamido-2-deoxy-beta-D-glucopyranose-(1-4)-2-acetamido-2-deoxy-beta-D-glucopyranose
3 non-polymer 2-acetamido-2-deoxy-beta-D-glucopyranose
#
_entity_poly.entity_id   1
_entity_poly.type   'polypeptide(L)'
_entity_poly.pdbx_seq_one_letter_code
;ETGTDLDRCTTFDDVQAPNYTQHTSSMRGVYYPDEIFRSDTLYLTQDLFLPFYSNVTGFHTINHTFGNPVIPFKDGIYFA
ATEKSNVVRGWVFGSTMNNKSQSVIIINNSTNVVIRACNFELCDNPFFAVSKPMGTQTHTMIFDNAFNCTFEYISDAFSL
DVSEKSGNFKHLREFVFKNKDGFLYVYKGYQPIDVVRDLPSGFNTLKPIFKLPLGINITNFRAILTAFSPAQDIWGTSAA
AYFVGYLKPTTFMLKYDENGTITDAVDCSQNPLAELKCSVKSFEIDKGIYQTSNFRVVPSGDVVRFPNITNLCPFGEVFN
ATKFPSVYAWERKKISNCVADYSVLYNSTFFSTFKCYGVCATKLNDLCFSNVYADSFVVKGDDVRQIAPGQTGVIADYNY
KLPDDFMGCVLAWNTRNIDATSTGNYNYKYRYLRHGKLRPFERDISNVPFSPDGKPCTPPALNCYWPLNDYGFYTTTGIG
YQPYRVVVLSFELLNAPATVCGPKLSTDLIKNQCVNFNFNGLTGTGVLTPSSKRFQPFQQFGRDVSDFTDSVRDPKTSEI
LDISPCSFGGVSVITPGTNASSEVAVLYQDVNCTDVSTAIHADQLTPAWRIYSTGNNVFQTQAGCLIGAEHVDTSYECDI
PIGAGICASYHTVSLLRSTSQKSIVAYTMSLGADSSIAYSNNTIAIPTNFSISITTEVMPVSMAKTSVDCNMYICGDSTE
CANLLLQYGSFCTQLNRALSGIAAEQDRNTREVFAQVKQMYKTPTLKYFGGFNFSQILPDPLKPTKRSFIEDLLFNKVTL
ADAGFMKQYGECLGDINARDLICAQKFNGLTVLPPLLTDDMIAAYTAALVSGTATAGWTFGAGAALQIPFAMQMAYRFNG
IGVTQNVLYENQKQIANQFNKAISQIQESLTTTSTALGKLQDVVNQNAQALNTLVKQLSSNFGAISSVLNDILSRLCKVE
AEVQIDRLITGRLQSLQTYVTQQLIRAAEIRASANLAATKMSECVLGQSKRVDFCGKGYHLMSFPQAAPHGVVFLHVTYV
PSQERNFTTAPAICHEGKAYFPREGVFVFNGTSWFITQRNFFSPQIITTDNTFVSGNCDVVIGIINNTVYDPLQPELDSF
KEELDKYFKNHTSPDVDLGDISGINASVVNIQKEIDRLNEVAKNLNESLIDLQELGKYEQYIKGSGRENLYFQGGGGSGY
IPEAPRDGQAYVRKDGEWVLLSTFLGHHHHHH
;
_entity_poly.pdbx_strand_id   B,A,C
#
loop_
_chem_comp.id
_chem_comp.type
_chem_comp.name
_chem_comp.formula
NAG D-saccharide, beta linking 2-acetamido-2-deoxy-beta-D-glucopyranose 'C8 H15 N O6'
#
# COMPACT_ATOMS: atom_id res chain seq x y z
N THR A 21 -10.72 26.86 -54.27
CA THR A 21 -9.55 25.99 -54.19
C THR A 21 -9.41 25.40 -52.79
N GLN A 22 -8.33 24.64 -52.57
CA GLN A 22 -8.07 24.01 -51.28
C GLN A 22 -6.58 24.06 -51.00
N HIS A 23 -6.24 24.19 -49.71
CA HIS A 23 -4.85 24.24 -49.27
C HIS A 23 -4.72 23.51 -47.95
N THR A 24 -3.50 23.46 -47.42
CA THR A 24 -3.22 22.81 -46.15
C THR A 24 -2.67 23.81 -45.14
N SER A 25 -2.99 23.57 -43.87
CA SER A 25 -2.53 24.42 -42.77
C SER A 25 -1.44 23.67 -42.01
N SER A 26 -0.19 23.83 -42.46
CA SER A 26 0.92 23.07 -41.89
C SER A 26 1.42 23.78 -40.64
N MET A 27 0.93 23.33 -39.49
CA MET A 27 1.32 23.83 -38.16
C MET A 27 1.04 25.32 -38.01
N ARG A 28 -0.23 25.69 -38.18
CA ARG A 28 -0.66 27.07 -38.14
C ARG A 28 -1.79 27.25 -37.15
N GLY A 29 -1.92 28.47 -36.63
CA GLY A 29 -3.05 28.83 -35.80
C GLY A 29 -2.96 28.40 -34.36
N VAL A 30 -1.82 28.64 -33.72
CA VAL A 30 -1.62 28.36 -32.30
C VAL A 30 -1.69 29.69 -31.55
N TYR A 31 -2.43 29.70 -30.44
CA TYR A 31 -2.57 30.90 -29.64
C TYR A 31 -2.20 30.63 -28.20
N TYR A 32 -1.93 31.70 -27.46
CA TYR A 32 -1.62 31.58 -26.05
C TYR A 32 -2.90 31.21 -25.27
N PRO A 33 -2.87 30.12 -24.49
CA PRO A 33 -4.12 29.63 -23.90
C PRO A 33 -4.69 30.54 -22.83
N ASP A 34 -3.83 31.17 -22.02
CA ASP A 34 -4.30 32.00 -20.93
C ASP A 34 -3.30 33.13 -20.69
N GLU A 35 -3.43 33.77 -19.53
CA GLU A 35 -2.69 34.99 -19.22
C GLU A 35 -1.59 34.72 -18.18
N ILE A 36 -1.04 33.51 -18.23
CA ILE A 36 -0.11 33.03 -17.23
C ILE A 36 1.26 32.84 -17.87
N PHE A 37 2.29 33.42 -17.25
CA PHE A 37 3.66 33.25 -17.69
C PHE A 37 4.14 31.84 -17.37
N ARG A 38 4.82 31.20 -18.33
CA ARG A 38 5.44 29.91 -18.12
C ARG A 38 6.78 29.89 -18.83
N SER A 39 7.69 29.05 -18.36
CA SER A 39 9.03 29.00 -18.92
C SER A 39 9.66 27.64 -18.72
N ASP A 40 10.27 27.11 -19.78
CA ASP A 40 11.07 25.90 -19.77
C ASP A 40 10.27 24.68 -19.28
N THR A 41 9.05 24.56 -19.80
CA THR A 41 8.20 23.42 -19.52
C THR A 41 7.52 22.96 -20.80
N LEU A 42 6.91 21.79 -20.73
CA LEU A 42 6.00 21.31 -21.76
C LEU A 42 4.61 21.28 -21.14
N TYR A 43 3.68 22.01 -21.74
CA TYR A 43 2.35 22.21 -21.15
C TYR A 43 1.31 21.51 -22.01
N LEU A 44 0.48 20.68 -21.38
CA LEU A 44 -0.57 19.95 -22.06
C LEU A 44 -1.91 20.63 -21.82
N THR A 45 -2.58 21.01 -22.90
CA THR A 45 -3.83 21.73 -22.77
C THR A 45 -4.84 21.26 -23.81
N GLN A 46 -6.11 21.23 -23.40
CA GLN A 46 -7.20 20.80 -24.27
C GLN A 46 -8.13 21.98 -24.50
N ASP A 47 -8.33 22.34 -25.77
CA ASP A 47 -9.13 23.51 -26.13
C ASP A 47 -9.47 23.42 -27.62
N LEU A 48 -10.05 24.49 -28.15
CA LEU A 48 -10.41 24.54 -29.57
C LEU A 48 -9.22 25.04 -30.37
N PHE A 49 -8.65 24.16 -31.19
CA PHE A 49 -7.44 24.46 -31.95
C PHE A 49 -7.64 24.10 -33.41
N LEU A 50 -6.78 24.66 -34.25
CA LEU A 50 -6.73 24.28 -35.65
C LEU A 50 -5.80 23.10 -35.82
N PRO A 51 -6.28 21.93 -36.23
CA PRO A 51 -5.42 20.74 -36.29
C PRO A 51 -4.33 20.87 -37.35
N PHE A 52 -3.24 20.14 -37.11
CA PHE A 52 -2.07 20.21 -37.99
C PHE A 52 -2.33 19.52 -39.31
N TYR A 53 -1.86 20.14 -40.40
CA TYR A 53 -1.99 19.62 -41.77
C TYR A 53 -3.44 19.37 -42.15
N SER A 54 -4.31 20.32 -41.82
CA SER A 54 -5.72 20.20 -42.15
C SER A 54 -6.04 20.96 -43.43
N ASN A 55 -7.28 20.78 -43.89
CA ASN A 55 -7.77 21.34 -45.14
C ASN A 55 -8.41 22.72 -44.92
N VAL A 56 -7.88 23.73 -45.61
CA VAL A 56 -8.39 25.09 -45.51
C VAL A 56 -8.87 25.53 -46.88
N THR A 57 -9.85 26.43 -46.88
CA THR A 57 -10.46 26.90 -48.11
C THR A 57 -9.92 28.28 -48.46
N GLY A 58 -9.39 28.42 -49.67
CA GLY A 58 -8.84 29.69 -50.12
C GLY A 58 -9.82 30.40 -51.05
N PHE A 59 -9.93 31.71 -50.85
CA PHE A 59 -10.77 32.57 -51.66
C PHE A 59 -9.90 33.63 -52.31
N HIS A 60 -10.00 33.74 -53.64
CA HIS A 60 -9.23 34.70 -54.40
C HIS A 60 -10.13 35.71 -55.09
N ASN A 68 -17.80 37.27 -52.13
CA ASN A 68 -17.93 37.17 -50.68
C ASN A 68 -19.15 36.37 -50.29
N PRO A 69 -19.03 35.04 -50.28
CA PRO A 69 -20.16 34.20 -49.87
C PRO A 69 -20.39 34.27 -48.37
N VAL A 70 -21.59 33.86 -47.97
CA VAL A 70 -21.93 33.75 -46.56
C VAL A 70 -21.30 32.49 -46.02
N ILE A 71 -20.12 32.61 -45.44
CA ILE A 71 -19.35 31.45 -44.98
C ILE A 71 -19.89 31.03 -43.61
N PRO A 72 -20.04 29.74 -43.34
CA PRO A 72 -20.51 29.32 -42.01
C PRO A 72 -19.46 29.53 -40.93
N PHE A 73 -19.93 29.48 -39.69
CA PHE A 73 -19.13 29.69 -38.49
C PHE A 73 -19.50 28.55 -37.54
N LYS A 74 -18.74 27.46 -37.60
CA LYS A 74 -19.15 26.24 -36.91
C LYS A 74 -18.84 26.29 -35.42
N ASP A 75 -17.57 26.35 -35.07
CA ASP A 75 -17.15 26.39 -33.67
C ASP A 75 -15.99 27.36 -33.48
N GLY A 76 -15.91 28.38 -34.30
CA GLY A 76 -14.77 29.26 -34.33
C GLY A 76 -13.94 29.04 -35.58
N ILE A 77 -13.24 30.07 -36.00
CA ILE A 77 -12.52 30.02 -37.27
C ILE A 77 -11.10 30.53 -37.09
N TYR A 78 -10.23 30.09 -37.98
CA TYR A 78 -8.92 30.69 -38.22
C TYR A 78 -9.02 31.37 -39.58
N PHE A 79 -8.84 32.68 -39.59
CA PHE A 79 -8.97 33.50 -40.78
C PHE A 79 -7.59 34.04 -41.09
N ALA A 80 -7.14 33.90 -42.34
CA ALA A 80 -5.87 34.47 -42.75
C ALA A 80 -6.07 35.32 -43.99
N ALA A 81 -5.19 36.30 -44.18
CA ALA A 81 -5.29 37.17 -45.35
C ALA A 81 -3.90 37.58 -45.79
N THR A 82 -3.62 37.44 -47.08
CA THR A 82 -2.35 37.87 -47.67
C THR A 82 -2.63 39.14 -48.47
N GLU A 83 -2.22 40.28 -47.94
CA GLU A 83 -2.62 41.55 -48.54
C GLU A 83 -1.38 42.39 -48.87
N LYS A 84 -1.60 43.41 -49.70
CA LYS A 84 -0.56 44.38 -50.04
C LYS A 84 -1.10 45.80 -49.93
N SER A 85 -2.43 45.94 -50.01
CA SER A 85 -3.05 47.27 -50.05
C SER A 85 -4.25 47.35 -49.12
N ASN A 86 -4.33 46.44 -48.15
CA ASN A 86 -5.35 46.42 -47.09
C ASN A 86 -6.76 46.32 -47.68
N VAL A 87 -6.98 45.24 -48.41
CA VAL A 87 -8.25 45.01 -49.09
C VAL A 87 -9.31 44.41 -48.16
N VAL A 88 -8.96 43.40 -47.37
CA VAL A 88 -9.92 42.77 -46.47
C VAL A 88 -9.86 43.48 -45.11
N ARG A 89 -10.90 44.23 -44.79
CA ARG A 89 -10.98 44.99 -43.54
C ARG A 89 -12.41 44.93 -43.00
N GLY A 90 -12.62 44.07 -42.01
CA GLY A 90 -13.92 43.99 -41.40
C GLY A 90 -14.58 42.63 -41.49
N TRP A 91 -15.56 42.40 -40.62
CA TRP A 91 -16.34 41.17 -40.61
C TRP A 91 -17.75 41.50 -40.13
N VAL A 92 -18.64 40.52 -40.26
CA VAL A 92 -19.99 40.59 -39.71
C VAL A 92 -20.35 39.18 -39.26
N PHE A 93 -21.02 39.08 -38.11
CA PHE A 93 -21.21 37.79 -37.44
C PHE A 93 -22.68 37.55 -37.12
N GLY A 94 -23.55 37.74 -38.11
CA GLY A 94 -24.96 37.56 -37.88
C GLY A 94 -25.36 36.09 -37.78
N SER A 95 -26.67 35.88 -37.62
CA SER A 95 -27.21 34.53 -37.58
C SER A 95 -28.05 34.21 -38.81
N THR A 96 -29.00 35.08 -39.15
CA THR A 96 -29.79 34.92 -40.35
C THR A 96 -29.48 36.00 -41.39
N MET A 97 -28.57 36.91 -41.08
CA MET A 97 -28.13 38.01 -41.94
C MET A 97 -29.30 38.88 -42.39
N ASN A 98 -30.24 39.15 -41.48
CA ASN A 98 -31.37 40.02 -41.75
C ASN A 98 -31.54 41.01 -40.61
N ASN A 99 -32.59 41.83 -40.70
CA ASN A 99 -32.92 42.73 -39.61
C ASN A 99 -33.76 42.06 -38.54
N LYS A 100 -34.16 40.80 -38.75
CA LYS A 100 -34.97 40.10 -37.75
C LYS A 100 -34.10 39.42 -36.70
N SER A 101 -32.77 39.49 -36.84
CA SER A 101 -31.85 38.88 -35.89
C SER A 101 -30.72 39.84 -35.56
N GLN A 102 -30.21 39.74 -34.33
CA GLN A 102 -29.10 40.59 -33.91
C GLN A 102 -27.83 40.18 -34.61
N SER A 103 -26.99 41.18 -34.95
CA SER A 103 -25.77 40.96 -35.68
C SER A 103 -24.74 42.01 -35.28
N VAL A 104 -23.48 41.60 -35.27
CA VAL A 104 -22.37 42.45 -34.85
C VAL A 104 -21.41 42.65 -36.02
N ILE A 105 -20.98 43.89 -36.20
CA ILE A 105 -20.00 44.25 -37.21
C ILE A 105 -18.75 44.74 -36.51
N ILE A 106 -17.59 44.26 -36.98
CA ILE A 106 -16.28 44.62 -36.43
C ILE A 106 -15.47 45.15 -37.60
N ILE A 107 -15.47 46.46 -37.81
CA ILE A 107 -14.85 47.06 -38.98
C ILE A 107 -13.95 48.20 -38.53
N ASN A 108 -12.81 48.35 -39.19
CA ASN A 108 -11.95 49.50 -38.95
C ASN A 108 -11.93 50.40 -40.17
N ASN A 109 -12.07 51.70 -39.95
CA ASN A 109 -11.92 52.69 -41.01
C ASN A 109 -10.64 53.49 -40.75
N SER A 110 -9.54 52.97 -41.30
CA SER A 110 -8.31 53.69 -41.67
C SER A 110 -7.55 54.31 -40.51
N THR A 111 -8.23 54.54 -39.39
CA THR A 111 -7.63 54.86 -38.10
C THR A 111 -8.33 54.11 -36.97
N ASN A 112 -9.65 53.98 -37.06
CA ASN A 112 -10.42 53.61 -35.88
C ASN A 112 -11.12 52.27 -36.05
N VAL A 113 -11.13 51.47 -34.99
CA VAL A 113 -11.82 50.18 -34.95
C VAL A 113 -13.16 50.38 -34.26
N VAL A 114 -14.24 50.06 -34.96
CA VAL A 114 -15.59 50.20 -34.42
C VAL A 114 -16.29 48.85 -34.46
N ILE A 115 -16.88 48.48 -33.33
CA ILE A 115 -17.64 47.26 -33.15
C ILE A 115 -19.05 47.66 -32.73
N ARG A 116 -20.05 47.10 -33.39
CA ARG A 116 -21.42 47.50 -33.11
C ARG A 116 -22.36 46.33 -33.30
N ALA A 117 -23.25 46.10 -32.33
CA ALA A 117 -24.15 44.95 -32.35
C ALA A 117 -25.60 45.43 -32.32
N CYS A 118 -26.28 45.39 -33.46
CA CYS A 118 -27.64 45.88 -33.58
C CYS A 118 -28.44 44.96 -34.49
N ASN A 119 -29.66 45.39 -34.82
CA ASN A 119 -30.41 44.80 -35.92
C ASN A 119 -30.09 45.58 -37.19
N PHE A 120 -29.52 44.91 -38.17
CA PHE A 120 -28.98 45.57 -39.35
C PHE A 120 -29.66 45.06 -40.60
N GLU A 121 -29.86 45.98 -41.56
CA GLU A 121 -30.03 45.58 -42.94
C GLU A 121 -28.65 45.33 -43.54
N LEU A 122 -28.52 44.27 -44.32
CA LEU A 122 -27.22 43.86 -44.83
C LEU A 122 -27.21 43.88 -46.35
N CYS A 123 -26.20 44.55 -46.91
CA CYS A 123 -26.06 44.72 -48.35
C CYS A 123 -24.98 43.80 -48.90
N ASP A 124 -25.00 43.64 -50.22
CA ASP A 124 -24.08 42.75 -50.91
C ASP A 124 -23.59 43.38 -52.21
N ASN A 125 -23.02 42.56 -53.10
CA ASN A 125 -22.53 42.96 -54.41
C ASN A 125 -21.47 44.05 -54.32
N ASN A 145 -32.80 51.22 -41.43
CA ASN A 145 -31.36 51.12 -41.43
C ASN A 145 -30.87 50.25 -40.28
N ALA A 146 -30.54 50.87 -39.15
CA ALA A 146 -30.05 50.17 -37.98
C ALA A 146 -30.88 50.57 -36.77
N PHE A 147 -31.35 49.59 -36.01
CA PHE A 147 -32.18 49.84 -34.84
C PHE A 147 -31.89 48.80 -33.78
N ASN A 148 -32.34 49.08 -32.55
CA ASN A 148 -32.23 48.19 -31.40
C ASN A 148 -30.80 47.78 -31.09
N CYS A 149 -29.90 48.75 -30.96
CA CYS A 149 -28.51 48.47 -30.64
C CYS A 149 -28.35 48.10 -29.17
N THR A 150 -27.43 47.18 -28.90
CA THR A 150 -27.17 46.70 -27.55
C THR A 150 -25.71 46.83 -27.12
N PHE A 151 -24.78 46.93 -28.07
CA PHE A 151 -23.37 47.01 -27.76
C PHE A 151 -22.67 47.91 -28.78
N GLU A 152 -21.76 48.75 -28.28
CA GLU A 152 -20.96 49.61 -29.14
C GLU A 152 -19.59 49.80 -28.49
N TYR A 153 -18.55 49.78 -29.32
CA TYR A 153 -17.18 50.00 -28.86
C TYR A 153 -16.41 50.69 -29.97
N ILE A 154 -15.71 51.76 -29.65
CA ILE A 154 -14.88 52.49 -30.62
C ILE A 154 -13.50 52.67 -30.00
N SER A 155 -12.45 52.38 -30.77
CA SER A 155 -11.09 52.48 -30.26
C SER A 155 -10.17 53.07 -31.32
N ASP A 156 -9.12 53.73 -30.82
CA ASP A 156 -8.10 54.35 -31.66
C ASP A 156 -6.76 53.64 -31.47
N LYS A 170 4.48 41.44 -49.69
CA LYS A 170 3.18 41.40 -49.04
C LYS A 170 3.32 41.08 -47.56
N HIS A 171 2.19 40.82 -46.91
CA HIS A 171 2.17 40.48 -45.50
C HIS A 171 0.90 39.71 -45.17
N LEU A 172 1.00 38.88 -44.13
CA LEU A 172 -0.05 37.97 -43.71
C LEU A 172 -0.60 38.40 -42.37
N ARG A 173 -1.92 38.57 -42.30
CA ARG A 173 -2.61 38.86 -41.06
C ARG A 173 -3.51 37.69 -40.73
N GLU A 174 -3.41 37.16 -39.52
CA GLU A 174 -4.14 35.97 -39.14
C GLU A 174 -4.88 36.19 -37.82
N PHE A 175 -6.09 35.64 -37.73
CA PHE A 175 -6.99 35.88 -36.63
C PHE A 175 -7.63 34.56 -36.23
N VAL A 176 -7.99 34.45 -34.95
CA VAL A 176 -8.79 33.33 -34.46
C VAL A 176 -10.01 33.90 -33.78
N PHE A 177 -11.19 33.43 -34.17
CA PHE A 177 -12.45 33.86 -33.58
C PHE A 177 -13.10 32.67 -32.88
N LYS A 178 -13.51 32.87 -31.63
CA LYS A 178 -14.15 31.81 -30.86
C LYS A 178 -15.28 32.42 -30.06
N ASN A 179 -16.33 31.66 -29.77
CA ASN A 179 -17.54 32.19 -29.14
C ASN A 179 -18.08 31.17 -28.16
N LYS A 180 -18.01 31.50 -26.86
CA LYS A 180 -18.60 30.62 -25.85
C LYS A 180 -19.00 31.43 -24.62
N ASP A 181 -20.04 30.95 -23.94
CA ASP A 181 -20.58 31.53 -22.70
C ASP A 181 -20.96 33.01 -22.87
N GLY A 182 -21.48 33.35 -24.04
CA GLY A 182 -21.85 34.73 -24.30
C GLY A 182 -20.68 35.66 -24.54
N PHE A 183 -19.48 35.13 -24.74
CA PHE A 183 -18.30 35.93 -24.99
C PHE A 183 -17.69 35.57 -26.34
N LEU A 184 -17.26 36.60 -27.06
CA LEU A 184 -16.59 36.44 -28.35
C LEU A 184 -15.12 36.81 -28.16
N TYR A 185 -14.24 35.82 -28.28
CA TYR A 185 -12.80 35.99 -28.12
C TYR A 185 -12.17 36.17 -29.48
N VAL A 186 -11.24 37.13 -29.59
CA VAL A 186 -10.50 37.40 -30.81
C VAL A 186 -9.02 37.34 -30.49
N TYR A 187 -8.27 36.58 -31.28
CA TYR A 187 -6.81 36.51 -31.20
C TYR A 187 -6.24 36.95 -32.53
N LYS A 188 -5.05 37.55 -32.51
CA LYS A 188 -4.49 38.14 -33.71
C LYS A 188 -2.98 37.95 -33.76
N GLY A 189 -2.47 37.63 -34.94
CA GLY A 189 -1.04 37.61 -35.18
C GLY A 189 -0.73 38.09 -36.58
N TYR A 190 0.56 38.34 -36.82
CA TYR A 190 1.03 38.97 -38.04
C TYR A 190 2.33 38.33 -38.46
N GLN A 191 2.57 38.29 -39.78
CA GLN A 191 3.80 37.67 -40.28
C GLN A 191 4.22 38.24 -41.62
N PRO A 192 5.51 38.54 -41.81
CA PRO A 192 6.01 38.97 -43.12
C PRO A 192 6.28 37.77 -44.02
N ILE A 193 5.54 37.68 -45.13
CA ILE A 193 5.77 36.68 -46.16
C ILE A 193 6.07 37.42 -47.45
N ASP A 194 6.54 36.73 -48.48
CA ASP A 194 6.78 37.50 -49.69
C ASP A 194 5.60 37.44 -50.67
N VAL A 195 5.52 36.36 -51.45
CA VAL A 195 4.48 36.02 -52.42
C VAL A 195 4.68 34.54 -52.76
N VAL A 196 3.62 33.73 -52.82
CA VAL A 196 3.60 32.75 -53.90
C VAL A 196 2.26 32.76 -54.66
N ARG A 197 1.21 32.15 -54.12
CA ARG A 197 -0.19 32.50 -54.34
C ARG A 197 -0.96 32.01 -53.12
N ASP A 198 -0.22 31.45 -52.17
CA ASP A 198 -0.70 30.39 -51.30
C ASP A 198 -0.33 30.69 -49.86
N LEU A 199 -1.02 30.04 -48.94
CA LEU A 199 -0.70 30.10 -47.52
C LEU A 199 0.63 29.40 -47.27
N PRO A 200 1.64 30.10 -46.75
CA PRO A 200 2.96 29.48 -46.59
C PRO A 200 3.03 28.49 -45.44
N SER A 201 4.09 27.67 -45.43
CA SER A 201 4.32 26.71 -44.38
C SER A 201 5.21 27.33 -43.31
N GLY A 202 4.78 27.23 -42.05
CA GLY A 202 5.59 27.77 -40.97
C GLY A 202 4.82 27.76 -39.67
N PHE A 203 5.46 28.28 -38.63
CA PHE A 203 4.90 28.32 -37.29
C PHE A 203 4.83 29.77 -36.82
N ASN A 204 3.71 30.14 -36.22
CA ASN A 204 3.49 31.48 -35.70
C ASN A 204 2.45 31.43 -34.60
N THR A 205 2.58 32.33 -33.62
CA THR A 205 1.75 32.27 -32.43
C THR A 205 0.95 33.57 -32.30
N LEU A 206 -0.25 33.45 -31.73
CA LEU A 206 -1.25 34.51 -31.74
C LEU A 206 -1.58 34.93 -30.31
N LYS A 207 -1.62 36.24 -30.07
CA LYS A 207 -1.83 36.81 -28.75
C LYS A 207 -3.25 37.35 -28.61
N PRO A 208 -3.83 37.32 -27.41
CA PRO A 208 -5.19 37.84 -27.23
C PRO A 208 -5.28 39.34 -27.45
N ILE A 209 -6.40 39.78 -27.99
CA ILE A 209 -6.63 41.20 -28.19
C ILE A 209 -7.83 41.65 -27.37
N PHE A 210 -9.00 41.07 -27.62
CA PHE A 210 -10.18 41.43 -26.85
C PHE A 210 -11.25 40.33 -26.89
N LYS A 211 -12.04 40.29 -25.82
CA LYS A 211 -13.24 39.48 -25.71
C LYS A 211 -14.44 40.38 -25.43
N LEU A 212 -15.53 40.17 -26.16
CA LEU A 212 -16.74 40.99 -26.08
C LEU A 212 -17.87 40.23 -25.41
N PRO A 213 -18.61 40.89 -24.49
CA PRO A 213 -19.72 40.25 -23.77
C PRO A 213 -21.06 40.40 -24.49
N LEU A 214 -21.12 39.95 -25.74
CA LEU A 214 -22.32 40.01 -26.55
C LEU A 214 -22.92 38.60 -26.67
N GLY A 215 -24.14 38.44 -26.18
CA GLY A 215 -24.76 37.13 -26.03
C GLY A 215 -25.63 36.67 -27.17
N ILE A 216 -25.04 36.34 -28.32
CA ILE A 216 -25.79 35.91 -29.50
C ILE A 216 -25.16 34.63 -30.04
N ASN A 217 -25.99 33.83 -30.72
CA ASN A 217 -25.50 32.84 -31.68
C ASN A 217 -24.75 33.51 -32.82
N ILE A 218 -23.63 32.90 -33.21
CA ILE A 218 -23.01 33.16 -34.50
C ILE A 218 -23.02 31.84 -35.27
N THR A 219 -23.78 31.81 -36.36
CA THR A 219 -23.80 30.64 -37.23
C THR A 219 -23.38 30.97 -38.65
N ASN A 220 -23.05 32.23 -38.94
CA ASN A 220 -22.59 32.64 -40.25
C ASN A 220 -21.64 33.81 -40.06
N PHE A 221 -20.79 34.03 -41.06
CA PHE A 221 -19.98 35.23 -41.09
C PHE A 221 -19.70 35.59 -42.54
N ARG A 222 -19.11 36.77 -42.73
CA ARG A 222 -18.83 37.30 -44.05
C ARG A 222 -17.76 38.37 -43.93
N ALA A 223 -16.81 38.37 -44.85
CA ALA A 223 -15.77 39.39 -44.88
C ALA A 223 -16.31 40.66 -45.52
N ILE A 224 -15.62 41.76 -45.24
CA ILE A 224 -15.99 43.08 -45.76
C ILE A 224 -14.80 43.59 -46.57
N LEU A 225 -14.97 43.64 -47.88
CA LEU A 225 -13.91 44.03 -48.80
C LEU A 225 -14.18 45.41 -49.38
N THR A 226 -13.10 46.11 -49.71
CA THR A 226 -13.20 47.44 -50.31
C THR A 226 -13.69 47.36 -51.74
N ALA A 240 -3.88 39.13 -53.38
CA ALA A 240 -5.11 39.44 -52.67
C ALA A 240 -5.97 38.20 -52.51
N ALA A 241 -5.84 37.54 -51.36
CA ALA A 241 -6.59 36.33 -51.09
C ALA A 241 -6.73 36.14 -49.58
N TYR A 242 -7.74 35.36 -49.21
CA TYR A 242 -7.95 35.06 -47.80
C TYR A 242 -8.38 33.61 -47.61
N PHE A 243 -8.00 33.03 -46.48
CA PHE A 243 -8.15 31.61 -46.22
C PHE A 243 -8.95 31.39 -44.94
N VAL A 244 -9.74 30.33 -44.94
CA VAL A 244 -10.60 29.98 -43.82
C VAL A 244 -10.33 28.55 -43.40
N GLY A 245 -10.08 28.34 -42.10
CA GLY A 245 -10.05 27.02 -41.52
C GLY A 245 -10.89 26.99 -40.27
N TYR A 246 -11.20 25.77 -39.82
CA TYR A 246 -12.13 25.58 -38.71
C TYR A 246 -11.42 24.98 -37.50
N LEU A 247 -11.89 25.35 -36.32
CA LEU A 247 -11.30 24.88 -35.06
C LEU A 247 -12.09 23.69 -34.53
N LYS A 248 -11.37 22.78 -33.87
CA LYS A 248 -11.94 21.57 -33.30
C LYS A 248 -11.39 21.35 -31.90
N PRO A 249 -12.16 20.68 -31.02
CA PRO A 249 -11.65 20.42 -29.67
C PRO A 249 -10.57 19.36 -29.63
N THR A 250 -9.32 19.76 -29.44
CA THR A 250 -8.18 18.85 -29.44
C THR A 250 -7.28 19.14 -28.24
N THR A 251 -6.36 18.22 -28.01
CA THR A 251 -5.33 18.35 -26.99
C THR A 251 -3.99 18.62 -27.66
N PHE A 252 -3.30 19.65 -27.20
CA PHE A 252 -2.01 20.06 -27.74
C PHE A 252 -0.97 20.02 -26.63
N MET A 253 0.30 19.86 -27.01
CA MET A 253 1.41 20.01 -26.09
C MET A 253 2.31 21.11 -26.61
N LEU A 254 2.53 22.12 -25.77
CA LEU A 254 3.19 23.36 -26.13
C LEU A 254 4.53 23.46 -25.42
N LYS A 255 5.50 24.07 -26.09
CA LYS A 255 6.86 24.21 -25.56
C LYS A 255 7.15 25.68 -25.30
N TYR A 256 7.25 26.04 -24.03
CA TYR A 256 7.69 27.38 -23.65
C TYR A 256 9.20 27.39 -23.48
N ASP A 257 9.87 28.37 -24.10
CA ASP A 257 11.32 28.45 -24.04
C ASP A 257 11.79 29.17 -22.77
N GLU A 258 13.08 29.53 -22.75
CA GLU A 258 13.70 30.20 -21.61
C GLU A 258 13.18 31.61 -21.38
N ASN A 259 12.49 32.21 -22.36
CA ASN A 259 11.95 33.55 -22.22
C ASN A 259 10.44 33.59 -22.05
N GLY A 260 9.74 32.51 -22.38
CA GLY A 260 8.31 32.45 -22.16
C GLY A 260 7.46 32.50 -23.41
N THR A 261 8.07 32.22 -24.56
CA THR A 261 7.37 32.24 -25.84
C THR A 261 7.17 30.82 -26.34
N ILE A 262 5.97 30.54 -26.86
CA ILE A 262 5.66 29.23 -27.42
C ILE A 262 6.37 29.11 -28.76
N THR A 263 7.34 28.20 -28.85
CA THR A 263 8.13 28.03 -30.06
C THR A 263 7.82 26.74 -30.81
N ASP A 264 7.16 25.77 -30.18
CA ASP A 264 6.88 24.51 -30.83
C ASP A 264 5.71 23.84 -30.15
N ALA A 265 5.07 22.92 -30.87
CA ALA A 265 3.90 22.23 -30.36
C ALA A 265 3.74 20.90 -31.09
N VAL A 266 3.02 19.99 -30.46
CA VAL A 266 2.57 18.77 -31.10
C VAL A 266 1.07 18.60 -30.90
N ASP A 267 0.38 18.23 -31.97
CA ASP A 267 -1.02 17.86 -31.93
C ASP A 267 -1.10 16.37 -31.57
N CYS A 268 -1.80 16.05 -30.49
CA CYS A 268 -1.77 14.69 -29.97
C CYS A 268 -2.73 13.75 -30.67
N SER A 269 -3.40 14.19 -31.75
CA SER A 269 -4.38 13.37 -32.45
C SER A 269 -4.02 13.14 -33.91
N GLN A 270 -2.81 13.52 -34.32
CA GLN A 270 -2.41 13.39 -35.71
C GLN A 270 -1.93 11.99 -36.05
N ASN A 271 -0.99 11.45 -35.27
CA ASN A 271 -0.30 10.21 -35.56
C ASN A 271 -0.25 9.38 -34.30
N PRO A 272 0.07 8.09 -34.40
CA PRO A 272 0.48 7.35 -33.21
C PRO A 272 1.75 7.88 -32.57
N LEU A 273 2.70 8.37 -33.38
CA LEU A 273 3.94 8.91 -32.84
C LEU A 273 3.70 10.19 -32.04
N ALA A 274 2.79 11.04 -32.53
CA ALA A 274 2.46 12.26 -31.81
C ALA A 274 1.78 11.97 -30.48
N GLU A 275 0.91 10.97 -30.46
CA GLU A 275 0.30 10.54 -29.20
C GLU A 275 1.32 9.93 -28.26
N LEU A 276 2.32 9.21 -28.78
CA LEU A 276 3.43 8.74 -27.97
C LEU A 276 4.21 9.89 -27.35
N LYS A 277 4.50 10.93 -28.13
CA LYS A 277 5.21 12.10 -27.61
C LYS A 277 4.40 12.80 -26.54
N CYS A 278 3.09 12.90 -26.72
CA CYS A 278 2.25 13.51 -25.69
C CYS A 278 2.16 12.64 -24.45
N SER A 279 2.24 11.31 -24.61
CA SER A 279 2.14 10.43 -23.44
C SER A 279 3.42 10.45 -22.61
N VAL A 280 4.58 10.42 -23.25
CA VAL A 280 5.84 10.44 -22.50
C VAL A 280 6.34 11.85 -22.22
N LYS A 281 5.69 12.88 -22.77
CA LYS A 281 6.02 14.30 -22.56
C LYS A 281 7.46 14.60 -22.97
N SER A 282 7.77 14.32 -24.23
CA SER A 282 9.08 14.61 -24.78
C SER A 282 8.97 14.72 -26.29
N PHE A 283 9.92 15.43 -26.88
CA PHE A 283 10.01 15.54 -28.32
C PHE A 283 10.99 14.53 -28.93
N GLU A 284 11.71 13.79 -28.10
CA GLU A 284 12.63 12.76 -28.57
C GLU A 284 12.26 11.44 -27.90
N ILE A 285 12.29 10.36 -28.69
CA ILE A 285 11.87 9.03 -28.24
C ILE A 285 13.03 8.08 -28.49
N ASP A 286 13.35 7.26 -27.49
CA ASP A 286 14.31 6.18 -27.67
C ASP A 286 13.67 5.01 -28.41
N LYS A 287 14.49 4.02 -28.73
CA LYS A 287 13.99 2.82 -29.40
C LYS A 287 13.32 1.90 -28.40
N GLY A 288 12.19 1.33 -28.79
CA GLY A 288 11.48 0.40 -27.93
C GLY A 288 10.03 0.28 -28.34
N ILE A 289 9.25 -0.29 -27.42
CA ILE A 289 7.81 -0.45 -27.57
C ILE A 289 7.14 0.14 -26.33
N TYR A 290 6.12 0.97 -26.53
CA TYR A 290 5.50 1.72 -25.46
C TYR A 290 3.99 1.58 -25.52
N GLN A 291 3.35 1.42 -24.37
CA GLN A 291 1.89 1.40 -24.29
C GLN A 291 1.40 2.83 -24.14
N THR A 292 0.48 3.24 -25.00
CA THR A 292 0.02 4.62 -25.04
C THR A 292 -1.43 4.80 -24.62
N SER A 293 -2.33 3.93 -25.07
CA SER A 293 -3.75 4.13 -24.79
C SER A 293 -4.48 2.80 -24.93
N ASN A 294 -5.81 2.87 -24.88
CA ASN A 294 -6.70 1.73 -25.06
C ASN A 294 -7.64 2.00 -26.23
N PHE A 295 -8.01 0.94 -26.92
CA PHE A 295 -8.94 1.04 -28.03
C PHE A 295 -10.27 0.38 -27.69
N ARG A 296 -11.34 1.08 -28.06
CA ARG A 296 -12.72 0.63 -27.99
C ARG A 296 -13.32 0.63 -29.39
N VAL A 297 -14.30 -0.24 -29.60
CA VAL A 297 -15.10 -0.25 -30.82
C VAL A 297 -16.40 0.47 -30.52
N VAL A 298 -16.70 1.49 -31.32
CA VAL A 298 -17.88 2.35 -31.09
C VAL A 298 -19.14 1.60 -31.53
N PRO A 299 -20.24 1.69 -30.78
CA PRO A 299 -21.49 1.05 -31.23
C PRO A 299 -22.03 1.66 -32.51
N SER A 300 -22.74 0.84 -33.27
CA SER A 300 -23.23 1.22 -34.59
C SER A 300 -24.73 1.10 -34.75
N GLY A 301 -25.46 0.78 -33.67
CA GLY A 301 -26.89 0.61 -33.79
C GLY A 301 -27.56 0.84 -32.45
N ASP A 302 -28.83 0.43 -32.39
CA ASP A 302 -29.64 0.58 -31.18
C ASP A 302 -30.79 -0.40 -31.24
N VAL A 303 -30.94 -1.20 -30.18
CA VAL A 303 -31.99 -2.21 -30.09
C VAL A 303 -32.82 -1.92 -28.85
N VAL A 304 -34.11 -1.67 -29.04
CA VAL A 304 -35.05 -1.46 -27.95
C VAL A 304 -36.07 -2.58 -28.00
N ARG A 305 -36.38 -3.16 -26.84
CA ARG A 305 -37.23 -4.34 -26.76
C ARG A 305 -38.16 -4.23 -25.57
N PHE A 306 -39.46 -4.17 -25.83
CA PHE A 306 -40.49 -3.97 -24.83
C PHE A 306 -41.62 -4.96 -25.13
N PRO A 307 -42.40 -5.34 -24.10
CA PRO A 307 -43.44 -6.35 -24.32
C PRO A 307 -44.64 -5.82 -25.09
N ASN A 308 -45.53 -6.75 -25.45
CA ASN A 308 -46.75 -6.44 -26.20
C ASN A 308 -47.79 -5.88 -25.24
N ILE A 309 -47.70 -4.60 -24.96
CA ILE A 309 -48.66 -3.94 -24.08
C ILE A 309 -49.28 -2.78 -24.86
N THR A 310 -50.60 -2.84 -25.06
CA THR A 310 -51.31 -1.81 -25.80
C THR A 310 -52.37 -1.11 -24.97
N ASN A 311 -52.78 -1.68 -23.84
CA ASN A 311 -53.78 -1.07 -22.99
C ASN A 311 -53.23 0.19 -22.33
N LEU A 312 -54.11 1.17 -22.12
CA LEU A 312 -53.75 2.36 -21.35
C LEU A 312 -53.79 2.03 -19.87
N CYS A 313 -53.51 3.02 -19.03
CA CYS A 313 -53.33 2.60 -17.66
C CYS A 313 -54.20 3.43 -16.72
N PRO A 314 -54.98 2.76 -15.85
CA PRO A 314 -56.02 3.48 -15.10
C PRO A 314 -55.51 4.19 -13.86
N PHE A 315 -54.91 5.36 -14.04
CA PHE A 315 -54.66 6.27 -12.93
C PHE A 315 -55.85 7.16 -12.62
N GLY A 316 -56.82 7.24 -13.54
CA GLY A 316 -57.98 8.07 -13.30
C GLY A 316 -58.87 7.54 -12.20
N GLU A 317 -59.05 6.22 -12.17
CA GLU A 317 -59.93 5.62 -11.17
C GLU A 317 -59.24 5.30 -9.87
N VAL A 318 -57.99 5.71 -9.69
CA VAL A 318 -57.29 5.51 -8.42
C VAL A 318 -57.22 6.84 -7.70
N PHE A 319 -57.04 7.92 -8.45
CA PHE A 319 -56.94 9.26 -7.89
C PHE A 319 -58.29 9.96 -7.85
N ASN A 320 -58.95 10.08 -9.01
CA ASN A 320 -60.26 10.72 -9.09
C ASN A 320 -61.35 9.69 -8.75
N ALA A 321 -61.33 9.26 -7.49
CA ALA A 321 -62.29 8.32 -6.96
C ALA A 321 -63.16 9.00 -5.91
N THR A 322 -64.27 8.34 -5.58
CA THR A 322 -65.24 8.95 -4.67
C THR A 322 -64.80 8.82 -3.21
N LYS A 323 -64.60 7.59 -2.74
CA LYS A 323 -64.36 7.33 -1.34
C LYS A 323 -62.96 6.75 -1.12
N PHE A 324 -62.20 7.36 -0.21
CA PHE A 324 -61.04 6.63 0.28
C PHE A 324 -61.29 6.12 1.69
N PRO A 325 -60.83 4.92 2.01
CA PRO A 325 -61.11 4.34 3.32
C PRO A 325 -60.25 4.96 4.42
N SER A 326 -60.51 4.51 5.64
CA SER A 326 -59.78 4.97 6.81
C SER A 326 -58.35 4.42 6.79
N VAL A 327 -57.47 5.08 7.54
CA VAL A 327 -56.07 4.66 7.59
C VAL A 327 -55.88 3.32 8.29
N TYR A 328 -56.78 2.95 9.21
CA TYR A 328 -56.61 1.68 9.90
C TYR A 328 -56.96 0.50 9.00
N ALA A 329 -57.82 0.71 8.00
CA ALA A 329 -58.17 -0.31 7.02
C ALA A 329 -57.96 0.29 5.63
N TRP A 330 -56.72 0.23 5.16
CA TRP A 330 -56.40 0.70 3.83
C TRP A 330 -56.62 -0.43 2.82
N GLU A 331 -56.60 -0.06 1.55
CA GLU A 331 -56.83 -0.99 0.45
C GLU A 331 -55.62 -1.06 -0.46
N ARG A 332 -55.36 -2.25 -1.00
CA ARG A 332 -54.31 -2.46 -1.98
C ARG A 332 -54.96 -2.68 -3.34
N LYS A 333 -54.48 -1.95 -4.34
CA LYS A 333 -54.96 -2.13 -5.72
C LYS A 333 -53.77 -2.49 -6.59
N LYS A 334 -53.94 -3.53 -7.40
CA LYS A 334 -52.88 -4.01 -8.28
C LYS A 334 -53.06 -3.42 -9.67
N ILE A 335 -52.01 -2.80 -10.19
CA ILE A 335 -51.98 -2.21 -11.52
C ILE A 335 -51.02 -3.04 -12.36
N SER A 336 -51.52 -3.61 -13.45
CA SER A 336 -50.72 -4.48 -14.30
C SER A 336 -51.26 -4.46 -15.72
N ASN A 337 -50.40 -4.85 -16.66
CA ASN A 337 -50.70 -4.94 -18.08
C ASN A 337 -51.17 -3.60 -18.65
N CYS A 338 -50.37 -2.55 -18.40
CA CYS A 338 -50.75 -1.24 -18.90
C CYS A 338 -49.50 -0.46 -19.31
N VAL A 339 -49.72 0.54 -20.15
CA VAL A 339 -48.70 1.53 -20.50
C VAL A 339 -48.97 2.76 -19.66
N ALA A 340 -48.07 3.07 -18.75
CA ALA A 340 -48.24 4.18 -17.81
C ALA A 340 -47.40 5.35 -18.26
N ASP A 341 -48.00 6.54 -18.30
CA ASP A 341 -47.32 7.72 -18.82
C ASP A 341 -46.50 8.42 -17.76
N TYR A 342 -47.05 8.58 -16.55
CA TYR A 342 -46.50 9.23 -15.37
C TYR A 342 -46.35 10.74 -15.51
N SER A 343 -46.61 11.32 -16.68
CA SER A 343 -46.44 12.75 -16.87
C SER A 343 -47.57 13.53 -16.21
N VAL A 344 -48.75 12.93 -16.08
CA VAL A 344 -49.91 13.59 -15.50
C VAL A 344 -49.77 13.78 -14.00
N LEU A 345 -48.74 13.20 -13.38
CA LEU A 345 -48.55 13.37 -11.95
C LEU A 345 -47.62 14.54 -11.65
N TYR A 346 -46.48 14.61 -12.33
CA TYR A 346 -45.54 15.68 -12.04
C TYR A 346 -45.70 16.90 -12.94
N ASN A 347 -46.55 16.84 -13.96
CA ASN A 347 -46.84 18.06 -14.72
C ASN A 347 -47.97 18.87 -14.12
N SER A 348 -48.68 18.34 -13.13
CA SER A 348 -49.79 19.04 -12.50
C SER A 348 -49.44 19.35 -11.05
N THR A 349 -49.84 20.56 -10.61
CA THR A 349 -49.59 21.02 -9.25
C THR A 349 -50.73 20.66 -8.30
N PHE A 350 -51.49 19.61 -8.62
CA PHE A 350 -52.61 19.18 -7.81
C PHE A 350 -52.13 18.57 -6.49
N PHE A 351 -50.98 17.92 -6.47
CA PHE A 351 -50.50 17.17 -5.32
C PHE A 351 -49.66 18.09 -4.44
N SER A 352 -50.05 18.22 -3.17
CA SER A 352 -49.24 18.96 -2.22
C SER A 352 -47.94 18.25 -1.92
N THR A 353 -48.01 16.94 -1.71
CA THR A 353 -46.84 16.12 -1.41
C THR A 353 -46.60 15.12 -2.53
N PHE A 354 -45.37 15.14 -3.06
CA PHE A 354 -44.83 14.27 -4.13
C PHE A 354 -43.40 13.92 -3.72
N LYS A 355 -43.24 12.77 -3.06
CA LYS A 355 -41.93 12.36 -2.56
C LYS A 355 -41.62 10.94 -2.97
N CYS A 356 -40.52 10.76 -3.71
CA CYS A 356 -40.16 9.46 -4.26
C CYS A 356 -38.87 8.96 -3.64
N TYR A 357 -38.88 7.70 -3.20
CA TYR A 357 -37.75 7.04 -2.56
C TYR A 357 -37.22 5.95 -3.48
N GLY A 358 -35.92 6.00 -3.75
CA GLY A 358 -35.26 5.03 -4.59
C GLY A 358 -35.19 5.39 -6.06
N VAL A 359 -36.06 6.30 -6.53
CA VAL A 359 -36.13 6.69 -7.92
C VAL A 359 -36.20 8.21 -8.02
N CYS A 360 -36.03 8.71 -9.24
CA CYS A 360 -36.28 10.10 -9.57
C CYS A 360 -37.50 10.17 -10.47
N ALA A 361 -38.19 11.32 -10.46
CA ALA A 361 -39.49 11.42 -11.10
C ALA A 361 -39.39 11.36 -12.62
N THR A 362 -38.49 12.16 -13.20
CA THR A 362 -38.42 12.26 -14.66
C THR A 362 -37.79 11.02 -15.29
N LYS A 363 -37.18 10.16 -14.50
CA LYS A 363 -36.69 8.88 -14.97
C LYS A 363 -37.74 7.77 -14.83
N LEU A 364 -38.94 8.11 -14.35
CA LEU A 364 -39.96 7.09 -14.19
C LEU A 364 -40.57 6.65 -15.52
N ASN A 365 -40.30 7.40 -16.58
CA ASN A 365 -40.96 7.13 -17.86
C ASN A 365 -40.07 6.29 -18.78
N ASP A 366 -38.80 6.11 -18.42
CA ASP A 366 -37.88 5.39 -19.29
C ASP A 366 -37.71 3.92 -18.89
N LEU A 367 -38.11 3.55 -17.68
CA LEU A 367 -37.84 2.24 -17.14
C LEU A 367 -39.13 1.54 -16.72
N CYS A 368 -39.12 0.21 -16.83
CA CYS A 368 -40.31 -0.61 -16.76
C CYS A 368 -40.29 -1.46 -15.49
N PHE A 369 -41.48 -1.93 -15.08
CA PHE A 369 -41.67 -2.68 -13.85
C PHE A 369 -42.41 -3.98 -14.14
N SER A 370 -42.57 -4.78 -13.08
CA SER A 370 -43.41 -5.97 -13.17
C SER A 370 -44.88 -5.63 -13.00
N ASN A 371 -45.25 -5.08 -11.84
CA ASN A 371 -46.56 -4.47 -11.64
C ASN A 371 -46.47 -3.50 -10.46
N VAL A 372 -47.47 -2.63 -10.36
CA VAL A 372 -47.48 -1.53 -9.40
C VAL A 372 -48.58 -1.79 -8.39
N TYR A 373 -48.39 -1.30 -7.16
CA TYR A 373 -49.38 -1.44 -6.10
C TYR A 373 -49.71 -0.06 -5.54
N ALA A 374 -51.01 0.22 -5.38
CA ALA A 374 -51.49 1.50 -4.91
C ALA A 374 -52.22 1.32 -3.57
N ASP A 375 -51.86 2.15 -2.59
CA ASP A 375 -52.48 2.13 -1.27
C ASP A 375 -53.05 3.52 -0.99
N SER A 376 -54.36 3.58 -0.75
CA SER A 376 -55.06 4.86 -0.64
C SER A 376 -55.78 4.96 0.70
N PHE A 377 -55.66 6.12 1.35
CA PHE A 377 -56.37 6.38 2.60
C PHE A 377 -56.47 7.89 2.83
N VAL A 378 -57.09 8.26 3.95
CA VAL A 378 -57.32 9.65 4.35
C VAL A 378 -56.75 9.84 5.75
N VAL A 379 -55.89 10.85 5.92
CA VAL A 379 -55.23 11.10 7.20
C VAL A 379 -55.30 12.58 7.55
N LYS A 380 -54.74 12.89 8.72
CA LYS A 380 -54.68 14.23 9.29
C LYS A 380 -53.64 15.08 8.55
N GLY A 381 -53.62 16.37 8.89
CA GLY A 381 -52.68 17.27 8.23
C GLY A 381 -51.23 17.03 8.61
N ASP A 382 -50.97 16.81 9.90
CA ASP A 382 -49.60 16.65 10.38
C ASP A 382 -49.14 15.20 10.42
N ASP A 383 -50.00 14.25 10.06
CA ASP A 383 -49.61 12.85 10.02
C ASP A 383 -49.08 12.42 8.66
N VAL A 384 -49.01 13.33 7.68
CA VAL A 384 -48.50 12.95 6.36
C VAL A 384 -46.98 12.91 6.35
N ARG A 385 -46.32 13.43 7.38
CA ARG A 385 -44.88 13.26 7.48
C ARG A 385 -44.50 11.95 8.16
N GLN A 386 -45.48 11.23 8.70
CA GLN A 386 -45.24 9.88 9.23
C GLN A 386 -45.39 8.81 8.17
N ILE A 387 -45.85 9.16 6.97
CA ILE A 387 -45.88 8.21 5.85
C ILE A 387 -44.53 8.36 5.15
N ALA A 388 -43.52 7.69 5.70
CA ALA A 388 -42.15 7.74 5.22
C ALA A 388 -41.35 6.62 5.87
N PRO A 389 -40.31 6.11 5.22
CA PRO A 389 -39.46 5.10 5.85
C PRO A 389 -38.71 5.64 7.05
N GLY A 390 -38.62 4.84 8.10
CA GLY A 390 -37.87 5.20 9.29
C GLY A 390 -38.40 6.38 10.08
N GLN A 391 -39.72 6.48 10.21
CA GLN A 391 -40.35 7.55 10.98
C GLN A 391 -41.23 6.95 12.06
N THR A 392 -41.20 7.59 13.24
CA THR A 392 -42.00 7.16 14.37
C THR A 392 -43.21 8.06 14.56
N GLY A 393 -44.24 7.50 15.16
CA GLY A 393 -45.52 8.15 15.31
C GLY A 393 -46.62 7.12 15.24
N VAL A 394 -47.79 7.51 15.76
CA VAL A 394 -48.88 6.55 16.00
C VAL A 394 -49.43 5.96 14.70
N ILE A 395 -49.47 6.77 13.63
CA ILE A 395 -49.89 6.25 12.33
C ILE A 395 -48.87 5.25 11.80
N ALA A 396 -47.59 5.56 11.90
CA ALA A 396 -46.55 4.60 11.51
C ALA A 396 -46.46 3.45 12.51
N ASP A 397 -46.97 3.63 13.72
CA ASP A 397 -46.83 2.60 14.74
C ASP A 397 -47.91 1.53 14.61
N TYR A 398 -49.18 1.93 14.50
CA TYR A 398 -50.26 0.96 14.53
C TYR A 398 -51.17 0.99 13.31
N ASN A 399 -50.91 1.84 12.32
CA ASN A 399 -51.81 1.94 11.18
C ASN A 399 -51.16 1.58 9.86
N TYR A 400 -50.01 2.19 9.52
CA TYR A 400 -49.43 2.01 8.19
C TYR A 400 -47.93 2.26 8.28
N LYS A 401 -47.14 1.19 8.27
CA LYS A 401 -45.70 1.27 8.33
C LYS A 401 -45.10 0.92 6.97
N LEU A 402 -44.11 1.71 6.55
CA LEU A 402 -43.34 1.49 5.34
C LEU A 402 -42.02 0.82 5.67
N PRO A 403 -41.52 -0.06 4.80
CA PRO A 403 -40.19 -0.65 5.01
C PRO A 403 -39.09 0.38 4.81
N ASP A 404 -37.93 0.09 5.39
CA ASP A 404 -36.80 1.00 5.27
C ASP A 404 -36.16 0.91 3.89
N ASP A 405 -36.36 -0.22 3.20
CA ASP A 405 -35.88 -0.40 1.83
C ASP A 405 -36.96 -0.11 0.80
N PHE A 406 -37.84 0.85 1.10
CA PHE A 406 -38.98 1.15 0.23
C PHE A 406 -38.52 1.76 -1.09
N MET A 407 -39.15 1.34 -2.18
CA MET A 407 -38.91 1.88 -3.51
C MET A 407 -40.25 2.26 -4.11
N GLY A 408 -40.48 3.55 -4.27
CA GLY A 408 -41.77 4.02 -4.77
C GLY A 408 -42.01 5.45 -4.35
N CYS A 409 -43.23 5.90 -4.57
CA CYS A 409 -43.58 7.30 -4.37
C CYS A 409 -44.77 7.48 -3.45
N VAL A 410 -44.82 8.63 -2.80
CA VAL A 410 -45.88 9.01 -1.86
C VAL A 410 -46.52 10.29 -2.37
N LEU A 411 -47.85 10.29 -2.43
CA LEU A 411 -48.67 11.38 -2.95
C LEU A 411 -49.71 11.78 -1.92
N ALA A 412 -49.87 13.08 -1.72
CA ALA A 412 -50.86 13.59 -0.78
C ALA A 412 -51.42 14.90 -1.28
N TRP A 413 -52.74 15.06 -1.21
CA TRP A 413 -53.35 16.31 -1.61
C TRP A 413 -54.54 16.64 -0.73
N ASN A 414 -54.92 17.91 -0.73
CA ASN A 414 -55.94 18.44 0.17
C ASN A 414 -57.33 18.29 -0.42
N THR A 415 -58.24 17.76 0.38
CA THR A 415 -59.64 17.58 0.01
C THR A 415 -60.56 18.08 1.12
N ARG A 416 -60.31 19.29 1.62
CA ARG A 416 -61.19 19.88 2.62
C ARG A 416 -62.55 20.23 2.05
N ASN A 417 -62.63 20.44 0.73
CA ASN A 417 -63.89 20.82 0.11
C ASN A 417 -64.88 19.66 0.07
N ILE A 418 -64.37 18.42 0.13
CA ILE A 418 -65.22 17.23 0.12
C ILE A 418 -65.00 16.33 1.32
N ASP A 419 -64.16 16.74 2.27
CA ASP A 419 -63.84 16.00 3.50
C ASP A 419 -63.33 14.59 3.22
N TYR A 428 -60.86 9.54 9.20
CA TYR A 428 -61.99 9.04 9.96
C TYR A 428 -61.51 8.30 11.21
N LYS A 429 -61.66 6.98 11.21
CA LYS A 429 -61.22 6.18 12.34
C LYS A 429 -59.76 5.78 12.20
N TYR A 430 -59.07 5.73 13.34
CA TYR A 430 -57.68 5.30 13.37
C TYR A 430 -57.42 4.53 14.67
N ARG A 431 -56.66 3.45 14.59
CA ARG A 431 -56.29 2.70 15.78
C ARG A 431 -55.16 3.40 16.53
N TYR A 432 -55.34 3.64 17.83
CA TYR A 432 -54.31 4.25 18.65
C TYR A 432 -53.96 3.44 19.90
N LEU A 433 -54.63 2.32 20.14
CA LEU A 433 -54.31 1.45 21.27
C LEU A 433 -54.29 0.00 20.78
N ARG A 434 -53.13 -0.63 20.90
CA ARG A 434 -52.94 -2.02 20.48
C ARG A 434 -51.68 -2.53 21.14
N HIS A 435 -51.66 -3.83 21.46
CA HIS A 435 -50.52 -4.46 22.11
C HIS A 435 -49.57 -4.97 21.04
N GLY A 436 -48.55 -4.19 20.72
CA GLY A 436 -47.56 -4.57 19.73
C GLY A 436 -47.60 -3.68 18.50
N LYS A 437 -46.48 -3.63 17.79
CA LYS A 437 -46.33 -2.81 16.60
C LYS A 437 -46.91 -3.55 15.40
N LEU A 438 -46.64 -3.03 14.20
CA LEU A 438 -46.99 -3.68 12.95
C LEU A 438 -45.75 -3.84 12.09
N ARG A 439 -45.67 -4.98 11.40
CA ARG A 439 -44.65 -5.19 10.40
C ARG A 439 -44.99 -4.37 9.15
N PRO A 440 -44.01 -4.06 8.29
CA PRO A 440 -44.29 -3.29 7.08
C PRO A 440 -45.28 -3.98 6.16
N PHE A 441 -46.17 -3.16 5.57
CA PHE A 441 -47.22 -3.60 4.65
C PHE A 441 -48.14 -4.64 5.28
N GLU A 442 -48.43 -4.48 6.57
CA GLU A 442 -49.38 -5.33 7.27
C GLU A 442 -50.60 -4.49 7.67
N ARG A 443 -51.76 -5.14 7.67
CA ARG A 443 -53.02 -4.45 7.92
C ARG A 443 -53.85 -5.26 8.91
N ASP A 444 -54.34 -4.58 9.95
CA ASP A 444 -55.30 -5.17 10.89
C ASP A 444 -56.66 -4.49 10.74
N ILE A 445 -57.72 -5.23 11.05
CA ILE A 445 -59.06 -4.72 10.82
C ILE A 445 -60.02 -5.24 11.88
N PRO A 467 -60.71 0.63 20.92
CA PRO A 467 -59.36 1.10 20.60
C PRO A 467 -59.33 2.05 19.40
N LEU A 468 -60.50 2.28 18.81
CA LEU A 468 -60.60 3.15 17.65
C LEU A 468 -60.88 4.59 18.08
N ASN A 469 -60.24 5.53 17.39
CA ASN A 469 -60.39 6.95 17.67
C ASN A 469 -60.86 7.65 16.40
N ASP A 470 -61.81 8.57 16.55
CA ASP A 470 -62.43 9.24 15.43
C ASP A 470 -61.78 10.61 15.21
N TYR A 471 -61.53 10.93 13.95
CA TYR A 471 -60.95 12.22 13.59
C TYR A 471 -61.98 13.33 13.74
N GLY A 472 -61.48 14.54 13.94
CA GLY A 472 -62.32 15.72 13.98
C GLY A 472 -62.34 16.45 12.65
N PHE A 473 -63.54 16.62 12.08
CA PHE A 473 -63.68 17.27 10.78
C PHE A 473 -63.34 18.75 10.85
N GLY A 480 -58.01 17.65 13.60
CA GLY A 480 -57.20 18.74 14.10
C GLY A 480 -56.79 19.71 13.00
N TYR A 481 -56.89 19.26 11.76
CA TYR A 481 -56.57 20.09 10.60
C TYR A 481 -57.33 19.48 9.43
N GLN A 482 -57.29 20.13 8.27
CA GLN A 482 -58.08 19.68 7.14
C GLN A 482 -57.58 18.33 6.63
N PRO A 483 -58.49 17.40 6.31
CA PRO A 483 -58.09 16.07 5.85
C PRO A 483 -57.27 16.08 4.58
N TYR A 484 -56.38 15.09 4.47
CA TYR A 484 -55.54 14.87 3.30
C TYR A 484 -55.78 13.47 2.75
N ARG A 485 -55.83 13.36 1.43
CA ARG A 485 -55.92 12.06 0.76
C ARG A 485 -54.52 11.66 0.31
N VAL A 486 -54.13 10.43 0.65
CA VAL A 486 -52.77 9.93 0.45
C VAL A 486 -52.83 8.64 -0.36
N VAL A 487 -52.00 8.57 -1.40
CA VAL A 487 -51.83 7.38 -2.22
C VAL A 487 -50.34 7.05 -2.30
N VAL A 488 -50.00 5.80 -2.01
CA VAL A 488 -48.63 5.31 -2.04
C VAL A 488 -48.49 4.31 -3.17
N LEU A 489 -47.50 4.53 -4.03
CA LEU A 489 -47.23 3.67 -5.19
C LEU A 489 -45.95 2.88 -4.93
N SER A 490 -46.04 1.57 -5.04
CA SER A 490 -44.91 0.66 -4.84
C SER A 490 -44.65 -0.13 -6.12
N PHE A 491 -43.38 -0.33 -6.45
CA PHE A 491 -42.96 -0.95 -7.69
C PHE A 491 -42.22 -2.26 -7.41
N GLU A 492 -42.64 -3.34 -8.08
CA GLU A 492 -41.84 -4.56 -8.06
C GLU A 492 -40.76 -4.49 -9.11
N LEU A 493 -39.53 -4.87 -8.73
CA LEU A 493 -38.36 -4.65 -9.57
C LEU A 493 -37.99 -5.93 -10.32
N LEU A 494 -38.84 -6.26 -11.30
CA LEU A 494 -38.58 -7.29 -12.31
C LEU A 494 -38.37 -8.68 -11.71
N ASN A 495 -39.20 -9.04 -10.73
CA ASN A 495 -39.19 -10.41 -10.23
C ASN A 495 -39.93 -11.34 -11.19
N ALA A 496 -40.77 -10.79 -12.05
CA ALA A 496 -41.63 -11.52 -12.97
C ALA A 496 -41.40 -10.99 -14.38
N PRO A 497 -42.03 -11.56 -15.42
CA PRO A 497 -42.07 -10.86 -16.71
C PRO A 497 -42.71 -9.49 -16.58
N ALA A 498 -42.13 -8.51 -17.25
CA ALA A 498 -42.53 -7.12 -17.10
C ALA A 498 -43.87 -6.87 -17.78
N THR A 499 -44.73 -6.09 -17.11
CA THR A 499 -46.06 -5.76 -17.62
C THR A 499 -46.35 -4.26 -17.64
N VAL A 500 -45.81 -3.49 -16.71
CA VAL A 500 -46.12 -2.07 -16.59
C VAL A 500 -44.89 -1.30 -17.06
N CYS A 501 -44.87 -0.92 -18.33
CA CYS A 501 -43.77 -0.17 -18.91
C CYS A 501 -44.27 1.20 -19.36
N GLY A 502 -43.32 2.08 -19.66
CA GLY A 502 -43.63 3.36 -20.25
C GLY A 502 -43.84 3.26 -21.74
N PRO A 503 -44.30 4.35 -22.34
CA PRO A 503 -44.50 4.35 -23.79
C PRO A 503 -43.19 4.51 -24.56
N LYS A 504 -42.72 3.42 -25.15
CA LYS A 504 -41.50 3.44 -25.95
C LYS A 504 -41.69 2.52 -27.15
N LEU A 505 -40.95 2.83 -28.22
CA LEU A 505 -41.05 2.09 -29.48
C LEU A 505 -40.01 0.98 -29.50
N SER A 506 -40.44 -0.22 -29.86
CA SER A 506 -39.55 -1.36 -29.99
C SER A 506 -39.08 -1.50 -31.42
N THR A 507 -37.80 -1.83 -31.58
CA THR A 507 -37.18 -2.01 -32.87
C THR A 507 -36.81 -3.48 -33.07
N ASP A 508 -36.29 -3.79 -34.25
CA ASP A 508 -35.78 -5.13 -34.52
C ASP A 508 -34.46 -5.33 -33.81
N LEU A 509 -34.08 -6.59 -33.62
CA LEU A 509 -32.83 -6.90 -32.94
C LEU A 509 -31.75 -7.26 -33.95
N ILE A 510 -30.56 -6.69 -33.74
CA ILE A 510 -29.42 -6.87 -34.63
C ILE A 510 -28.42 -7.80 -33.94
N LYS A 511 -28.09 -8.89 -34.62
CA LYS A 511 -27.17 -9.88 -34.09
C LYS A 511 -25.78 -9.69 -34.69
N ASN A 512 -24.76 -10.12 -33.93
CA ASN A 512 -23.36 -10.15 -34.37
C ASN A 512 -22.84 -8.76 -34.73
N GLN A 513 -23.20 -7.76 -33.93
CA GLN A 513 -22.79 -6.39 -34.16
C GLN A 513 -22.85 -5.64 -32.84
N CYS A 514 -21.89 -4.74 -32.62
CA CYS A 514 -21.83 -3.96 -31.39
C CYS A 514 -22.89 -2.87 -31.42
N VAL A 515 -23.87 -2.97 -30.53
CA VAL A 515 -25.02 -2.07 -30.48
C VAL A 515 -25.29 -1.66 -29.04
N ASN A 516 -26.04 -0.57 -28.90
CA ASN A 516 -26.67 -0.23 -27.63
C ASN A 516 -27.98 -0.99 -27.50
N PHE A 517 -28.22 -1.61 -26.35
CA PHE A 517 -29.41 -2.43 -26.17
C PHE A 517 -30.16 -1.99 -24.93
N ASN A 518 -31.47 -2.27 -24.95
CA ASN A 518 -32.40 -1.92 -23.88
C ASN A 518 -33.48 -3.00 -23.86
N PHE A 519 -33.35 -3.94 -22.93
CA PHE A 519 -34.32 -5.02 -22.74
C PHE A 519 -35.06 -4.79 -21.43
N ASN A 520 -36.31 -4.32 -21.53
CA ASN A 520 -37.19 -4.10 -20.38
C ASN A 520 -36.59 -3.15 -19.35
N GLY A 521 -35.91 -2.11 -19.83
CA GLY A 521 -35.24 -1.17 -18.96
C GLY A 521 -33.82 -1.56 -18.59
N LEU A 522 -33.38 -2.76 -18.94
CA LEU A 522 -32.00 -3.18 -18.78
C LEU A 522 -31.19 -2.61 -19.94
N THR A 523 -30.39 -1.59 -19.66
CA THR A 523 -29.64 -0.88 -20.68
C THR A 523 -28.20 -1.34 -20.71
N GLY A 524 -27.55 -1.20 -21.87
CA GLY A 524 -26.15 -1.56 -21.96
C GLY A 524 -25.63 -1.43 -23.37
N THR A 525 -24.40 -1.90 -23.55
CA THR A 525 -23.72 -1.85 -24.84
C THR A 525 -22.98 -3.17 -25.04
N GLY A 526 -23.18 -3.81 -26.18
CA GLY A 526 -22.51 -5.07 -26.42
C GLY A 526 -22.90 -5.69 -27.72
N VAL A 527 -22.51 -6.95 -27.90
CA VAL A 527 -22.83 -7.73 -29.08
C VAL A 527 -23.71 -8.91 -28.66
N LEU A 528 -24.78 -9.13 -29.43
CA LEU A 528 -25.80 -10.12 -29.11
C LEU A 528 -25.66 -11.31 -30.04
N THR A 529 -25.71 -12.52 -29.48
CA THR A 529 -25.62 -13.74 -30.25
C THR A 529 -26.70 -14.71 -29.81
N PRO A 530 -27.06 -15.67 -30.66
CA PRO A 530 -27.94 -16.76 -30.19
C PRO A 530 -27.26 -17.60 -29.12
N SER A 531 -28.08 -18.16 -28.24
CA SER A 531 -27.58 -18.81 -27.03
C SER A 531 -28.00 -20.28 -27.00
N SER A 532 -27.22 -21.07 -26.27
CA SER A 532 -27.51 -22.48 -26.05
C SER A 532 -27.93 -22.77 -24.61
N LYS A 533 -28.13 -21.75 -23.80
CA LYS A 533 -28.52 -21.94 -22.41
C LYS A 533 -29.98 -22.38 -22.32
N ARG A 534 -30.31 -23.02 -21.20
CA ARG A 534 -31.61 -23.66 -20.99
C ARG A 534 -32.31 -22.97 -19.83
N PHE A 535 -33.02 -21.90 -20.14
CA PHE A 535 -33.77 -21.19 -19.12
C PHE A 535 -35.00 -22.00 -18.72
N GLN A 536 -35.51 -21.70 -17.53
CA GLN A 536 -36.77 -22.19 -17.01
C GLN A 536 -37.80 -21.07 -17.05
N PRO A 537 -39.10 -21.39 -17.15
CA PRO A 537 -40.11 -20.35 -17.44
C PRO A 537 -40.24 -19.26 -16.39
N PHE A 538 -39.75 -19.45 -15.17
CA PHE A 538 -39.75 -18.37 -14.20
C PHE A 538 -38.51 -17.50 -14.30
N GLN A 539 -37.54 -17.86 -15.13
CA GLN A 539 -36.29 -17.13 -15.25
C GLN A 539 -36.34 -16.15 -16.41
N GLN A 540 -35.71 -15.00 -16.24
CA GLN A 540 -35.75 -13.93 -17.23
C GLN A 540 -34.39 -13.53 -17.76
N PHE A 541 -33.34 -13.60 -16.94
CA PHE A 541 -32.00 -13.24 -17.37
C PHE A 541 -30.97 -14.00 -16.56
N GLY A 542 -29.75 -14.07 -17.09
CA GLY A 542 -28.66 -14.80 -16.46
C GLY A 542 -27.55 -13.88 -16.02
N ARG A 543 -26.92 -14.22 -14.90
CA ARG A 543 -25.99 -13.34 -14.22
C ARG A 543 -24.70 -14.10 -13.91
N ASP A 544 -23.61 -13.36 -13.77
CA ASP A 544 -22.30 -13.92 -13.47
C ASP A 544 -21.74 -13.32 -12.18
N VAL A 545 -20.47 -13.66 -11.91
CA VAL A 545 -19.90 -13.51 -10.57
C VAL A 545 -19.72 -12.04 -10.20
N SER A 546 -19.35 -11.20 -11.16
CA SER A 546 -19.12 -9.78 -10.90
C SER A 546 -20.37 -8.93 -11.18
N ASP A 547 -21.55 -9.54 -11.09
CA ASP A 547 -22.86 -8.89 -11.18
C ASP A 547 -23.12 -8.23 -12.53
N PHE A 548 -22.59 -8.80 -13.61
CA PHE A 548 -23.01 -8.42 -14.95
C PHE A 548 -23.98 -9.46 -15.51
N THR A 549 -24.98 -8.96 -16.24
CA THR A 549 -25.89 -9.82 -16.96
C THR A 549 -25.20 -10.35 -18.21
N ASP A 550 -25.23 -11.67 -18.41
CA ASP A 550 -24.52 -12.28 -19.52
C ASP A 550 -25.45 -13.03 -20.47
N SER A 551 -26.74 -13.08 -20.16
CA SER A 551 -27.73 -13.67 -21.06
C SER A 551 -29.09 -13.08 -20.71
N VAL A 552 -29.99 -13.06 -21.69
CA VAL A 552 -31.28 -12.41 -21.51
C VAL A 552 -32.31 -13.16 -22.35
N ARG A 553 -33.57 -13.06 -21.94
CA ARG A 553 -34.69 -13.64 -22.67
C ARG A 553 -35.43 -12.53 -23.40
N ASP A 554 -35.70 -12.75 -24.68
CA ASP A 554 -36.37 -11.75 -25.50
C ASP A 554 -37.80 -11.56 -25.02
N PRO A 555 -38.22 -10.34 -24.70
CA PRO A 555 -39.60 -10.11 -24.24
C PRO A 555 -40.67 -10.26 -25.31
N LYS A 556 -40.32 -10.56 -26.56
CA LYS A 556 -41.33 -10.78 -27.58
C LYS A 556 -41.34 -12.23 -28.06
N THR A 557 -40.22 -12.72 -28.56
CA THR A 557 -40.14 -14.05 -29.16
C THR A 557 -39.75 -15.14 -28.16
N SER A 558 -39.45 -14.77 -26.91
CA SER A 558 -39.05 -15.69 -25.85
C SER A 558 -37.81 -16.50 -26.25
N GLU A 559 -36.84 -15.84 -26.87
CA GLU A 559 -35.61 -16.46 -27.31
C GLU A 559 -34.47 -15.96 -26.43
N ILE A 560 -33.55 -16.86 -26.10
CA ILE A 560 -32.46 -16.53 -25.20
C ILE A 560 -31.25 -16.06 -26.02
N LEU A 561 -30.69 -14.91 -25.63
CA LEU A 561 -29.56 -14.30 -26.31
C LEU A 561 -28.40 -14.12 -25.35
N ASP A 562 -27.20 -14.41 -25.82
CA ASP A 562 -25.97 -14.13 -25.10
C ASP A 562 -25.50 -12.72 -25.38
N ILE A 563 -25.01 -12.05 -24.34
CA ILE A 563 -24.45 -10.72 -24.42
C ILE A 563 -22.95 -10.80 -24.18
N SER A 564 -22.17 -10.23 -25.09
CA SER A 564 -20.73 -10.20 -24.95
C SER A 564 -20.25 -8.76 -25.10
N PRO A 565 -19.12 -8.39 -24.53
CA PRO A 565 -18.66 -7.00 -24.66
C PRO A 565 -18.13 -6.70 -26.06
N CYS A 566 -18.22 -5.44 -26.44
CA CYS A 566 -17.56 -4.99 -27.65
C CYS A 566 -16.05 -4.99 -27.44
N SER A 567 -15.30 -5.25 -28.51
CA SER A 567 -13.88 -5.54 -28.38
C SER A 567 -13.11 -4.29 -27.95
N PHE A 568 -12.17 -4.48 -27.04
CA PHE A 568 -11.39 -3.43 -26.43
C PHE A 568 -10.02 -4.00 -26.10
N GLY A 569 -9.06 -3.12 -25.83
CA GLY A 569 -7.75 -3.61 -25.43
C GLY A 569 -6.73 -2.49 -25.42
N GLY A 570 -5.46 -2.88 -25.40
CA GLY A 570 -4.37 -1.93 -25.34
C GLY A 570 -3.71 -1.68 -26.70
N VAL A 571 -3.11 -0.50 -26.83
CA VAL A 571 -2.43 -0.10 -28.05
C VAL A 571 -0.98 0.18 -27.72
N SER A 572 -0.06 -0.45 -28.45
CA SER A 572 1.37 -0.27 -28.26
C SER A 572 1.99 0.29 -29.53
N VAL A 573 2.92 1.23 -29.38
CA VAL A 573 3.57 1.89 -30.50
C VAL A 573 5.02 1.45 -30.53
N ILE A 574 5.47 0.95 -31.68
CA ILE A 574 6.79 0.38 -31.87
C ILE A 574 7.58 1.35 -32.75
N THR A 575 8.68 1.88 -32.21
CA THR A 575 9.49 2.87 -32.88
C THR A 575 10.96 2.44 -32.93
N PRO A 576 11.69 2.80 -33.99
CA PRO A 576 13.13 2.56 -34.01
C PRO A 576 13.97 3.66 -33.38
N GLY A 577 13.33 4.63 -32.73
CA GLY A 577 13.99 5.82 -32.25
C GLY A 577 13.72 6.95 -33.22
N THR A 578 13.40 8.13 -32.69
CA THR A 578 13.01 9.22 -33.57
C THR A 578 14.23 9.86 -34.23
N ASN A 579 15.43 9.55 -33.74
CA ASN A 579 16.64 9.96 -34.42
C ASN A 579 16.79 9.25 -35.76
N ALA A 580 16.46 7.96 -35.80
CA ALA A 580 16.61 7.18 -37.02
C ALA A 580 15.49 7.47 -38.01
N SER A 581 14.24 7.44 -37.56
CA SER A 581 13.11 7.59 -38.46
C SER A 581 11.89 8.06 -37.68
N SER A 582 10.91 8.58 -38.42
CA SER A 582 9.63 9.00 -37.87
C SER A 582 8.52 8.00 -38.19
N GLU A 583 8.88 6.83 -38.68
CA GLU A 583 7.93 5.78 -39.02
C GLU A 583 7.77 4.82 -37.84
N VAL A 584 6.52 4.42 -37.58
CA VAL A 584 6.18 3.60 -36.43
C VAL A 584 5.31 2.43 -36.88
N ALA A 585 5.10 1.50 -35.95
CA ALA A 585 4.15 0.40 -36.11
C ALA A 585 3.22 0.38 -34.90
N VAL A 586 2.03 -0.19 -35.08
CA VAL A 586 1.02 -0.20 -34.03
C VAL A 586 0.58 -1.64 -33.78
N LEU A 587 0.60 -2.06 -32.52
CA LEU A 587 0.12 -3.36 -32.11
C LEU A 587 -1.15 -3.18 -31.28
N TYR A 588 -2.24 -3.79 -31.72
CA TYR A 588 -3.48 -3.83 -30.96
C TYR A 588 -3.54 -5.16 -30.24
N GLN A 589 -3.54 -5.14 -28.92
CA GLN A 589 -3.27 -6.34 -28.14
C GLN A 589 -4.52 -7.20 -28.00
N ASP A 590 -4.37 -8.47 -28.37
CA ASP A 590 -5.37 -9.53 -28.17
C ASP A 590 -6.69 -9.21 -28.88
N VAL A 591 -6.61 -9.10 -30.21
CA VAL A 591 -7.76 -8.75 -31.03
C VAL A 591 -7.54 -9.36 -32.41
N ASN A 592 -8.64 -9.67 -33.08
CA ASN A 592 -8.58 -10.19 -34.44
C ASN A 592 -8.36 -9.05 -35.43
N CYS A 593 -7.61 -9.33 -36.50
CA CYS A 593 -7.30 -8.28 -37.47
C CYS A 593 -8.48 -7.90 -38.34
N THR A 594 -9.44 -8.81 -38.53
CA THR A 594 -10.61 -8.48 -39.33
C THR A 594 -11.48 -7.44 -38.62
N ASP A 595 -11.66 -7.58 -37.31
CA ASP A 595 -12.42 -6.60 -36.54
C ASP A 595 -11.77 -5.23 -36.58
N VAL A 596 -10.44 -5.19 -36.40
CA VAL A 596 -9.71 -3.93 -36.42
C VAL A 596 -9.77 -3.28 -37.79
N SER A 597 -9.57 -4.06 -38.85
CA SER A 597 -9.58 -3.50 -40.21
C SER A 597 -10.96 -2.98 -40.58
N THR A 598 -12.04 -3.72 -40.27
CA THR A 598 -13.38 -3.24 -40.59
C THR A 598 -13.81 -2.06 -39.72
N ALA A 599 -13.41 -2.02 -38.45
CA ALA A 599 -13.72 -0.85 -37.63
C ALA A 599 -12.94 0.40 -38.02
N ILE A 600 -11.70 0.25 -38.48
CA ILE A 600 -10.95 1.40 -38.97
C ILE A 600 -11.52 1.88 -40.31
N HIS A 601 -11.88 0.95 -41.21
CA HIS A 601 -12.47 1.36 -42.48
C HIS A 601 -13.84 1.98 -42.29
N ALA A 602 -14.62 1.50 -41.33
CA ALA A 602 -15.95 2.04 -41.08
C ALA A 602 -15.95 3.21 -40.09
N ASP A 603 -14.76 3.64 -39.64
CA ASP A 603 -14.57 4.76 -38.72
C ASP A 603 -15.31 4.56 -37.41
N GLN A 604 -15.11 3.40 -36.76
CA GLN A 604 -15.81 3.07 -35.53
C GLN A 604 -14.85 2.64 -34.41
N LEU A 605 -13.60 3.06 -34.47
CA LEU A 605 -12.62 2.70 -33.46
C LEU A 605 -12.11 3.97 -32.78
N THR A 606 -12.21 3.98 -31.44
CA THR A 606 -12.20 5.20 -30.63
C THR A 606 -10.91 6.02 -30.71
N PRO A 607 -9.68 5.44 -30.63
CA PRO A 607 -8.52 6.28 -30.98
C PRO A 607 -8.50 6.53 -32.47
N ALA A 608 -8.89 7.75 -32.86
CA ALA A 608 -9.08 8.11 -34.26
C ALA A 608 -8.00 9.09 -34.65
N TRP A 609 -7.06 8.63 -35.47
CA TRP A 609 -5.93 9.44 -35.91
C TRP A 609 -6.27 9.98 -37.30
N ARG A 610 -6.22 11.31 -37.45
CA ARG A 610 -6.72 11.95 -38.66
C ARG A 610 -5.90 11.57 -39.89
N ILE A 611 -4.58 11.49 -39.74
CA ILE A 611 -3.72 11.08 -40.84
C ILE A 611 -3.12 9.73 -40.50
N TYR A 612 -3.79 8.66 -40.92
CA TYR A 612 -3.40 7.31 -40.57
C TYR A 612 -4.12 6.34 -41.50
N SER A 613 -3.36 5.40 -42.05
CA SER A 613 -3.91 4.38 -42.93
C SER A 613 -3.51 3.01 -42.42
N THR A 614 -4.35 2.01 -42.69
CA THR A 614 -4.03 0.65 -42.26
C THR A 614 -2.94 0.03 -43.13
N GLY A 615 -2.68 0.59 -44.30
CA GLY A 615 -1.64 0.09 -45.17
C GLY A 615 -1.99 -1.26 -45.77
N ASN A 616 -0.97 -1.93 -46.28
CA ASN A 616 -1.09 -3.29 -46.76
C ASN A 616 -0.42 -4.31 -45.84
N ASN A 617 0.23 -3.85 -44.77
CA ASN A 617 0.98 -4.72 -43.87
C ASN A 617 0.16 -4.91 -42.59
N VAL A 618 -0.76 -5.87 -42.64
CA VAL A 618 -1.56 -6.26 -41.48
C VAL A 618 -1.22 -7.73 -41.21
N PHE A 619 -0.70 -8.01 -40.02
CA PHE A 619 -0.15 -9.32 -39.70
C PHE A 619 -0.74 -9.77 -38.38
N GLN A 620 -1.12 -11.05 -38.31
CA GLN A 620 -1.75 -11.59 -37.12
C GLN A 620 -0.72 -12.36 -36.29
N THR A 621 -0.57 -11.96 -35.04
CA THR A 621 0.29 -12.63 -34.07
C THR A 621 -0.58 -13.18 -32.96
N GLN A 622 0.05 -13.90 -32.03
CA GLN A 622 -0.67 -14.33 -30.85
C GLN A 622 -0.73 -13.23 -29.79
N ALA A 623 0.11 -12.20 -29.94
CA ALA A 623 0.05 -11.06 -29.04
C ALA A 623 -1.01 -10.06 -29.46
N GLY A 624 -1.52 -10.16 -30.67
CA GLY A 624 -2.52 -9.24 -31.17
C GLY A 624 -2.35 -9.04 -32.67
N CYS A 625 -2.79 -7.88 -33.14
CA CYS A 625 -2.73 -7.53 -34.55
C CYS A 625 -1.67 -6.44 -34.76
N LEU A 626 -0.74 -6.68 -35.67
CA LEU A 626 0.37 -5.78 -35.93
C LEU A 626 0.17 -5.08 -37.27
N ILE A 627 0.25 -3.75 -37.26
CA ILE A 627 0.00 -2.94 -38.45
C ILE A 627 1.18 -2.01 -38.67
N GLY A 628 1.79 -2.07 -39.85
CA GLY A 628 2.87 -1.20 -40.21
C GLY A 628 4.24 -1.84 -40.28
N ALA A 629 4.32 -3.17 -40.16
CA ALA A 629 5.58 -3.88 -40.17
C ALA A 629 5.49 -5.04 -41.14
N GLU A 630 6.58 -5.29 -41.87
CA GLU A 630 6.61 -6.28 -42.92
C GLU A 630 7.19 -7.59 -42.40
N HIS A 631 6.50 -8.69 -42.69
CA HIS A 631 6.93 -10.00 -42.22
C HIS A 631 7.98 -10.60 -43.15
N VAL A 632 9.07 -11.09 -42.58
CA VAL A 632 10.17 -11.69 -43.33
C VAL A 632 10.37 -13.12 -42.85
N ASP A 633 11.13 -13.89 -43.64
CA ASP A 633 11.31 -15.31 -43.37
C ASP A 633 12.60 -15.62 -42.65
N THR A 634 13.59 -14.74 -42.69
CA THR A 634 14.84 -15.00 -41.99
C THR A 634 14.70 -14.71 -40.51
N SER A 635 15.72 -15.11 -39.74
CA SER A 635 15.73 -14.97 -38.30
C SER A 635 16.95 -14.17 -37.86
N TYR A 636 16.75 -13.28 -36.91
CA TYR A 636 17.80 -12.46 -36.34
C TYR A 636 17.72 -12.50 -34.82
N GLU A 637 18.73 -11.95 -34.18
CA GLU A 637 18.68 -11.72 -32.74
C GLU A 637 17.58 -10.71 -32.42
N CYS A 638 16.89 -10.93 -31.30
CA CYS A 638 15.76 -10.08 -30.96
C CYS A 638 16.21 -8.66 -30.62
N ASP A 639 15.46 -7.68 -31.13
CA ASP A 639 15.75 -6.27 -30.91
C ASP A 639 14.64 -5.61 -30.11
N ILE A 640 13.40 -5.66 -30.58
CA ILE A 640 12.24 -5.16 -29.86
C ILE A 640 11.26 -6.30 -29.67
N PRO A 641 11.00 -6.74 -28.44
CA PRO A 641 10.19 -7.95 -28.23
C PRO A 641 8.70 -7.64 -28.36
N ILE A 642 8.03 -8.37 -29.26
CA ILE A 642 6.59 -8.28 -29.40
C ILE A 642 5.88 -9.39 -28.63
N GLY A 643 6.38 -10.62 -28.72
CA GLY A 643 5.81 -11.69 -27.93
C GLY A 643 5.52 -12.95 -28.72
N ALA A 644 5.37 -14.06 -28.00
CA ALA A 644 5.09 -15.40 -28.57
C ALA A 644 6.15 -15.80 -29.61
N GLY A 645 7.40 -15.44 -29.35
CA GLY A 645 8.48 -15.72 -30.27
C GLY A 645 8.70 -14.70 -31.35
N ILE A 646 7.84 -13.68 -31.44
CA ILE A 646 7.91 -12.70 -32.52
C ILE A 646 8.62 -11.45 -32.01
N CYS A 647 9.55 -10.95 -32.83
CA CYS A 647 10.39 -9.80 -32.51
C CYS A 647 10.33 -8.83 -33.69
N ALA A 648 10.79 -7.61 -33.48
CA ALA A 648 10.74 -6.59 -34.51
C ALA A 648 12.03 -5.77 -34.52
N SER A 649 12.36 -5.23 -35.68
CA SER A 649 13.57 -4.42 -35.82
C SER A 649 13.42 -3.48 -37.01
N TYR A 650 14.50 -2.77 -37.31
CA TYR A 650 14.53 -1.75 -38.36
C TYR A 650 15.65 -2.12 -39.34
N HIS A 651 15.27 -2.74 -40.46
CA HIS A 651 16.24 -3.32 -41.38
C HIS A 651 15.97 -2.84 -42.79
N THR A 652 17.00 -2.91 -43.63
CA THR A 652 16.89 -2.54 -45.04
C THR A 652 15.96 -3.47 -45.81
N GLN A 661 17.03 2.01 -48.08
CA GLN A 661 15.58 2.06 -47.91
C GLN A 661 15.14 1.16 -46.77
N LYS A 662 15.41 1.60 -45.54
CA LYS A 662 15.08 0.82 -44.37
C LYS A 662 13.58 0.85 -44.08
N SER A 663 13.13 -0.15 -43.35
CA SER A 663 11.74 -0.26 -42.92
C SER A 663 11.68 -1.11 -41.65
N ILE A 664 10.55 -1.03 -40.96
CA ILE A 664 10.30 -1.84 -39.77
C ILE A 664 9.85 -3.22 -40.22
N VAL A 665 10.50 -4.25 -39.68
CA VAL A 665 10.24 -5.63 -40.03
C VAL A 665 9.94 -6.43 -38.78
N ALA A 666 9.16 -7.50 -38.94
CA ALA A 666 8.84 -8.43 -37.87
C ALA A 666 9.28 -9.83 -38.28
N TYR A 667 9.84 -10.57 -37.33
CA TYR A 667 10.40 -11.88 -37.63
C TYR A 667 10.25 -12.79 -36.41
N THR A 668 10.66 -14.03 -36.58
CA THR A 668 10.77 -15.00 -35.50
C THR A 668 12.22 -15.03 -35.02
N MET A 669 12.41 -14.82 -33.72
CA MET A 669 13.76 -14.69 -33.17
C MET A 669 14.52 -16.01 -33.25
N SER A 670 15.84 -15.88 -33.39
CA SER A 670 16.73 -17.03 -33.38
C SER A 670 17.35 -17.18 -32.00
N LEU A 671 17.55 -18.43 -31.60
CA LEU A 671 18.02 -18.69 -30.24
C LEU A 671 19.54 -18.56 -30.14
N GLY A 672 20.26 -18.86 -31.21
CA GLY A 672 21.70 -18.74 -31.20
C GLY A 672 22.30 -19.34 -32.44
N ALA A 673 23.62 -19.26 -32.49
CA ALA A 673 24.37 -19.84 -33.61
C ALA A 673 24.28 -21.35 -33.56
N ASP A 674 24.14 -21.97 -34.72
CA ASP A 674 23.99 -23.42 -34.82
C ASP A 674 25.35 -24.06 -35.05
N SER A 675 25.65 -25.11 -34.30
CA SER A 675 26.92 -25.81 -34.40
C SER A 675 26.69 -27.28 -34.15
N SER A 676 27.59 -28.11 -34.66
CA SER A 676 27.57 -29.54 -34.43
C SER A 676 28.98 -30.02 -34.13
N ILE A 677 29.16 -30.59 -32.94
CA ILE A 677 30.43 -31.22 -32.55
C ILE A 677 30.20 -32.72 -32.49
N ALA A 678 31.10 -33.47 -33.12
CA ALA A 678 30.90 -34.90 -33.29
C ALA A 678 31.47 -35.66 -32.12
N TYR A 679 30.63 -36.48 -31.48
CA TYR A 679 31.07 -37.34 -30.40
C TYR A 679 31.81 -38.53 -30.97
N SER A 680 33.05 -38.71 -30.56
CA SER A 680 33.79 -39.93 -30.77
C SER A 680 34.32 -40.42 -29.43
N ASN A 681 34.53 -41.72 -29.32
CA ASN A 681 34.88 -42.33 -28.05
C ASN A 681 36.37 -42.65 -27.91
N ASN A 682 37.20 -42.18 -28.85
CA ASN A 682 38.64 -42.35 -28.67
C ASN A 682 39.43 -41.13 -29.14
N THR A 683 38.87 -39.93 -29.04
CA THR A 683 39.58 -38.73 -29.42
C THR A 683 39.20 -37.57 -28.50
N ILE A 684 40.11 -36.60 -28.41
CA ILE A 684 39.99 -35.49 -27.48
C ILE A 684 40.53 -34.22 -28.13
N ALA A 685 39.91 -33.08 -27.79
CA ALA A 685 40.34 -31.79 -28.28
C ALA A 685 41.05 -31.04 -27.17
N ILE A 686 42.24 -30.52 -27.46
CA ILE A 686 43.08 -29.87 -26.46
C ILE A 686 43.49 -28.51 -27.01
N PRO A 687 43.36 -27.43 -26.23
CA PRO A 687 43.78 -26.11 -26.70
C PRO A 687 45.29 -25.99 -26.83
N THR A 688 45.72 -25.19 -27.79
CA THR A 688 47.14 -24.93 -27.98
C THR A 688 47.53 -23.47 -27.76
N ASN A 689 46.58 -22.59 -27.46
CA ASN A 689 46.89 -21.19 -27.19
C ASN A 689 45.88 -20.64 -26.20
N PHE A 690 46.06 -19.38 -25.80
CA PHE A 690 45.14 -18.74 -24.88
C PHE A 690 45.11 -17.24 -25.15
N SER A 691 44.12 -16.59 -24.55
CA SER A 691 44.01 -15.15 -24.60
C SER A 691 43.59 -14.63 -23.23
N ILE A 692 43.91 -13.37 -22.97
CA ILE A 692 43.57 -12.68 -21.73
C ILE A 692 42.46 -11.70 -22.05
N SER A 693 41.32 -11.83 -21.39
CA SER A 693 40.17 -10.97 -21.68
C SER A 693 39.74 -10.23 -20.41
N ILE A 694 39.29 -9.00 -20.57
CA ILE A 694 38.79 -8.19 -19.47
C ILE A 694 37.33 -7.84 -19.74
N THR A 695 36.49 -8.05 -18.74
CA THR A 695 35.05 -7.92 -18.87
C THR A 695 34.53 -6.99 -17.80
N THR A 696 33.50 -6.21 -18.14
CA THR A 696 32.90 -5.21 -17.27
C THR A 696 31.61 -5.73 -16.67
N GLU A 697 31.41 -5.52 -15.37
CA GLU A 697 30.13 -5.78 -14.72
C GLU A 697 29.72 -4.56 -13.90
N VAL A 698 28.47 -4.13 -14.08
CA VAL A 698 27.96 -2.91 -13.48
C VAL A 698 26.91 -3.28 -12.44
N MET A 699 27.08 -2.81 -11.20
CA MET A 699 26.15 -3.12 -10.12
C MET A 699 25.69 -1.85 -9.42
N PRO A 700 24.37 -1.65 -9.28
CA PRO A 700 23.87 -0.56 -8.44
C PRO A 700 24.01 -0.88 -6.96
N VAL A 701 24.41 0.13 -6.18
CA VAL A 701 24.68 -0.02 -4.76
C VAL A 701 23.66 0.75 -3.92
N SER A 702 23.42 2.02 -4.26
CA SER A 702 22.56 2.86 -3.45
C SER A 702 21.71 3.75 -4.34
N MET A 703 20.66 4.30 -3.74
CA MET A 703 19.80 5.27 -4.41
C MET A 703 19.76 6.56 -3.59
N ALA A 704 18.99 7.54 -4.07
CA ALA A 704 18.96 8.86 -3.45
C ALA A 704 18.15 8.85 -2.16
N LYS A 705 18.62 9.60 -1.18
CA LYS A 705 17.95 9.76 0.10
C LYS A 705 17.01 10.96 0.03
N THR A 706 15.73 10.74 0.33
CA THR A 706 14.71 11.76 0.18
C THR A 706 13.93 11.93 1.47
N SER A 707 13.34 13.11 1.62
CA SER A 707 12.53 13.44 2.78
C SER A 707 11.44 14.42 2.35
N VAL A 708 10.37 14.45 3.14
CA VAL A 708 9.23 15.32 2.88
C VAL A 708 8.77 15.95 4.18
N ASP A 709 8.46 17.24 4.13
CA ASP A 709 7.75 17.91 5.21
C ASP A 709 6.26 17.65 5.01
N CYS A 710 5.70 16.79 5.87
CA CYS A 710 4.34 16.29 5.67
C CYS A 710 3.31 17.41 5.76
N ASN A 711 3.46 18.31 6.74
CA ASN A 711 2.55 19.45 6.85
C ASN A 711 2.72 20.43 5.71
N MET A 712 3.96 20.68 5.25
CA MET A 712 4.16 21.60 4.14
C MET A 712 3.62 21.03 2.83
N TYR A 713 3.69 19.70 2.66
CA TYR A 713 3.08 19.08 1.48
C TYR A 713 1.56 19.14 1.54
N ILE A 714 0.98 18.75 2.67
CA ILE A 714 -0.48 18.61 2.73
C ILE A 714 -1.15 19.95 2.98
N CYS A 715 -0.64 20.75 3.92
CA CYS A 715 -1.36 21.91 4.39
C CYS A 715 -0.73 23.24 4.03
N GLY A 716 0.53 23.26 3.61
CA GLY A 716 1.22 24.50 3.35
C GLY A 716 1.47 25.31 4.61
N ASP A 717 0.84 26.47 4.71
CA ASP A 717 0.97 27.32 5.89
C ASP A 717 -0.34 27.56 6.60
N SER A 718 -1.39 26.78 6.31
CA SER A 718 -2.69 26.98 6.93
C SER A 718 -2.70 26.42 8.35
N THR A 719 -3.52 27.01 9.21
CA THR A 719 -3.75 26.48 10.54
C THR A 719 -5.05 25.69 10.66
N GLU A 720 -6.06 26.04 9.85
CA GLU A 720 -7.27 25.23 9.76
C GLU A 720 -6.97 23.85 9.22
N CYS A 721 -6.14 23.77 8.18
CA CYS A 721 -5.73 22.48 7.64
C CYS A 721 -4.94 21.68 8.66
N ALA A 722 -4.09 22.34 9.45
CA ALA A 722 -3.33 21.64 10.46
C ALA A 722 -4.22 21.08 11.57
N ASN A 723 -5.20 21.86 12.03
CA ASN A 723 -6.15 21.36 13.01
C ASN A 723 -7.01 20.24 12.46
N LEU A 724 -7.32 20.27 11.16
CA LEU A 724 -8.07 19.18 10.56
C LEU A 724 -7.22 17.92 10.40
N LEU A 725 -5.94 18.08 10.07
CA LEU A 725 -5.04 16.94 9.92
C LEU A 725 -4.68 16.32 11.26
N LEU A 726 -4.83 17.06 12.36
CA LEU A 726 -4.62 16.48 13.68
C LEU A 726 -5.62 15.37 14.01
N GLN A 727 -6.74 15.28 13.30
CA GLN A 727 -7.76 14.28 13.57
C GLN A 727 -7.42 12.89 13.04
N TYR A 728 -6.33 12.74 12.31
CA TYR A 728 -5.95 11.46 11.73
C TYR A 728 -4.90 10.73 12.55
N GLY A 729 -4.53 11.26 13.71
CA GLY A 729 -3.56 10.59 14.55
C GLY A 729 -2.13 10.80 14.10
N SER A 730 -1.31 9.75 14.21
CA SER A 730 0.11 9.84 13.92
C SER A 730 0.35 9.30 12.50
N PHE A 731 0.14 10.18 11.52
CA PHE A 731 0.41 9.86 10.13
C PHE A 731 1.77 10.36 9.69
N CYS A 732 2.08 11.63 9.96
CA CYS A 732 3.31 12.23 9.47
C CYS A 732 4.53 11.67 10.20
N THR A 733 4.35 11.26 11.46
CA THR A 733 5.47 10.77 12.25
C THR A 733 5.97 9.43 11.74
N GLN A 734 5.06 8.48 11.49
CA GLN A 734 5.50 7.16 11.02
C GLN A 734 6.02 7.23 9.59
N LEU A 735 5.54 8.21 8.82
CA LEU A 735 6.01 8.39 7.45
C LEU A 735 7.43 8.95 7.43
N ASN A 736 7.70 9.95 8.26
CA ASN A 736 9.07 10.42 8.43
C ASN A 736 9.98 9.32 8.96
N ARG A 737 9.44 8.46 9.83
CA ARG A 737 10.21 7.34 10.36
C ARG A 737 10.60 6.35 9.26
N ALA A 738 9.67 6.03 8.36
CA ALA A 738 9.96 5.11 7.27
C ALA A 738 10.99 5.70 6.29
N LEU A 739 10.83 6.97 5.93
CA LEU A 739 11.78 7.59 5.02
C LEU A 739 13.18 7.72 5.65
N SER A 740 13.23 7.95 6.96
CA SER A 740 14.50 8.03 7.67
C SER A 740 15.19 6.66 7.73
N GLY A 741 14.40 5.59 7.89
CA GLY A 741 14.98 4.25 7.84
C GLY A 741 15.60 3.93 6.49
N ILE A 742 14.91 4.29 5.40
CA ILE A 742 15.46 4.08 4.06
C ILE A 742 16.75 4.87 3.87
N ALA A 743 16.76 6.12 4.33
CA ALA A 743 17.93 6.97 4.16
C ALA A 743 19.14 6.43 4.92
N ALA A 744 18.92 5.85 6.11
CA ALA A 744 20.04 5.23 6.83
C ALA A 744 20.51 3.95 6.14
N GLU A 745 19.57 3.18 5.58
CA GLU A 745 19.91 1.94 4.90
C GLU A 745 20.83 2.18 3.70
N GLN A 746 20.66 3.31 2.99
CA GLN A 746 21.51 3.57 1.83
C GLN A 746 22.99 3.75 2.22
N ASP A 747 23.26 4.46 3.30
CA ASP A 747 24.63 4.62 3.76
C ASP A 747 25.19 3.33 4.31
N ARG A 748 24.35 2.49 4.91
CA ARG A 748 24.80 1.17 5.33
C ARG A 748 25.21 0.32 4.13
N ASN A 749 24.45 0.42 3.03
CA ASN A 749 24.78 -0.31 1.80
C ASN A 749 26.15 0.10 1.25
N THR A 750 26.38 1.42 1.17
CA THR A 750 27.63 1.91 0.63
C THR A 750 28.82 1.51 1.51
N ARG A 751 28.64 1.59 2.84
CA ARG A 751 29.71 1.21 3.76
C ARG A 751 30.02 -0.28 3.67
N GLU A 752 29.00 -1.13 3.50
CA GLU A 752 29.26 -2.55 3.37
C GLU A 752 29.96 -2.91 2.06
N VAL A 753 29.66 -2.20 0.97
CA VAL A 753 30.33 -2.54 -0.28
C VAL A 753 31.77 -2.07 -0.30
N PHE A 754 32.02 -0.81 0.10
CA PHE A 754 33.33 -0.23 -0.21
C PHE A 754 34.34 -0.29 0.93
N ALA A 755 33.92 -0.21 2.18
CA ALA A 755 34.85 -0.11 3.31
C ALA A 755 35.23 -1.50 3.80
N GLN A 756 35.97 -2.22 2.95
CA GLN A 756 36.41 -3.57 3.29
C GLN A 756 37.87 -3.67 3.68
N VAL A 757 38.70 -2.68 3.36
CA VAL A 757 40.10 -2.67 3.79
C VAL A 757 40.22 -1.87 5.09
N LYS A 758 41.11 -2.35 5.95
CA LYS A 758 41.45 -1.68 7.19
C LYS A 758 42.69 -0.80 7.04
N GLN A 759 43.34 -0.81 5.89
CA GLN A 759 44.58 -0.08 5.66
C GLN A 759 44.42 0.77 4.40
N MET A 760 44.90 2.00 4.45
CA MET A 760 44.88 2.88 3.29
C MET A 760 46.25 2.83 2.62
N TYR A 761 46.40 1.91 1.68
CA TYR A 761 47.68 1.76 0.99
C TYR A 761 47.89 2.90 0.01
N LYS A 762 49.07 3.50 0.08
CA LYS A 762 49.40 4.60 -0.81
C LYS A 762 49.63 4.10 -2.23
N THR A 763 49.21 4.89 -3.21
CA THR A 763 49.39 4.51 -4.60
C THR A 763 50.86 4.61 -4.98
N PRO A 764 51.42 3.59 -5.64
CA PRO A 764 52.85 3.63 -5.97
C PRO A 764 53.17 4.70 -7.00
N THR A 765 54.41 5.19 -6.95
CA THR A 765 54.86 6.18 -7.92
C THR A 765 55.04 5.55 -9.30
N LEU A 766 55.60 4.34 -9.36
CA LEU A 766 55.74 3.61 -10.59
C LEU A 766 54.54 2.70 -10.78
N LYS A 767 53.96 2.72 -11.98
CA LYS A 767 52.74 1.98 -12.29
C LYS A 767 52.97 1.00 -13.44
N TYR A 768 54.13 0.36 -13.44
CA TYR A 768 54.52 -0.60 -14.47
C TYR A 768 55.16 -1.78 -13.75
N PHE A 769 54.39 -2.86 -13.58
CA PHE A 769 54.80 -4.00 -12.75
C PHE A 769 55.03 -5.21 -13.64
N GLY A 770 56.28 -5.44 -14.02
CA GLY A 770 56.61 -6.61 -14.81
C GLY A 770 56.14 -6.54 -16.24
N GLY A 771 55.91 -5.33 -16.76
CA GLY A 771 55.35 -5.14 -18.07
C GLY A 771 53.85 -4.92 -18.09
N PHE A 772 53.18 -5.04 -16.95
CA PHE A 772 51.76 -4.80 -16.85
C PHE A 772 51.54 -3.33 -16.50
N ASN A 773 50.69 -2.65 -17.28
CA ASN A 773 50.51 -1.21 -17.18
C ASN A 773 49.25 -0.91 -16.39
N PHE A 774 49.41 -0.32 -15.21
CA PHE A 774 48.32 -0.07 -14.28
C PHE A 774 47.90 1.40 -14.24
N SER A 775 48.28 2.18 -15.24
CA SER A 775 48.14 3.63 -15.13
C SER A 775 46.70 4.12 -15.31
N GLN A 776 45.90 3.41 -16.10
CA GLN A 776 44.53 3.86 -16.37
C GLN A 776 43.55 3.49 -15.28
N ILE A 777 43.94 2.66 -14.31
CA ILE A 777 43.07 2.28 -13.20
C ILE A 777 43.57 2.82 -11.88
N LEU A 778 44.59 3.67 -11.90
CA LEU A 778 45.13 4.32 -10.72
C LEU A 778 45.12 5.82 -10.91
N PRO A 779 45.02 6.60 -9.84
CA PRO A 779 44.99 8.05 -9.98
C PRO A 779 46.29 8.63 -10.54
N ASP A 780 46.14 9.71 -11.31
CA ASP A 780 47.24 10.46 -11.91
C ASP A 780 47.59 11.63 -11.01
N PRO A 781 48.85 11.72 -10.52
CA PRO A 781 49.23 12.85 -9.66
C PRO A 781 49.14 14.21 -10.32
N LEU A 782 49.43 14.28 -11.62
CA LEU A 782 49.39 15.54 -12.35
C LEU A 782 48.03 15.67 -13.06
N LYS A 783 46.98 15.68 -12.24
CA LYS A 783 45.63 15.79 -12.77
C LYS A 783 44.76 16.40 -11.68
N PRO A 784 43.94 17.41 -11.98
CA PRO A 784 43.14 18.07 -10.93
C PRO A 784 42.17 17.16 -10.17
N THR A 785 41.50 16.25 -10.86
CA THR A 785 40.62 15.31 -10.17
C THR A 785 41.42 14.19 -9.53
N LYS A 786 40.89 13.65 -8.43
CA LYS A 786 41.56 12.61 -7.66
C LYS A 786 41.03 11.24 -8.00
N ARG A 787 40.65 11.02 -9.24
CA ARG A 787 40.06 9.78 -9.72
C ARG A 787 40.97 9.13 -10.75
N SER A 788 40.48 8.04 -11.34
CA SER A 788 41.16 7.40 -12.45
C SER A 788 40.60 7.90 -13.77
N PHE A 789 41.29 7.55 -14.86
CA PHE A 789 40.80 7.84 -16.19
C PHE A 789 39.47 7.14 -16.46
N ILE A 790 39.39 5.85 -16.12
CA ILE A 790 38.19 5.07 -16.36
C ILE A 790 37.06 5.54 -15.45
N GLU A 791 37.37 5.95 -14.21
CA GLU A 791 36.36 6.51 -13.33
C GLU A 791 35.82 7.83 -13.84
N ASP A 792 36.69 8.66 -14.44
CA ASP A 792 36.23 9.91 -15.06
C ASP A 792 35.30 9.62 -16.23
N LEU A 793 35.63 8.62 -17.04
CA LEU A 793 34.74 8.23 -18.14
C LEU A 793 33.39 7.74 -17.63
N LEU A 794 33.40 6.91 -16.57
CA LEU A 794 32.16 6.39 -16.02
C LEU A 794 31.31 7.50 -15.41
N PHE A 795 31.94 8.48 -14.78
CA PHE A 795 31.19 9.60 -14.23
C PHE A 795 30.63 10.50 -15.33
N ASN A 796 31.34 10.62 -16.46
CA ASN A 796 30.81 11.40 -17.57
C ASN A 796 29.66 10.69 -18.27
N LYS A 797 29.62 9.36 -18.23
CA LYS A 797 28.61 8.65 -19.02
C LYS A 797 27.21 8.74 -18.42
N VAL A 798 27.09 8.74 -17.09
CA VAL A 798 25.78 8.74 -16.45
C VAL A 798 25.25 10.16 -16.38
N THR A 799 24.04 10.38 -16.89
CA THR A 799 23.41 11.69 -16.92
C THR A 799 22.37 11.78 -15.82
N LEU A 800 22.42 12.85 -15.04
CA LEU A 800 21.44 13.07 -13.97
C LEU A 800 20.31 13.97 -14.46
N LYS A 807 13.89 19.22 -12.39
CA LYS A 807 14.20 20.02 -11.21
C LYS A 807 13.17 19.79 -10.10
N GLN A 808 12.81 20.88 -9.41
CA GLN A 808 11.85 20.96 -8.30
C GLN A 808 12.05 19.87 -7.24
N TYR A 809 13.28 19.37 -7.09
CA TYR A 809 13.53 18.37 -6.06
C TYR A 809 13.61 18.99 -4.68
N GLY A 810 13.88 20.29 -4.60
CA GLY A 810 14.00 20.97 -3.32
C GLY A 810 15.27 20.70 -2.56
N GLU A 811 16.23 20.02 -3.17
CA GLU A 811 17.53 19.78 -2.54
C GLU A 811 18.40 21.02 -2.67
N CYS A 812 19.56 21.00 -2.01
CA CYS A 812 20.51 22.09 -2.19
C CYS A 812 21.94 21.56 -2.30
N LEU A 813 22.54 21.82 -3.45
CA LEU A 813 23.85 21.31 -3.82
C LEU A 813 24.76 22.48 -4.15
N GLY A 814 26.04 22.34 -3.85
CA GLY A 814 27.00 23.39 -4.14
C GLY A 814 28.38 23.01 -3.68
N ASP A 815 29.27 23.99 -3.69
CA ASP A 815 30.65 23.81 -3.27
C ASP A 815 30.88 24.57 -1.97
N ILE A 816 31.28 23.86 -0.93
CA ILE A 816 31.49 24.48 0.37
C ILE A 816 32.87 25.13 0.48
N ASN A 817 33.85 24.68 -0.31
CA ASN A 817 35.20 25.23 -0.19
C ASN A 817 35.30 26.62 -0.78
N ALA A 818 34.68 26.85 -1.94
CA ALA A 818 34.71 28.15 -2.61
C ALA A 818 33.56 29.05 -2.18
N ARG A 819 32.87 28.70 -1.09
CA ARG A 819 31.67 29.40 -0.59
C ARG A 819 30.55 29.43 -1.63
N ASP A 820 30.58 28.52 -2.60
CA ASP A 820 29.55 28.44 -3.63
C ASP A 820 28.46 27.45 -3.23
N LEU A 821 27.95 27.65 -2.03
CA LEU A 821 26.88 26.79 -1.50
C LEU A 821 25.60 27.59 -1.46
N ILE A 822 24.56 27.08 -2.11
CA ILE A 822 23.27 27.75 -2.23
C ILE A 822 22.24 26.78 -1.69
N CYS A 823 21.35 27.25 -0.82
CA CYS A 823 20.19 26.46 -0.43
C CYS A 823 18.91 27.23 -0.68
N ALA A 824 18.18 26.77 -1.70
CA ALA A 824 16.87 27.30 -2.08
C ALA A 824 15.84 26.19 -1.97
N GLN A 825 14.63 26.54 -1.59
CA GLN A 825 13.60 25.55 -1.28
C GLN A 825 12.38 25.76 -2.17
N LYS A 826 11.42 24.84 -2.02
CA LYS A 826 10.23 24.78 -2.85
C LYS A 826 9.00 24.70 -1.95
N PHE A 827 7.85 25.11 -2.49
CA PHE A 827 6.62 25.12 -1.72
C PHE A 827 6.03 23.74 -1.52
N ASN A 828 6.54 22.72 -2.21
CA ASN A 828 5.98 21.38 -2.06
C ASN A 828 6.55 20.62 -0.87
N GLY A 829 7.74 21.00 -0.40
CA GLY A 829 8.29 20.40 0.79
C GLY A 829 9.12 19.16 0.61
N LEU A 830 9.69 18.94 -0.57
CA LEU A 830 10.49 17.75 -0.85
C LEU A 830 11.97 18.11 -0.80
N THR A 831 12.80 17.18 -0.34
CA THR A 831 14.22 17.43 -0.15
C THR A 831 15.01 16.16 -0.44
N VAL A 832 16.19 16.30 -1.03
CA VAL A 832 17.14 15.21 -1.22
C VAL A 832 18.36 15.49 -0.36
N LEU A 833 18.72 14.52 0.50
CA LEU A 833 19.78 14.57 1.50
C LEU A 833 21.10 14.04 0.93
N PRO A 834 22.23 14.56 1.36
CA PRO A 834 23.52 14.14 0.79
C PRO A 834 23.98 12.82 1.38
N PRO A 835 24.77 12.05 0.64
CA PRO A 835 25.36 10.82 1.20
C PRO A 835 26.43 11.13 2.23
N LEU A 836 26.61 10.20 3.17
CA LEU A 836 27.61 10.37 4.21
C LEU A 836 29.03 10.29 3.65
N LEU A 837 29.28 9.34 2.76
CA LEU A 837 30.58 9.22 2.10
C LEU A 837 30.57 10.03 0.81
N THR A 838 31.53 10.93 0.66
CA THR A 838 31.65 11.71 -0.56
C THR A 838 32.28 10.85 -1.66
N ASP A 839 32.25 11.39 -2.88
CA ASP A 839 32.78 10.67 -4.03
C ASP A 839 34.30 10.50 -3.94
N ASP A 840 34.99 11.47 -3.36
CA ASP A 840 36.44 11.37 -3.19
C ASP A 840 36.80 10.27 -2.20
N MET A 841 35.99 10.06 -1.16
CA MET A 841 36.24 8.97 -0.21
C MET A 841 36.08 7.61 -0.89
N ILE A 842 35.08 7.46 -1.74
CA ILE A 842 34.88 6.20 -2.45
C ILE A 842 36.01 5.97 -3.46
N ALA A 843 36.45 7.04 -4.12
CA ALA A 843 37.59 6.94 -5.03
C ALA A 843 38.87 6.55 -4.28
N ALA A 844 39.06 7.07 -3.06
CA ALA A 844 40.20 6.70 -2.25
C ALA A 844 40.13 5.24 -1.83
N TYR A 845 38.92 4.75 -1.53
CA TYR A 845 38.74 3.34 -1.20
C TYR A 845 39.13 2.44 -2.37
N THR A 846 38.67 2.78 -3.58
CA THR A 846 38.98 1.95 -4.73
C THR A 846 40.47 2.03 -5.09
N ALA A 847 41.08 3.20 -4.91
CA ALA A 847 42.52 3.33 -5.13
C ALA A 847 43.31 2.47 -4.17
N ALA A 848 42.90 2.43 -2.90
CA ALA A 848 43.58 1.57 -1.93
C ALA A 848 43.41 0.10 -2.27
N LEU A 849 42.22 -0.29 -2.74
CA LEU A 849 42.00 -1.68 -3.15
C LEU A 849 42.89 -2.07 -4.33
N VAL A 850 43.00 -1.21 -5.34
CA VAL A 850 43.81 -1.52 -6.52
C VAL A 850 45.29 -1.52 -6.16
N SER A 851 45.73 -0.61 -5.30
CA SER A 851 47.13 -0.59 -4.88
C SER A 851 47.49 -1.82 -4.06
N GLY A 852 46.60 -2.25 -3.17
CA GLY A 852 46.84 -3.47 -2.42
C GLY A 852 46.88 -4.70 -3.31
N THR A 853 46.04 -4.73 -4.35
CA THR A 853 46.09 -5.84 -5.30
C THR A 853 47.41 -5.83 -6.09
N ALA A 854 47.86 -4.66 -6.52
CA ALA A 854 49.09 -4.58 -7.31
C ALA A 854 50.35 -4.80 -6.48
N THR A 855 50.30 -4.60 -5.17
CA THR A 855 51.51 -4.67 -4.36
C THR A 855 51.57 -5.92 -3.47
N ALA A 856 50.47 -6.27 -2.80
CA ALA A 856 50.50 -7.35 -1.82
C ALA A 856 49.72 -8.59 -2.25
N GLY A 857 48.96 -8.54 -3.32
CA GLY A 857 48.35 -9.76 -3.86
C GLY A 857 46.99 -10.04 -3.24
N TRP A 858 46.84 -11.22 -2.64
CA TRP A 858 45.57 -11.69 -2.11
C TRP A 858 45.57 -11.79 -0.60
N THR A 859 46.72 -11.60 0.06
CA THR A 859 46.87 -11.96 1.46
C THR A 859 46.22 -10.98 2.41
N PHE A 860 45.99 -9.73 1.97
CA PHE A 860 45.53 -8.70 2.88
C PHE A 860 44.04 -8.81 3.19
N GLY A 861 43.31 -9.59 2.40
CA GLY A 861 41.91 -9.84 2.72
C GLY A 861 41.74 -10.86 3.83
N ALA A 862 42.75 -11.71 4.03
CA ALA A 862 42.70 -12.77 5.03
C ALA A 862 43.71 -12.57 6.16
N GLY A 863 44.32 -11.39 6.27
CA GLY A 863 45.25 -11.12 7.34
C GLY A 863 46.02 -9.82 7.16
N ALA A 864 47.33 -9.87 7.40
CA ALA A 864 48.21 -8.76 7.11
C ALA A 864 48.70 -8.85 5.68
N ALA A 865 48.98 -7.68 5.09
CA ALA A 865 49.45 -7.65 3.72
C ALA A 865 50.89 -8.16 3.63
N LEU A 866 51.16 -8.95 2.60
CA LEU A 866 52.50 -9.52 2.36
C LEU A 866 52.92 -9.17 0.95
N GLN A 867 54.07 -8.53 0.81
CA GLN A 867 54.55 -8.12 -0.50
C GLN A 867 55.02 -9.31 -1.32
N ILE A 868 54.86 -9.19 -2.64
CA ILE A 868 55.24 -10.24 -3.59
C ILE A 868 55.37 -9.55 -4.96
N PRO A 869 56.31 -9.95 -5.80
CA PRO A 869 56.35 -9.41 -7.17
C PRO A 869 55.11 -9.80 -7.96
N PHE A 870 54.80 -8.99 -8.97
CA PHE A 870 53.54 -9.18 -9.69
C PHE A 870 53.58 -10.42 -10.57
N ALA A 871 54.72 -10.73 -11.18
CA ALA A 871 54.81 -11.90 -12.04
C ALA A 871 54.69 -13.20 -11.24
N MET A 872 55.20 -13.22 -10.01
CA MET A 872 55.06 -14.41 -9.18
C MET A 872 53.62 -14.58 -8.70
N GLN A 873 52.94 -13.49 -8.39
CA GLN A 873 51.52 -13.55 -8.05
C GLN A 873 50.70 -14.06 -9.22
N MET A 874 51.02 -13.60 -10.42
CA MET A 874 50.29 -14.05 -11.61
C MET A 874 50.58 -15.52 -11.91
N ALA A 875 51.81 -15.97 -11.63
CA ALA A 875 52.12 -17.40 -11.76
C ALA A 875 51.36 -18.24 -10.76
N TYR A 876 51.17 -17.72 -9.54
CA TYR A 876 50.38 -18.43 -8.54
C TYR A 876 48.91 -18.53 -8.96
N ARG A 877 48.39 -17.47 -9.58
CA ARG A 877 47.00 -17.53 -10.05
C ARG A 877 46.85 -18.47 -11.25
N PHE A 878 47.88 -18.54 -12.11
CA PHE A 878 47.89 -19.54 -13.16
C PHE A 878 47.90 -20.96 -12.59
N ASN A 879 48.66 -21.18 -11.51
CA ASN A 879 48.57 -22.44 -10.79
C ASN A 879 47.18 -22.69 -10.23
N GLY A 880 46.50 -21.62 -9.80
CA GLY A 880 45.16 -21.75 -9.29
C GLY A 880 44.16 -22.23 -10.33
N ILE A 881 44.29 -21.73 -11.57
CA ILE A 881 43.35 -22.17 -12.62
C ILE A 881 43.75 -23.49 -13.27
N GLY A 882 44.80 -24.15 -12.80
CA GLY A 882 45.17 -25.46 -13.31
C GLY A 882 46.21 -25.49 -14.40
N VAL A 883 46.96 -24.41 -14.61
CA VAL A 883 48.03 -24.35 -15.59
C VAL A 883 49.34 -24.18 -14.84
N THR A 884 50.42 -24.74 -15.38
CA THR A 884 51.69 -24.70 -14.65
C THR A 884 52.38 -23.34 -14.79
N GLN A 885 53.43 -23.15 -13.99
CA GLN A 885 54.07 -21.84 -13.85
C GLN A 885 54.94 -21.48 -15.05
N ASN A 886 55.57 -22.48 -15.66
CA ASN A 886 56.41 -22.23 -16.84
C ASN A 886 55.61 -21.68 -18.02
N VAL A 887 54.30 -21.92 -18.06
CA VAL A 887 53.48 -21.38 -19.12
C VAL A 887 53.43 -19.86 -19.04
N LEU A 888 53.43 -19.32 -17.82
CA LEU A 888 53.48 -17.87 -17.67
C LEU A 888 54.89 -17.34 -17.77
N TYR A 889 55.86 -18.01 -17.16
CA TYR A 889 57.21 -17.43 -17.10
C TYR A 889 57.87 -17.40 -18.47
N GLU A 890 57.51 -18.31 -19.36
CA GLU A 890 58.05 -18.33 -20.71
C GLU A 890 57.24 -17.53 -21.71
N ASN A 891 56.06 -17.03 -21.32
CA ASN A 891 55.20 -16.27 -22.20
C ASN A 891 54.81 -14.93 -21.58
N GLN A 892 55.67 -14.39 -20.71
CA GLN A 892 55.30 -13.25 -19.88
C GLN A 892 55.03 -12.00 -20.71
N LYS A 893 55.86 -11.76 -21.73
CA LYS A 893 55.70 -10.55 -22.55
C LYS A 893 54.41 -10.56 -23.35
N GLN A 894 54.06 -11.72 -23.91
CA GLN A 894 52.80 -11.85 -24.65
C GLN A 894 51.60 -11.62 -23.75
N ILE A 895 51.63 -12.18 -22.54
CA ILE A 895 50.52 -12.01 -21.59
C ILE A 895 50.38 -10.55 -21.18
N ALA A 896 51.52 -9.88 -20.93
CA ALA A 896 51.48 -8.46 -20.58
C ALA A 896 50.92 -7.61 -21.72
N ASN A 897 51.30 -7.95 -22.96
CA ASN A 897 50.78 -7.21 -24.11
C ASN A 897 49.28 -7.40 -24.28
N GLN A 898 48.79 -8.63 -24.09
CA GLN A 898 47.35 -8.86 -24.20
C GLN A 898 46.57 -8.14 -23.09
N PHE A 899 47.13 -8.12 -21.88
CA PHE A 899 46.51 -7.38 -20.78
C PHE A 899 46.41 -5.90 -21.11
N ASN A 900 47.50 -5.32 -21.66
CA ASN A 900 47.51 -3.91 -22.00
C ASN A 900 46.51 -3.59 -23.12
N LYS A 901 46.43 -4.45 -24.14
CA LYS A 901 45.47 -4.21 -25.21
C LYS A 901 44.02 -4.32 -24.74
N ALA A 902 43.72 -5.26 -23.85
CA ALA A 902 42.36 -5.33 -23.31
C ALA A 902 42.00 -4.13 -22.45
N ILE A 903 42.95 -3.64 -21.63
CA ILE A 903 42.73 -2.40 -20.88
C ILE A 903 42.48 -1.23 -21.83
N SER A 904 43.23 -1.14 -22.93
CA SER A 904 43.00 -0.07 -23.90
C SER A 904 41.64 -0.20 -24.57
N GLN A 905 41.18 -1.43 -24.84
CA GLN A 905 39.88 -1.61 -25.48
C GLN A 905 38.70 -1.27 -24.58
N ILE A 906 38.84 -1.48 -23.26
CA ILE A 906 37.77 -1.09 -22.35
C ILE A 906 37.49 0.40 -22.40
N GLN A 907 38.53 1.22 -22.38
CA GLN A 907 38.34 2.67 -22.35
C GLN A 907 38.01 3.27 -23.72
N GLU A 908 37.98 2.46 -24.76
CA GLU A 908 37.40 2.83 -26.04
C GLU A 908 35.95 2.44 -26.15
N SER A 909 35.59 1.24 -25.68
CA SER A 909 34.19 0.85 -25.64
C SER A 909 33.39 1.73 -24.67
N LEU A 910 34.04 2.25 -23.63
CA LEU A 910 33.40 3.17 -22.71
C LEU A 910 33.42 4.61 -23.19
N THR A 911 34.02 4.86 -24.35
CA THR A 911 33.98 6.17 -25.00
C THR A 911 33.03 6.21 -26.18
N THR A 912 32.91 5.14 -26.94
CA THR A 912 32.07 5.16 -28.14
C THR A 912 30.59 4.97 -27.84
N THR A 913 30.05 5.82 -26.93
CA THR A 913 28.63 6.02 -26.64
C THR A 913 27.79 4.75 -26.53
N SER A 914 28.23 3.81 -25.70
CA SER A 914 27.48 2.59 -25.50
C SER A 914 26.39 2.84 -24.45
N THR A 915 25.61 1.81 -24.12
CA THR A 915 24.60 1.89 -23.06
C THR A 915 24.82 0.76 -22.06
N ALA A 916 26.07 0.55 -21.69
CA ALA A 916 26.42 -0.49 -20.72
C ALA A 916 26.08 -0.10 -19.29
N LEU A 917 26.00 1.21 -19.00
CA LEU A 917 25.72 1.69 -17.65
C LEU A 917 24.24 2.00 -17.45
N GLY A 918 23.37 1.41 -18.29
CA GLY A 918 21.95 1.66 -18.20
C GLY A 918 21.32 1.24 -16.89
N LYS A 919 21.85 0.18 -16.26
CA LYS A 919 21.40 -0.21 -14.93
C LYS A 919 21.58 0.91 -13.92
N LEU A 920 22.64 1.70 -14.06
CA LEU A 920 22.78 2.86 -13.18
C LEU A 920 21.88 4.00 -13.61
N GLN A 921 21.53 4.08 -14.89
CA GLN A 921 20.66 5.15 -15.36
C GLN A 921 19.23 4.92 -14.92
N ASP A 922 18.76 3.66 -15.02
CA ASP A 922 17.38 3.31 -14.71
C ASP A 922 17.01 3.72 -13.31
N VAL A 923 17.89 3.43 -12.33
CA VAL A 923 17.67 3.78 -10.94
C VAL A 923 17.41 5.27 -10.81
N VAL A 924 18.27 6.08 -11.44
CA VAL A 924 18.11 7.53 -11.41
C VAL A 924 16.75 7.92 -11.98
N ASN A 925 16.43 7.34 -13.15
CA ASN A 925 15.17 7.66 -13.82
C ASN A 925 14.00 7.31 -12.93
N GLN A 926 14.08 6.14 -12.27
CA GLN A 926 12.96 5.68 -11.46
C GLN A 926 12.68 6.66 -10.34
N ASN A 927 13.75 7.13 -9.69
CA ASN A 927 13.60 8.09 -8.60
C ASN A 927 12.90 9.34 -9.10
N ALA A 928 13.39 9.88 -10.22
CA ALA A 928 12.85 11.11 -10.75
C ALA A 928 11.38 10.93 -11.10
N GLN A 929 11.06 9.79 -11.73
CA GLN A 929 9.70 9.54 -12.17
C GLN A 929 8.76 9.55 -10.99
N ALA A 930 9.14 8.82 -9.93
CA ALA A 930 8.27 8.72 -8.76
C ALA A 930 8.08 10.08 -8.13
N LEU A 931 9.16 10.84 -8.04
CA LEU A 931 9.07 12.09 -7.32
C LEU A 931 8.29 13.11 -8.13
N ASN A 932 8.39 13.01 -9.46
CA ASN A 932 7.63 13.91 -10.31
C ASN A 932 6.14 13.67 -10.16
N THR A 933 5.76 12.40 -9.98
CA THR A 933 4.35 12.08 -9.79
C THR A 933 3.84 12.74 -8.52
N LEU A 934 4.65 12.72 -7.46
CA LEU A 934 4.24 13.30 -6.19
C LEU A 934 4.06 14.81 -6.30
N VAL A 935 4.72 15.47 -7.25
CA VAL A 935 4.49 16.89 -7.43
C VAL A 935 3.19 17.13 -8.18
N LYS A 936 2.93 16.34 -9.23
CA LYS A 936 1.82 16.65 -10.12
C LYS A 936 0.48 16.37 -9.45
N GLN A 937 0.48 15.46 -8.49
CA GLN A 937 -0.70 15.16 -7.70
C GLN A 937 -1.12 16.29 -6.79
N LEU A 938 -0.29 17.34 -6.63
CA LEU A 938 -0.74 18.52 -5.92
C LEU A 938 -1.65 19.40 -6.77
N SER A 939 -1.80 19.10 -8.06
CA SER A 939 -2.68 19.87 -8.92
C SER A 939 -4.09 19.28 -9.04
N SER A 940 -4.37 18.19 -8.34
CA SER A 940 -5.70 17.56 -8.39
C SER A 940 -6.58 18.11 -7.28
N ASN A 941 -7.86 18.24 -7.57
CA ASN A 941 -8.79 18.79 -6.58
C ASN A 941 -9.58 17.74 -5.84
N PHE A 942 -9.61 16.49 -6.34
CA PHE A 942 -10.19 15.34 -5.64
C PHE A 942 -11.68 15.52 -5.35
N GLY A 943 -12.35 16.34 -6.14
CA GLY A 943 -13.74 16.66 -5.94
C GLY A 943 -14.01 18.01 -5.32
N ALA A 944 -12.98 18.71 -4.84
CA ALA A 944 -13.16 20.05 -4.30
C ALA A 944 -13.28 21.05 -5.44
N ILE A 945 -13.63 22.29 -5.07
CA ILE A 945 -13.82 23.33 -6.08
C ILE A 945 -12.50 23.85 -6.64
N SER A 946 -11.38 23.57 -5.98
CA SER A 946 -10.09 24.03 -6.43
C SER A 946 -9.02 23.15 -5.79
N SER A 947 -7.82 23.22 -6.35
CA SER A 947 -6.69 22.47 -5.82
C SER A 947 -5.75 23.33 -4.98
N VAL A 948 -6.09 24.60 -4.75
CA VAL A 948 -5.29 25.49 -3.94
C VAL A 948 -6.05 25.83 -2.67
N LEU A 949 -5.34 25.73 -1.53
CA LEU A 949 -5.98 25.96 -0.24
C LEU A 949 -6.33 27.42 -0.01
N ASN A 950 -5.52 28.33 -0.55
CA ASN A 950 -5.70 29.75 -0.25
C ASN A 950 -6.99 30.29 -0.87
N ASP A 951 -7.35 29.81 -2.06
CA ASP A 951 -8.61 30.24 -2.67
C ASP A 951 -9.81 29.76 -1.88
N ILE A 952 -9.81 28.48 -1.48
CA ILE A 952 -10.90 27.92 -0.69
C ILE A 952 -11.02 28.65 0.65
N LEU A 953 -9.88 29.00 1.25
CA LEU A 953 -9.92 29.72 2.52
C LEU A 953 -10.29 31.18 2.35
N SER A 954 -10.07 31.76 1.18
CA SER A 954 -10.26 33.20 1.00
C SER A 954 -11.60 33.57 0.38
N ARG A 955 -12.29 32.66 -0.31
CA ARG A 955 -13.61 33.00 -0.86
C ARG A 955 -14.72 32.11 -0.32
N LEU A 956 -14.46 31.35 0.73
CA LEU A 956 -15.51 30.56 1.36
C LEU A 956 -15.46 30.73 2.86
N CYS A 957 -16.64 30.64 3.46
CA CYS A 957 -16.76 30.67 4.91
C CYS A 957 -16.76 29.25 5.47
N LYS A 958 -16.64 29.17 6.81
CA LYS A 958 -15.89 28.10 7.47
C LYS A 958 -16.50 26.71 7.25
N VAL A 959 -17.83 26.61 7.25
CA VAL A 959 -18.48 25.29 7.30
C VAL A 959 -18.28 24.55 5.97
N GLU A 960 -18.43 25.23 4.85
CA GLU A 960 -18.19 24.61 3.56
C GLU A 960 -16.70 24.41 3.30
N ALA A 961 -15.89 25.36 3.81
CA ALA A 961 -14.45 25.29 3.64
C ALA A 961 -13.87 24.06 4.30
N GLU A 962 -14.40 23.66 5.46
CA GLU A 962 -13.91 22.45 6.12
C GLU A 962 -14.16 21.22 5.28
N VAL A 963 -15.30 21.15 4.59
CA VAL A 963 -15.61 20.01 3.74
C VAL A 963 -14.66 19.94 2.56
N GLN A 964 -14.42 21.09 1.91
CA GLN A 964 -13.50 21.11 0.77
C GLN A 964 -12.07 20.75 1.19
N ILE A 965 -11.62 21.26 2.34
CA ILE A 965 -10.28 20.96 2.82
C ILE A 965 -10.15 19.49 3.20
N ASP A 966 -11.23 18.88 3.73
CA ASP A 966 -11.21 17.46 4.01
C ASP A 966 -11.05 16.63 2.75
N ARG A 967 -11.76 17.02 1.68
CA ARG A 967 -11.60 16.34 0.39
C ARG A 967 -10.17 16.45 -0.12
N LEU A 968 -9.53 17.61 0.04
CA LEU A 968 -8.14 17.75 -0.39
C LEU A 968 -7.20 16.90 0.46
N ILE A 969 -7.43 16.88 1.78
CA ILE A 969 -6.54 16.21 2.73
C ILE A 969 -6.52 14.70 2.46
N THR A 970 -7.70 14.11 2.22
CA THR A 970 -7.76 12.66 1.99
C THR A 970 -6.93 12.24 0.78
N GLY A 971 -7.06 12.97 -0.33
CA GLY A 971 -6.32 12.63 -1.53
C GLY A 971 -4.82 12.84 -1.38
N ARG A 972 -4.41 13.89 -0.66
CA ARG A 972 -2.98 14.12 -0.47
C ARG A 972 -2.36 13.07 0.46
N LEU A 973 -3.12 12.61 1.46
CA LEU A 973 -2.66 11.51 2.31
C LEU A 973 -2.47 10.24 1.49
N GLN A 974 -3.44 9.95 0.61
CA GLN A 974 -3.35 8.75 -0.23
C GLN A 974 -2.14 8.79 -1.15
N SER A 975 -1.88 9.94 -1.77
CA SER A 975 -0.73 10.08 -2.65
C SER A 975 0.58 9.87 -1.93
N LEU A 976 0.70 10.44 -0.73
CA LEU A 976 1.95 10.35 0.00
C LEU A 976 2.18 8.93 0.53
N GLN A 977 1.10 8.24 0.92
CA GLN A 977 1.20 6.85 1.35
C GLN A 977 1.62 5.93 0.21
N THR A 978 1.08 6.15 -0.99
CA THR A 978 1.47 5.37 -2.15
C THR A 978 2.95 5.55 -2.48
N TYR A 979 3.43 6.79 -2.40
CA TYR A 979 4.86 7.06 -2.63
C TYR A 979 5.75 6.32 -1.64
N VAL A 980 5.38 6.35 -0.36
CA VAL A 980 6.21 5.72 0.67
C VAL A 980 6.27 4.20 0.49
N THR A 981 5.13 3.59 0.17
CA THR A 981 5.09 2.14 -0.05
C THR A 981 5.99 1.73 -1.21
N GLN A 982 5.91 2.46 -2.33
CA GLN A 982 6.74 2.08 -3.46
C GLN A 982 8.22 2.36 -3.22
N GLN A 983 8.56 3.35 -2.38
CA GLN A 983 9.96 3.56 -2.05
C GLN A 983 10.51 2.44 -1.17
N LEU A 984 9.71 1.90 -0.25
CA LEU A 984 10.15 0.75 0.53
C LEU A 984 10.39 -0.47 -0.36
N ILE A 985 9.50 -0.69 -1.32
CA ILE A 985 9.64 -1.86 -2.20
C ILE A 985 10.87 -1.72 -3.09
N ARG A 986 11.19 -0.49 -3.54
CA ARG A 986 12.42 -0.31 -4.32
C ARG A 986 13.67 -0.44 -3.45
N ALA A 987 13.58 -0.04 -2.18
CA ALA A 987 14.72 -0.13 -1.29
C ALA A 987 15.12 -1.57 -1.01
N ALA A 988 14.15 -2.49 -0.95
CA ALA A 988 14.48 -3.91 -0.78
C ALA A 988 15.33 -4.44 -1.94
N GLU A 989 14.98 -4.05 -3.18
CA GLU A 989 15.71 -4.52 -4.35
C GLU A 989 17.12 -3.92 -4.41
N ILE A 990 17.25 -2.64 -4.05
CA ILE A 990 18.57 -2.02 -3.97
C ILE A 990 19.43 -2.71 -2.91
N ARG A 991 18.81 -3.12 -1.79
CA ARG A 991 19.56 -3.81 -0.74
C ARG A 991 20.09 -5.16 -1.21
N ALA A 992 19.27 -5.92 -1.96
CA ALA A 992 19.75 -7.19 -2.50
C ALA A 992 20.89 -7.00 -3.50
N SER A 993 20.80 -5.96 -4.34
CA SER A 993 21.89 -5.71 -5.29
C SER A 993 23.18 -5.29 -4.59
N ALA A 994 23.06 -4.52 -3.51
CA ALA A 994 24.26 -4.12 -2.77
C ALA A 994 24.88 -5.29 -2.01
N ASN A 995 24.05 -6.22 -1.53
CA ASN A 995 24.58 -7.43 -0.90
C ASN A 995 25.37 -8.28 -1.89
N LEU A 996 24.86 -8.42 -3.12
CA LEU A 996 25.61 -9.14 -4.14
C LEU A 996 26.90 -8.42 -4.51
N ALA A 997 26.87 -7.09 -4.57
CA ALA A 997 28.10 -6.35 -4.87
C ALA A 997 29.14 -6.53 -3.76
N ALA A 998 28.71 -6.59 -2.50
CA ALA A 998 29.64 -6.81 -1.39
C ALA A 998 30.28 -8.19 -1.46
N THR A 999 29.48 -9.24 -1.75
CA THR A 999 30.09 -10.56 -1.81
C THR A 999 30.99 -10.72 -3.04
N LYS A 1000 30.69 -10.03 -4.14
CA LYS A 1000 31.59 -10.06 -5.29
C LYS A 1000 32.90 -9.34 -5.00
N MET A 1001 32.84 -8.20 -4.29
CA MET A 1001 34.05 -7.53 -3.84
C MET A 1001 34.88 -8.42 -2.94
N SER A 1002 34.22 -9.20 -2.09
CA SER A 1002 34.97 -10.02 -1.14
C SER A 1002 35.61 -11.24 -1.82
N GLU A 1003 34.91 -11.87 -2.75
CA GLU A 1003 35.39 -13.14 -3.31
C GLU A 1003 36.11 -13.02 -4.65
N CYS A 1004 36.04 -11.88 -5.34
CA CYS A 1004 36.75 -11.74 -6.60
C CYS A 1004 37.84 -10.69 -6.59
N VAL A 1005 37.81 -9.73 -5.68
CA VAL A 1005 38.87 -8.74 -5.58
C VAL A 1005 39.89 -9.14 -4.52
N LEU A 1006 39.45 -9.68 -3.40
CA LEU A 1006 40.35 -10.09 -2.32
C LEU A 1006 40.75 -11.55 -2.41
N GLY A 1007 40.40 -12.23 -3.49
CA GLY A 1007 40.81 -13.61 -3.66
C GLY A 1007 40.57 -14.06 -5.09
N GLN A 1008 40.83 -15.34 -5.32
CA GLN A 1008 40.54 -15.97 -6.60
C GLN A 1008 39.45 -17.01 -6.38
N SER A 1009 38.40 -16.96 -7.20
CA SER A 1009 37.22 -17.78 -6.99
C SER A 1009 37.15 -18.93 -7.99
N LYS A 1010 36.57 -20.04 -7.55
CA LYS A 1010 36.38 -21.22 -8.37
C LYS A 1010 34.94 -21.39 -8.84
N ARG A 1011 34.04 -20.52 -8.42
CA ARG A 1011 32.64 -20.63 -8.80
C ARG A 1011 32.46 -20.22 -10.25
N VAL A 1012 31.76 -21.04 -11.02
CA VAL A 1012 31.70 -20.86 -12.47
C VAL A 1012 30.82 -19.65 -12.80
N ASP A 1013 31.41 -18.72 -13.56
CA ASP A 1013 30.76 -17.51 -14.09
C ASP A 1013 30.31 -16.54 -13.00
N PHE A 1014 30.82 -16.70 -11.77
CA PHE A 1014 30.48 -15.76 -10.72
C PHE A 1014 31.10 -14.39 -10.97
N CYS A 1015 32.27 -14.35 -11.56
CA CYS A 1015 32.89 -13.09 -11.95
C CYS A 1015 33.74 -13.28 -13.20
N GLY A 1016 33.13 -13.01 -14.36
CA GLY A 1016 33.78 -13.13 -15.64
C GLY A 1016 33.37 -14.37 -16.40
N LYS A 1017 33.72 -14.38 -17.69
CA LYS A 1017 33.52 -15.53 -18.56
C LYS A 1017 34.88 -16.11 -18.91
N GLY A 1018 35.18 -17.28 -18.36
CA GLY A 1018 36.47 -17.91 -18.47
C GLY A 1018 36.93 -18.36 -17.11
N TYR A 1019 38.22 -18.63 -16.98
CA TYR A 1019 38.82 -18.96 -15.70
C TYR A 1019 39.31 -17.69 -15.04
N HIS A 1020 38.78 -17.39 -13.86
CA HIS A 1020 39.05 -16.12 -13.20
C HIS A 1020 40.49 -16.04 -12.74
N LEU A 1021 41.14 -14.90 -12.99
CA LEU A 1021 42.48 -14.64 -12.47
C LEU A 1021 42.47 -13.55 -11.41
N MET A 1022 42.00 -12.35 -11.72
CA MET A 1022 41.92 -11.27 -10.75
C MET A 1022 40.88 -10.27 -11.23
N SER A 1023 40.56 -9.32 -10.37
CA SER A 1023 39.49 -8.37 -10.63
C SER A 1023 39.80 -7.04 -9.99
N PHE A 1024 39.36 -5.96 -10.63
CA PHE A 1024 39.62 -4.59 -10.18
C PHE A 1024 38.32 -3.81 -10.03
N PRO A 1025 38.11 -3.12 -8.91
CA PRO A 1025 36.92 -2.28 -8.76
C PRO A 1025 37.14 -0.83 -9.16
N GLN A 1026 36.08 -0.22 -9.70
CA GLN A 1026 36.05 1.19 -10.03
C GLN A 1026 34.74 1.78 -9.53
N ALA A 1027 34.78 3.02 -9.06
CA ALA A 1027 33.61 3.67 -8.52
C ALA A 1027 32.80 4.34 -9.62
N ALA A 1028 31.48 4.25 -9.54
CA ALA A 1028 30.59 4.81 -10.53
C ALA A 1028 29.45 5.49 -9.78
N PRO A 1029 28.74 6.45 -10.43
CA PRO A 1029 27.61 7.11 -9.74
C PRO A 1029 26.54 6.14 -9.27
N HIS A 1030 26.38 6.07 -7.95
CA HIS A 1030 25.46 5.16 -7.25
C HIS A 1030 25.81 3.69 -7.46
N GLY A 1031 27.06 3.36 -7.77
CA GLY A 1031 27.35 1.95 -7.98
C GLY A 1031 28.81 1.64 -8.16
N VAL A 1032 29.06 0.42 -8.58
CA VAL A 1032 30.42 -0.10 -8.71
C VAL A 1032 30.55 -0.83 -10.04
N VAL A 1033 31.71 -0.69 -10.68
CA VAL A 1033 32.04 -1.38 -11.91
C VAL A 1033 33.22 -2.31 -11.62
N PHE A 1034 33.02 -3.60 -11.86
CA PHE A 1034 34.09 -4.58 -11.73
C PHE A 1034 34.69 -4.90 -13.09
N LEU A 1035 36.01 -5.00 -13.14
CA LEU A 1035 36.74 -5.41 -14.33
C LEU A 1035 37.44 -6.72 -14.02
N HIS A 1036 36.94 -7.81 -14.60
CA HIS A 1036 37.47 -9.14 -14.35
C HIS A 1036 38.40 -9.54 -15.48
N VAL A 1037 39.56 -10.13 -15.15
CA VAL A 1037 40.45 -10.66 -16.16
C VAL A 1037 40.33 -12.18 -16.15
N THR A 1038 40.24 -12.77 -17.34
CA THR A 1038 40.02 -14.19 -17.46
C THR A 1038 40.95 -14.77 -18.51
N TYR A 1039 41.23 -16.06 -18.31
CA TYR A 1039 42.02 -16.89 -19.20
C TYR A 1039 41.05 -17.61 -20.13
N VAL A 1040 41.22 -17.45 -21.44
CA VAL A 1040 40.34 -18.10 -22.40
C VAL A 1040 41.16 -19.01 -23.30
N PRO A 1041 40.96 -20.32 -23.26
CA PRO A 1041 41.70 -21.22 -24.15
C PRO A 1041 41.22 -21.08 -25.60
N SER A 1042 42.13 -21.37 -26.53
CA SER A 1042 41.84 -21.18 -27.94
C SER A 1042 42.75 -22.07 -28.78
N GLN A 1043 42.35 -22.23 -30.05
CA GLN A 1043 43.10 -22.95 -31.08
C GLN A 1043 43.30 -24.42 -30.70
N GLU A 1044 42.19 -25.14 -30.59
CA GLU A 1044 42.24 -26.54 -30.19
C GLU A 1044 42.67 -27.45 -31.33
N ARG A 1045 43.05 -28.67 -30.97
CA ARG A 1045 43.55 -29.67 -31.90
C ARG A 1045 43.10 -31.04 -31.40
N ASN A 1046 42.77 -31.96 -32.31
CA ASN A 1046 42.28 -33.25 -31.82
C ASN A 1046 43.40 -34.28 -31.84
N PHE A 1047 43.36 -35.17 -30.85
CA PHE A 1047 44.32 -36.24 -30.69
C PHE A 1047 43.53 -37.51 -30.41
N THR A 1048 44.14 -38.65 -30.67
CA THR A 1048 43.59 -39.91 -30.18
C THR A 1048 44.12 -40.15 -28.77
N THR A 1049 43.28 -40.70 -27.92
CA THR A 1049 43.56 -40.80 -26.50
C THR A 1049 43.21 -42.18 -25.99
N ALA A 1050 43.62 -42.45 -24.76
CA ALA A 1050 43.44 -43.74 -24.12
C ALA A 1050 43.18 -43.54 -22.63
N PRO A 1051 42.45 -44.45 -21.99
CA PRO A 1051 42.31 -44.36 -20.53
C PRO A 1051 43.58 -44.71 -19.78
N ALA A 1052 44.28 -45.76 -20.23
CA ALA A 1052 45.46 -46.26 -19.56
C ALA A 1052 46.36 -46.92 -20.59
N ILE A 1053 47.60 -47.17 -20.18
CA ILE A 1053 48.54 -47.93 -21.01
C ILE A 1053 49.03 -49.13 -20.20
N CYS A 1054 49.45 -50.16 -20.93
CA CYS A 1054 49.81 -51.46 -20.36
C CYS A 1054 51.26 -51.76 -20.70
N HIS A 1055 52.16 -51.65 -19.71
CA HIS A 1055 53.57 -51.86 -20.00
C HIS A 1055 53.94 -53.34 -19.97
N GLU A 1056 53.87 -53.96 -18.79
CA GLU A 1056 54.14 -55.40 -18.65
C GLU A 1056 53.14 -55.97 -17.65
N GLY A 1057 51.97 -56.36 -18.15
CA GLY A 1057 50.96 -56.97 -17.30
C GLY A 1057 50.38 -56.09 -16.21
N LYS A 1058 50.66 -54.80 -16.25
CA LYS A 1058 50.18 -53.85 -15.25
C LYS A 1058 49.61 -52.63 -15.95
N ALA A 1059 48.60 -52.04 -15.33
CA ALA A 1059 47.92 -50.89 -15.89
C ALA A 1059 48.49 -49.61 -15.28
N TYR A 1060 48.72 -48.62 -16.12
CA TYR A 1060 49.33 -47.36 -15.73
C TYR A 1060 48.35 -46.23 -16.02
N PHE A 1061 48.03 -45.44 -15.01
CA PHE A 1061 47.09 -44.35 -15.12
C PHE A 1061 47.81 -43.01 -14.95
N PRO A 1062 47.38 -41.98 -15.69
CA PRO A 1062 48.05 -40.68 -15.57
C PRO A 1062 47.82 -40.05 -14.21
N ARG A 1063 48.83 -39.31 -13.75
CA ARG A 1063 48.76 -38.71 -12.42
C ARG A 1063 47.97 -37.40 -12.47
N GLU A 1064 48.30 -36.53 -13.41
CA GLU A 1064 47.53 -35.31 -13.64
C GLU A 1064 47.63 -34.97 -15.13
N GLY A 1065 46.57 -35.27 -15.87
CA GLY A 1065 46.53 -35.01 -17.29
C GLY A 1065 45.89 -36.15 -18.04
N VAL A 1066 46.14 -36.21 -19.34
CA VAL A 1066 45.61 -37.25 -20.21
C VAL A 1066 46.71 -37.74 -21.14
N PHE A 1067 46.57 -39.00 -21.57
CA PHE A 1067 47.43 -39.55 -22.60
C PHE A 1067 46.96 -39.11 -23.98
N VAL A 1068 47.89 -38.65 -24.81
CA VAL A 1068 47.57 -38.22 -26.18
C VAL A 1068 48.58 -38.84 -27.14
N PHE A 1069 48.24 -38.78 -28.42
CA PHE A 1069 49.02 -39.44 -29.46
C PHE A 1069 49.22 -38.46 -30.61
N ASN A 1070 50.48 -38.09 -30.87
CA ASN A 1070 50.82 -37.18 -31.95
C ASN A 1070 50.52 -37.72 -33.34
N GLY A 1071 50.43 -39.02 -33.50
CA GLY A 1071 50.61 -39.66 -34.78
C GLY A 1071 51.93 -40.38 -34.92
N THR A 1072 52.88 -40.09 -34.03
CA THR A 1072 54.15 -40.81 -33.97
C THR A 1072 54.29 -41.59 -32.66
N SER A 1073 54.11 -40.94 -31.51
CA SER A 1073 54.27 -41.60 -30.23
C SER A 1073 53.28 -41.03 -29.22
N TRP A 1074 53.30 -41.59 -28.01
CA TRP A 1074 52.34 -41.28 -26.97
C TRP A 1074 52.97 -40.38 -25.92
N PHE A 1075 52.28 -39.30 -25.57
CA PHE A 1075 52.72 -38.35 -24.55
C PHE A 1075 51.64 -38.17 -23.51
N ILE A 1076 51.95 -37.38 -22.49
CA ILE A 1076 50.99 -37.01 -21.44
C ILE A 1076 50.93 -35.49 -21.36
N THR A 1077 49.72 -34.94 -21.31
CA THR A 1077 49.54 -33.50 -21.27
C THR A 1077 48.60 -33.11 -20.14
N GLN A 1078 48.57 -31.81 -19.88
CA GLN A 1078 47.53 -31.19 -19.06
C GLN A 1078 46.36 -30.76 -19.95
N ARG A 1079 45.19 -30.62 -19.32
CA ARG A 1079 43.96 -30.50 -20.09
C ARG A 1079 43.80 -29.12 -20.73
N ASN A 1080 44.25 -28.05 -20.07
CA ASN A 1080 43.96 -26.71 -20.54
C ASN A 1080 45.05 -26.11 -21.40
N PHE A 1081 46.18 -26.79 -21.58
CA PHE A 1081 47.26 -26.29 -22.42
C PHE A 1081 48.03 -27.48 -22.96
N PHE A 1082 48.39 -27.43 -24.23
CA PHE A 1082 49.10 -28.54 -24.86
C PHE A 1082 50.60 -28.37 -24.61
N SER A 1083 51.15 -29.23 -23.76
CA SER A 1083 52.59 -29.29 -23.50
C SER A 1083 52.95 -30.75 -23.29
N PRO A 1084 53.39 -31.45 -24.34
CA PRO A 1084 53.61 -32.90 -24.23
C PRO A 1084 54.87 -33.24 -23.45
N GLN A 1085 54.74 -34.25 -22.59
CA GLN A 1085 55.85 -34.75 -21.80
C GLN A 1085 56.02 -36.24 -22.08
N ILE A 1086 57.14 -36.78 -21.64
CA ILE A 1086 57.44 -38.20 -21.84
C ILE A 1086 56.81 -39.00 -20.71
N ILE A 1087 56.14 -40.10 -21.05
CA ILE A 1087 55.49 -40.95 -20.07
C ILE A 1087 56.56 -41.70 -19.28
N THR A 1088 56.80 -41.29 -18.05
CA THR A 1088 57.74 -41.95 -17.16
C THR A 1088 56.97 -42.55 -15.99
N THR A 1089 57.71 -43.09 -15.03
CA THR A 1089 57.12 -43.62 -13.81
C THR A 1089 56.77 -42.51 -12.83
N ASP A 1090 57.34 -41.32 -13.02
CA ASP A 1090 57.12 -40.23 -12.09
C ASP A 1090 55.73 -39.63 -12.23
N ASN A 1091 55.27 -39.40 -13.47
CA ASN A 1091 54.00 -38.76 -13.73
C ASN A 1091 52.86 -39.76 -13.93
N THR A 1092 52.98 -40.96 -13.37
CA THR A 1092 52.07 -42.05 -13.69
C THR A 1092 52.02 -43.00 -12.50
N PHE A 1093 50.83 -43.45 -12.13
CA PHE A 1093 50.71 -44.41 -11.03
C PHE A 1093 50.15 -45.74 -11.53
N VAL A 1094 50.33 -46.78 -10.72
CA VAL A 1094 50.10 -48.16 -11.13
C VAL A 1094 48.93 -48.74 -10.33
N SER A 1095 48.05 -49.46 -11.01
CA SER A 1095 46.93 -50.12 -10.34
C SER A 1095 46.42 -51.27 -11.20
N GLY A 1096 46.41 -52.48 -10.65
CA GLY A 1096 45.75 -53.60 -11.29
C GLY A 1096 46.51 -54.22 -12.44
N ASN A 1097 45.77 -54.99 -13.23
CA ASN A 1097 46.29 -55.68 -14.40
C ASN A 1097 45.52 -55.25 -15.64
N CYS A 1098 45.97 -55.74 -16.79
CA CYS A 1098 45.46 -55.28 -18.08
C CYS A 1098 44.32 -56.18 -18.57
N ASP A 1099 43.31 -56.34 -17.73
CA ASP A 1099 42.19 -57.20 -18.08
C ASP A 1099 40.82 -56.61 -17.83
N VAL A 1100 40.70 -55.48 -17.12
CA VAL A 1100 39.40 -54.94 -16.76
C VAL A 1100 39.14 -53.57 -17.36
N VAL A 1101 40.17 -52.77 -17.65
CA VAL A 1101 39.97 -51.43 -18.21
C VAL A 1101 39.62 -51.55 -19.68
N ILE A 1102 38.59 -50.82 -20.10
CA ILE A 1102 38.10 -50.86 -21.47
C ILE A 1102 38.83 -49.77 -22.26
N GLY A 1103 39.70 -50.17 -23.17
CA GLY A 1103 40.39 -49.22 -24.02
C GLY A 1103 41.88 -49.10 -23.74
N ILE A 1104 42.43 -50.05 -22.99
CA ILE A 1104 43.84 -50.02 -22.65
C ILE A 1104 44.68 -50.33 -23.89
N ILE A 1105 45.88 -49.75 -23.95
CA ILE A 1105 46.78 -49.92 -25.09
C ILE A 1105 48.14 -50.36 -24.57
N ASN A 1106 49.01 -50.73 -25.51
CA ASN A 1106 50.37 -51.18 -25.22
C ASN A 1106 51.34 -50.06 -25.54
N ASN A 1107 52.12 -49.64 -24.55
CA ASN A 1107 53.18 -48.67 -24.74
C ASN A 1107 54.17 -48.82 -23.59
N THR A 1108 55.37 -48.29 -23.79
CA THR A 1108 56.40 -48.40 -22.77
C THR A 1108 56.34 -47.24 -21.79
N VAL A 1109 56.64 -47.54 -20.53
CA VAL A 1109 56.77 -46.54 -19.48
C VAL A 1109 58.25 -46.38 -19.18
N TYR A 1110 58.76 -45.17 -19.36
CA TYR A 1110 60.19 -44.93 -19.19
C TYR A 1110 60.57 -44.96 -17.71
N ASP A 1111 61.77 -45.46 -17.43
CA ASP A 1111 62.32 -45.51 -16.09
C ASP A 1111 63.60 -44.68 -16.02
N PRO A 1112 63.69 -43.72 -15.09
CA PRO A 1112 64.91 -42.92 -14.98
C PRO A 1112 66.11 -43.66 -14.43
N LEU A 1113 65.96 -44.92 -14.03
CA LEU A 1113 67.03 -45.79 -13.52
C LEU A 1113 67.70 -45.20 -12.27
N THR B 21 11.35 41.58 44.62
CA THR B 21 12.35 40.62 44.19
C THR B 21 11.73 39.58 43.27
N GLN B 22 12.57 38.80 42.58
CA GLN B 22 12.11 37.75 41.70
C GLN B 22 12.87 36.47 42.00
N HIS B 23 12.17 35.34 42.00
CA HIS B 23 12.73 34.03 42.24
C HIS B 23 12.41 33.12 41.06
N THR B 24 12.78 31.85 41.19
CA THR B 24 12.54 30.86 40.14
C THR B 24 11.64 29.75 40.66
N SER B 25 10.83 29.21 39.76
CA SER B 25 9.88 28.13 40.08
C SER B 25 10.50 26.81 39.65
N SER B 26 11.33 26.24 40.50
CA SER B 26 12.06 25.02 40.19
C SER B 26 11.12 23.83 40.29
N MET B 27 10.51 23.48 39.14
CA MET B 27 9.66 22.29 38.98
C MET B 27 8.46 22.30 39.93
N ARG B 28 7.77 23.43 39.96
CA ARG B 28 6.63 23.63 40.84
C ARG B 28 5.37 23.85 40.02
N GLY B 29 4.23 23.53 40.62
CA GLY B 29 2.94 23.87 40.03
C GLY B 29 2.36 22.84 39.09
N VAL B 30 2.45 21.57 39.44
CA VAL B 30 1.90 20.47 38.65
C VAL B 30 0.63 19.99 39.33
N TYR B 31 -0.44 19.80 38.56
CA TYR B 31 -1.71 19.34 39.11
C TYR B 31 -2.23 18.16 38.30
N TYR B 32 -3.20 17.46 38.87
CA TYR B 32 -3.82 16.34 38.18
C TYR B 32 -4.74 16.85 37.07
N PRO B 33 -4.55 16.40 35.84
CA PRO B 33 -5.28 17.04 34.72
C PRO B 33 -6.75 16.71 34.67
N ASP B 34 -7.16 15.52 35.10
CA ASP B 34 -8.55 15.13 35.05
C ASP B 34 -8.83 14.10 36.14
N GLU B 35 -10.08 13.64 36.20
CA GLU B 35 -10.52 12.68 37.20
C GLU B 35 -10.52 11.27 36.64
N ILE B 36 -9.32 10.80 36.30
CA ILE B 36 -9.12 9.49 35.70
C ILE B 36 -7.91 8.84 36.35
N PHE B 37 -8.09 7.61 36.82
CA PHE B 37 -6.97 6.85 37.37
C PHE B 37 -6.05 6.39 36.24
N ARG B 38 -4.74 6.56 36.45
CA ARG B 38 -3.73 6.05 35.53
C ARG B 38 -2.59 5.50 36.37
N SER B 39 -1.93 4.46 35.85
CA SER B 39 -0.95 3.73 36.63
C SER B 39 0.17 3.21 35.73
N ASP B 40 1.40 3.54 36.12
CA ASP B 40 2.63 2.99 35.52
C ASP B 40 2.72 3.26 34.02
N THR B 41 2.36 4.47 33.63
CA THR B 41 2.49 4.92 32.25
C THR B 41 3.24 6.25 32.22
N LEU B 42 3.45 6.75 31.00
CA LEU B 42 3.85 8.12 30.75
C LEU B 42 2.77 8.76 29.90
N TYR B 43 2.22 9.87 30.36
CA TYR B 43 1.07 10.49 29.72
C TYR B 43 1.44 11.88 29.24
N LEU B 44 1.16 12.15 27.96
CA LEU B 44 1.40 13.47 27.38
C LEU B 44 0.10 14.26 27.40
N THR B 45 0.15 15.47 27.94
CA THR B 45 -1.02 16.32 28.01
C THR B 45 -0.65 17.74 27.62
N GLN B 46 -1.63 18.47 27.10
CA GLN B 46 -1.43 19.85 26.66
C GLN B 46 -2.48 20.71 27.35
N ASP B 47 -2.03 21.63 28.20
CA ASP B 47 -2.95 22.41 29.03
C ASP B 47 -2.20 23.64 29.54
N LEU B 48 -2.81 24.34 30.48
CA LEU B 48 -2.23 25.56 31.04
C LEU B 48 -1.42 25.19 32.27
N PHE B 49 -0.09 25.22 32.15
CA PHE B 49 0.82 24.78 33.20
C PHE B 49 1.79 25.90 33.54
N LEU B 50 2.41 25.80 34.71
CA LEU B 50 3.48 26.71 35.08
C LEU B 50 4.80 26.15 34.57
N PRO B 51 5.48 26.83 33.64
CA PRO B 51 6.71 26.26 33.05
C PRO B 51 7.84 26.14 34.06
N PHE B 52 8.74 25.21 33.78
CA PHE B 52 9.87 24.97 34.67
C PHE B 52 10.86 26.12 34.61
N TYR B 53 11.41 26.47 35.78
CA TYR B 53 12.44 27.51 35.94
C TYR B 53 12.00 28.86 35.39
N SER B 54 10.73 29.18 35.59
CA SER B 54 10.22 30.49 35.21
C SER B 54 10.33 31.44 36.40
N ASN B 55 10.29 32.74 36.10
CA ASN B 55 10.44 33.77 37.12
C ASN B 55 9.12 34.03 37.82
N VAL B 56 9.13 34.00 39.14
CA VAL B 56 7.97 34.28 39.96
C VAL B 56 8.25 35.52 40.80
N THR B 57 7.22 36.33 41.00
CA THR B 57 7.33 37.56 41.77
C THR B 57 7.06 37.27 43.24
N GLY B 58 7.99 37.67 44.10
CA GLY B 58 7.86 37.47 45.54
C GLY B 58 7.48 38.77 46.23
N PHE B 59 6.47 38.69 47.08
CA PHE B 59 5.99 39.83 47.85
C PHE B 59 6.30 39.57 49.32
N HIS B 60 7.01 40.51 49.94
CA HIS B 60 7.39 40.38 51.34
C HIS B 60 6.78 41.49 52.18
N ASN B 68 -0.22 45.32 49.53
CA ASN B 68 -1.02 44.43 48.69
C ASN B 68 -1.46 45.12 47.41
N PRO B 69 -0.62 45.06 46.37
CA PRO B 69 -1.00 45.67 45.10
C PRO B 69 -2.14 44.92 44.42
N VAL B 70 -2.72 45.56 43.42
CA VAL B 70 -3.75 44.94 42.59
C VAL B 70 -3.01 44.16 41.51
N ILE B 71 -2.75 42.88 41.79
CA ILE B 71 -1.97 42.03 40.88
C ILE B 71 -2.88 41.61 39.72
N PRO B 72 -2.37 41.56 38.49
CA PRO B 72 -3.22 41.12 37.37
C PRO B 72 -3.49 39.63 37.39
N PHE B 73 -4.30 39.19 36.43
CA PHE B 73 -4.72 37.80 36.28
C PHE B 73 -4.87 37.58 34.78
N LYS B 74 -3.82 37.05 34.15
CA LYS B 74 -3.79 36.98 32.70
C LYS B 74 -4.52 35.76 32.16
N ASP B 75 -4.05 34.57 32.51
CA ASP B 75 -4.67 33.32 32.04
C ASP B 75 -4.72 32.29 33.16
N GLY B 76 -4.64 32.72 34.39
CA GLY B 76 -4.52 31.81 35.50
C GLY B 76 -3.22 32.05 36.25
N ILE B 77 -3.22 31.72 37.53
CA ILE B 77 -2.07 32.00 38.37
C ILE B 77 -1.72 30.80 39.22
N TYR B 78 -0.45 30.75 39.62
CA TYR B 78 0.03 29.88 40.69
C TYR B 78 0.38 30.78 41.86
N PHE B 79 -0.15 30.46 43.03
CA PHE B 79 -0.03 31.30 44.22
C PHE B 79 0.56 30.44 45.33
N ALA B 80 1.69 30.85 45.88
CA ALA B 80 2.28 30.15 47.02
C ALA B 80 2.34 31.10 48.20
N ALA B 81 2.21 30.53 49.40
CA ALA B 81 2.22 31.37 50.60
C ALA B 81 2.86 30.56 51.73
N THR B 82 4.16 30.76 51.94
CA THR B 82 4.84 30.13 53.05
C THR B 82 4.63 30.95 54.33
N GLU B 83 4.37 30.25 55.42
CA GLU B 83 3.97 30.90 56.66
C GLU B 83 4.35 30.05 57.86
N LYS B 84 4.31 30.68 59.03
CA LYS B 84 4.29 30.00 60.32
C LYS B 84 2.93 30.14 60.98
N SER B 85 1.97 30.70 60.25
CA SER B 85 0.67 31.12 60.76
C SER B 85 -0.31 31.21 59.60
N ASN B 86 -1.40 31.96 59.77
CA ASN B 86 -2.42 32.10 58.73
C ASN B 86 -2.60 33.59 58.41
N VAL B 87 -1.49 34.27 58.14
CA VAL B 87 -1.52 35.70 57.85
C VAL B 87 -2.28 35.99 56.56
N VAL B 88 -2.01 35.23 55.50
CA VAL B 88 -2.68 35.41 54.22
C VAL B 88 -3.86 34.45 54.17
N ARG B 89 -5.06 35.01 54.10
CA ARG B 89 -6.28 34.20 54.01
C ARG B 89 -7.27 34.91 53.08
N GLY B 90 -7.72 34.19 52.07
CA GLY B 90 -8.75 34.78 51.25
C GLY B 90 -8.18 35.45 50.01
N TRP B 91 -9.08 35.75 49.06
CA TRP B 91 -8.74 36.39 47.80
C TRP B 91 -9.93 37.22 47.34
N VAL B 92 -9.76 37.90 46.21
CA VAL B 92 -10.84 38.62 45.54
C VAL B 92 -10.48 38.69 44.06
N PHE B 93 -11.48 38.45 43.20
CA PHE B 93 -11.27 38.35 41.76
C PHE B 93 -12.26 39.25 41.02
N GLY B 94 -11.87 40.48 40.76
CA GLY B 94 -12.73 41.39 40.04
C GLY B 94 -12.26 41.67 38.63
N SER B 95 -12.75 42.75 38.03
CA SER B 95 -12.29 43.19 36.72
C SER B 95 -11.88 44.66 36.79
N THR B 96 -12.63 45.45 37.55
CA THR B 96 -12.29 46.84 37.83
C THR B 96 -12.12 47.14 39.30
N MET B 97 -12.51 46.21 40.19
CA MET B 97 -12.35 46.33 41.65
C MET B 97 -13.05 47.58 42.19
N ASN B 98 -14.34 47.67 41.91
CA ASN B 98 -15.17 48.79 42.36
C ASN B 98 -16.61 48.30 42.43
N ASN B 99 -17.54 49.24 42.59
CA ASN B 99 -18.96 48.93 42.67
C ASN B 99 -19.68 49.07 41.33
N LYS B 100 -18.95 48.94 40.21
CA LYS B 100 -19.57 48.97 38.90
C LYS B 100 -19.29 47.70 38.10
N SER B 101 -18.68 46.68 38.73
CA SER B 101 -18.36 45.43 38.07
C SER B 101 -18.58 44.29 39.04
N GLN B 102 -19.08 43.16 38.52
CA GLN B 102 -19.30 41.98 39.33
C GLN B 102 -17.97 41.41 39.77
N SER B 103 -17.82 41.17 41.07
CA SER B 103 -16.59 40.65 41.63
C SER B 103 -16.91 39.58 42.66
N VAL B 104 -16.02 38.60 42.77
CA VAL B 104 -16.19 37.46 43.67
C VAL B 104 -15.12 37.53 44.75
N ILE B 105 -15.51 37.23 45.98
CA ILE B 105 -14.59 37.09 47.09
C ILE B 105 -14.64 35.64 47.56
N ILE B 106 -13.46 35.08 47.83
CA ILE B 106 -13.31 33.70 48.29
C ILE B 106 -12.48 33.80 49.57
N ILE B 107 -13.14 33.91 50.71
CA ILE B 107 -12.47 34.24 51.96
C ILE B 107 -12.86 33.22 53.02
N ASN B 108 -11.88 32.76 53.79
CA ASN B 108 -12.15 31.91 54.94
C ASN B 108 -11.93 32.68 56.22
N ASN B 109 -12.88 32.58 57.14
CA ASN B 109 -12.68 32.97 58.53
C ASN B 109 -12.59 31.70 59.36
N SER B 110 -12.38 31.86 60.67
CA SER B 110 -11.73 30.91 61.59
C SER B 110 -11.97 29.43 61.29
N THR B 111 -13.21 29.08 60.96
CA THR B 111 -13.50 27.73 60.49
C THR B 111 -14.06 27.70 59.07
N ASN B 112 -14.94 28.63 58.73
CA ASN B 112 -15.77 28.48 57.54
C ASN B 112 -15.24 29.25 56.34
N VAL B 113 -15.49 28.71 55.16
CA VAL B 113 -15.07 29.27 53.87
C VAL B 113 -16.31 29.81 53.17
N VAL B 114 -16.30 31.10 52.83
CA VAL B 114 -17.44 31.74 52.21
C VAL B 114 -17.02 32.36 50.87
N ILE B 115 -17.84 32.15 49.85
CA ILE B 115 -17.62 32.63 48.49
C ILE B 115 -18.86 33.43 48.09
N ARG B 116 -18.65 34.65 47.62
CA ARG B 116 -19.76 35.53 47.31
C ARG B 116 -19.42 36.38 46.10
N ALA B 117 -20.32 36.42 45.11
CA ALA B 117 -20.10 37.15 43.86
C ALA B 117 -21.16 38.23 43.72
N CYS B 118 -20.79 39.48 44.02
CA CYS B 118 -21.74 40.59 44.00
C CYS B 118 -21.05 41.83 43.45
N ASN B 119 -21.76 42.96 43.45
CA ASN B 119 -21.17 44.26 43.22
C ASN B 119 -20.75 44.82 44.59
N PHE B 120 -19.46 44.87 44.83
CA PHE B 120 -18.91 45.20 46.14
C PHE B 120 -18.31 46.60 46.14
N GLU B 121 -18.46 47.31 47.26
CA GLU B 121 -17.79 48.58 47.46
C GLU B 121 -16.36 48.28 47.90
N LEU B 122 -15.43 48.42 46.97
CA LEU B 122 -14.05 48.07 47.22
C LEU B 122 -13.17 49.31 47.27
N ASN B 145 -23.53 49.21 49.75
CA ASN B 145 -22.60 48.18 50.20
C ASN B 145 -22.45 47.06 49.17
N ALA B 146 -23.32 46.06 49.28
CA ALA B 146 -23.31 44.92 48.37
C ALA B 146 -24.70 44.78 47.75
N PHE B 147 -24.75 44.79 46.42
CA PHE B 147 -26.00 44.68 45.70
C PHE B 147 -25.79 43.81 44.46
N ASN B 148 -26.91 43.29 43.93
CA ASN B 148 -26.92 42.38 42.78
C ASN B 148 -26.04 41.17 43.00
N CYS B 149 -26.37 40.39 44.03
CA CYS B 149 -25.65 39.16 44.32
C CYS B 149 -26.18 38.03 43.46
N THR B 150 -25.27 37.29 42.84
CA THR B 150 -25.62 36.24 41.88
C THR B 150 -25.13 34.86 42.28
N PHE B 151 -24.14 34.76 43.14
CA PHE B 151 -23.61 33.48 43.57
C PHE B 151 -23.17 33.56 45.03
N GLU B 152 -23.50 32.53 45.79
CA GLU B 152 -23.11 32.46 47.20
C GLU B 152 -22.88 30.99 47.56
N TYR B 153 -21.89 30.75 48.40
CA TYR B 153 -21.55 29.39 48.82
C TYR B 153 -20.86 29.46 50.17
N ILE B 154 -21.29 28.63 51.12
CA ILE B 154 -20.68 28.57 52.45
C ILE B 154 -20.35 27.11 52.74
N SER B 155 -19.13 26.86 53.21
CA SER B 155 -18.68 25.52 53.52
C SER B 155 -17.95 25.50 54.86
N ASP B 156 -17.97 24.33 55.49
CA ASP B 156 -17.26 24.12 56.75
C ASP B 156 -15.76 24.09 56.51
N LYS B 170 5.54 26.89 59.84
CA LYS B 170 6.64 26.59 58.92
C LYS B 170 6.15 25.63 57.84
N HIS B 171 5.32 26.14 56.94
CA HIS B 171 4.64 25.31 55.95
C HIS B 171 4.29 26.15 54.74
N LEU B 172 4.11 25.47 53.60
CA LEU B 172 3.82 26.11 52.32
C LEU B 172 2.47 25.61 51.82
N ARG B 173 1.58 26.55 51.52
CA ARG B 173 0.31 26.26 50.87
C ARG B 173 0.35 26.87 49.47
N GLU B 174 0.06 26.06 48.46
CA GLU B 174 0.11 26.51 47.09
C GLU B 174 -1.19 26.19 46.37
N PHE B 175 -1.57 27.07 45.45
CA PHE B 175 -2.86 27.03 44.79
C PHE B 175 -2.67 27.34 43.32
N VAL B 176 -3.61 26.85 42.50
CA VAL B 176 -3.66 27.17 41.07
C VAL B 176 -5.08 27.64 40.77
N PHE B 177 -5.20 28.81 40.14
CA PHE B 177 -6.49 29.37 39.78
C PHE B 177 -6.57 29.51 38.28
N LYS B 178 -7.63 28.97 37.68
CA LYS B 178 -7.78 29.00 36.24
C LYS B 178 -9.23 29.37 35.91
N ASN B 179 -9.44 30.04 34.78
CA ASN B 179 -10.75 30.52 34.37
C ASN B 179 -10.96 30.19 32.90
N LYS B 180 -11.99 29.39 32.60
CA LYS B 180 -12.33 29.13 31.21
C LYS B 180 -13.79 28.68 31.11
N ASP B 181 -14.44 29.09 30.02
CA ASP B 181 -15.83 28.70 29.68
C ASP B 181 -16.82 29.03 30.78
N GLY B 182 -16.63 30.18 31.42
CA GLY B 182 -17.51 30.57 32.50
C GLY B 182 -17.31 29.80 33.78
N PHE B 183 -16.21 29.07 33.92
CA PHE B 183 -15.93 28.28 35.11
C PHE B 183 -14.60 28.71 35.71
N LEU B 184 -14.54 28.69 37.04
CA LEU B 184 -13.34 29.04 37.79
C LEU B 184 -12.88 27.80 38.55
N TYR B 185 -11.75 27.23 38.13
CA TYR B 185 -11.20 26.03 38.73
C TYR B 185 -10.14 26.40 39.76
N VAL B 186 -10.16 25.71 40.90
CA VAL B 186 -9.19 25.92 41.97
C VAL B 186 -8.54 24.59 42.29
N TYR B 187 -7.20 24.58 42.35
CA TYR B 187 -6.42 23.42 42.77
C TYR B 187 -5.57 23.80 43.97
N LYS B 188 -5.33 22.85 44.87
CA LYS B 188 -4.68 23.15 46.13
C LYS B 188 -3.71 22.05 46.51
N GLY B 189 -2.56 22.45 47.06
CA GLY B 189 -1.62 21.51 47.61
C GLY B 189 -0.89 22.12 48.80
N TYR B 190 -0.25 21.24 49.57
CA TYR B 190 0.36 21.62 50.83
C TYR B 190 1.68 20.86 50.98
N GLN B 191 2.66 21.49 51.64
CA GLN B 191 3.92 20.81 51.85
C GLN B 191 4.65 21.45 53.03
N PRO B 192 5.11 20.65 54.00
CA PRO B 192 5.83 21.19 55.14
C PRO B 192 7.36 21.33 55.02
N ILE B 193 7.80 22.58 54.91
CA ILE B 193 9.21 22.88 54.83
C ILE B 193 9.84 22.84 56.21
N ASP B 198 12.61 32.98 48.54
CA ASP B 198 12.69 31.89 49.51
C ASP B 198 11.76 30.74 49.12
N LEU B 199 11.60 30.52 47.83
CA LEU B 199 10.77 29.43 47.34
C LEU B 199 11.62 28.17 47.19
N PRO B 200 11.35 27.10 47.93
CA PRO B 200 12.21 25.92 47.89
C PRO B 200 12.12 25.19 46.56
N SER B 201 13.19 24.46 46.24
CA SER B 201 13.29 23.74 44.98
C SER B 201 12.90 22.28 45.21
N GLY B 202 11.89 21.82 44.49
CA GLY B 202 11.44 20.45 44.63
C GLY B 202 10.23 20.22 43.76
N PHE B 203 9.60 19.05 43.95
CA PHE B 203 8.46 18.62 43.17
C PHE B 203 7.29 18.36 44.11
N ASN B 204 6.11 18.86 43.74
CA ASN B 204 4.88 18.66 44.50
C ASN B 204 3.70 18.70 43.54
N THR B 205 2.65 17.96 43.86
CA THR B 205 1.53 17.79 42.95
C THR B 205 0.25 18.19 43.66
N LEU B 206 -0.68 18.77 42.90
CA LEU B 206 -1.83 19.50 43.43
C LEU B 206 -3.12 18.82 42.98
N LYS B 207 -4.09 18.72 43.89
CA LYS B 207 -5.35 18.02 43.65
C LYS B 207 -6.51 19.00 43.59
N PRO B 208 -7.50 18.75 42.72
CA PRO B 208 -8.60 19.71 42.55
C PRO B 208 -9.47 19.82 43.78
N ILE B 209 -10.09 20.99 43.95
CA ILE B 209 -10.97 21.21 45.10
C ILE B 209 -12.37 21.56 44.61
N PHE B 210 -12.53 22.67 43.88
CA PHE B 210 -13.83 22.98 43.30
C PHE B 210 -13.71 23.89 42.09
N LYS B 211 -14.75 23.84 41.26
CA LYS B 211 -14.97 24.77 40.15
C LYS B 211 -16.29 25.48 40.36
N LEU B 212 -16.29 26.79 40.17
CA LEU B 212 -17.47 27.64 40.35
C LEU B 212 -18.03 28.07 39.01
N PRO B 213 -19.36 27.97 38.82
CA PRO B 213 -20.00 28.38 37.55
C PRO B 213 -20.42 29.85 37.54
N LEU B 214 -19.47 30.73 37.81
CA LEU B 214 -19.71 32.17 37.86
C LEU B 214 -19.12 32.81 36.61
N GLY B 215 -19.98 33.46 35.83
CA GLY B 215 -19.61 33.95 34.52
C GLY B 215 -19.14 35.39 34.46
N ILE B 216 -17.96 35.68 35.02
CA ILE B 216 -17.39 37.01 34.97
C ILE B 216 -15.98 36.93 34.40
N ASN B 217 -15.53 38.03 33.82
CA ASN B 217 -14.14 38.20 33.43
C ASN B 217 -13.29 38.55 34.65
N ILE B 218 -12.17 37.87 34.79
CA ILE B 218 -11.19 38.17 35.83
C ILE B 218 -9.92 38.64 35.15
N THR B 219 -9.57 39.90 35.36
CA THR B 219 -8.32 40.46 34.85
C THR B 219 -7.44 40.98 35.96
N ASN B 220 -7.93 41.04 37.19
CA ASN B 220 -7.16 41.50 38.33
C ASN B 220 -7.53 40.65 39.53
N PHE B 221 -6.65 40.67 40.54
CA PHE B 221 -6.94 40.02 41.81
C PHE B 221 -6.09 40.66 42.90
N ARG B 222 -6.39 40.31 44.14
CA ARG B 222 -5.70 40.88 45.29
C ARG B 222 -5.80 39.92 46.46
N ALA B 223 -4.70 39.74 47.18
CA ALA B 223 -4.73 38.93 48.38
C ALA B 223 -5.36 39.71 49.53
N ILE B 224 -5.74 38.98 50.57
CA ILE B 224 -6.36 39.57 51.76
C ILE B 224 -5.51 39.14 52.95
N LEU B 225 -4.95 40.12 53.65
CA LEU B 225 -4.12 39.85 54.82
C LEU B 225 -4.80 40.37 56.09
N THR B 226 -4.27 39.94 57.23
CA THR B 226 -4.81 40.35 58.52
C THR B 226 -4.44 41.79 58.83
N ALA B 240 6.11 35.96 56.47
CA ALA B 240 5.14 36.84 55.84
C ALA B 240 5.55 37.15 54.41
N ALA B 241 5.26 36.24 53.49
CA ALA B 241 5.62 36.41 52.09
C ALA B 241 4.72 35.54 51.24
N TYR B 242 4.43 35.99 50.02
CA TYR B 242 3.68 35.17 49.08
C TYR B 242 4.22 35.37 47.66
N PHE B 243 4.23 34.30 46.88
CA PHE B 243 4.83 34.28 45.56
C PHE B 243 3.76 34.05 44.50
N VAL B 244 3.92 34.71 43.35
CA VAL B 244 2.94 34.66 42.27
C VAL B 244 3.66 34.31 40.98
N GLY B 245 3.15 33.29 40.27
CA GLY B 245 3.61 32.99 38.93
C GLY B 245 2.43 32.84 38.00
N TYR B 246 2.71 32.82 36.71
CA TYR B 246 1.67 32.80 35.68
C TYR B 246 1.71 31.51 34.88
N LEU B 247 0.53 31.03 34.49
CA LEU B 247 0.41 29.80 33.73
C LEU B 247 0.40 30.10 32.23
N LYS B 248 0.95 29.18 31.45
CA LYS B 248 1.05 29.30 30.01
C LYS B 248 0.58 28.02 29.35
N PRO B 249 0.07 28.09 28.11
CA PRO B 249 -0.34 26.85 27.42
C PRO B 249 0.85 26.05 26.93
N THR B 250 1.16 24.96 27.62
CA THR B 250 2.31 24.12 27.32
C THR B 250 1.90 22.66 27.29
N THR B 251 2.80 21.84 26.75
CA THR B 251 2.68 20.40 26.78
C THR B 251 3.60 19.86 27.85
N PHE B 252 3.09 18.94 28.67
CA PHE B 252 3.87 18.26 29.70
C PHE B 252 3.81 16.77 29.47
N MET B 253 4.82 16.07 29.98
CA MET B 253 4.79 14.61 30.03
C MET B 253 4.92 14.17 31.48
N LEU B 254 3.91 13.46 31.96
CA LEU B 254 3.78 13.07 33.36
C LEU B 254 4.10 11.59 33.52
N LYS B 255 4.66 11.23 34.66
CA LYS B 255 5.06 9.86 34.95
C LYS B 255 4.27 9.38 36.17
N TYR B 256 3.30 8.50 35.92
CA TYR B 256 2.57 7.86 37.01
C TYR B 256 3.33 6.65 37.52
N ASP B 257 3.18 6.38 38.81
CA ASP B 257 3.89 5.28 39.46
C ASP B 257 2.97 4.06 39.35
N GLU B 258 3.38 2.90 39.87
CA GLU B 258 2.51 1.73 39.88
C GLU B 258 1.31 1.95 40.79
N ASN B 259 1.51 2.71 41.86
CA ASN B 259 0.42 3.35 42.58
C ASN B 259 0.18 4.72 41.97
N GLY B 260 -1.06 4.98 41.57
CA GLY B 260 -1.35 6.02 40.60
C GLY B 260 -1.22 7.45 41.08
N THR B 261 0.01 7.87 41.36
CA THR B 261 0.33 9.26 41.68
C THR B 261 1.42 9.75 40.74
N ILE B 262 1.40 11.04 40.43
CA ILE B 262 2.41 11.64 39.57
C ILE B 262 3.69 11.86 40.37
N THR B 263 4.77 11.21 39.97
CA THR B 263 6.04 11.33 40.68
C THR B 263 7.05 12.22 39.99
N ASP B 264 6.97 12.37 38.67
CA ASP B 264 7.94 13.17 37.94
C ASP B 264 7.29 13.63 36.64
N ALA B 265 7.88 14.66 36.04
CA ALA B 265 7.35 15.20 34.79
C ALA B 265 8.49 15.88 34.04
N VAL B 266 8.26 16.11 32.75
CA VAL B 266 9.12 16.97 31.95
C VAL B 266 8.28 18.04 31.27
N ASP B 267 8.75 19.29 31.37
CA ASP B 267 8.22 20.40 30.59
C ASP B 267 8.84 20.32 29.20
N CYS B 268 7.99 20.30 28.19
CA CYS B 268 8.38 19.74 26.92
C CYS B 268 8.90 20.79 25.95
N SER B 269 8.87 22.07 26.34
CA SER B 269 9.36 23.17 25.51
C SER B 269 10.47 23.95 26.20
N GLN B 270 11.20 23.32 27.10
CA GLN B 270 12.26 24.01 27.83
C GLN B 270 13.59 23.92 27.12
N ASN B 271 13.87 22.77 26.51
CA ASN B 271 15.18 22.45 25.96
C ASN B 271 15.00 21.66 24.69
N PRO B 272 16.06 21.49 23.89
CA PRO B 272 16.04 20.45 22.86
C PRO B 272 16.04 19.04 23.45
N LEU B 273 16.68 18.84 24.60
CA LEU B 273 16.69 17.53 25.24
C LEU B 273 15.31 17.15 25.75
N ALA B 274 14.56 18.13 26.28
CA ALA B 274 13.20 17.87 26.72
C ALA B 274 12.29 17.50 25.56
N GLU B 275 12.44 18.16 24.41
CA GLU B 275 11.68 17.77 23.24
C GLU B 275 12.08 16.40 22.73
N LEU B 276 13.36 16.04 22.85
CA LEU B 276 13.79 14.69 22.53
C LEU B 276 13.11 13.65 23.43
N LYS B 277 13.03 13.95 24.73
CA LYS B 277 12.38 13.04 25.66
C LYS B 277 10.89 12.92 25.39
N CYS B 278 10.25 14.02 24.98
CA CYS B 278 8.86 13.93 24.53
C CYS B 278 8.72 13.09 23.27
N SER B 279 9.65 13.24 22.33
CA SER B 279 9.54 12.55 21.04
C SER B 279 9.71 11.06 21.17
N VAL B 280 10.70 10.60 21.96
CA VAL B 280 10.89 9.16 22.14
C VAL B 280 10.05 8.59 23.27
N LYS B 281 9.40 9.43 24.07
CA LYS B 281 8.60 9.04 25.24
C LYS B 281 9.42 8.19 26.22
N SER B 282 10.49 8.80 26.71
CA SER B 282 11.34 8.14 27.69
C SER B 282 12.10 9.20 28.48
N PHE B 283 12.57 8.81 29.66
CA PHE B 283 13.38 9.70 30.49
C PHE B 283 14.87 9.49 30.31
N GLU B 284 15.28 8.46 29.57
CA GLU B 284 16.68 8.13 29.35
C GLU B 284 16.92 7.92 27.87
N ILE B 285 17.98 8.53 27.34
CA ILE B 285 18.25 8.54 25.90
C ILE B 285 19.59 7.87 25.66
N ASP B 286 19.64 7.01 24.66
CA ASP B 286 20.90 6.44 24.21
C ASP B 286 21.63 7.43 23.29
N LYS B 287 22.87 7.10 22.96
CA LYS B 287 23.67 7.94 22.09
C LYS B 287 23.17 7.83 20.65
N GLY B 288 23.15 8.96 19.94
CA GLY B 288 22.75 8.96 18.56
C GLY B 288 22.24 10.32 18.13
N ILE B 289 21.57 10.33 16.99
CA ILE B 289 20.98 11.53 16.41
C ILE B 289 19.53 11.22 16.06
N TYR B 290 18.62 12.12 16.42
CA TYR B 290 17.19 11.86 16.34
C TYR B 290 16.46 13.03 15.70
N GLN B 291 15.59 12.74 14.75
CA GLN B 291 14.70 13.73 14.15
C GLN B 291 13.53 13.97 15.11
N THR B 292 13.35 15.23 15.52
CA THR B 292 12.33 15.57 16.49
C THR B 292 11.17 16.35 15.91
N SER B 293 11.43 17.41 15.15
CA SER B 293 10.36 18.29 14.68
C SER B 293 10.81 19.03 13.44
N ASN B 294 10.01 20.01 13.04
CA ASN B 294 10.28 20.85 11.88
C ASN B 294 10.28 22.30 12.32
N PHE B 295 11.16 23.09 11.73
CA PHE B 295 11.25 24.51 12.02
C PHE B 295 10.72 25.35 10.86
N ARG B 296 10.06 26.45 11.23
CA ARG B 296 9.55 27.48 10.34
C ARG B 296 10.08 28.83 10.79
N VAL B 297 10.09 29.79 9.88
CA VAL B 297 10.43 31.17 10.18
C VAL B 297 9.13 31.98 10.16
N VAL B 298 8.86 32.68 11.26
CA VAL B 298 7.60 33.43 11.41
C VAL B 298 7.66 34.69 10.54
N PRO B 299 6.58 35.05 9.85
CA PRO B 299 6.57 36.29 9.06
C PRO B 299 6.75 37.52 9.92
N SER B 300 7.39 38.53 9.33
CA SER B 300 7.79 39.74 10.04
C SER B 300 7.26 41.02 9.40
N GLY B 301 6.14 40.97 8.70
CA GLY B 301 5.61 42.16 8.06
C GLY B 301 4.28 41.88 7.40
N ASP B 302 3.85 42.83 6.57
CA ASP B 302 2.61 42.71 5.83
C ASP B 302 2.68 43.63 4.62
N VAL B 303 2.34 43.10 3.45
CA VAL B 303 2.34 43.85 2.20
C VAL B 303 0.96 43.72 1.58
N VAL B 304 0.25 44.84 1.47
CA VAL B 304 -1.03 44.92 0.77
C VAL B 304 -0.83 45.78 -0.46
N ARG B 305 -1.32 45.30 -1.60
CA ARG B 305 -1.01 45.92 -2.88
C ARG B 305 -2.25 45.89 -3.76
N PHE B 306 -2.81 47.06 -4.02
CA PHE B 306 -4.07 47.20 -4.74
C PHE B 306 -3.91 48.31 -5.77
N PRO B 307 -4.69 48.30 -6.85
CA PRO B 307 -4.50 49.31 -7.91
C PRO B 307 -4.98 50.69 -7.50
N ASN B 308 -4.61 51.68 -8.33
CA ASN B 308 -5.05 53.07 -8.14
C ASN B 308 -6.49 53.23 -8.59
N ILE B 309 -7.41 52.98 -7.66
CA ILE B 309 -8.83 53.15 -7.91
C ILE B 309 -9.40 54.10 -6.86
N THR B 310 -10.10 55.12 -7.32
CA THR B 310 -10.68 56.13 -6.44
C THR B 310 -12.20 56.22 -6.52
N ASN B 311 -12.76 56.04 -7.72
CA ASN B 311 -14.20 56.22 -7.91
C ASN B 311 -14.99 55.10 -7.24
N LEU B 312 -16.17 55.44 -6.75
CA LEU B 312 -17.16 54.44 -6.38
C LEU B 312 -17.94 54.04 -7.62
N CYS B 313 -18.76 53.00 -7.53
CA CYS B 313 -19.46 52.58 -8.74
C CYS B 313 -20.95 52.37 -8.51
N PRO B 314 -21.79 52.62 -9.52
CA PRO B 314 -23.25 52.72 -9.31
C PRO B 314 -23.99 51.42 -9.06
N PHE B 315 -24.01 51.01 -7.79
CA PHE B 315 -25.01 50.02 -7.38
C PHE B 315 -26.40 50.64 -7.27
N GLY B 316 -26.50 51.89 -6.81
CA GLY B 316 -27.81 52.51 -6.67
C GLY B 316 -28.50 52.74 -8.00
N GLU B 317 -27.73 53.12 -9.02
CA GLU B 317 -28.25 53.32 -10.35
C GLU B 317 -28.41 52.02 -11.14
N VAL B 318 -28.19 50.87 -10.51
CA VAL B 318 -28.58 49.58 -11.08
C VAL B 318 -29.81 49.02 -10.38
N PHE B 319 -29.84 49.07 -9.04
CA PHE B 319 -30.95 48.52 -8.28
C PHE B 319 -32.13 49.47 -8.25
N ASN B 320 -31.91 50.73 -7.88
CA ASN B 320 -32.98 51.73 -7.82
C ASN B 320 -33.14 52.39 -9.19
N ALA B 321 -33.60 51.57 -10.14
CA ALA B 321 -33.84 51.99 -11.51
C ALA B 321 -35.33 51.96 -11.80
N THR B 322 -35.79 52.94 -12.56
CA THR B 322 -37.22 53.05 -12.85
C THR B 322 -37.70 51.94 -13.77
N LYS B 323 -36.97 51.69 -14.86
CA LYS B 323 -37.40 50.77 -15.89
C LYS B 323 -36.52 49.52 -15.87
N PHE B 324 -37.17 48.35 -15.86
CA PHE B 324 -36.61 47.01 -15.95
C PHE B 324 -37.22 46.28 -17.14
N PRO B 325 -36.43 45.54 -17.91
CA PRO B 325 -36.94 44.93 -19.14
C PRO B 325 -37.57 43.57 -18.88
N SER B 326 -38.07 42.96 -19.95
CA SER B 326 -38.69 41.65 -19.88
C SER B 326 -37.62 40.57 -19.73
N VAL B 327 -38.06 39.37 -19.35
CA VAL B 327 -37.11 38.29 -19.13
C VAL B 327 -36.61 37.71 -20.46
N TYR B 328 -37.40 37.84 -21.54
CA TYR B 328 -36.93 37.34 -22.82
C TYR B 328 -35.87 38.26 -23.43
N ALA B 329 -35.90 39.54 -23.07
CA ALA B 329 -34.92 40.52 -23.54
C ALA B 329 -34.30 41.18 -22.32
N TRP B 330 -33.30 40.53 -21.75
CA TRP B 330 -32.60 41.08 -20.60
C TRP B 330 -31.43 41.93 -21.07
N GLU B 331 -30.91 42.75 -20.15
CA GLU B 331 -29.86 43.71 -20.47
C GLU B 331 -28.63 43.45 -19.64
N ARG B 332 -27.46 43.68 -20.22
CA ARG B 332 -26.18 43.47 -19.58
C ARG B 332 -25.51 44.81 -19.32
N LYS B 333 -25.04 45.02 -18.09
CA LYS B 333 -24.34 46.23 -17.72
C LYS B 333 -22.99 45.88 -17.12
N LYS B 334 -21.98 46.68 -17.43
CA LYS B 334 -20.61 46.42 -17.00
C LYS B 334 -20.21 47.39 -15.90
N ILE B 335 -19.71 46.85 -14.79
CA ILE B 335 -19.16 47.63 -13.69
C ILE B 335 -17.66 47.40 -13.70
N SER B 336 -16.90 48.49 -13.82
CA SER B 336 -15.45 48.40 -13.87
C SER B 336 -14.86 49.70 -13.32
N ASN B 337 -13.62 49.59 -12.86
CA ASN B 337 -12.84 50.70 -12.31
C ASN B 337 -13.56 51.39 -11.16
N CYS B 338 -13.82 50.62 -10.10
CA CYS B 338 -14.52 51.18 -8.96
C CYS B 338 -14.09 50.47 -7.68
N VAL B 339 -14.37 51.13 -6.56
CA VAL B 339 -14.26 50.54 -5.23
C VAL B 339 -15.68 50.21 -4.80
N ALA B 340 -15.99 48.92 -4.70
CA ALA B 340 -17.31 48.46 -4.34
C ALA B 340 -17.35 48.11 -2.85
N ASP B 341 -18.50 48.36 -2.21
CA ASP B 341 -18.60 48.12 -0.78
C ASP B 341 -19.13 46.72 -0.49
N TYR B 342 -20.26 46.36 -1.10
CA TYR B 342 -21.02 45.12 -0.97
C TYR B 342 -21.70 44.97 0.38
N SER B 343 -21.47 45.87 1.33
CA SER B 343 -22.14 45.76 2.62
C SER B 343 -23.58 46.24 2.55
N VAL B 344 -23.89 47.10 1.59
CA VAL B 344 -25.26 47.60 1.43
C VAL B 344 -26.19 46.54 0.87
N LEU B 345 -25.66 45.41 0.41
CA LEU B 345 -26.50 44.34 -0.09
C LEU B 345 -26.92 43.39 1.02
N TYR B 346 -25.97 42.91 1.83
CA TYR B 346 -26.30 41.98 2.90
C TYR B 346 -26.51 42.67 4.25
N ASN B 347 -26.51 44.00 4.28
CA ASN B 347 -26.85 44.72 5.50
C ASN B 347 -28.29 45.22 5.51
N SER B 348 -29.09 44.78 4.55
CA SER B 348 -30.48 45.20 4.45
C SER B 348 -31.38 43.99 4.27
N THR B 349 -32.60 44.10 4.78
CA THR B 349 -33.63 43.07 4.62
C THR B 349 -34.49 43.30 3.39
N PHE B 350 -34.04 44.16 2.46
CA PHE B 350 -34.85 44.53 1.31
C PHE B 350 -35.03 43.38 0.33
N PHE B 351 -34.01 42.55 0.18
CA PHE B 351 -34.04 41.46 -0.79
C PHE B 351 -34.72 40.23 -0.19
N SER B 352 -35.58 39.60 -0.99
CA SER B 352 -36.18 38.33 -0.59
C SER B 352 -35.20 37.17 -0.83
N THR B 353 -34.59 37.14 -2.01
CA THR B 353 -33.63 36.10 -2.37
C THR B 353 -32.25 36.71 -2.55
N PHE B 354 -31.29 36.19 -1.80
CA PHE B 354 -29.88 36.53 -1.90
C PHE B 354 -29.06 35.26 -1.81
N LYS B 355 -28.69 34.68 -2.95
CA LYS B 355 -27.94 33.43 -2.96
C LYS B 355 -26.69 33.58 -3.81
N CYS B 356 -25.54 33.27 -3.24
CA CYS B 356 -24.25 33.42 -3.92
C CYS B 356 -23.68 32.04 -4.24
N TYR B 357 -23.28 31.86 -5.49
CA TYR B 357 -22.72 30.60 -5.99
C TYR B 357 -21.23 30.79 -6.18
N GLY B 358 -20.44 30.00 -5.44
CA GLY B 358 -18.99 30.01 -5.51
C GLY B 358 -18.32 30.75 -4.38
N VAL B 359 -19.03 31.70 -3.76
CA VAL B 359 -18.48 32.53 -2.69
C VAL B 359 -19.44 32.57 -1.52
N CYS B 360 -18.89 32.87 -0.34
CA CYS B 360 -19.69 33.26 0.81
C CYS B 360 -19.79 34.78 0.79
N ALA B 361 -20.89 35.31 1.36
CA ALA B 361 -21.23 36.71 1.15
C ALA B 361 -20.24 37.66 1.84
N THR B 362 -19.94 37.41 3.12
CA THR B 362 -19.10 38.33 3.88
C THR B 362 -17.64 38.29 3.45
N LYS B 363 -17.26 37.31 2.63
CA LYS B 363 -15.93 37.27 2.03
C LYS B 363 -15.81 38.15 0.81
N LEU B 364 -16.91 38.74 0.33
CA LEU B 364 -16.87 39.50 -0.91
C LEU B 364 -16.14 40.83 -0.78
N ASN B 365 -15.83 41.26 0.45
CA ASN B 365 -15.31 42.60 0.64
C ASN B 365 -13.78 42.62 0.66
N ASP B 366 -13.14 41.46 0.80
CA ASP B 366 -11.69 41.42 0.95
C ASP B 366 -10.99 41.18 -0.39
N LEU B 367 -11.65 40.51 -1.32
CA LEU B 367 -11.03 40.07 -2.56
C LEU B 367 -11.51 40.91 -3.74
N CYS B 368 -10.70 40.90 -4.81
CA CYS B 368 -10.86 41.82 -5.91
C CYS B 368 -11.04 41.07 -7.21
N PHE B 369 -11.70 41.72 -8.18
CA PHE B 369 -12.08 41.11 -9.45
C PHE B 369 -11.51 41.91 -10.61
N SER B 370 -11.83 41.47 -11.83
CA SER B 370 -11.44 42.21 -13.03
C SER B 370 -12.52 43.19 -13.44
N ASN B 371 -13.75 42.69 -13.68
CA ASN B 371 -14.93 43.53 -13.79
C ASN B 371 -16.16 42.67 -13.52
N VAL B 372 -17.28 43.35 -13.24
CA VAL B 372 -18.51 42.70 -12.82
C VAL B 372 -19.57 42.94 -13.89
N TYR B 373 -20.42 41.94 -14.12
CA TYR B 373 -21.50 42.05 -15.11
C TYR B 373 -22.83 41.86 -14.41
N ALA B 374 -23.78 42.74 -14.70
CA ALA B 374 -25.09 42.75 -14.05
C ALA B 374 -26.18 42.52 -15.08
N ASP B 375 -27.06 41.57 -14.79
CA ASP B 375 -28.23 41.26 -15.62
C ASP B 375 -29.48 41.60 -14.83
N SER B 376 -30.44 42.25 -15.49
CA SER B 376 -31.62 42.78 -14.82
C SER B 376 -32.88 42.37 -15.59
N PHE B 377 -33.86 41.82 -14.88
CA PHE B 377 -35.14 41.50 -15.52
C PHE B 377 -36.24 41.42 -14.46
N VAL B 378 -37.48 41.28 -14.94
CA VAL B 378 -38.67 41.11 -14.11
C VAL B 378 -39.30 39.77 -14.48
N VAL B 379 -39.53 38.93 -13.48
CA VAL B 379 -39.95 37.56 -13.70
C VAL B 379 -41.13 37.26 -12.78
N LYS B 380 -41.83 36.16 -13.06
CA LYS B 380 -42.98 35.69 -12.30
C LYS B 380 -42.58 35.36 -10.87
N GLY B 381 -43.61 35.19 -10.02
CA GLY B 381 -43.37 34.92 -8.61
C GLY B 381 -42.73 33.57 -8.35
N ASP B 382 -43.21 32.53 -9.01
CA ASP B 382 -42.73 31.17 -8.76
C ASP B 382 -41.61 30.76 -9.72
N ASP B 383 -41.14 31.68 -10.57
CA ASP B 383 -40.05 31.37 -11.48
C ASP B 383 -38.69 31.87 -10.98
N VAL B 384 -38.63 32.41 -9.76
CA VAL B 384 -37.35 32.86 -9.23
C VAL B 384 -36.48 31.69 -8.79
N ARG B 385 -37.06 30.52 -8.58
CA ARG B 385 -36.29 29.33 -8.27
C ARG B 385 -35.74 28.64 -9.52
N GLN B 386 -36.18 29.06 -10.71
CA GLN B 386 -35.58 28.60 -11.95
C GLN B 386 -34.35 29.40 -12.34
N ILE B 387 -34.06 30.50 -11.65
CA ILE B 387 -32.84 31.28 -11.91
C ILE B 387 -31.78 30.69 -10.98
N ALA B 388 -31.18 29.60 -11.43
CA ALA B 388 -30.17 28.85 -10.69
C ALA B 388 -29.45 27.93 -11.67
N PRO B 389 -28.20 27.55 -11.41
CA PRO B 389 -27.51 26.64 -12.33
C PRO B 389 -28.15 25.25 -12.36
N GLY B 390 -28.29 24.71 -13.56
CA GLY B 390 -28.85 23.38 -13.74
C GLY B 390 -30.32 23.24 -13.38
N GLN B 391 -31.15 24.18 -13.81
CA GLN B 391 -32.58 24.13 -13.54
C GLN B 391 -33.36 23.95 -14.84
N THR B 392 -34.62 23.55 -14.70
CA THR B 392 -35.51 23.34 -15.82
C THR B 392 -36.76 24.18 -15.67
N GLY B 393 -37.44 24.40 -16.79
CA GLY B 393 -38.59 25.27 -16.85
C GLY B 393 -38.58 26.06 -18.14
N VAL B 394 -39.62 26.85 -18.40
CA VAL B 394 -39.66 27.62 -19.64
C VAL B 394 -38.64 28.77 -19.60
N ILE B 395 -38.42 29.34 -18.42
CA ILE B 395 -37.45 30.43 -18.28
C ILE B 395 -36.03 29.90 -18.43
N ALA B 396 -35.74 28.75 -17.81
CA ALA B 396 -34.39 28.20 -17.87
C ALA B 396 -34.09 27.59 -19.23
N ASP B 397 -35.10 27.36 -20.06
CA ASP B 397 -34.86 26.77 -21.37
C ASP B 397 -34.82 27.83 -22.48
N TYR B 398 -35.82 28.70 -22.55
CA TYR B 398 -35.95 29.61 -23.68
C TYR B 398 -35.72 31.07 -23.32
N ASN B 399 -35.48 31.40 -22.06
CA ASN B 399 -35.37 32.80 -21.66
C ASN B 399 -34.01 33.15 -21.08
N TYR B 400 -33.54 32.42 -20.07
CA TYR B 400 -32.31 32.82 -19.37
C TYR B 400 -31.71 31.59 -18.70
N LYS B 401 -30.55 31.16 -19.18
CA LYS B 401 -29.84 30.02 -18.62
C LYS B 401 -28.53 30.49 -17.97
N LEU B 402 -28.24 29.92 -16.80
CA LEU B 402 -26.99 30.08 -16.07
C LEU B 402 -26.07 28.90 -16.32
N PRO B 403 -24.75 29.11 -16.38
CA PRO B 403 -23.84 27.98 -16.58
C PRO B 403 -23.66 27.17 -15.31
N ASP B 404 -23.06 26.00 -15.48
CA ASP B 404 -22.84 25.10 -14.35
C ASP B 404 -21.69 25.56 -13.46
N ASP B 405 -20.68 26.23 -14.04
CA ASP B 405 -19.56 26.76 -13.29
C ASP B 405 -19.76 28.23 -12.91
N PHE B 406 -21.00 28.64 -12.68
CA PHE B 406 -21.32 30.03 -12.41
C PHE B 406 -20.72 30.47 -11.08
N MET B 407 -20.08 31.63 -11.09
CA MET B 407 -19.54 32.27 -9.89
C MET B 407 -20.13 33.67 -9.82
N GLY B 408 -20.92 33.93 -8.79
CA GLY B 408 -21.63 35.20 -8.71
C GLY B 408 -22.67 35.16 -7.63
N CYS B 409 -23.63 36.08 -7.72
CA CYS B 409 -24.72 36.16 -6.77
C CYS B 409 -26.03 36.49 -7.47
N VAL B 410 -27.13 36.02 -6.90
CA VAL B 410 -28.47 36.20 -7.44
C VAL B 410 -29.30 36.95 -6.40
N LEU B 411 -29.96 38.02 -6.85
CA LEU B 411 -30.76 38.91 -6.02
C LEU B 411 -32.17 39.03 -6.60
N ALA B 412 -33.17 38.90 -5.74
CA ALA B 412 -34.55 39.00 -6.16
C ALA B 412 -35.38 39.66 -5.07
N TRP B 413 -36.16 40.68 -5.43
CA TRP B 413 -36.99 41.36 -4.46
C TRP B 413 -38.37 41.66 -5.04
N ASN B 414 -39.31 41.95 -4.15
CA ASN B 414 -40.71 42.12 -4.52
C ASN B 414 -41.01 43.56 -4.91
N THR B 415 -41.76 43.73 -6.00
CA THR B 415 -42.16 45.03 -6.51
C THR B 415 -43.64 45.03 -6.88
N ARG B 416 -44.48 44.52 -5.98
CA ARG B 416 -45.92 44.45 -6.24
C ARG B 416 -46.60 45.81 -6.18
N ASN B 417 -45.96 46.82 -5.61
CA ASN B 417 -46.56 48.14 -5.46
C ASN B 417 -46.23 49.07 -6.63
N ILE B 418 -45.30 48.69 -7.49
CA ILE B 418 -44.89 49.52 -8.63
C ILE B 418 -45.01 48.73 -9.92
N ASP B 419 -46.01 47.85 -9.98
CA ASP B 419 -46.29 47.00 -11.15
C ASP B 419 -46.30 47.73 -12.49
N TYR B 428 -42.78 40.91 -18.20
CA TYR B 428 -44.04 41.31 -18.81
C TYR B 428 -44.36 40.42 -20.00
N LYS B 429 -43.35 40.12 -20.81
CA LYS B 429 -43.47 39.16 -21.90
C LYS B 429 -42.40 38.09 -21.76
N TYR B 430 -42.73 36.88 -22.22
CA TYR B 430 -41.76 35.80 -22.19
C TYR B 430 -42.04 34.82 -23.33
N ARG B 431 -40.98 34.13 -23.75
CA ARG B 431 -41.03 33.21 -24.87
C ARG B 431 -41.33 31.80 -24.35
N TYR B 432 -42.28 31.12 -24.97
CA TYR B 432 -42.60 29.74 -24.60
C TYR B 432 -42.55 28.77 -25.76
N LEU B 433 -42.22 29.24 -26.96
CA LEU B 433 -42.14 28.39 -28.15
C LEU B 433 -40.85 28.71 -28.89
N ARG B 434 -40.00 27.70 -29.07
CA ARG B 434 -38.74 27.88 -29.76
C ARG B 434 -38.23 26.54 -30.26
N HIS B 435 -37.45 26.58 -31.34
CA HIS B 435 -36.79 25.41 -31.89
C HIS B 435 -35.44 25.22 -31.21
N GLY B 436 -35.46 24.51 -30.09
CA GLY B 436 -34.25 24.16 -29.38
C GLY B 436 -34.06 24.99 -28.11
N LYS B 437 -33.14 24.53 -27.29
CA LYS B 437 -32.84 25.18 -26.02
C LYS B 437 -31.89 26.36 -26.25
N LEU B 438 -31.49 27.00 -25.15
CA LEU B 438 -30.57 28.12 -25.20
C LEU B 438 -29.26 27.76 -24.50
N ARG B 439 -28.15 28.19 -25.08
CA ARG B 439 -26.86 28.09 -24.43
C ARG B 439 -26.76 29.14 -23.32
N PRO B 440 -25.88 28.95 -22.33
CA PRO B 440 -25.79 29.92 -21.22
C PRO B 440 -25.37 31.30 -21.69
N PHE B 441 -25.98 32.32 -21.06
CA PHE B 441 -25.75 33.74 -21.34
C PHE B 441 -26.01 34.08 -22.80
N GLU B 442 -27.08 33.51 -23.37
CA GLU B 442 -27.53 33.81 -24.71
C GLU B 442 -28.83 34.61 -24.65
N ARG B 443 -29.12 35.32 -25.73
CA ARG B 443 -30.31 36.16 -25.79
C ARG B 443 -30.79 36.27 -27.23
N ASP B 444 -32.08 36.03 -27.44
CA ASP B 444 -32.72 36.22 -28.73
C ASP B 444 -33.91 37.16 -28.58
N ILE B 445 -33.98 38.17 -29.45
CA ILE B 445 -35.02 39.20 -29.36
C ILE B 445 -35.80 39.23 -30.66
N SER B 446 -35.93 38.08 -31.32
CA SER B 446 -36.61 37.98 -32.61
C SER B 446 -38.08 37.69 -32.39
N ASN B 447 -38.93 38.33 -33.19
CA ASN B 447 -40.37 38.09 -33.19
C ASN B 447 -40.78 37.62 -34.58
N VAL B 448 -40.89 36.31 -34.75
CA VAL B 448 -41.33 35.70 -36.01
C VAL B 448 -42.45 34.71 -35.69
N PRO B 449 -43.37 34.45 -36.61
CA PRO B 449 -44.40 33.44 -36.36
C PRO B 449 -43.80 32.05 -36.25
N PHE B 450 -44.28 31.29 -35.28
CA PHE B 450 -43.68 29.99 -34.94
C PHE B 450 -44.47 28.89 -35.65
N SER B 451 -43.87 28.29 -36.67
CA SER B 451 -44.46 27.13 -37.31
C SER B 451 -43.82 25.87 -36.73
N PRO B 452 -44.58 25.05 -35.99
CA PRO B 452 -43.98 23.87 -35.35
C PRO B 452 -43.78 22.71 -36.30
N ASP B 453 -42.99 22.89 -37.34
CA ASP B 453 -42.72 21.83 -38.30
C ASP B 453 -41.52 21.00 -37.88
N CYS B 464 -49.69 27.73 -31.84
CA CYS B 464 -48.76 27.65 -32.97
C CYS B 464 -48.76 28.93 -33.81
N TYR B 465 -48.37 30.03 -33.17
CA TYR B 465 -48.38 31.35 -33.79
C TYR B 465 -47.36 32.19 -33.03
N TRP B 466 -47.50 33.52 -33.01
CA TRP B 466 -46.61 34.41 -32.25
C TRP B 466 -46.29 33.86 -30.86
N PRO B 467 -45.00 33.70 -30.51
CA PRO B 467 -44.63 32.94 -29.31
C PRO B 467 -44.46 33.74 -28.03
N LEU B 468 -44.71 35.04 -28.04
CA LEU B 468 -44.48 35.88 -26.87
C LEU B 468 -45.76 35.97 -26.04
N ASN B 469 -45.76 35.32 -24.89
CA ASN B 469 -46.88 35.38 -23.95
C ASN B 469 -46.73 36.61 -23.06
N ASP B 470 -47.87 37.21 -22.72
CA ASP B 470 -47.90 38.39 -21.86
C ASP B 470 -48.17 37.97 -20.43
N TYR B 471 -47.52 38.66 -19.49
CA TYR B 471 -47.72 38.38 -18.07
C TYR B 471 -48.99 39.03 -17.55
N GLY B 472 -49.59 38.39 -16.56
CA GLY B 472 -50.78 38.91 -15.89
C GLY B 472 -50.41 39.59 -14.59
N PHE B 473 -50.84 40.83 -14.43
CA PHE B 473 -50.53 41.63 -13.26
C PHE B 473 -51.17 41.07 -12.00
N GLY B 480 -50.23 32.48 -11.59
CA GLY B 480 -49.87 33.89 -11.45
C GLY B 480 -49.64 34.30 -10.01
N TYR B 481 -48.67 35.20 -9.81
CA TYR B 481 -48.33 35.68 -8.48
C TYR B 481 -47.70 37.05 -8.69
N GLN B 482 -47.34 37.72 -7.59
CA GLN B 482 -46.79 39.07 -7.71
C GLN B 482 -45.43 39.04 -8.40
N PRO B 483 -45.15 40.01 -9.27
CA PRO B 483 -43.89 40.01 -10.01
C PRO B 483 -42.69 40.30 -9.13
N TYR B 484 -41.52 39.84 -9.58
CA TYR B 484 -40.27 39.96 -8.84
C TYR B 484 -39.23 40.60 -9.74
N ARG B 485 -38.37 41.43 -9.16
CA ARG B 485 -37.23 42.01 -9.88
C ARG B 485 -35.97 41.25 -9.51
N VAL B 486 -35.22 40.82 -10.52
CA VAL B 486 -34.06 39.96 -10.35
C VAL B 486 -32.85 40.61 -10.99
N VAL B 487 -31.76 40.69 -10.22
CA VAL B 487 -30.46 41.14 -10.68
C VAL B 487 -29.44 40.04 -10.41
N VAL B 488 -28.68 39.68 -11.44
CA VAL B 488 -27.66 38.64 -11.36
C VAL B 488 -26.30 39.28 -11.55
N LEU B 489 -25.38 39.04 -10.61
CA LEU B 489 -24.04 39.61 -10.63
C LEU B 489 -23.04 38.50 -10.92
N SER B 490 -22.26 38.67 -11.99
CA SER B 490 -21.25 37.71 -12.40
C SER B 490 -19.87 38.35 -12.32
N PHE B 491 -18.92 37.61 -11.77
CA PHE B 491 -17.57 38.12 -11.50
C PHE B 491 -16.55 37.42 -12.40
N GLU B 492 -15.69 38.22 -13.03
CA GLU B 492 -14.53 37.68 -13.72
C GLU B 492 -13.36 37.61 -12.76
N LEU B 493 -12.69 36.45 -12.73
CA LEU B 493 -11.64 36.20 -11.74
C LEU B 493 -10.26 36.40 -12.36
N LEU B 494 -9.90 37.68 -12.47
CA LEU B 494 -8.54 38.13 -12.83
C LEU B 494 -8.09 37.61 -14.20
N ASN B 495 -9.01 37.65 -15.18
CA ASN B 495 -8.61 37.41 -16.56
C ASN B 495 -7.83 38.59 -17.13
N ALA B 496 -8.01 39.76 -16.55
CA ALA B 496 -7.41 41.02 -16.97
C ALA B 496 -6.78 41.67 -15.75
N PRO B 497 -6.08 42.81 -15.89
CA PRO B 497 -5.72 43.58 -14.70
C PRO B 497 -6.95 43.98 -13.89
N ALA B 498 -6.81 43.92 -12.57
CA ALA B 498 -7.95 44.09 -11.68
C ALA B 498 -8.42 45.53 -11.64
N THR B 499 -9.74 45.74 -11.65
CA THR B 499 -10.34 47.07 -11.61
C THR B 499 -11.41 47.24 -10.54
N VAL B 500 -12.08 46.17 -10.11
CA VAL B 500 -13.18 46.26 -9.16
C VAL B 500 -12.72 45.60 -7.87
N CYS B 501 -12.13 46.38 -6.97
CA CYS B 501 -11.64 45.88 -5.69
C CYS B 501 -12.47 46.45 -4.55
N GLY B 502 -12.30 45.85 -3.38
CA GLY B 502 -12.92 46.36 -2.18
C GLY B 502 -12.11 47.49 -1.58
N PRO B 503 -12.65 48.09 -0.51
CA PRO B 503 -11.92 49.16 0.18
C PRO B 503 -10.83 48.63 1.09
N LYS B 504 -9.57 48.80 0.69
CA LYS B 504 -8.45 48.35 1.49
C LYS B 504 -7.32 49.36 1.37
N LEU B 505 -6.48 49.41 2.40
CA LEU B 505 -5.36 50.34 2.45
C LEU B 505 -4.09 49.62 1.98
N SER B 506 -3.49 50.14 0.92
CA SER B 506 -2.27 49.57 0.38
C SER B 506 -1.07 50.09 1.16
N THR B 507 -0.11 49.20 1.39
CA THR B 507 1.11 49.52 2.11
C THR B 507 2.30 49.50 1.16
N ASP B 508 3.47 49.80 1.70
CA ASP B 508 4.70 49.71 0.93
C ASP B 508 5.19 48.27 0.91
N LEU B 509 5.98 47.93 -0.10
CA LEU B 509 6.47 46.58 -0.25
C LEU B 509 7.82 46.40 0.43
N ILE B 510 8.03 45.22 1.02
CA ILE B 510 9.24 44.89 1.75
C ILE B 510 9.91 43.73 1.04
N LYS B 511 11.20 43.89 0.74
CA LYS B 511 11.97 42.86 0.05
C LYS B 511 12.95 42.20 1.01
N ASN B 512 13.37 41.00 0.64
CA ASN B 512 14.38 40.21 1.36
C ASN B 512 13.97 39.94 2.81
N GLN B 513 12.68 39.73 3.02
CA GLN B 513 12.16 39.52 4.37
C GLN B 513 10.88 38.71 4.28
N CYS B 514 10.69 37.79 5.22
CA CYS B 514 9.52 36.91 5.23
C CYS B 514 8.31 37.70 5.70
N VAL B 515 7.33 37.89 4.80
CA VAL B 515 6.15 38.70 5.05
C VAL B 515 4.91 37.96 4.59
N ASN B 516 3.77 38.38 5.13
CA ASN B 516 2.48 38.06 4.52
C ASN B 516 2.20 39.04 3.39
N PHE B 517 1.76 38.55 2.25
CA PHE B 517 1.49 39.41 1.11
C PHE B 517 0.08 39.19 0.59
N ASN B 518 -0.44 40.23 -0.08
CA ASN B 518 -1.78 40.24 -0.66
C ASN B 518 -1.70 41.08 -1.93
N PHE B 519 -1.60 40.43 -3.08
CA PHE B 519 -1.55 41.08 -4.38
C PHE B 519 -2.87 40.81 -5.11
N ASN B 520 -3.74 41.83 -5.13
CA ASN B 520 -5.03 41.79 -5.84
C ASN B 520 -5.90 40.63 -5.37
N GLY B 521 -5.92 40.37 -4.07
CA GLY B 521 -6.65 39.26 -3.52
C GLY B 521 -5.89 37.95 -3.47
N LEU B 522 -4.70 37.90 -4.07
CA LEU B 522 -3.84 36.73 -4.02
C LEU B 522 -3.01 36.81 -2.74
N THR B 523 -3.36 36.00 -1.75
CA THR B 523 -2.76 36.07 -0.43
C THR B 523 -1.71 34.98 -0.28
N GLY B 524 -0.77 35.20 0.64
CA GLY B 524 0.25 34.18 0.88
C GLY B 524 1.27 34.64 1.88
N THR B 525 2.30 33.82 2.05
CA THR B 525 3.40 34.08 2.96
C THR B 525 4.70 33.70 2.27
N GLY B 526 5.66 34.61 2.25
CA GLY B 526 6.92 34.33 1.58
C GLY B 526 7.84 35.51 1.58
N VAL B 527 8.91 35.39 0.80
CA VAL B 527 9.91 36.43 0.64
C VAL B 527 9.94 36.86 -0.82
N LEU B 528 9.97 38.18 -1.03
CA LEU B 528 9.88 38.78 -2.35
C LEU B 528 11.24 39.32 -2.77
N THR B 529 11.63 39.01 -4.01
CA THR B 529 12.90 39.46 -4.57
C THR B 529 12.66 40.02 -5.96
N PRO B 530 13.55 40.89 -6.45
CA PRO B 530 13.45 41.32 -7.86
C PRO B 530 13.70 40.15 -8.81
N SER B 531 13.02 40.21 -9.95
CA SER B 531 13.01 39.10 -10.89
C SER B 531 13.59 39.53 -12.23
N SER B 532 14.06 38.53 -12.99
CA SER B 532 14.59 38.73 -14.33
C SER B 532 13.66 38.21 -15.41
N LYS B 533 12.44 37.80 -15.05
CA LYS B 533 11.50 37.25 -16.02
C LYS B 533 10.93 38.36 -16.90
N ARG B 534 10.63 38.01 -18.15
CA ARG B 534 10.19 38.95 -19.17
C ARG B 534 8.72 38.70 -19.44
N PHE B 535 7.84 39.34 -18.67
CA PHE B 535 6.41 39.18 -18.88
C PHE B 535 5.97 39.91 -20.15
N GLN B 536 4.90 39.43 -20.71
CA GLN B 536 4.17 40.07 -21.80
C GLN B 536 2.95 40.80 -21.24
N PRO B 537 2.54 41.91 -21.87
CA PRO B 537 1.61 42.85 -21.20
C PRO B 537 0.24 42.27 -20.85
N PHE B 538 -0.17 41.15 -21.45
CA PHE B 538 -1.41 40.52 -21.02
C PHE B 538 -1.21 39.53 -19.89
N GLN B 539 0.03 39.30 -19.46
CA GLN B 539 0.32 38.35 -18.40
C GLN B 539 0.45 39.07 -17.06
N GLN B 540 -0.18 38.51 -16.03
CA GLN B 540 -0.22 39.15 -14.72
C GLN B 540 0.57 38.41 -13.64
N PHE B 541 0.72 37.09 -13.74
CA PHE B 541 1.52 36.35 -12.77
C PHE B 541 2.00 35.04 -13.41
N GLY B 542 2.94 34.39 -12.73
CA GLY B 542 3.56 33.19 -13.23
C GLY B 542 3.36 32.01 -12.28
N ARG B 543 3.32 30.82 -12.85
CA ARG B 543 2.80 29.64 -12.15
C ARG B 543 3.80 28.50 -12.23
N ASP B 544 3.74 27.60 -11.24
CA ASP B 544 4.54 26.38 -11.21
C ASP B 544 3.76 25.18 -11.73
N VAL B 545 4.45 24.03 -11.76
CA VAL B 545 3.86 22.79 -12.22
C VAL B 545 2.95 22.17 -11.16
N SER B 546 3.02 22.64 -9.92
CA SER B 546 2.12 22.22 -8.86
C SER B 546 1.12 23.30 -8.49
N ASP B 547 0.78 24.17 -9.45
CA ASP B 547 -0.22 25.23 -9.31
C ASP B 547 0.15 26.26 -8.25
N PHE B 548 1.45 26.47 -8.02
CA PHE B 548 1.93 27.51 -7.13
C PHE B 548 2.37 28.72 -7.94
N THR B 549 1.96 29.89 -7.48
CA THR B 549 2.38 31.14 -8.10
C THR B 549 3.78 31.49 -7.61
N ASP B 550 4.72 31.67 -8.54
CA ASP B 550 6.09 31.99 -8.16
C ASP B 550 6.56 33.37 -8.58
N SER B 551 5.83 34.05 -9.45
CA SER B 551 6.16 35.43 -9.82
C SER B 551 4.87 36.21 -9.93
N VAL B 552 4.99 37.53 -9.78
CA VAL B 552 3.81 38.39 -9.75
C VAL B 552 4.20 39.75 -10.31
N ARG B 553 3.24 40.44 -10.91
CA ARG B 553 3.45 41.79 -11.41
C ARG B 553 2.84 42.78 -10.42
N ASP B 554 3.64 43.74 -9.98
CA ASP B 554 3.20 44.73 -9.00
C ASP B 554 2.11 45.62 -9.61
N PRO B 555 0.91 45.69 -9.01
CA PRO B 555 -0.13 46.52 -9.60
C PRO B 555 -0.08 47.98 -9.19
N LYS B 556 1.12 48.55 -9.08
CA LYS B 556 1.27 49.99 -8.97
C LYS B 556 2.41 50.49 -9.83
N THR B 557 3.42 49.64 -10.04
CA THR B 557 4.63 50.01 -10.76
C THR B 557 4.95 49.08 -11.91
N SER B 558 4.18 48.00 -12.09
CA SER B 558 4.37 47.00 -13.14
C SER B 558 5.78 46.39 -13.08
N GLU B 559 6.18 45.99 -11.88
CA GLU B 559 7.48 45.37 -11.64
C GLU B 559 7.27 43.91 -11.29
N ILE B 560 8.07 43.03 -11.88
CA ILE B 560 7.92 41.60 -11.66
C ILE B 560 8.75 41.18 -10.46
N LEU B 561 8.12 40.48 -9.52
CA LEU B 561 8.74 40.04 -8.28
C LEU B 561 8.65 38.53 -8.17
N ASP B 562 9.71 37.91 -7.67
CA ASP B 562 9.74 36.48 -7.38
C ASP B 562 9.33 36.23 -5.94
N ILE B 563 8.54 35.18 -5.74
CA ILE B 563 8.08 34.76 -4.43
C ILE B 563 8.77 33.45 -4.08
N SER B 564 9.37 33.39 -2.90
CA SER B 564 10.03 32.19 -2.42
C SER B 564 9.49 31.85 -1.04
N PRO B 565 9.49 30.57 -0.65
CA PRO B 565 8.99 30.21 0.67
C PRO B 565 9.90 30.69 1.78
N CYS B 566 9.28 31.03 2.91
CA CYS B 566 10.04 31.24 4.13
C CYS B 566 10.63 29.92 4.60
N SER B 567 11.86 29.97 5.11
CA SER B 567 12.67 28.78 5.28
C SER B 567 12.09 27.84 6.33
N PHE B 568 12.20 26.55 6.06
CA PHE B 568 11.62 25.50 6.89
C PHE B 568 12.52 24.27 6.75
N GLY B 569 12.35 23.32 7.66
CA GLY B 569 13.10 22.08 7.52
C GLY B 569 13.02 21.22 8.76
N GLY B 570 13.89 20.23 8.83
CA GLY B 570 13.93 19.30 9.94
C GLY B 570 14.94 19.70 11.00
N VAL B 571 14.66 19.30 12.24
CA VAL B 571 15.53 19.60 13.37
C VAL B 571 15.98 18.26 13.95
N SER B 572 17.30 18.09 14.08
CA SER B 572 17.87 16.87 14.62
C SER B 572 18.66 17.19 15.88
N VAL B 573 18.52 16.34 16.88
CA VAL B 573 19.18 16.52 18.17
C VAL B 573 20.24 15.44 18.33
N ILE B 574 21.46 15.87 18.63
CA ILE B 574 22.62 14.99 18.75
C ILE B 574 22.99 14.94 20.22
N THR B 575 22.93 13.75 20.79
CA THR B 575 23.22 13.56 22.21
C THR B 575 24.25 12.45 22.39
N PRO B 576 25.12 12.57 23.39
CA PRO B 576 26.02 11.46 23.75
C PRO B 576 25.42 10.44 24.70
N GLY B 577 24.12 10.46 24.92
CA GLY B 577 23.47 9.60 25.89
C GLY B 577 23.24 10.38 27.18
N THR B 578 22.11 10.10 27.83
CA THR B 578 21.77 10.81 29.06
C THR B 578 22.70 10.40 30.21
N ASN B 579 23.11 9.13 30.22
CA ASN B 579 24.01 8.64 31.26
C ASN B 579 25.39 9.26 31.20
N ALA B 580 25.79 9.78 30.04
CA ALA B 580 27.09 10.43 29.88
C ALA B 580 27.02 11.92 30.24
N SER B 581 26.09 12.64 29.61
CA SER B 581 25.96 14.08 29.83
C SER B 581 24.54 14.50 29.49
N SER B 582 24.23 15.75 29.82
CA SER B 582 22.95 16.36 29.47
C SER B 582 23.09 17.44 28.41
N GLU B 583 24.24 17.50 27.73
CA GLU B 583 24.46 18.46 26.66
C GLU B 583 24.03 17.86 25.33
N VAL B 584 23.51 18.71 24.44
CA VAL B 584 23.07 18.31 23.12
C VAL B 584 23.58 19.32 22.09
N ALA B 585 23.58 18.89 20.83
CA ALA B 585 23.80 19.78 19.71
C ALA B 585 22.61 19.69 18.77
N VAL B 586 22.38 20.74 17.98
CA VAL B 586 21.19 20.83 17.15
C VAL B 586 21.62 21.05 15.70
N LEU B 587 21.08 20.24 14.81
CA LEU B 587 21.27 20.40 13.37
C LEU B 587 19.96 20.86 12.74
N TYR B 588 20.00 22.01 12.08
CA TYR B 588 18.88 22.51 11.29
C TYR B 588 19.17 22.14 9.85
N GLN B 589 18.39 21.21 9.30
CA GLN B 589 18.76 20.57 8.04
C GLN B 589 18.44 21.45 6.84
N ASP B 590 19.44 21.64 5.98
CA ASP B 590 19.31 22.27 4.67
C ASP B 590 18.81 23.72 4.78
N VAL B 591 19.59 24.54 5.48
CA VAL B 591 19.22 25.93 5.71
C VAL B 591 20.51 26.72 5.96
N ASN B 592 20.47 28.01 5.65
CA ASN B 592 21.60 28.90 5.88
C ASN B 592 21.73 29.23 7.36
N CYS B 593 22.97 29.39 7.82
CA CYS B 593 23.19 29.70 9.23
C CYS B 593 22.80 31.13 9.61
N THR B 594 22.99 32.09 8.71
CA THR B 594 22.55 33.45 9.00
C THR B 594 21.04 33.52 9.12
N ASP B 595 20.32 32.79 8.27
CA ASP B 595 18.86 32.82 8.26
C ASP B 595 18.26 32.28 9.55
N VAL B 596 18.92 31.32 10.19
CA VAL B 596 18.41 30.82 11.45
C VAL B 596 18.99 31.58 12.65
N SER B 597 20.21 32.12 12.54
CA SER B 597 20.77 32.89 13.64
C SER B 597 20.02 34.19 13.86
N THR B 598 19.71 34.91 12.78
CA THR B 598 18.93 36.14 12.92
C THR B 598 17.51 35.86 13.39
N ALA B 599 16.93 34.74 12.97
CA ALA B 599 15.59 34.38 13.41
C ALA B 599 15.57 34.00 14.88
N ILE B 600 16.61 33.32 15.36
CA ILE B 600 16.70 32.99 16.78
C ILE B 600 16.88 34.26 17.61
N HIS B 601 17.79 35.14 17.19
CA HIS B 601 18.04 36.37 17.94
C HIS B 601 16.86 37.34 17.87
N ALA B 602 16.01 37.26 16.85
CA ALA B 602 14.84 38.11 16.74
C ALA B 602 13.56 37.43 17.24
N ASP B 603 13.67 36.23 17.81
CA ASP B 603 12.55 35.45 18.35
C ASP B 603 11.49 35.16 17.27
N GLN B 604 11.94 34.58 16.16
CA GLN B 604 11.06 34.31 15.03
C GLN B 604 11.18 32.89 14.49
N LEU B 605 11.52 31.91 15.32
CA LEU B 605 11.44 30.51 14.95
C LEU B 605 10.26 29.85 15.65
N THR B 606 9.67 28.84 15.01
CA THR B 606 8.49 28.22 15.58
C THR B 606 8.83 27.24 16.71
N PRO B 607 9.84 26.35 16.60
CA PRO B 607 10.20 25.64 17.86
C PRO B 607 11.01 26.55 18.78
N ALA B 608 10.29 27.36 19.54
CA ALA B 608 10.91 28.32 20.44
C ALA B 608 11.16 27.66 21.79
N TRP B 609 12.41 27.61 22.21
CA TRP B 609 12.81 27.03 23.48
C TRP B 609 13.12 28.15 24.45
N ARG B 610 12.56 28.06 25.66
CA ARG B 610 12.67 29.15 26.62
C ARG B 610 14.10 29.32 27.13
N ILE B 611 14.73 28.22 27.51
CA ILE B 611 16.11 28.26 27.98
C ILE B 611 17.00 27.63 26.93
N TYR B 612 17.51 28.45 26.02
CA TYR B 612 18.34 27.97 24.92
C TYR B 612 19.17 29.13 24.38
N SER B 613 20.47 28.89 24.25
CA SER B 613 21.39 29.90 23.73
C SER B 613 22.09 29.35 22.50
N THR B 614 22.24 30.20 21.48
CA THR B 614 22.96 29.82 20.29
C THR B 614 24.45 29.68 20.57
N GLY B 615 25.03 30.63 21.29
CA GLY B 615 26.45 30.63 21.54
C GLY B 615 27.24 31.05 20.32
N ASN B 616 28.55 30.84 20.40
CA ASN B 616 29.46 31.14 19.30
C ASN B 616 29.83 29.91 18.48
N ASN B 617 29.23 28.76 18.76
CA ASN B 617 29.53 27.52 18.05
C ASN B 617 28.48 27.30 16.95
N VAL B 618 28.56 28.12 15.91
CA VAL B 618 27.71 28.00 14.74
C VAL B 618 28.59 27.58 13.57
N PHE B 619 28.23 26.50 12.90
CA PHE B 619 29.12 25.92 11.90
C PHE B 619 28.29 25.38 10.74
N GLN B 620 28.63 25.80 9.54
CA GLN B 620 27.86 25.48 8.35
C GLN B 620 28.38 24.20 7.71
N THR B 621 27.47 23.25 7.47
CA THR B 621 27.77 22.04 6.73
C THR B 621 26.93 22.00 5.46
N GLN B 622 27.12 20.94 4.67
CA GLN B 622 26.23 20.69 3.56
C GLN B 622 24.92 20.06 4.00
N ALA B 623 24.91 19.42 5.18
CA ALA B 623 23.68 18.85 5.70
C ALA B 623 22.79 19.92 6.31
N GLY B 624 23.35 21.08 6.63
CA GLY B 624 22.60 22.15 7.24
C GLY B 624 23.50 22.97 8.14
N CYS B 625 22.90 23.54 9.17
CA CYS B 625 23.61 24.36 10.14
C CYS B 625 23.69 23.64 11.47
N LEU B 626 24.89 23.52 12.02
CA LEU B 626 25.13 22.81 13.26
C LEU B 626 25.45 23.81 14.37
N ILE B 627 24.72 23.71 15.48
CA ILE B 627 24.83 24.64 16.59
C ILE B 627 25.07 23.84 17.86
N GLY B 628 26.13 24.19 18.59
CA GLY B 628 26.45 23.54 19.83
C GLY B 628 27.56 22.52 19.77
N ALA B 629 28.21 22.37 18.62
CA ALA B 629 29.34 21.48 18.46
C ALA B 629 30.54 22.27 17.97
N GLU B 630 31.72 21.95 18.49
CA GLU B 630 32.93 22.71 18.20
C GLU B 630 33.76 21.97 17.15
N HIS B 631 34.18 22.70 16.13
CA HIS B 631 34.93 22.10 15.03
C HIS B 631 36.39 21.92 15.39
N VAL B 632 36.89 20.70 15.20
CA VAL B 632 38.29 20.37 15.44
C VAL B 632 38.90 19.92 14.12
N ASP B 633 40.24 19.85 14.10
CA ASP B 633 40.96 19.53 12.88
C ASP B 633 41.53 18.13 12.85
N THR B 634 41.55 17.42 13.97
CA THR B 634 41.94 16.02 13.96
C THR B 634 40.83 15.17 13.34
N SER B 635 41.20 13.97 12.91
CA SER B 635 40.27 13.04 12.28
C SER B 635 40.20 11.76 13.09
N TYR B 636 38.99 11.25 13.28
CA TYR B 636 38.77 10.02 14.02
C TYR B 636 37.86 9.13 13.19
N GLU B 637 37.57 7.94 13.72
CA GLU B 637 36.52 7.13 13.14
C GLU B 637 35.17 7.78 13.41
N CYS B 638 34.18 7.45 12.59
CA CYS B 638 32.91 8.15 12.71
C CYS B 638 32.08 7.55 13.84
N ASP B 639 31.60 8.42 14.73
CA ASP B 639 30.82 8.01 15.88
C ASP B 639 29.34 8.29 15.68
N ILE B 640 28.96 9.54 15.43
CA ILE B 640 27.59 9.89 15.10
C ILE B 640 27.59 10.58 13.74
N PRO B 641 27.04 9.96 12.71
CA PRO B 641 27.12 10.54 11.36
C PRO B 641 26.21 11.75 11.20
N ILE B 642 26.77 12.85 10.71
CA ILE B 642 25.99 14.04 10.35
C ILE B 642 25.74 14.08 8.85
N GLY B 643 26.76 13.93 8.05
CA GLY B 643 26.60 13.84 6.61
C GLY B 643 27.69 14.57 5.86
N ALA B 644 27.81 14.23 4.57
CA ALA B 644 28.77 14.82 3.62
C ALA B 644 30.20 14.73 4.14
N GLY B 645 30.52 13.62 4.81
CA GLY B 645 31.84 13.43 5.37
C GLY B 645 32.05 14.03 6.74
N ILE B 646 31.00 14.54 7.37
CA ILE B 646 31.10 15.19 8.68
C ILE B 646 30.47 14.28 9.72
N CYS B 647 31.20 14.07 10.82
CA CYS B 647 30.79 13.19 11.91
C CYS B 647 30.96 13.94 13.23
N ALA B 648 30.30 13.43 14.27
CA ALA B 648 30.30 14.07 15.58
C ALA B 648 30.59 13.07 16.68
N SER B 649 31.16 13.55 17.78
CA SER B 649 31.52 12.70 18.91
C SER B 649 31.60 13.54 20.18
N TYR B 650 31.98 12.89 21.27
CA TYR B 650 32.03 13.48 22.60
C TYR B 650 33.43 13.29 23.16
N HIS B 651 34.28 14.31 23.04
CA HIS B 651 35.70 14.16 23.32
C HIS B 651 36.16 15.21 24.31
N THR B 652 37.47 15.32 24.47
CA THR B 652 38.07 16.29 25.37
C THR B 652 38.72 17.43 24.60
N GLN B 661 37.60 17.85 30.94
CA GLN B 661 36.37 18.59 30.67
C GLN B 661 35.94 18.33 29.23
N LYS B 662 34.93 17.50 29.06
CA LYS B 662 34.51 17.03 27.75
C LYS B 662 33.58 18.02 27.07
N SER B 663 33.41 17.83 25.76
CA SER B 663 32.50 18.62 24.94
C SER B 663 32.20 17.85 23.67
N ILE B 664 31.16 18.28 22.97
CA ILE B 664 30.77 17.67 21.71
C ILE B 664 31.57 18.30 20.58
N VAL B 665 32.19 17.47 19.75
CA VAL B 665 33.08 17.92 18.70
C VAL B 665 32.57 17.40 17.35
N ALA B 666 32.86 18.15 16.30
CA ALA B 666 32.50 17.79 14.94
C ALA B 666 33.75 17.79 14.08
N TYR B 667 33.96 16.71 13.32
CA TYR B 667 35.19 16.53 12.57
C TYR B 667 34.89 15.91 11.22
N THR B 668 35.91 15.88 10.37
CA THR B 668 35.89 15.12 9.13
C THR B 668 36.43 13.72 9.42
N MET B 669 35.69 12.71 9.00
CA MET B 669 36.04 11.33 9.35
C MET B 669 37.28 10.86 8.61
N SER B 670 37.98 9.92 9.23
CA SER B 670 39.13 9.27 8.63
C SER B 670 38.71 7.92 8.06
N LEU B 671 39.34 7.54 6.94
CA LEU B 671 38.93 6.31 6.26
C LEU B 671 39.58 5.08 6.87
N GLY B 672 40.77 5.22 7.41
CA GLY B 672 41.44 4.09 8.04
C GLY B 672 42.87 4.43 8.37
N ALA B 673 43.57 3.43 8.89
CA ALA B 673 44.98 3.59 9.21
C ALA B 673 45.80 3.68 7.93
N ASP B 674 46.75 4.59 7.91
CA ASP B 674 47.58 4.83 6.73
C ASP B 674 48.85 4.00 6.83
N SER B 675 49.24 3.37 5.72
CA SER B 675 50.41 2.54 5.68
C SER B 675 50.95 2.49 4.28
N SER B 676 52.26 2.37 4.14
CA SER B 676 52.92 2.24 2.86
C SER B 676 53.80 1.00 2.88
N ILE B 677 53.53 0.08 1.96
CA ILE B 677 54.43 -1.04 1.68
C ILE B 677 54.92 -0.89 0.25
N ALA B 678 56.23 -1.00 0.07
CA ALA B 678 56.84 -0.65 -1.20
C ALA B 678 56.98 -1.89 -2.08
N TYR B 679 56.64 -1.71 -3.36
CA TYR B 679 56.82 -2.76 -4.35
C TYR B 679 58.31 -2.91 -4.65
N SER B 680 58.84 -4.10 -4.36
CA SER B 680 60.14 -4.51 -4.86
C SER B 680 59.94 -5.76 -5.70
N ASN B 681 60.80 -5.96 -6.68
CA ASN B 681 60.60 -6.99 -7.69
C ASN B 681 61.43 -8.24 -7.42
N ASN B 682 62.15 -8.30 -6.29
CA ASN B 682 62.91 -9.52 -5.99
C ASN B 682 62.87 -9.89 -4.51
N THR B 683 61.81 -9.54 -3.80
CA THR B 683 61.69 -9.89 -2.39
C THR B 683 60.27 -10.33 -2.08
N ILE B 684 60.14 -11.21 -1.10
CA ILE B 684 58.85 -11.76 -0.68
C ILE B 684 58.78 -11.73 0.84
N ALA B 685 57.56 -11.68 1.36
CA ALA B 685 57.31 -11.70 2.79
C ALA B 685 56.57 -12.97 3.16
N ILE B 686 57.08 -13.69 4.16
CA ILE B 686 56.54 -15.01 4.50
C ILE B 686 56.27 -15.09 6.00
N PRO B 687 55.08 -15.55 6.41
CA PRO B 687 54.77 -15.62 7.85
C PRO B 687 55.56 -16.73 8.55
N THR B 688 55.97 -16.46 9.77
CA THR B 688 56.72 -17.44 10.56
C THR B 688 55.94 -17.96 11.75
N ASN B 689 54.70 -17.51 11.95
CA ASN B 689 53.91 -17.98 13.08
C ASN B 689 52.44 -17.84 12.72
N PHE B 690 51.56 -18.27 13.61
CA PHE B 690 50.13 -18.19 13.36
C PHE B 690 49.37 -18.10 14.68
N SER B 691 48.11 -17.73 14.55
CA SER B 691 47.20 -17.68 15.69
C SER B 691 45.87 -18.31 15.31
N ILE B 692 45.15 -18.79 16.31
CA ILE B 692 43.82 -19.37 16.15
C ILE B 692 42.82 -18.36 16.72
N SER B 693 41.92 -17.87 15.88
CA SER B 693 40.95 -16.89 16.32
C SER B 693 39.53 -17.44 16.21
N ILE B 694 38.64 -16.96 17.08
CA ILE B 694 37.24 -17.33 17.05
C ILE B 694 36.40 -16.06 16.93
N THR B 695 35.51 -16.04 15.96
CA THR B 695 34.74 -14.87 15.58
C THR B 695 33.25 -15.21 15.66
N THR B 696 32.45 -14.26 16.11
CA THR B 696 31.02 -14.44 16.29
C THR B 696 30.25 -13.74 15.18
N GLU B 697 29.28 -14.46 14.59
CA GLU B 697 28.34 -13.86 13.64
C GLU B 697 26.92 -14.11 14.12
N VAL B 698 26.09 -13.08 14.12
CA VAL B 698 24.74 -13.12 14.66
C VAL B 698 23.75 -12.95 13.51
N MET B 699 22.80 -13.88 13.38
CA MET B 699 21.87 -13.88 12.26
C MET B 699 20.43 -14.01 12.74
N PRO B 700 19.54 -13.10 12.35
CA PRO B 700 18.10 -13.32 12.57
C PRO B 700 17.55 -14.41 11.67
N VAL B 701 16.60 -15.16 12.21
CA VAL B 701 15.97 -16.30 11.52
C VAL B 701 14.47 -16.11 11.38
N SER B 702 13.79 -15.74 12.46
CA SER B 702 12.34 -15.61 12.45
C SER B 702 11.92 -14.42 13.30
N MET B 703 10.65 -14.06 13.20
CA MET B 703 10.07 -13.05 14.06
C MET B 703 8.80 -13.60 14.70
N ALA B 704 8.10 -12.75 15.44
CA ALA B 704 6.93 -13.18 16.17
C ALA B 704 5.74 -13.35 15.24
N LYS B 705 4.92 -14.37 15.52
CA LYS B 705 3.73 -14.67 14.75
C LYS B 705 2.55 -13.94 15.38
N THR B 706 2.02 -12.93 14.71
CA THR B 706 0.93 -12.13 15.24
C THR B 706 -0.34 -12.41 14.46
N SER B 707 -1.47 -12.06 15.08
CA SER B 707 -2.76 -12.14 14.42
C SER B 707 -3.66 -11.07 15.02
N VAL B 708 -4.63 -10.63 14.22
CA VAL B 708 -5.59 -9.62 14.64
C VAL B 708 -7.00 -10.11 14.29
N ASP B 709 -7.90 -9.99 15.25
CA ASP B 709 -9.33 -10.16 15.01
C ASP B 709 -9.84 -8.88 14.34
N CYS B 710 -10.06 -8.95 13.04
CA CYS B 710 -10.38 -7.77 12.23
C CYS B 710 -11.70 -7.15 12.66
N ASN B 711 -12.72 -7.97 12.87
CA ASN B 711 -14.03 -7.48 13.28
C ASN B 711 -13.99 -6.93 14.70
N MET B 712 -13.22 -7.57 15.58
CA MET B 712 -13.10 -7.10 16.96
C MET B 712 -12.29 -5.81 17.03
N TYR B 713 -11.27 -5.65 16.19
CA TYR B 713 -10.51 -4.40 16.15
C TYR B 713 -11.37 -3.26 15.64
N ILE B 714 -12.04 -3.46 14.50
CA ILE B 714 -12.78 -2.37 13.87
C ILE B 714 -14.05 -2.04 14.63
N CYS B 715 -14.84 -3.06 14.97
CA CYS B 715 -16.20 -2.85 15.46
C CYS B 715 -16.38 -3.14 16.94
N GLY B 716 -15.60 -4.05 17.51
CA GLY B 716 -15.79 -4.43 18.89
C GLY B 716 -16.96 -5.39 19.05
N ASP B 717 -18.02 -4.93 19.72
CA ASP B 717 -19.20 -5.76 19.96
C ASP B 717 -20.48 -5.10 19.44
N SER B 718 -20.36 -4.26 18.42
CA SER B 718 -21.51 -3.55 17.86
C SER B 718 -22.00 -4.29 16.63
N THR B 719 -23.30 -4.60 16.60
CA THR B 719 -23.90 -5.21 15.43
C THR B 719 -24.15 -4.22 14.31
N GLU B 720 -24.39 -2.94 14.64
CA GLU B 720 -24.54 -1.91 13.62
C GLU B 720 -23.26 -1.73 12.83
N CYS B 721 -22.12 -1.70 13.51
CA CYS B 721 -20.84 -1.57 12.83
C CYS B 721 -20.55 -2.80 11.98
N ALA B 722 -20.92 -3.99 12.44
CA ALA B 722 -20.69 -5.20 11.64
C ALA B 722 -21.54 -5.21 10.38
N ASN B 723 -22.81 -4.80 10.49
CA ASN B 723 -23.67 -4.69 9.32
C ASN B 723 -23.19 -3.61 8.36
N LEU B 724 -22.58 -2.53 8.87
CA LEU B 724 -22.02 -1.53 7.98
C LEU B 724 -20.71 -2.00 7.34
N LEU B 725 -19.93 -2.80 8.06
CA LEU B 725 -18.66 -3.29 7.56
C LEU B 725 -18.85 -4.38 6.52
N LEU B 726 -19.99 -5.06 6.54
CA LEU B 726 -20.29 -6.05 5.49
C LEU B 726 -20.39 -5.44 4.09
N GLN B 727 -20.59 -4.12 3.98
CA GLN B 727 -20.73 -3.47 2.69
C GLN B 727 -19.40 -3.30 1.96
N TYR B 728 -18.27 -3.52 2.63
CA TYR B 728 -16.96 -3.36 2.03
C TYR B 728 -16.41 -4.63 1.43
N GLY B 729 -17.18 -5.72 1.44
CA GLY B 729 -16.74 -6.93 0.78
C GLY B 729 -15.79 -7.76 1.63
N SER B 730 -14.78 -8.31 0.97
CA SER B 730 -13.79 -9.15 1.61
C SER B 730 -12.50 -8.35 1.80
N PHE B 731 -12.44 -7.61 2.91
CA PHE B 731 -11.20 -7.03 3.40
C PHE B 731 -10.66 -7.73 4.64
N CYS B 732 -11.53 -8.22 5.52
CA CYS B 732 -11.03 -8.89 6.71
C CYS B 732 -10.52 -10.28 6.40
N THR B 733 -11.12 -10.95 5.41
CA THR B 733 -10.71 -12.30 5.04
C THR B 733 -9.32 -12.32 4.44
N GLN B 734 -9.04 -11.44 3.48
CA GLN B 734 -7.72 -11.46 2.85
C GLN B 734 -6.65 -10.90 3.79
N LEU B 735 -7.05 -10.05 4.73
CA LEU B 735 -6.12 -9.55 5.73
C LEU B 735 -5.70 -10.65 6.70
N ASN B 736 -6.67 -11.43 7.18
CA ASN B 736 -6.36 -12.59 8.01
C ASN B 736 -5.54 -13.63 7.24
N ARG B 737 -5.84 -13.80 5.95
CA ARG B 737 -5.10 -14.74 5.13
C ARG B 737 -3.65 -14.33 4.94
N ALA B 738 -3.40 -13.02 4.77
CA ALA B 738 -2.03 -12.53 4.67
C ALA B 738 -1.25 -12.74 5.97
N LEU B 739 -1.88 -12.45 7.11
CA LEU B 739 -1.19 -12.63 8.39
C LEU B 739 -0.92 -14.11 8.67
N SER B 740 -1.85 -14.98 8.27
CA SER B 740 -1.67 -16.42 8.42
C SER B 740 -0.53 -16.94 7.55
N GLY B 741 -0.39 -16.40 6.34
CA GLY B 741 0.73 -16.77 5.49
C GLY B 741 2.07 -16.39 6.09
N ILE B 742 2.16 -15.18 6.65
CA ILE B 742 3.41 -14.76 7.32
C ILE B 742 3.74 -15.68 8.50
N ALA B 743 2.70 -16.02 9.28
CA ALA B 743 2.90 -16.88 10.46
C ALA B 743 3.40 -18.26 10.07
N ALA B 744 2.90 -18.83 8.97
CA ALA B 744 3.42 -20.11 8.51
C ALA B 744 4.85 -19.99 7.97
N GLU B 745 5.15 -18.86 7.31
CA GLU B 745 6.48 -18.63 6.78
C GLU B 745 7.56 -18.63 7.86
N GLN B 746 7.22 -18.13 9.06
CA GLN B 746 8.22 -18.10 10.15
C GLN B 746 8.65 -19.51 10.58
N ASP B 747 7.68 -20.43 10.70
CA ASP B 747 8.02 -21.80 11.06
C ASP B 747 8.79 -22.50 9.94
N ARG B 748 8.46 -22.19 8.69
CA ARG B 748 9.25 -22.71 7.58
C ARG B 748 10.70 -22.24 7.65
N ASN B 749 10.92 -20.97 7.99
CA ASN B 749 12.26 -20.41 8.12
C ASN B 749 13.07 -21.15 9.18
N THR B 750 12.50 -21.32 10.37
CA THR B 750 13.20 -22.00 11.45
C THR B 750 13.51 -23.45 11.09
N ARG B 751 12.56 -24.14 10.46
CA ARG B 751 12.76 -25.53 10.07
C ARG B 751 13.89 -25.68 9.07
N GLU B 752 13.95 -24.81 8.06
CA GLU B 752 14.98 -25.01 7.04
C GLU B 752 16.33 -24.44 7.48
N VAL B 753 16.38 -23.74 8.61
CA VAL B 753 17.69 -23.38 9.15
C VAL B 753 18.23 -24.48 10.06
N PHE B 754 17.43 -24.97 11.01
CA PHE B 754 17.99 -25.77 12.08
C PHE B 754 17.91 -27.28 11.88
N ALA B 755 16.97 -27.78 11.08
CA ALA B 755 16.74 -29.22 10.99
C ALA B 755 17.55 -29.79 9.82
N GLN B 756 18.87 -29.69 9.94
CA GLN B 756 19.76 -30.11 8.87
C GLN B 756 20.43 -31.47 9.08
N VAL B 757 20.19 -32.15 10.20
CA VAL B 757 20.67 -33.51 10.41
C VAL B 757 19.47 -34.45 10.52
N LYS B 758 19.66 -35.68 10.09
CA LYS B 758 18.64 -36.72 10.20
C LYS B 758 18.89 -37.66 11.36
N GLN B 759 20.02 -37.52 12.06
CA GLN B 759 20.35 -38.37 13.19
C GLN B 759 20.62 -37.51 14.41
N MET B 760 20.09 -37.93 15.56
CA MET B 760 20.27 -37.19 16.81
C MET B 760 21.45 -37.80 17.56
N TYR B 761 22.63 -37.25 17.33
CA TYR B 761 23.83 -37.77 17.96
C TYR B 761 23.86 -37.39 19.43
N LYS B 762 24.10 -38.38 20.28
CA LYS B 762 24.15 -38.14 21.72
C LYS B 762 25.43 -37.41 22.09
N THR B 763 25.33 -36.51 23.06
CA THR B 763 26.51 -35.79 23.52
C THR B 763 27.42 -36.75 24.28
N PRO B 764 28.72 -36.73 24.03
CA PRO B 764 29.62 -37.66 24.73
C PRO B 764 29.77 -37.31 26.20
N THR B 765 30.14 -38.33 26.99
CA THR B 765 30.38 -38.11 28.41
C THR B 765 31.67 -37.32 28.63
N LEU B 766 32.69 -37.59 27.83
CA LEU B 766 33.95 -36.88 27.91
C LEU B 766 33.96 -35.74 26.89
N LYS B 767 34.31 -34.55 27.34
CA LYS B 767 34.29 -33.34 26.52
C LYS B 767 35.68 -32.75 26.37
N TYR B 768 36.67 -33.61 26.14
CA TYR B 768 38.08 -33.22 26.03
C TYR B 768 38.72 -34.09 24.96
N PHE B 769 38.84 -33.57 23.75
CA PHE B 769 39.24 -34.34 22.58
C PHE B 769 40.61 -33.85 22.10
N GLY B 770 41.66 -34.53 22.53
CA GLY B 770 43.00 -34.18 22.08
C GLY B 770 43.54 -32.91 22.67
N GLY B 771 43.04 -32.49 23.82
CA GLY B 771 43.43 -31.25 24.43
C GLY B 771 42.49 -30.09 24.16
N PHE B 772 41.56 -30.24 23.23
CA PHE B 772 40.58 -29.20 22.95
C PHE B 772 39.38 -29.37 23.88
N ASN B 773 38.98 -28.29 24.54
CA ASN B 773 37.97 -28.32 25.58
C ASN B 773 36.63 -27.85 25.00
N PHE B 774 35.68 -28.77 24.91
CA PHE B 774 34.38 -28.52 24.29
C PHE B 774 33.26 -28.33 25.31
N SER B 775 33.59 -28.11 26.58
CA SER B 775 32.59 -28.21 27.63
C SER B 775 31.65 -27.01 27.66
N GLN B 776 32.11 -25.84 27.24
CA GLN B 776 31.28 -24.64 27.34
C GLN B 776 30.33 -24.47 26.16
N ILE B 777 30.43 -25.30 25.13
CA ILE B 777 29.51 -25.25 23.99
C ILE B 777 28.66 -26.52 23.91
N LEU B 778 28.68 -27.36 24.94
CA LEU B 778 27.90 -28.57 24.99
C LEU B 778 27.09 -28.59 26.28
N PRO B 779 25.93 -29.23 26.29
CA PRO B 779 25.12 -29.26 27.51
C PRO B 779 25.77 -30.04 28.65
N ASP B 780 25.51 -29.60 29.88
CA ASP B 780 25.98 -30.18 31.12
C ASP B 780 24.89 -31.07 31.72
N PRO B 781 25.14 -32.37 31.90
CA PRO B 781 24.08 -33.26 32.45
C PRO B 781 23.66 -32.92 33.87
N LEU B 782 24.57 -32.41 34.70
CA LEU B 782 24.26 -32.09 36.09
C LEU B 782 23.85 -30.62 36.21
N LYS B 783 22.92 -30.23 35.33
CA LYS B 783 22.41 -28.87 35.27
C LYS B 783 20.98 -28.93 34.76
N PRO B 784 20.03 -28.18 35.35
CA PRO B 784 18.62 -28.32 34.96
C PRO B 784 18.30 -27.98 33.52
N THR B 785 18.88 -26.90 32.99
CA THR B 785 18.64 -26.54 31.61
C THR B 785 19.41 -27.45 30.65
N LYS B 786 18.79 -27.78 29.53
CA LYS B 786 19.44 -28.55 28.48
C LYS B 786 20.07 -27.62 27.45
N ARG B 787 20.85 -26.68 27.94
CA ARG B 787 21.48 -25.65 27.12
C ARG B 787 22.92 -25.47 27.53
N SER B 788 23.72 -24.94 26.61
CA SER B 788 25.11 -24.65 26.89
C SER B 788 25.23 -23.41 27.78
N PHE B 789 26.44 -23.18 28.28
CA PHE B 789 26.75 -21.98 29.03
C PHE B 789 26.63 -20.74 28.13
N ILE B 790 27.15 -20.85 26.91
CA ILE B 790 27.12 -19.73 25.97
C ILE B 790 25.68 -19.44 25.52
N GLU B 791 24.87 -20.49 25.37
CA GLU B 791 23.47 -20.29 25.01
C GLU B 791 22.69 -19.64 26.15
N ASP B 792 23.03 -19.97 27.40
CA ASP B 792 22.43 -19.29 28.54
C ASP B 792 22.77 -17.81 28.54
N LEU B 793 24.04 -17.48 28.27
CA LEU B 793 24.44 -16.07 28.17
C LEU B 793 23.70 -15.35 27.05
N LEU B 794 23.54 -16.03 25.90
CA LEU B 794 22.86 -15.42 24.76
C LEU B 794 21.38 -15.19 25.04
N PHE B 795 20.74 -16.13 25.75
CA PHE B 795 19.34 -15.95 26.08
C PHE B 795 19.16 -14.92 27.19
N ASN B 796 20.20 -14.67 27.98
CA ASN B 796 20.13 -13.59 28.95
C ASN B 796 20.33 -12.21 28.32
N LYS B 797 21.13 -12.11 27.25
CA LYS B 797 21.49 -10.79 26.73
C LYS B 797 20.33 -10.11 25.99
N VAL B 798 19.36 -10.87 25.50
CA VAL B 798 18.23 -10.29 24.79
C VAL B 798 17.02 -10.33 25.70
N THR B 799 16.50 -9.15 26.06
CA THR B 799 15.38 -9.02 26.98
C THR B 799 14.28 -8.19 26.32
N LEU B 800 13.04 -8.69 26.40
CA LEU B 800 11.90 -8.00 25.83
C LEU B 800 11.60 -6.70 26.56
N ALA B 824 -5.08 -13.93 29.13
CA ALA B 824 -5.27 -12.51 29.44
C ALA B 824 -5.42 -11.70 28.16
N GLN B 825 -6.64 -11.64 27.64
CA GLN B 825 -6.92 -10.95 26.39
C GLN B 825 -7.11 -9.46 26.61
N LYS B 826 -7.15 -8.72 25.49
CA LYS B 826 -7.36 -7.30 25.49
C LYS B 826 -8.55 -6.97 24.61
N PHE B 827 -9.06 -5.74 24.76
CA PHE B 827 -10.23 -5.33 23.99
C PHE B 827 -9.90 -5.01 22.53
N ASN B 828 -8.62 -4.95 22.17
CA ASN B 828 -8.24 -4.55 20.82
C ASN B 828 -8.23 -5.71 19.84
N GLY B 829 -8.01 -6.92 20.31
CA GLY B 829 -8.08 -8.10 19.46
C GLY B 829 -6.78 -8.59 18.87
N LEU B 830 -5.64 -8.32 19.51
CA LEU B 830 -4.33 -8.71 18.99
C LEU B 830 -3.83 -9.92 19.77
N THR B 831 -3.12 -10.81 19.08
CA THR B 831 -2.69 -12.08 19.64
C THR B 831 -1.33 -12.45 19.09
N VAL B 832 -0.50 -13.10 19.90
CA VAL B 832 0.76 -13.68 19.46
C VAL B 832 0.67 -15.19 19.63
N LEU B 833 0.92 -15.93 18.56
CA LEU B 833 0.86 -17.38 18.44
C LEU B 833 2.20 -18.01 18.84
N PRO B 834 2.19 -19.21 19.42
CA PRO B 834 3.44 -19.86 19.81
C PRO B 834 4.15 -20.47 18.63
N PRO B 835 5.48 -20.48 18.64
CA PRO B 835 6.23 -21.15 17.57
C PRO B 835 6.09 -22.66 17.64
N LEU B 836 6.28 -23.29 16.48
CA LEU B 836 6.08 -24.74 16.38
C LEU B 836 7.19 -25.50 17.11
N LEU B 837 8.43 -25.06 16.97
CA LEU B 837 9.56 -25.67 17.66
C LEU B 837 9.86 -24.90 18.93
N THR B 838 9.96 -25.60 20.06
CA THR B 838 10.28 -24.94 21.31
C THR B 838 11.77 -24.66 21.39
N ASP B 839 12.19 -24.00 22.47
CA ASP B 839 13.61 -23.69 22.65
C ASP B 839 14.41 -24.96 22.95
N ASP B 840 13.80 -25.94 23.60
CA ASP B 840 14.50 -27.18 23.91
C ASP B 840 14.77 -27.99 22.65
N MET B 841 13.85 -27.97 21.69
CA MET B 841 14.06 -28.65 20.43
C MET B 841 15.19 -28.02 19.63
N ILE B 842 15.26 -26.70 19.60
CA ILE B 842 16.32 -26.01 18.87
C ILE B 842 17.67 -26.22 19.56
N ALA B 843 17.68 -26.24 20.89
CA ALA B 843 18.91 -26.53 21.62
C ALA B 843 19.37 -27.95 21.39
N ALA B 844 18.43 -28.90 21.27
CA ALA B 844 18.78 -30.28 20.93
C ALA B 844 19.36 -30.38 19.54
N TYR B 845 18.82 -29.62 18.58
CA TYR B 845 19.35 -29.60 17.22
C TYR B 845 20.79 -29.10 17.20
N THR B 846 21.06 -28.01 17.92
CA THR B 846 22.41 -27.46 17.93
C THR B 846 23.38 -28.37 18.67
N ALA B 847 22.92 -29.04 19.73
CA ALA B 847 23.76 -30.00 20.42
C ALA B 847 24.11 -31.19 19.55
N ALA B 848 23.15 -31.65 18.73
CA ALA B 848 23.43 -32.74 17.81
C ALA B 848 24.43 -32.33 16.73
N LEU B 849 24.32 -31.09 16.23
CA LEU B 849 25.28 -30.59 15.24
C LEU B 849 26.69 -30.49 15.84
N VAL B 850 26.80 -29.98 17.07
CA VAL B 850 28.11 -29.83 17.69
C VAL B 850 28.72 -31.19 18.01
N SER B 851 27.92 -32.15 18.48
CA SER B 851 28.44 -33.48 18.76
C SER B 851 28.86 -34.20 17.49
N GLY B 852 28.10 -34.05 16.40
CA GLY B 852 28.50 -34.62 15.14
C GLY B 852 29.80 -34.04 14.61
N THR B 853 29.99 -32.73 14.77
CA THR B 853 31.24 -32.11 14.34
C THR B 853 32.41 -32.58 15.20
N ALA B 854 32.21 -32.71 16.50
CA ALA B 854 33.30 -33.09 17.39
C ALA B 854 33.63 -34.58 17.34
N THR B 855 32.73 -35.41 16.82
CA THR B 855 32.97 -36.85 16.81
C THR B 855 33.23 -37.41 15.41
N ALA B 856 32.50 -36.96 14.40
CA ALA B 856 32.56 -37.57 13.08
C ALA B 856 33.11 -36.64 12.01
N GLY B 857 33.49 -35.42 12.36
CA GLY B 857 34.13 -34.54 11.40
C GLY B 857 33.21 -33.81 10.45
N TRP B 858 33.38 -34.09 9.16
CA TRP B 858 32.66 -33.42 8.08
C TRP B 858 31.87 -34.40 7.23
N THR B 859 31.78 -35.67 7.62
CA THR B 859 31.31 -36.70 6.71
C THR B 859 29.82 -36.96 6.84
N PHE B 860 29.19 -36.47 7.91
CA PHE B 860 27.77 -36.73 8.11
C PHE B 860 26.88 -35.78 7.31
N GLY B 861 27.46 -34.73 6.74
CA GLY B 861 26.70 -33.90 5.80
C GLY B 861 26.40 -34.63 4.51
N ALA B 862 27.35 -35.43 4.02
CA ALA B 862 27.22 -36.13 2.75
C ALA B 862 26.64 -37.53 2.88
N GLY B 863 26.39 -38.01 4.09
CA GLY B 863 25.85 -39.34 4.28
C GLY B 863 25.90 -39.83 5.70
N ALA B 864 26.38 -41.05 5.90
CA ALA B 864 26.51 -41.60 7.24
C ALA B 864 27.76 -41.03 7.92
N ALA B 865 27.65 -40.85 9.23
CA ALA B 865 28.75 -40.31 10.01
C ALA B 865 29.89 -41.32 10.10
N LEU B 866 31.11 -40.84 9.87
CA LEU B 866 32.32 -41.66 9.96
C LEU B 866 33.20 -41.10 11.07
N GLN B 867 33.51 -41.93 12.06
CA GLN B 867 34.31 -41.49 13.19
C GLN B 867 35.76 -41.26 12.79
N ILE B 868 36.39 -40.30 13.47
CA ILE B 868 37.79 -39.94 13.24
C ILE B 868 38.27 -39.25 14.50
N PRO B 869 39.52 -39.42 14.92
CA PRO B 869 40.03 -38.63 16.04
C PRO B 869 40.07 -37.15 15.70
N PHE B 870 39.93 -36.31 16.73
CA PHE B 870 39.81 -34.88 16.51
C PHE B 870 41.09 -34.26 15.99
N ALA B 871 42.25 -34.76 16.42
CA ALA B 871 43.52 -34.27 15.93
C ALA B 871 43.70 -34.58 14.46
N MET B 872 43.26 -35.77 14.01
CA MET B 872 43.39 -36.09 12.60
C MET B 872 42.43 -35.29 11.74
N GLN B 873 41.27 -34.94 12.31
CA GLN B 873 40.34 -34.04 11.62
C GLN B 873 40.94 -32.64 11.47
N MET B 874 41.62 -32.15 12.52
CA MET B 874 42.31 -30.87 12.40
C MET B 874 43.47 -30.92 11.41
N ALA B 875 44.17 -32.06 11.32
CA ALA B 875 45.23 -32.19 10.33
C ALA B 875 44.67 -32.13 8.91
N TYR B 876 43.51 -32.77 8.69
CA TYR B 876 42.86 -32.71 7.39
C TYR B 876 42.43 -31.28 7.06
N ARG B 877 41.91 -30.55 8.04
CA ARG B 877 41.50 -29.17 7.79
C ARG B 877 42.70 -28.25 7.54
N PHE B 878 43.83 -28.52 8.21
CA PHE B 878 45.06 -27.79 7.93
C PHE B 878 45.56 -28.05 6.53
N ASN B 879 45.47 -29.29 6.04
CA ASN B 879 45.71 -29.55 4.63
C ASN B 879 44.76 -28.77 3.75
N GLY B 880 43.51 -28.63 4.19
CA GLY B 880 42.52 -27.91 3.40
C GLY B 880 42.88 -26.45 3.19
N ILE B 881 43.42 -25.79 4.23
CA ILE B 881 43.82 -24.39 4.05
C ILE B 881 45.20 -24.23 3.45
N GLY B 882 45.89 -25.31 3.12
CA GLY B 882 47.17 -25.23 2.45
C GLY B 882 48.41 -25.32 3.33
N VAL B 883 48.33 -25.97 4.48
CA VAL B 883 49.44 -26.12 5.41
C VAL B 883 49.60 -27.61 5.68
N THR B 884 50.84 -28.07 5.81
CA THR B 884 51.09 -29.50 5.95
C THR B 884 50.67 -30.02 7.33
N GLN B 885 50.62 -31.34 7.45
CA GLN B 885 50.10 -31.99 8.65
C GLN B 885 51.08 -31.93 9.81
N ASN B 886 52.38 -31.91 9.49
CA ASN B 886 53.41 -31.81 10.51
C ASN B 886 53.33 -30.50 11.30
N VAL B 887 52.76 -29.44 10.70
CA VAL B 887 52.60 -28.18 11.42
C VAL B 887 51.59 -28.35 12.54
N LEU B 888 50.49 -29.07 12.29
CA LEU B 888 49.56 -29.38 13.38
C LEU B 888 50.17 -30.33 14.40
N TYR B 889 50.75 -31.44 13.94
CA TYR B 889 51.13 -32.51 14.87
C TYR B 889 52.30 -32.13 15.76
N GLU B 890 53.17 -31.23 15.30
CA GLU B 890 54.30 -30.80 16.10
C GLU B 890 53.98 -29.59 16.97
N ASN B 891 52.82 -28.98 16.77
CA ASN B 891 52.42 -27.79 17.53
C ASN B 891 51.05 -27.98 18.16
N GLN B 892 50.70 -29.22 18.52
CA GLN B 892 49.33 -29.54 18.90
C GLN B 892 48.92 -28.87 20.20
N LYS B 893 49.81 -28.83 21.19
CA LYS B 893 49.48 -28.30 22.50
C LYS B 893 49.29 -26.78 22.45
N GLN B 894 50.13 -26.10 21.67
CA GLN B 894 49.99 -24.65 21.50
C GLN B 894 48.67 -24.30 20.83
N ILE B 895 48.29 -25.04 19.78
CA ILE B 895 47.04 -24.78 19.08
C ILE B 895 45.85 -25.05 19.98
N ALA B 896 45.92 -26.10 20.80
CA ALA B 896 44.84 -26.40 21.73
C ALA B 896 44.71 -25.30 22.79
N ASN B 897 45.84 -24.78 23.28
CA ASN B 897 45.80 -23.69 24.26
C ASN B 897 45.20 -22.42 23.66
N GLN B 898 45.56 -22.10 22.41
CA GLN B 898 44.99 -20.93 21.76
C GLN B 898 43.48 -21.08 21.54
N PHE B 899 43.04 -22.29 21.20
CA PHE B 899 41.61 -22.56 21.04
C PHE B 899 40.87 -22.35 22.35
N ASN B 900 41.40 -22.88 23.45
CA ASN B 900 40.75 -22.75 24.75
C ASN B 900 40.71 -21.29 25.22
N LYS B 901 41.81 -20.55 25.00
CA LYS B 901 41.86 -19.15 25.39
C LYS B 901 40.87 -18.31 24.58
N ALA B 902 40.74 -18.60 23.29
CA ALA B 902 39.78 -17.89 22.45
C ALA B 902 38.34 -18.16 22.90
N ILE B 903 38.05 -19.41 23.27
CA ILE B 903 36.71 -19.74 23.79
C ILE B 903 36.43 -18.97 25.08
N SER B 904 37.43 -18.89 25.97
CA SER B 904 37.27 -18.13 27.22
C SER B 904 37.04 -16.65 26.95
N GLN B 905 37.75 -16.07 25.98
CA GLN B 905 37.54 -14.66 25.66
C GLN B 905 36.16 -14.39 25.07
N ILE B 906 35.67 -15.31 24.22
CA ILE B 906 34.29 -15.20 23.73
C ILE B 906 33.30 -15.24 24.88
N GLN B 907 33.53 -16.14 25.84
CA GLN B 907 32.68 -16.25 27.02
C GLN B 907 32.66 -14.96 27.84
N GLU B 908 33.82 -14.34 28.05
CA GLU B 908 33.88 -13.10 28.84
C GLU B 908 33.20 -11.95 28.12
N SER B 909 33.43 -11.82 26.81
CA SER B 909 32.82 -10.76 26.03
C SER B 909 31.30 -10.89 26.02
N LEU B 910 30.79 -12.12 25.92
CA LEU B 910 29.35 -12.31 26.07
C LEU B 910 28.88 -12.09 27.51
N THR B 911 29.75 -12.32 28.49
CA THR B 911 29.35 -12.22 29.89
C THR B 911 29.12 -10.78 30.32
N THR B 912 30.08 -9.89 30.03
CA THR B 912 30.04 -8.57 30.66
C THR B 912 28.85 -7.70 30.25
N THR B 913 28.90 -7.16 29.03
CA THR B 913 27.82 -6.45 28.34
C THR B 913 28.32 -5.99 26.98
N SER B 914 27.41 -5.76 26.04
CA SER B 914 27.69 -5.21 24.71
C SER B 914 26.40 -5.00 23.93
N THR B 915 26.50 -4.32 22.79
CA THR B 915 25.49 -4.40 21.74
C THR B 915 25.90 -5.42 20.69
N ALA B 916 26.29 -6.61 21.14
CA ALA B 916 26.71 -7.67 20.23
C ALA B 916 25.50 -8.31 19.55
N LEU B 917 24.41 -8.48 20.29
CA LEU B 917 23.19 -9.09 19.78
C LEU B 917 22.19 -8.05 19.29
N GLY B 918 22.66 -6.86 18.96
CA GLY B 918 21.82 -5.75 18.57
C GLY B 918 21.05 -5.90 17.28
N LYS B 919 21.37 -6.91 16.45
CA LYS B 919 20.52 -7.21 15.31
C LYS B 919 19.33 -8.06 15.70
N LEU B 920 19.43 -8.83 16.78
CA LEU B 920 18.30 -9.60 17.26
C LEU B 920 17.34 -8.74 18.07
N GLN B 921 17.88 -7.81 18.87
CA GLN B 921 17.05 -6.90 19.64
C GLN B 921 16.27 -5.97 18.72
N ASP B 922 16.92 -5.48 17.67
CA ASP B 922 16.33 -4.49 16.77
C ASP B 922 15.05 -5.02 16.12
N VAL B 923 15.09 -6.27 15.65
CA VAL B 923 13.92 -6.92 15.07
C VAL B 923 12.77 -6.89 16.07
N VAL B 924 13.05 -7.27 17.32
CA VAL B 924 12.05 -7.27 18.38
C VAL B 924 11.47 -5.87 18.55
N ASN B 925 12.36 -4.87 18.59
CA ASN B 925 11.93 -3.50 18.80
C ASN B 925 10.99 -3.06 17.70
N GLN B 926 11.32 -3.41 16.45
CA GLN B 926 10.53 -2.98 15.31
C GLN B 926 9.11 -3.50 15.43
N ASN B 927 8.98 -4.78 15.82
CA ASN B 927 7.66 -5.37 15.90
C ASN B 927 6.84 -4.68 16.97
N ALA B 928 7.47 -4.41 18.13
CA ALA B 928 6.76 -3.76 19.22
C ALA B 928 6.28 -2.38 18.78
N GLN B 929 7.14 -1.66 18.07
CA GLN B 929 6.81 -0.31 17.62
C GLN B 929 5.58 -0.33 16.73
N ALA B 930 5.53 -1.29 15.80
CA ALA B 930 4.42 -1.35 14.87
C ALA B 930 3.12 -1.62 15.61
N LEU B 931 3.17 -2.53 16.58
CA LEU B 931 1.94 -2.87 17.30
C LEU B 931 1.46 -1.70 18.12
N ASN B 932 2.40 -0.92 18.68
CA ASN B 932 2.01 0.24 19.47
C ASN B 932 1.24 1.23 18.60
N THR B 933 1.70 1.42 17.35
CA THR B 933 1.02 2.35 16.46
C THR B 933 -0.40 1.87 16.19
N LEU B 934 -0.56 0.56 15.98
CA LEU B 934 -1.88 0.02 15.68
C LEU B 934 -2.82 0.16 16.86
N VAL B 935 -2.29 0.25 18.08
CA VAL B 935 -3.17 0.48 19.22
C VAL B 935 -3.58 1.94 19.29
N LYS B 936 -2.61 2.84 19.06
CA LYS B 936 -2.86 4.26 19.29
C LYS B 936 -3.84 4.84 18.29
N GLN B 937 -3.90 4.27 17.08
CA GLN B 937 -4.87 4.70 16.08
C GLN B 937 -6.31 4.39 16.47
N LEU B 938 -6.53 3.61 17.52
CA LEU B 938 -7.89 3.43 18.03
C LEU B 938 -8.37 4.62 18.84
N SER B 939 -7.50 5.58 19.15
CA SER B 939 -7.87 6.76 19.92
C SER B 939 -8.22 7.95 19.04
N SER B 940 -8.04 7.86 17.73
CA SER B 940 -8.38 8.92 16.81
C SER B 940 -9.85 8.82 16.41
N ASN B 941 -10.45 9.97 16.07
CA ASN B 941 -11.86 9.97 15.70
C ASN B 941 -12.09 10.16 14.20
N PHE B 942 -11.06 10.54 13.44
CA PHE B 942 -11.11 10.60 11.97
C PHE B 942 -12.20 11.54 11.47
N GLY B 943 -12.48 12.60 12.22
CA GLY B 943 -13.51 13.55 11.87
C GLY B 943 -14.84 13.33 12.55
N ALA B 944 -15.05 12.19 13.20
CA ALA B 944 -16.29 11.92 13.91
C ALA B 944 -16.31 12.68 15.24
N ILE B 945 -17.41 12.55 15.97
CA ILE B 945 -17.54 13.29 17.23
C ILE B 945 -16.76 12.64 18.37
N SER B 946 -16.44 11.35 18.25
CA SER B 946 -15.77 10.64 19.32
C SER B 946 -15.08 9.41 18.73
N SER B 947 -14.17 8.84 19.51
CA SER B 947 -13.44 7.65 19.08
C SER B 947 -13.99 6.37 19.70
N VAL B 948 -15.01 6.46 20.55
CA VAL B 948 -15.64 5.30 21.15
C VAL B 948 -17.02 5.10 20.50
N LEU B 949 -17.26 3.87 20.04
CA LEU B 949 -18.50 3.55 19.35
C LEU B 949 -19.70 3.55 20.27
N ASN B 950 -19.50 3.21 21.55
CA ASN B 950 -20.61 3.10 22.48
C ASN B 950 -21.26 4.47 22.74
N ASP B 951 -20.44 5.51 22.87
CA ASP B 951 -20.98 6.86 23.06
C ASP B 951 -21.79 7.32 21.85
N ILE B 952 -21.27 7.08 20.64
CA ILE B 952 -21.96 7.46 19.42
C ILE B 952 -23.28 6.71 19.29
N LEU B 953 -23.27 5.42 19.63
CA LEU B 953 -24.49 4.63 19.53
C LEU B 953 -25.47 4.92 20.66
N SER B 954 -25.00 5.48 21.77
CA SER B 954 -25.86 5.71 22.91
C SER B 954 -26.39 7.13 23.03
N ARG B 955 -25.80 8.10 22.34
CA ARG B 955 -26.30 9.48 22.44
C ARG B 955 -26.80 10.02 21.11
N LEU B 956 -26.84 9.21 20.06
CA LEU B 956 -27.29 9.68 18.76
C LEU B 956 -28.30 8.71 18.18
N CYS B 957 -29.14 9.23 17.28
CA CYS B 957 -30.11 8.42 16.58
C CYS B 957 -29.46 7.81 15.32
N LYS B 958 -30.16 6.83 14.73
CA LYS B 958 -29.48 5.79 13.95
C LYS B 958 -28.84 6.31 12.67
N VAL B 959 -29.44 7.30 12.01
CA VAL B 959 -28.91 7.76 10.72
C VAL B 959 -27.60 8.53 10.91
N GLU B 960 -27.61 9.51 11.81
CA GLU B 960 -26.40 10.27 12.08
C GLU B 960 -25.34 9.39 12.73
N ALA B 961 -25.78 8.43 13.56
CA ALA B 961 -24.87 7.45 14.13
C ALA B 961 -24.20 6.63 13.04
N GLU B 962 -24.94 6.26 11.99
CA GLU B 962 -24.34 5.49 10.91
C GLU B 962 -23.33 6.32 10.13
N VAL B 963 -23.58 7.62 9.99
CA VAL B 963 -22.61 8.51 9.35
C VAL B 963 -21.30 8.55 10.15
N GLN B 964 -21.41 8.73 11.47
CA GLN B 964 -20.21 8.80 12.30
C GLN B 964 -19.47 7.46 12.35
N ILE B 965 -20.21 6.35 12.36
CA ILE B 965 -19.60 5.04 12.35
C ILE B 965 -18.87 4.79 11.04
N ASP B 966 -19.41 5.29 9.92
CA ASP B 966 -18.69 5.19 8.65
C ASP B 966 -17.37 5.96 8.68
N ARG B 967 -17.38 7.15 9.30
CA ARG B 967 -16.13 7.90 9.44
C ARG B 967 -15.09 7.14 10.26
N LEU B 968 -15.53 6.46 11.33
CA LEU B 968 -14.59 5.67 12.13
C LEU B 968 -14.08 4.45 11.38
N ILE B 969 -14.98 3.79 10.63
CA ILE B 969 -14.66 2.54 9.93
C ILE B 969 -13.60 2.78 8.86
N THR B 970 -13.73 3.88 8.11
CA THR B 970 -12.76 4.15 7.04
C THR B 970 -11.34 4.29 7.59
N GLY B 971 -11.17 5.04 8.67
CA GLY B 971 -9.86 5.21 9.27
C GLY B 971 -9.30 3.93 9.86
N ARG B 972 -10.14 3.12 10.47
CA ARG B 972 -9.62 1.88 11.06
C ARG B 972 -9.20 0.87 9.99
N LEU B 973 -9.93 0.80 8.87
CA LEU B 973 -9.44 -0.01 7.74
C LEU B 973 -8.13 0.51 7.18
N GLN B 974 -7.96 1.84 7.08
CA GLN B 974 -6.68 2.37 6.61
C GLN B 974 -5.52 1.96 7.51
N SER B 975 -5.74 2.03 8.83
CA SER B 975 -4.71 1.64 9.79
C SER B 975 -4.34 0.17 9.65
N LEU B 976 -5.34 -0.71 9.57
CA LEU B 976 -5.07 -2.14 9.49
C LEU B 976 -4.37 -2.52 8.18
N GLN B 977 -4.78 -1.88 7.07
CA GLN B 977 -4.15 -2.13 5.78
C GLN B 977 -2.68 -1.71 5.79
N THR B 978 -2.39 -0.54 6.38
CA THR B 978 -1.01 -0.07 6.48
C THR B 978 -0.16 -1.04 7.30
N TYR B 979 -0.69 -1.52 8.42
CA TYR B 979 0.06 -2.46 9.26
C TYR B 979 0.39 -3.76 8.51
N VAL B 980 -0.58 -4.29 7.76
CA VAL B 980 -0.36 -5.55 7.07
C VAL B 980 0.67 -5.39 5.94
N THR B 981 0.62 -4.26 5.22
CA THR B 981 1.62 -4.01 4.17
C THR B 981 3.03 -3.93 4.73
N GLN B 982 3.21 -3.20 5.84
CA GLN B 982 4.53 -3.12 6.45
C GLN B 982 5.02 -4.48 6.94
N GLN B 983 4.12 -5.30 7.49
CA GLN B 983 4.52 -6.63 7.96
C GLN B 983 4.95 -7.54 6.81
N LEU B 984 4.28 -7.47 5.66
CA LEU B 984 4.70 -8.28 4.52
C LEU B 984 6.09 -7.87 4.02
N ILE B 985 6.32 -6.56 3.94
CA ILE B 985 7.61 -6.06 3.49
C ILE B 985 8.73 -6.47 4.46
N ARG B 986 8.45 -6.49 5.75
CA ARG B 986 9.46 -6.92 6.72
C ARG B 986 9.68 -8.43 6.72
N ALA B 987 8.62 -9.19 6.43
CA ALA B 987 8.74 -10.64 6.36
C ALA B 987 9.63 -11.08 5.21
N ALA B 988 9.60 -10.33 4.10
CA ALA B 988 10.52 -10.63 2.98
C ALA B 988 11.99 -10.53 3.40
N GLU B 989 12.32 -9.51 4.19
CA GLU B 989 13.70 -9.32 4.65
C GLU B 989 14.13 -10.39 5.64
N ILE B 990 13.22 -10.79 6.53
CA ILE B 990 13.53 -11.88 7.46
C ILE B 990 13.75 -13.20 6.70
N ARG B 991 12.96 -13.43 5.64
CA ARG B 991 13.13 -14.65 4.84
C ARG B 991 14.48 -14.67 4.13
N ALA B 992 14.92 -13.54 3.59
CA ALA B 992 16.25 -13.49 2.97
C ALA B 992 17.36 -13.77 3.98
N SER B 993 17.23 -13.21 5.19
CA SER B 993 18.22 -13.47 6.23
C SER B 993 18.24 -14.95 6.63
N ALA B 994 17.08 -15.59 6.70
CA ALA B 994 17.02 -17.01 7.04
C ALA B 994 17.63 -17.88 5.94
N ASN B 995 17.46 -17.49 4.68
CA ASN B 995 18.12 -18.22 3.59
C ASN B 995 19.63 -18.14 3.69
N LEU B 996 20.16 -16.95 4.01
CA LEU B 996 21.60 -16.80 4.19
C LEU B 996 22.10 -17.61 5.40
N ALA B 997 21.31 -17.68 6.47
CA ALA B 997 21.71 -18.47 7.63
C ALA B 997 21.73 -19.96 7.30
N ALA B 998 20.79 -20.43 6.47
CA ALA B 998 20.79 -21.84 6.10
C ALA B 998 21.96 -22.20 5.21
N THR B 999 22.34 -21.32 4.28
CA THR B 999 23.51 -21.65 3.46
C THR B 999 24.81 -21.55 4.27
N LYS B 1000 24.87 -20.67 5.28
CA LYS B 1000 26.03 -20.68 6.17
C LYS B 1000 26.10 -21.96 6.99
N MET B 1001 24.96 -22.45 7.49
CA MET B 1001 24.94 -23.70 8.24
C MET B 1001 25.33 -24.88 7.36
N SER B 1002 24.95 -24.83 6.09
CA SER B 1002 25.26 -25.93 5.19
C SER B 1002 26.73 -25.94 4.81
N GLU B 1003 27.32 -24.78 4.55
CA GLU B 1003 28.66 -24.72 3.98
C GLU B 1003 29.77 -24.43 4.99
N CYS B 1004 29.44 -24.11 6.23
CA CYS B 1004 30.47 -23.80 7.21
C CYS B 1004 30.47 -24.70 8.44
N VAL B 1005 29.33 -25.28 8.79
CA VAL B 1005 29.27 -26.22 9.90
C VAL B 1005 29.45 -27.65 9.41
N LEU B 1006 28.85 -27.99 8.27
CA LEU B 1006 28.94 -29.33 7.71
C LEU B 1006 30.06 -29.48 6.71
N GLY B 1007 30.89 -28.46 6.52
CA GLY B 1007 32.02 -28.57 5.61
C GLY B 1007 33.01 -27.45 5.88
N GLN B 1008 34.05 -27.43 5.07
CA GLN B 1008 35.06 -26.37 5.09
C GLN B 1008 35.02 -25.62 3.78
N SER B 1009 34.94 -24.29 3.84
CA SER B 1009 34.68 -23.48 2.67
C SER B 1009 35.92 -22.74 2.21
N LYS B 1010 36.00 -22.50 0.90
CA LYS B 1010 37.08 -21.75 0.29
C LYS B 1010 36.69 -20.34 -0.10
N ARG B 1011 35.43 -19.97 0.10
CA ARG B 1011 34.96 -18.64 -0.27
C ARG B 1011 35.48 -17.60 0.72
N VAL B 1012 36.07 -16.53 0.19
CA VAL B 1012 36.75 -15.55 1.04
C VAL B 1012 35.73 -14.75 1.83
N ASP B 1013 35.92 -14.72 3.16
CA ASP B 1013 35.12 -13.96 4.13
C ASP B 1013 33.67 -14.42 4.21
N PHE B 1014 33.35 -15.61 3.71
CA PHE B 1014 32.01 -16.14 3.91
C PHE B 1014 31.78 -16.55 5.34
N CYS B 1015 32.82 -17.03 6.02
CA CYS B 1015 32.70 -17.46 7.41
C CYS B 1015 33.94 -16.99 8.18
N GLY B 1016 33.87 -15.78 8.73
CA GLY B 1016 34.95 -15.24 9.52
C GLY B 1016 36.00 -14.54 8.69
N LYS B 1017 37.00 -14.02 9.37
CA LYS B 1017 38.14 -13.35 8.75
C LYS B 1017 39.38 -14.21 8.97
N GLY B 1018 40.01 -14.62 7.88
CA GLY B 1018 41.11 -15.55 7.91
C GLY B 1018 40.77 -16.81 7.14
N TYR B 1019 41.62 -17.81 7.29
CA TYR B 1019 41.41 -19.10 6.65
C TYR B 1019 40.51 -19.95 7.52
N HIS B 1020 39.35 -20.32 6.99
CA HIS B 1020 38.34 -21.03 7.76
C HIS B 1020 38.78 -22.46 8.05
N LEU B 1021 38.66 -22.88 9.30
CA LEU B 1021 38.91 -24.26 9.69
C LEU B 1021 37.62 -24.99 10.01
N MET B 1022 36.80 -24.45 10.91
CA MET B 1022 35.60 -25.13 11.38
C MET B 1022 34.69 -24.10 12.03
N SER B 1023 33.44 -24.50 12.31
CA SER B 1023 32.44 -23.56 12.79
C SER B 1023 31.40 -24.30 13.61
N PHE B 1024 30.93 -23.64 14.68
CA PHE B 1024 29.95 -24.21 15.60
C PHE B 1024 28.71 -23.33 15.69
N PRO B 1025 27.51 -23.90 15.65
CA PRO B 1025 26.28 -23.11 15.84
C PRO B 1025 25.77 -23.12 17.28
N GLN B 1026 25.19 -21.98 17.67
CA GLN B 1026 24.51 -21.83 18.94
C GLN B 1026 23.18 -21.16 18.69
N ALA B 1027 22.17 -21.51 19.49
CA ALA B 1027 20.84 -20.96 19.32
C ALA B 1027 20.69 -19.66 20.11
N ALA B 1028 19.94 -18.73 19.55
CA ALA B 1028 19.67 -17.45 20.19
C ALA B 1028 18.19 -17.15 19.99
N PRO B 1029 17.60 -16.25 20.83
CA PRO B 1029 16.18 -15.90 20.64
C PRO B 1029 15.87 -15.33 19.26
N HIS B 1030 15.08 -16.09 18.49
CA HIS B 1030 14.74 -15.81 17.10
C HIS B 1030 15.98 -15.74 16.19
N GLY B 1031 17.02 -16.50 16.51
CA GLY B 1031 18.19 -16.38 15.68
C GLY B 1031 19.22 -17.45 15.94
N VAL B 1032 20.34 -17.34 15.21
CA VAL B 1032 21.45 -18.27 15.33
C VAL B 1032 22.75 -17.48 15.41
N VAL B 1033 23.67 -17.95 16.25
CA VAL B 1033 25.01 -17.39 16.38
C VAL B 1033 26.00 -18.43 15.89
N PHE B 1034 26.87 -18.03 14.98
CA PHE B 1034 27.94 -18.90 14.48
C PHE B 1034 29.25 -18.48 15.14
N LEU B 1035 30.01 -19.47 15.59
CA LEU B 1035 31.38 -19.28 16.07
C LEU B 1035 32.32 -19.88 15.04
N HIS B 1036 33.04 -19.03 14.31
CA HIS B 1036 33.96 -19.44 13.28
C HIS B 1036 35.36 -19.50 13.84
N VAL B 1037 36.08 -20.59 13.57
CA VAL B 1037 37.46 -20.77 13.99
C VAL B 1037 38.35 -20.58 12.76
N THR B 1038 39.29 -19.64 12.84
CA THR B 1038 40.10 -19.28 11.69
C THR B 1038 41.58 -19.30 12.05
N TYR B 1039 42.39 -19.47 11.01
CA TYR B 1039 43.84 -19.49 11.08
C TYR B 1039 44.36 -18.15 10.56
N VAL B 1040 45.10 -17.42 11.39
CA VAL B 1040 45.62 -16.11 11.03
C VAL B 1040 47.14 -16.17 10.99
N PRO B 1041 47.78 -15.93 9.85
CA PRO B 1041 49.24 -15.88 9.82
C PRO B 1041 49.78 -14.65 10.50
N SER B 1042 51.02 -14.76 11.02
CA SER B 1042 51.61 -13.70 11.80
C SER B 1042 53.14 -13.76 11.71
N GLN B 1043 53.77 -12.63 12.05
CA GLN B 1043 55.22 -12.50 12.23
C GLN B 1043 56.00 -12.80 10.95
N GLU B 1044 55.76 -11.99 9.93
CA GLU B 1044 56.35 -12.20 8.63
C GLU B 1044 57.81 -11.79 8.59
N ARG B 1045 58.56 -12.35 7.64
CA ARG B 1045 59.96 -12.07 7.40
C ARG B 1045 60.19 -11.73 5.92
N ASN B 1046 61.30 -11.02 5.67
CA ASN B 1046 61.74 -10.66 4.33
C ASN B 1046 62.67 -11.74 3.80
N PHE B 1047 62.49 -12.11 2.54
CA PHE B 1047 63.42 -13.00 1.86
C PHE B 1047 63.65 -12.49 0.44
N THR B 1048 64.80 -12.86 -0.11
CA THR B 1048 65.09 -12.66 -1.52
C THR B 1048 64.60 -13.88 -2.28
N THR B 1049 63.95 -13.65 -3.41
CA THR B 1049 63.26 -14.72 -4.10
C THR B 1049 63.60 -14.70 -5.59
N ALA B 1050 63.42 -15.85 -6.23
CA ALA B 1050 63.69 -16.04 -7.65
C ALA B 1050 62.55 -16.84 -8.27
N PRO B 1051 62.30 -16.66 -9.58
CA PRO B 1051 61.27 -17.49 -10.22
C PRO B 1051 61.73 -18.91 -10.51
N ALA B 1052 62.99 -19.08 -10.89
CA ALA B 1052 63.51 -20.39 -11.26
C ALA B 1052 65.02 -20.38 -11.02
N ILE B 1053 65.60 -21.58 -10.96
CA ILE B 1053 67.04 -21.75 -10.86
C ILE B 1053 67.53 -22.55 -12.05
N CYS B 1054 68.84 -22.46 -12.30
CA CYS B 1054 69.46 -23.03 -13.49
C CYS B 1054 70.62 -23.93 -13.05
N HIS B 1055 70.41 -25.25 -13.12
CA HIS B 1055 71.46 -26.16 -12.66
C HIS B 1055 72.50 -26.41 -13.75
N GLU B 1056 72.12 -27.07 -14.84
CA GLU B 1056 73.03 -27.30 -15.97
C GLU B 1056 72.26 -27.06 -17.26
N GLY B 1057 72.17 -25.80 -17.67
CA GLY B 1057 71.47 -25.43 -18.89
C GLY B 1057 69.99 -25.75 -18.93
N LYS B 1058 69.38 -26.06 -17.79
CA LYS B 1058 67.96 -26.37 -17.71
C LYS B 1058 67.33 -25.56 -16.60
N ALA B 1059 66.06 -25.20 -16.79
CA ALA B 1059 65.34 -24.40 -15.81
C ALA B 1059 64.56 -25.30 -14.87
N TYR B 1060 64.55 -24.93 -13.59
CA TYR B 1060 63.91 -25.70 -12.54
C TYR B 1060 62.87 -24.83 -11.84
N PHE B 1061 61.64 -25.33 -11.76
CA PHE B 1061 60.53 -24.61 -11.17
C PHE B 1061 60.00 -25.38 -9.97
N PRO B 1062 59.58 -24.70 -8.91
CA PRO B 1062 59.06 -25.41 -7.73
C PRO B 1062 57.71 -26.05 -8.00
N ARG B 1063 57.46 -27.16 -7.31
CA ARG B 1063 56.16 -27.80 -7.37
C ARG B 1063 55.16 -27.10 -6.44
N GLU B 1064 55.57 -26.90 -5.19
CA GLU B 1064 54.68 -26.34 -4.17
C GLU B 1064 55.50 -25.41 -3.28
N GLY B 1065 55.42 -24.11 -3.55
CA GLY B 1065 56.08 -23.13 -2.73
C GLY B 1065 56.86 -22.16 -3.58
N VAL B 1066 57.77 -21.44 -2.92
CA VAL B 1066 58.64 -20.46 -3.56
C VAL B 1066 60.07 -20.71 -3.12
N PHE B 1067 61.01 -20.24 -3.95
CA PHE B 1067 62.44 -20.26 -3.63
C PHE B 1067 62.79 -19.05 -2.78
N VAL B 1068 63.48 -19.28 -1.66
CA VAL B 1068 63.88 -18.21 -0.76
C VAL B 1068 65.37 -18.32 -0.46
N PHE B 1069 65.91 -17.25 0.10
CA PHE B 1069 67.34 -17.11 0.39
C PHE B 1069 67.50 -16.51 1.78
N ASN B 1070 68.07 -17.27 2.72
CA ASN B 1070 68.31 -16.70 4.04
C ASN B 1070 69.34 -15.59 4.02
N GLY B 1071 70.61 -15.96 3.97
CA GLY B 1071 71.69 -15.11 3.54
C GLY B 1071 72.80 -15.95 2.96
N THR B 1072 72.62 -17.27 3.00
CA THR B 1072 73.69 -18.21 2.68
C THR B 1072 73.28 -19.23 1.63
N SER B 1073 72.06 -19.71 1.69
CA SER B 1073 71.63 -20.81 0.83
C SER B 1073 70.21 -20.58 0.34
N TRP B 1074 69.89 -21.24 -0.76
CA TRP B 1074 68.56 -21.21 -1.34
C TRP B 1074 67.75 -22.41 -0.90
N PHE B 1075 66.53 -22.16 -0.43
CA PHE B 1075 65.62 -23.19 0.05
C PHE B 1075 64.30 -23.04 -0.70
N ILE B 1076 63.37 -23.92 -0.39
CA ILE B 1076 62.02 -23.86 -0.95
C ILE B 1076 61.03 -23.97 0.22
N THR B 1077 60.01 -23.11 0.22
CA THR B 1077 59.04 -23.08 1.31
C THR B 1077 57.62 -23.10 0.75
N GLN B 1078 56.68 -23.39 1.64
CA GLN B 1078 55.27 -23.14 1.40
C GLN B 1078 54.95 -21.69 1.75
N ARG B 1079 53.88 -21.18 1.13
CA ARG B 1079 53.63 -19.74 1.16
C ARG B 1079 53.11 -19.26 2.51
N ASN B 1080 52.37 -20.08 3.23
CA ASN B 1080 51.66 -19.61 4.42
C ASN B 1080 52.38 -19.91 5.72
N PHE B 1081 53.49 -20.63 5.71
CA PHE B 1081 54.24 -20.93 6.91
C PHE B 1081 55.68 -21.19 6.50
N PHE B 1082 56.62 -20.63 7.25
CA PHE B 1082 58.03 -20.71 6.90
C PHE B 1082 58.61 -22.01 7.42
N SER B 1083 59.02 -22.88 6.50
CA SER B 1083 59.68 -24.13 6.85
C SER B 1083 60.59 -24.51 5.68
N PRO B 1084 61.88 -24.16 5.76
CA PRO B 1084 62.75 -24.33 4.61
C PRO B 1084 63.17 -25.78 4.39
N GLN B 1085 63.21 -26.19 3.13
CA GLN B 1085 63.60 -27.52 2.72
C GLN B 1085 64.74 -27.45 1.73
N ILE B 1086 65.45 -28.57 1.56
CA ILE B 1086 66.52 -28.65 0.58
C ILE B 1086 65.92 -28.80 -0.81
N ILE B 1087 66.46 -28.07 -1.78
CA ILE B 1087 65.97 -28.14 -3.16
C ILE B 1087 66.50 -29.43 -3.78
N THR B 1088 65.61 -30.39 -4.01
CA THR B 1088 65.95 -31.66 -4.62
C THR B 1088 65.18 -31.81 -5.94
N THR B 1089 65.28 -33.00 -6.52
CA THR B 1089 64.53 -33.31 -7.74
C THR B 1089 63.09 -33.71 -7.41
N ASP B 1090 62.83 -34.09 -6.16
CA ASP B 1090 61.50 -34.53 -5.76
C ASP B 1090 60.50 -33.37 -5.75
N ASN B 1091 60.92 -32.20 -5.25
CA ASN B 1091 60.02 -31.06 -5.08
C ASN B 1091 60.21 -30.00 -6.17
N THR B 1092 60.64 -30.41 -7.36
CA THR B 1092 60.99 -29.47 -8.42
C THR B 1092 60.74 -30.16 -9.75
N PHE B 1093 60.42 -29.40 -10.80
CA PHE B 1093 60.29 -29.98 -12.13
C PHE B 1093 61.05 -29.13 -13.16
N VAL B 1094 61.35 -29.75 -14.30
CA VAL B 1094 62.25 -29.21 -15.30
C VAL B 1094 61.46 -28.78 -16.52
N SER B 1095 61.81 -27.62 -17.09
CA SER B 1095 61.12 -27.13 -18.29
C SER B 1095 62.02 -26.14 -19.02
N GLY B 1096 62.54 -26.56 -20.17
CA GLY B 1096 63.22 -25.63 -21.07
C GLY B 1096 64.66 -25.34 -20.68
N ASN B 1097 65.19 -24.29 -21.30
CA ASN B 1097 66.56 -23.84 -21.10
C ASN B 1097 66.59 -22.58 -20.25
N CYS B 1098 67.80 -22.13 -19.94
CA CYS B 1098 68.01 -20.96 -19.08
C CYS B 1098 68.17 -19.69 -19.92
N ASP B 1099 67.24 -19.49 -20.85
CA ASP B 1099 67.36 -18.38 -21.79
C ASP B 1099 66.13 -17.50 -21.91
N VAL B 1100 64.96 -17.95 -21.48
CA VAL B 1100 63.72 -17.21 -21.70
C VAL B 1100 63.11 -16.67 -20.42
N VAL B 1101 63.40 -17.25 -19.25
CA VAL B 1101 62.86 -16.76 -17.99
C VAL B 1101 63.61 -15.51 -17.57
N ILE B 1102 62.86 -14.51 -17.10
CA ILE B 1102 63.42 -13.24 -16.64
C ILE B 1102 63.65 -13.35 -15.14
N GLY B 1103 64.91 -13.40 -14.73
CA GLY B 1103 65.29 -13.47 -13.34
C GLY B 1103 65.79 -14.80 -12.84
N ILE B 1104 66.19 -15.71 -13.73
CA ILE B 1104 66.67 -17.03 -13.30
C ILE B 1104 68.07 -16.90 -12.71
N ILE B 1105 68.35 -17.74 -11.71
CA ILE B 1105 69.63 -17.70 -11.00
C ILE B 1105 70.35 -19.03 -11.16
N ASN B 1106 71.57 -19.10 -10.61
CA ASN B 1106 72.40 -20.29 -10.68
C ASN B 1106 72.47 -20.93 -9.29
N ASN B 1107 72.08 -22.18 -9.20
CA ASN B 1107 72.17 -22.93 -7.95
C ASN B 1107 72.14 -24.41 -8.28
N THR B 1108 72.55 -25.22 -7.29
CA THR B 1108 72.62 -26.67 -7.48
C THR B 1108 71.33 -27.33 -7.04
N VAL B 1109 71.07 -28.50 -7.61
CA VAL B 1109 69.92 -29.33 -7.26
C VAL B 1109 70.44 -30.67 -6.78
N TYR B 1110 70.20 -30.98 -5.51
CA TYR B 1110 70.67 -32.22 -4.93
C TYR B 1110 69.86 -33.40 -5.47
N ASP B 1111 70.55 -34.50 -5.76
CA ASP B 1111 69.94 -35.72 -6.23
C ASP B 1111 70.27 -36.86 -5.28
N PRO B 1112 69.28 -37.67 -4.89
CA PRO B 1112 69.55 -38.79 -3.97
C PRO B 1112 70.23 -39.98 -4.63
N LEU B 1113 70.72 -39.85 -5.86
CA LEU B 1113 71.45 -40.88 -6.60
C LEU B 1113 70.65 -42.17 -6.77
N THR C 21 -45.61 -38.65 16.55
CA THR C 21 -44.30 -39.20 16.23
C THR C 21 -43.35 -38.10 15.75
N GLN C 22 -42.09 -38.46 15.53
CA GLN C 22 -41.06 -37.51 15.10
C GLN C 22 -40.15 -38.18 14.10
N HIS C 23 -39.76 -37.45 13.06
CA HIS C 23 -38.88 -37.94 12.01
C HIS C 23 -37.80 -36.91 11.75
N THR C 24 -36.92 -37.20 10.79
CA THR C 24 -35.84 -36.30 10.44
C THR C 24 -35.91 -35.95 8.96
N SER C 25 -35.46 -34.73 8.63
CA SER C 25 -35.51 -34.21 7.27
C SER C 25 -34.12 -34.28 6.67
N SER C 26 -33.81 -35.41 6.02
CA SER C 26 -32.50 -35.64 5.44
C SER C 26 -32.39 -34.91 4.12
N MET C 27 -31.84 -33.69 4.17
CA MET C 27 -31.54 -32.85 3.00
C MET C 27 -32.79 -32.57 2.16
N ARG C 28 -33.85 -32.15 2.84
CA ARG C 28 -35.12 -31.87 2.18
C ARG C 28 -35.45 -30.39 2.33
N GLY C 29 -36.15 -29.84 1.34
CA GLY C 29 -36.68 -28.49 1.42
C GLY C 29 -35.79 -27.40 0.87
N VAL C 30 -35.20 -27.64 -0.30
CA VAL C 30 -34.36 -26.66 -0.98
C VAL C 30 -35.17 -26.06 -2.12
N TYR C 31 -35.13 -24.73 -2.25
CA TYR C 31 -35.87 -24.04 -3.29
C TYR C 31 -34.97 -23.04 -3.99
N TYR C 32 -35.41 -22.60 -5.17
CA TYR C 32 -34.65 -21.62 -5.93
C TYR C 32 -34.77 -20.25 -5.27
N PRO C 33 -33.65 -19.59 -4.96
CA PRO C 33 -33.74 -18.33 -4.21
C PRO C 33 -34.29 -17.17 -5.02
N ASP C 34 -34.03 -17.11 -6.32
CA ASP C 34 -34.50 -16.00 -7.14
C ASP C 34 -34.68 -16.46 -8.56
N GLU C 35 -35.17 -15.54 -9.40
CA GLU C 35 -35.47 -15.82 -10.80
C GLU C 35 -34.31 -15.40 -11.70
N ILE C 36 -33.14 -15.97 -11.44
CA ILE C 36 -31.93 -15.65 -12.17
C ILE C 36 -31.24 -16.94 -12.57
N PHE C 37 -30.98 -17.09 -13.87
CA PHE C 37 -30.27 -18.26 -14.37
C PHE C 37 -28.81 -18.24 -13.93
N ARG C 38 -28.34 -19.36 -13.39
CA ARG C 38 -26.93 -19.56 -13.09
C ARG C 38 -26.58 -20.99 -13.49
N SER C 39 -25.33 -21.21 -13.86
CA SER C 39 -24.93 -22.52 -14.34
C SER C 39 -23.47 -22.79 -14.04
N ASP C 40 -23.20 -23.99 -13.53
CA ASP C 40 -21.86 -24.51 -13.25
C ASP C 40 -21.06 -23.57 -12.35
N THR C 41 -21.57 -23.38 -11.14
CA THR C 41 -20.96 -22.50 -10.15
C THR C 41 -21.46 -22.89 -8.76
N LEU C 42 -20.87 -22.27 -7.76
CA LEU C 42 -21.30 -22.42 -6.37
C LEU C 42 -21.77 -21.06 -5.86
N TYR C 43 -22.94 -21.04 -5.23
CA TYR C 43 -23.56 -19.79 -4.81
C TYR C 43 -23.85 -19.84 -3.32
N LEU C 44 -23.39 -18.83 -2.59
CA LEU C 44 -23.69 -18.69 -1.17
C LEU C 44 -24.85 -17.72 -1.00
N THR C 45 -25.88 -18.16 -0.28
CA THR C 45 -27.04 -17.32 -0.04
C THR C 45 -27.45 -17.44 1.40
N GLN C 46 -28.13 -16.40 1.89
CA GLN C 46 -28.67 -16.40 3.25
C GLN C 46 -30.17 -16.14 3.17
N ASP C 47 -30.96 -17.09 3.66
CA ASP C 47 -32.40 -17.01 3.54
C ASP C 47 -33.01 -17.95 4.56
N LEU C 48 -34.33 -18.04 4.59
CA LEU C 48 -35.02 -18.92 5.53
C LEU C 48 -35.14 -20.31 4.91
N PHE C 49 -34.27 -21.21 5.33
CA PHE C 49 -34.20 -22.56 4.80
C PHE C 49 -34.59 -23.56 5.88
N LEU C 50 -34.89 -24.77 5.46
CA LEU C 50 -35.09 -25.86 6.41
C LEU C 50 -33.74 -26.54 6.68
N PRO C 51 -33.22 -26.48 7.91
CA PRO C 51 -31.89 -27.02 8.18
C PRO C 51 -31.81 -28.53 8.01
N PHE C 52 -30.63 -29.00 7.64
CA PHE C 52 -30.43 -30.42 7.37
C PHE C 52 -30.52 -31.23 8.65
N TYR C 53 -31.15 -32.40 8.55
CA TYR C 53 -31.28 -33.38 9.64
C TYR C 53 -31.97 -32.78 10.87
N SER C 54 -32.98 -31.95 10.63
CA SER C 54 -33.79 -31.42 11.71
C SER C 54 -35.03 -32.27 11.89
N ASN C 55 -35.66 -32.14 13.05
CA ASN C 55 -36.81 -32.97 13.40
C ASN C 55 -38.10 -32.37 12.86
N VAL C 56 -38.87 -33.21 12.18
CA VAL C 56 -40.17 -32.84 11.64
C VAL C 56 -41.24 -33.67 12.33
N THR C 57 -42.41 -33.08 12.48
CA THR C 57 -43.52 -33.75 13.15
C THR C 57 -44.38 -34.45 12.11
N GLY C 58 -44.68 -35.73 12.36
CA GLY C 58 -45.52 -36.52 11.46
C GLY C 58 -46.92 -36.65 12.04
N PHE C 59 -47.92 -36.55 11.16
CA PHE C 59 -49.31 -36.68 11.53
C PHE C 59 -49.90 -37.82 10.72
N HIS C 60 -50.33 -38.87 11.42
CA HIS C 60 -50.88 -40.06 10.78
C HIS C 60 -52.37 -40.20 11.06
N ASN C 68 -56.76 -33.14 13.12
CA ASN C 68 -56.35 -31.84 12.60
C ASN C 68 -56.18 -30.81 13.71
N PRO C 69 -54.99 -30.77 14.32
CA PRO C 69 -54.71 -29.73 15.30
C PRO C 69 -54.48 -28.38 14.62
N VAL C 70 -54.54 -27.33 15.41
CA VAL C 70 -54.21 -25.98 14.94
C VAL C 70 -52.69 -25.87 15.02
N ILE C 71 -52.02 -26.19 13.93
CA ILE C 71 -50.55 -26.21 13.90
C ILE C 71 -50.05 -24.76 13.79
N PRO C 72 -49.03 -24.37 14.54
CA PRO C 72 -48.53 -22.99 14.44
C PRO C 72 -47.79 -22.74 13.14
N PHE C 73 -47.33 -21.50 13.00
CA PHE C 73 -46.67 -21.00 11.80
C PHE C 73 -45.73 -19.89 12.29
N LYS C 74 -44.45 -20.21 12.48
CA LYS C 74 -43.56 -19.27 13.14
C LYS C 74 -42.90 -18.30 12.17
N ASP C 75 -42.11 -18.82 11.24
CA ASP C 75 -41.43 -17.99 10.24
C ASP C 75 -41.53 -18.61 8.86
N GLY C 76 -42.49 -19.49 8.66
CA GLY C 76 -42.58 -20.27 7.45
C GLY C 76 -42.51 -21.75 7.75
N ILE C 77 -43.12 -22.55 6.89
CA ILE C 77 -43.19 -23.98 7.13
C ILE C 77 -42.80 -24.73 5.88
N TYR C 78 -42.35 -25.97 6.09
CA TYR C 78 -42.21 -26.98 5.05
C TYR C 78 -43.27 -28.02 5.31
N PHE C 79 -44.08 -28.32 4.29
CA PHE C 79 -45.23 -29.20 4.42
C PHE C 79 -45.09 -30.30 3.37
N ALA C 80 -44.99 -31.54 3.81
CA ALA C 80 -44.95 -32.66 2.89
C ALA C 80 -46.17 -33.54 3.11
N ALA C 81 -46.68 -34.14 2.03
CA ALA C 81 -47.87 -34.96 2.18
C ALA C 81 -47.85 -36.14 1.23
N THR C 82 -47.40 -37.30 1.70
CA THR C 82 -47.47 -38.51 0.88
C THR C 82 -48.80 -39.20 1.09
N GLU C 83 -49.34 -39.77 0.01
CA GLU C 83 -50.71 -40.27 -0.01
C GLU C 83 -50.93 -41.09 -1.28
N LYS C 84 -51.77 -42.11 -1.16
CA LYS C 84 -52.12 -42.96 -2.29
C LYS C 84 -53.02 -42.26 -3.30
N SER C 85 -54.04 -41.55 -2.82
CA SER C 85 -54.89 -40.74 -3.67
C SER C 85 -54.92 -39.35 -3.07
N ASN C 86 -55.37 -38.36 -3.85
CA ASN C 86 -55.36 -36.98 -3.41
C ASN C 86 -56.33 -36.79 -2.24
N VAL C 87 -55.78 -36.66 -1.03
CA VAL C 87 -56.58 -36.58 0.18
C VAL C 87 -56.36 -35.27 0.92
N VAL C 88 -55.12 -34.90 1.21
CA VAL C 88 -54.82 -33.62 1.84
C VAL C 88 -54.73 -32.55 0.76
N ARG C 89 -55.83 -31.85 0.53
CA ARG C 89 -55.89 -30.83 -0.51
C ARG C 89 -56.53 -29.57 0.06
N GLY C 90 -55.69 -28.62 0.46
CA GLY C 90 -56.18 -27.36 0.97
C GLY C 90 -55.52 -26.91 2.25
N TRP C 91 -55.63 -25.63 2.56
CA TRP C 91 -55.04 -25.05 3.76
C TRP C 91 -55.90 -23.90 4.24
N VAL C 92 -55.53 -23.35 5.39
CA VAL C 92 -56.08 -22.12 5.93
C VAL C 92 -54.98 -21.45 6.75
N PHE C 93 -54.85 -20.13 6.61
CA PHE C 93 -53.71 -19.42 7.16
C PHE C 93 -54.15 -18.23 7.99
N GLY C 94 -55.10 -18.44 8.89
CA GLY C 94 -55.58 -17.36 9.71
C GLY C 94 -54.64 -17.02 10.85
N SER C 95 -55.18 -16.25 11.80
CA SER C 95 -54.43 -15.84 12.99
C SER C 95 -55.07 -16.38 14.26
N THR C 96 -56.37 -16.16 14.43
CA THR C 96 -57.09 -16.59 15.64
C THR C 96 -58.17 -17.62 15.36
N MET C 97 -58.28 -18.10 14.10
CA MET C 97 -59.26 -19.11 13.68
C MET C 97 -60.70 -18.66 13.95
N ASN C 98 -60.94 -17.35 13.90
CA ASN C 98 -62.25 -16.79 14.20
C ASN C 98 -62.67 -15.81 13.11
N ASN C 99 -63.82 -15.17 13.31
CA ASN C 99 -64.31 -14.17 12.39
C ASN C 99 -63.88 -12.76 12.76
N LYS C 100 -63.22 -12.59 13.90
CA LYS C 100 -62.81 -11.25 14.30
C LYS C 100 -61.42 -10.91 13.74
N SER C 101 -60.82 -11.82 13.00
CA SER C 101 -59.55 -11.60 12.34
C SER C 101 -59.62 -12.03 10.88
N GLN C 102 -58.79 -11.41 10.05
CA GLN C 102 -58.77 -11.74 8.63
C GLN C 102 -58.01 -13.03 8.41
N SER C 103 -58.54 -13.89 7.53
CA SER C 103 -57.97 -15.21 7.29
C SER C 103 -58.09 -15.54 5.82
N VAL C 104 -57.07 -16.23 5.31
CA VAL C 104 -57.00 -16.63 3.92
C VAL C 104 -57.02 -18.15 3.83
N ILE C 105 -57.77 -18.67 2.88
CA ILE C 105 -57.80 -20.10 2.58
C ILE C 105 -57.27 -20.30 1.17
N ILE C 106 -56.59 -21.42 0.96
CA ILE C 106 -56.01 -21.79 -0.33
C ILE C 106 -56.43 -23.24 -0.56
N ILE C 107 -57.53 -23.45 -1.26
CA ILE C 107 -58.08 -24.79 -1.41
C ILE C 107 -58.35 -25.05 -2.87
N ASN C 108 -58.07 -26.26 -3.32
CA ASN C 108 -58.48 -26.69 -4.65
C ASN C 108 -59.62 -27.70 -4.55
N ASN C 109 -60.60 -27.54 -5.42
CA ASN C 109 -61.58 -28.58 -5.68
C ASN C 109 -61.35 -29.08 -7.10
N SER C 110 -62.06 -30.15 -7.48
CA SER C 110 -61.64 -31.19 -8.43
C SER C 110 -60.81 -30.69 -9.62
N THR C 111 -61.13 -29.52 -10.15
CA THR C 111 -60.30 -28.91 -11.17
C THR C 111 -59.68 -27.58 -10.75
N ASN C 112 -60.46 -26.69 -10.14
CA ASN C 112 -60.01 -25.31 -9.95
C ASN C 112 -59.43 -25.06 -8.56
N VAL C 113 -58.46 -24.14 -8.51
CA VAL C 113 -57.78 -23.71 -7.31
C VAL C 113 -58.32 -22.34 -6.93
N VAL C 114 -58.81 -22.18 -5.70
CA VAL C 114 -59.37 -20.92 -5.24
C VAL C 114 -58.64 -20.45 -3.98
N ILE C 115 -58.28 -19.18 -3.96
CA ILE C 115 -57.66 -18.51 -2.83
C ILE C 115 -58.58 -17.38 -2.43
N ARG C 116 -58.85 -17.24 -1.14
CA ARG C 116 -59.78 -16.21 -0.69
C ARG C 116 -59.41 -15.72 0.69
N ALA C 117 -59.39 -14.40 0.87
CA ALA C 117 -59.01 -13.78 2.15
C ALA C 117 -60.17 -12.91 2.63
N CYS C 118 -60.85 -13.38 3.68
CA CYS C 118 -62.02 -12.67 4.22
C CYS C 118 -62.05 -12.85 5.74
N ASN C 119 -63.14 -12.39 6.34
CA ASN C 119 -63.46 -12.75 7.73
C ASN C 119 -64.33 -14.00 7.68
N PHE C 120 -63.79 -15.12 8.12
CA PHE C 120 -64.41 -16.42 7.95
C PHE C 120 -64.90 -16.96 9.30
N GLU C 121 -66.04 -17.63 9.27
CA GLU C 121 -66.48 -18.41 10.43
C GLU C 121 -65.86 -19.79 10.30
N LEU C 122 -64.90 -20.07 11.17
CA LEU C 122 -64.08 -21.28 11.08
C LEU C 122 -64.49 -22.26 12.17
N CYS C 123 -65.27 -23.26 11.78
CA CYS C 123 -65.65 -24.35 12.67
C CYS C 123 -65.49 -25.66 11.91
N ASP C 124 -64.83 -26.63 12.53
CA ASP C 124 -64.55 -27.90 11.87
C ASP C 124 -64.32 -29.02 12.88
N ASN C 145 -70.65 -18.38 4.86
CA ASN C 145 -70.86 -17.18 5.64
C ASN C 145 -69.54 -16.40 5.81
N ALA C 146 -69.24 -15.55 4.84
CA ALA C 146 -68.02 -14.76 4.84
C ALA C 146 -68.36 -13.29 4.60
N PHE C 147 -67.57 -12.40 5.20
CA PHE C 147 -67.77 -10.97 5.04
C PHE C 147 -66.43 -10.27 5.09
N ASN C 148 -66.44 -8.98 4.74
CA ASN C 148 -65.25 -8.12 4.71
C ASN C 148 -64.16 -8.69 3.79
N CYS C 149 -64.58 -9.21 2.64
CA CYS C 149 -63.66 -9.86 1.72
C CYS C 149 -62.77 -8.84 1.04
N THR C 150 -61.48 -9.14 0.98
CA THR C 150 -60.47 -8.21 0.46
C THR C 150 -59.68 -8.75 -0.71
N PHE C 151 -59.47 -10.06 -0.78
CA PHE C 151 -58.65 -10.66 -1.83
C PHE C 151 -59.31 -11.95 -2.30
N GLU C 152 -59.30 -12.16 -3.61
CA GLU C 152 -59.90 -13.36 -4.19
C GLU C 152 -59.13 -13.71 -5.46
N TYR C 153 -58.99 -15.02 -5.71
CA TYR C 153 -58.26 -15.50 -6.88
C TYR C 153 -58.80 -16.88 -7.22
N ILE C 154 -59.08 -17.12 -8.50
CA ILE C 154 -59.53 -18.42 -8.98
C ILE C 154 -58.71 -18.76 -10.24
N SER C 155 -58.19 -19.98 -10.30
CA SER C 155 -57.40 -20.39 -11.44
C SER C 155 -57.68 -21.84 -11.80
N ASP C 156 -57.36 -22.19 -13.05
CA ASP C 156 -57.49 -23.55 -13.53
C ASP C 156 -56.29 -24.40 -13.09
N LYS C 170 -46.03 -44.34 -4.03
CA LYS C 170 -47.08 -43.32 -3.88
C LYS C 170 -46.63 -41.98 -4.44
N HIS C 171 -47.19 -40.89 -3.91
CA HIS C 171 -47.00 -39.56 -4.47
C HIS C 171 -46.59 -38.63 -3.33
N LEU C 172 -45.39 -38.05 -3.39
CA LEU C 172 -44.96 -37.10 -2.38
C LEU C 172 -45.02 -35.68 -2.93
N ARG C 173 -45.88 -34.87 -2.33
CA ARG C 173 -46.06 -33.47 -2.71
C ARG C 173 -45.53 -32.61 -1.57
N GLU C 174 -44.58 -31.73 -1.87
CA GLU C 174 -43.94 -30.93 -0.82
C GLU C 174 -44.04 -29.45 -1.17
N PHE C 175 -44.21 -28.63 -0.14
CA PHE C 175 -44.48 -27.20 -0.29
C PHE C 175 -43.68 -26.43 0.74
N VAL C 176 -43.37 -25.19 0.41
CA VAL C 176 -42.74 -24.26 1.33
C VAL C 176 -43.59 -23.00 1.36
N PHE C 177 -44.00 -22.60 2.56
CA PHE C 177 -44.82 -21.40 2.75
C PHE C 177 -44.03 -20.38 3.55
N LYS C 178 -43.87 -19.18 3.00
CA LYS C 178 -43.08 -18.15 3.67
C LYS C 178 -43.84 -16.83 3.60
N ASN C 179 -43.72 -16.00 4.62
CA ASN C 179 -44.43 -14.73 4.71
C ASN C 179 -43.44 -13.63 5.07
N LYS C 180 -43.37 -12.58 4.25
CA LYS C 180 -42.56 -11.42 4.58
C LYS C 180 -43.03 -10.22 3.78
N ASP C 181 -42.97 -9.04 4.42
CA ASP C 181 -43.25 -7.73 3.81
C ASP C 181 -44.64 -7.66 3.17
N GLY C 182 -45.61 -8.30 3.82
CA GLY C 182 -46.96 -8.30 3.29
C GLY C 182 -47.19 -9.26 2.14
N PHE C 183 -46.22 -10.12 1.83
CA PHE C 183 -46.32 -11.06 0.72
C PHE C 183 -46.21 -12.48 1.23
N LEU C 184 -47.02 -13.36 0.66
CA LEU C 184 -47.01 -14.78 1.00
C LEU C 184 -46.49 -15.56 -0.21
N TYR C 185 -45.31 -16.17 -0.06
CA TYR C 185 -44.65 -16.92 -1.11
C TYR C 185 -44.94 -18.41 -0.94
N VAL C 186 -45.24 -19.08 -2.05
CA VAL C 186 -45.51 -20.51 -2.07
C VAL C 186 -44.54 -21.18 -3.04
N TYR C 187 -43.89 -22.26 -2.60
CA TYR C 187 -43.02 -23.07 -3.45
C TYR C 187 -43.52 -24.51 -3.42
N LYS C 188 -43.32 -25.23 -4.53
CA LYS C 188 -43.92 -26.54 -4.68
C LYS C 188 -42.98 -27.48 -5.42
N GLY C 189 -42.94 -28.73 -4.96
CA GLY C 189 -42.18 -29.77 -5.62
C GLY C 189 -42.86 -31.10 -5.48
N TYR C 190 -42.37 -32.07 -6.27
CA TYR C 190 -43.01 -33.35 -6.48
C TYR C 190 -41.97 -34.45 -6.53
N GLN C 191 -42.36 -35.64 -6.03
CA GLN C 191 -41.51 -36.83 -6.20
C GLN C 191 -42.32 -38.10 -6.12
N PRO C 192 -42.11 -39.06 -7.03
CA PRO C 192 -42.72 -40.39 -6.88
C PRO C 192 -41.93 -41.25 -5.92
N ILE C 193 -42.57 -41.65 -4.82
CA ILE C 193 -41.91 -42.44 -3.78
C ILE C 193 -42.68 -43.74 -3.56
N ASP C 194 -42.18 -44.57 -2.63
CA ASP C 194 -42.82 -45.86 -2.38
C ASP C 194 -42.92 -46.23 -0.91
N VAL C 195 -42.42 -45.41 0.02
CA VAL C 195 -42.43 -45.75 1.44
C VAL C 195 -43.83 -45.62 2.00
N VAL C 196 -44.04 -46.15 3.21
CA VAL C 196 -45.39 -46.24 3.77
C VAL C 196 -45.48 -45.56 5.15
N ARG C 197 -44.35 -45.36 5.82
CA ARG C 197 -44.41 -44.96 7.22
C ARG C 197 -43.49 -43.79 7.55
N ASP C 198 -42.52 -43.50 6.69
CA ASP C 198 -41.51 -42.51 7.00
C ASP C 198 -41.43 -41.47 5.88
N LEU C 199 -40.62 -40.44 6.12
CA LEU C 199 -40.31 -39.46 5.08
C LEU C 199 -39.02 -39.92 4.41
N PRO C 200 -39.05 -40.21 3.11
CA PRO C 200 -37.87 -40.77 2.44
C PRO C 200 -36.72 -39.78 2.38
N SER C 201 -35.50 -40.30 2.48
CA SER C 201 -34.30 -39.48 2.39
C SER C 201 -33.94 -39.23 0.93
N GLY C 202 -33.42 -38.05 0.66
CA GLY C 202 -33.02 -37.70 -0.69
C GLY C 202 -32.87 -36.21 -0.83
N PHE C 203 -32.72 -35.78 -2.09
CA PHE C 203 -32.57 -34.39 -2.44
C PHE C 203 -33.56 -34.03 -3.53
N ASN C 204 -34.28 -32.92 -3.34
CA ASN C 204 -35.26 -32.46 -4.30
C ASN C 204 -35.37 -30.94 -4.19
N THR C 205 -35.54 -30.29 -5.33
CA THR C 205 -35.51 -28.83 -5.39
C THR C 205 -36.88 -28.31 -5.80
N LEU C 206 -37.27 -27.18 -5.22
CA LEU C 206 -38.63 -26.65 -5.29
C LEU C 206 -38.65 -25.35 -6.08
N LYS C 207 -39.68 -25.16 -6.90
CA LYS C 207 -39.79 -24.02 -7.80
C LYS C 207 -40.94 -23.10 -7.38
N PRO C 208 -40.80 -21.79 -7.59
CA PRO C 208 -41.85 -20.86 -7.15
C PRO C 208 -43.12 -21.01 -7.96
N ILE C 209 -44.26 -20.78 -7.29
CA ILE C 209 -45.56 -20.86 -7.95
C ILE C 209 -46.23 -19.49 -7.92
N PHE C 210 -46.50 -18.96 -6.73
CA PHE C 210 -47.05 -17.61 -6.64
C PHE C 210 -46.74 -16.95 -5.31
N LYS C 211 -46.69 -15.62 -5.35
CA LYS C 211 -46.65 -14.76 -4.17
C LYS C 211 -47.89 -13.87 -4.17
N LEU C 212 -48.57 -13.82 -3.03
CA LEU C 212 -49.80 -13.07 -2.88
C LEU C 212 -49.59 -11.81 -2.04
N PRO C 213 -50.14 -10.66 -2.48
CA PRO C 213 -49.97 -9.39 -1.76
C PRO C 213 -51.03 -9.14 -0.69
N LEU C 214 -51.20 -10.11 0.20
CA LEU C 214 -52.20 -10.04 1.25
C LEU C 214 -51.51 -9.73 2.58
N GLY C 215 -51.97 -8.67 3.24
CA GLY C 215 -51.28 -8.13 4.40
C GLY C 215 -51.83 -8.55 5.74
N ILE C 216 -51.77 -9.84 6.08
CA ILE C 216 -52.24 -10.35 7.36
C ILE C 216 -51.08 -11.05 8.06
N ASN C 217 -51.14 -11.07 9.40
CA ASN C 217 -50.22 -11.84 10.21
C ASN C 217 -50.73 -13.28 10.29
N ILE C 218 -49.86 -14.23 9.97
CA ILE C 218 -50.19 -15.64 10.05
C ILE C 218 -49.38 -16.23 11.20
N THR C 219 -50.07 -16.65 12.25
CA THR C 219 -49.44 -17.31 13.39
C THR C 219 -49.91 -18.75 13.56
N ASN C 220 -50.95 -19.16 12.84
CA ASN C 220 -51.44 -20.53 12.92
C ASN C 220 -51.86 -20.97 11.53
N PHE C 221 -52.02 -22.28 11.36
CA PHE C 221 -52.58 -22.83 10.15
C PHE C 221 -53.21 -24.17 10.46
N ARG C 222 -53.92 -24.72 9.48
CA ARG C 222 -54.60 -25.99 9.64
C ARG C 222 -54.83 -26.61 8.26
N ALA C 223 -54.52 -27.89 8.13
CA ALA C 223 -54.75 -28.58 6.86
C ALA C 223 -56.23 -28.89 6.70
N ILE C 224 -56.65 -29.06 5.45
CA ILE C 224 -58.04 -29.35 5.10
C ILE C 224 -58.01 -30.60 4.21
N LEU C 225 -58.48 -31.72 4.75
CA LEU C 225 -58.55 -32.98 4.01
C LEU C 225 -59.93 -33.60 4.16
N THR C 226 -60.36 -34.28 3.10
CA THR C 226 -61.66 -34.94 3.11
C THR C 226 -61.51 -36.43 2.82
N ALA C 240 -51.68 -41.61 4.22
CA ALA C 240 -52.65 -40.73 4.87
C ALA C 240 -51.96 -39.82 5.88
N ALA C 241 -50.64 -39.72 5.78
CA ALA C 241 -49.83 -38.97 6.73
C ALA C 241 -49.29 -37.70 6.08
N TYR C 242 -49.09 -36.68 6.90
CA TYR C 242 -48.44 -35.46 6.43
C TYR C 242 -47.44 -34.97 7.47
N PHE C 243 -46.35 -34.37 7.01
CA PHE C 243 -45.21 -34.00 7.83
C PHE C 243 -44.98 -32.50 7.78
N VAL C 244 -44.61 -31.93 8.92
CA VAL C 244 -44.44 -30.48 9.08
C VAL C 244 -43.08 -30.19 9.70
N GLY C 245 -42.31 -29.32 9.03
CA GLY C 245 -41.09 -28.80 9.60
C GLY C 245 -41.08 -27.29 9.52
N TYR C 246 -40.12 -26.67 10.21
CA TYR C 246 -40.06 -25.23 10.34
C TYR C 246 -38.78 -24.66 9.76
N LEU C 247 -38.88 -23.53 9.09
CA LEU C 247 -37.75 -22.88 8.46
C LEU C 247 -37.07 -21.92 9.44
N LYS C 248 -35.76 -21.75 9.26
CA LYS C 248 -34.92 -20.89 10.08
C LYS C 248 -33.95 -20.13 9.19
N PRO C 249 -33.49 -18.95 9.63
CA PRO C 249 -32.58 -18.16 8.79
C PRO C 249 -31.17 -18.71 8.77
N THR C 250 -30.78 -19.36 7.67
CA THR C 250 -29.48 -19.99 7.55
C THR C 250 -28.79 -19.54 6.27
N THR C 251 -27.50 -19.82 6.21
CA THR C 251 -26.69 -19.66 5.01
C THR C 251 -26.52 -21.02 4.37
N PHE C 252 -26.67 -21.09 3.05
CA PHE C 252 -26.52 -22.31 2.28
C PHE C 252 -25.53 -22.09 1.15
N MET C 253 -24.86 -23.17 0.75
CA MET C 253 -24.09 -23.18 -0.49
C MET C 253 -24.79 -24.12 -1.46
N LEU C 254 -25.14 -23.59 -2.64
CA LEU C 254 -25.86 -24.33 -3.66
C LEU C 254 -24.95 -24.57 -4.86
N LYS C 255 -25.04 -25.76 -5.44
CA LYS C 255 -24.21 -26.19 -6.55
C LYS C 255 -25.07 -26.27 -7.81
N TYR C 256 -24.85 -25.34 -8.73
CA TYR C 256 -25.53 -25.36 -10.02
C TYR C 256 -24.78 -26.25 -11.00
N ASP C 257 -25.54 -26.89 -11.88
CA ASP C 257 -25.03 -27.88 -12.82
C ASP C 257 -24.67 -27.16 -14.14
N GLU C 258 -24.31 -27.93 -15.17
CA GLU C 258 -24.04 -27.33 -16.47
C GLU C 258 -25.32 -26.76 -17.08
N ASN C 259 -26.41 -27.50 -16.98
CA ASN C 259 -27.74 -26.90 -17.08
C ASN C 259 -28.08 -26.24 -15.75
N GLY C 260 -28.87 -25.17 -15.81
CA GLY C 260 -29.11 -24.38 -14.63
C GLY C 260 -30.02 -24.99 -13.58
N THR C 261 -29.62 -26.14 -13.05
CA THR C 261 -30.37 -26.84 -12.01
C THR C 261 -29.53 -26.96 -10.75
N ILE C 262 -30.19 -26.89 -9.60
CA ILE C 262 -29.54 -27.09 -8.31
C ILE C 262 -29.52 -28.59 -8.03
N THR C 263 -28.33 -29.18 -7.93
CA THR C 263 -28.20 -30.61 -7.74
C THR C 263 -27.68 -31.01 -6.36
N ASP C 264 -26.99 -30.11 -5.66
CA ASP C 264 -26.46 -30.43 -4.35
C ASP C 264 -26.33 -29.13 -3.57
N ALA C 265 -26.27 -29.26 -2.25
CA ALA C 265 -26.13 -28.10 -1.37
C ALA C 265 -25.51 -28.54 -0.06
N VAL C 266 -24.96 -27.58 0.67
CA VAL C 266 -24.53 -27.81 2.05
C VAL C 266 -25.11 -26.72 2.95
N ASP C 267 -25.66 -27.16 4.09
CA ASP C 267 -26.05 -26.28 5.17
C ASP C 267 -24.81 -25.84 5.93
N CYS C 268 -24.62 -24.53 6.04
CA CYS C 268 -23.33 -23.99 6.40
C CYS C 268 -23.10 -23.94 7.91
N SER C 269 -24.10 -24.30 8.71
CA SER C 269 -24.00 -24.23 10.16
C SER C 269 -24.38 -25.55 10.83
N GLN C 270 -24.14 -26.66 10.15
CA GLN C 270 -24.47 -27.98 10.69
C GLN C 270 -23.28 -28.60 11.43
N ASN C 271 -22.09 -28.42 10.89
CA ASN C 271 -20.87 -29.08 11.35
C ASN C 271 -19.72 -28.10 11.24
N PRO C 272 -18.57 -28.39 11.86
CA PRO C 272 -17.35 -27.67 11.49
C PRO C 272 -16.86 -28.00 10.09
N LEU C 273 -17.14 -29.20 9.58
CA LEU C 273 -16.73 -29.56 8.23
C LEU C 273 -17.53 -28.80 7.19
N ALA C 274 -18.83 -28.61 7.42
CA ALA C 274 -19.65 -27.83 6.50
C ALA C 274 -19.23 -26.36 6.48
N GLU C 275 -18.89 -25.81 7.64
CA GLU C 275 -18.37 -24.46 7.71
C GLU C 275 -17.00 -24.34 7.04
N LEU C 276 -16.18 -25.38 7.10
CA LEU C 276 -14.93 -25.41 6.35
C LEU C 276 -15.19 -25.39 4.85
N LYS C 277 -16.16 -26.20 4.40
CA LYS C 277 -16.50 -26.26 2.98
C LYS C 277 -17.04 -24.94 2.48
N CYS C 278 -17.78 -24.22 3.33
CA CYS C 278 -18.24 -22.88 2.98
C CYS C 278 -17.08 -21.92 2.78
N SER C 279 -16.07 -21.99 3.66
CA SER C 279 -14.99 -21.02 3.61
C SER C 279 -14.05 -21.28 2.44
N VAL C 280 -13.73 -22.54 2.16
CA VAL C 280 -12.84 -22.84 1.03
C VAL C 280 -13.57 -22.91 -0.29
N LYS C 281 -14.90 -22.78 -0.29
CA LYS C 281 -15.75 -22.75 -1.49
C LYS C 281 -15.59 -24.01 -2.33
N SER C 282 -15.54 -25.16 -1.65
CA SER C 282 -15.35 -26.42 -2.35
C SER C 282 -16.04 -27.53 -1.58
N PHE C 283 -16.36 -28.60 -2.30
CA PHE C 283 -16.90 -29.82 -1.71
C PHE C 283 -15.82 -30.82 -1.35
N GLU C 284 -14.56 -30.53 -1.67
CA GLU C 284 -13.45 -31.43 -1.40
C GLU C 284 -12.38 -30.69 -0.62
N ILE C 285 -11.89 -31.31 0.45
CA ILE C 285 -10.90 -30.71 1.34
C ILE C 285 -9.65 -31.58 1.32
N ASP C 286 -8.49 -30.95 1.19
CA ASP C 286 -7.22 -31.64 1.34
C ASP C 286 -6.85 -31.75 2.82
N LYS C 287 -5.72 -32.40 3.07
CA LYS C 287 -5.26 -32.57 4.45
C LYS C 287 -4.57 -31.29 4.93
N GLY C 288 -4.83 -30.92 6.17
CA GLY C 288 -4.21 -29.75 6.75
C GLY C 288 -5.07 -29.16 7.84
N ILE C 289 -4.71 -27.94 8.22
CA ILE C 289 -5.40 -27.18 9.26
C ILE C 289 -5.79 -25.84 8.68
N TYR C 290 -7.04 -25.43 8.88
CA TYR C 290 -7.60 -24.24 8.27
C TYR C 290 -8.29 -23.39 9.32
N GLN C 291 -8.10 -22.09 9.26
CA GLN C 291 -8.81 -21.16 10.13
C GLN C 291 -10.13 -20.78 9.47
N THR C 292 -11.23 -20.98 10.17
CA THR C 292 -12.56 -20.79 9.59
C THR C 292 -13.27 -19.55 10.11
N SER C 293 -13.26 -19.34 11.43
CA SER C 293 -14.02 -18.24 11.99
C SER C 293 -13.43 -17.87 13.35
N ASN C 294 -14.16 -17.03 14.08
CA ASN C 294 -13.81 -16.61 15.42
C ASN C 294 -14.95 -17.00 16.36
N PHE C 295 -14.61 -17.21 17.62
CA PHE C 295 -15.59 -17.54 18.64
C PHE C 295 -15.63 -16.45 19.71
N ARG C 296 -16.84 -16.17 20.18
CA ARG C 296 -17.13 -15.29 21.30
C ARG C 296 -17.93 -16.08 22.34
N VAL C 297 -17.92 -15.58 23.57
CA VAL C 297 -18.77 -16.10 24.63
C VAL C 297 -19.92 -15.11 24.83
N VAL C 298 -21.15 -15.61 24.68
CA VAL C 298 -22.35 -14.76 24.72
C VAL C 298 -22.60 -14.34 26.17
N PRO C 299 -23.00 -13.08 26.42
CA PRO C 299 -23.30 -12.65 27.79
C PRO C 299 -24.47 -13.41 28.38
N SER C 300 -24.43 -13.60 29.70
CA SER C 300 -25.45 -14.34 30.43
C SER C 300 -26.02 -13.55 31.60
N GLY C 301 -26.23 -12.25 31.45
CA GLY C 301 -26.75 -11.46 32.55
C GLY C 301 -26.87 -10.02 32.15
N ASP C 302 -27.21 -9.18 33.12
CA ASP C 302 -27.39 -7.75 32.91
C ASP C 302 -27.24 -7.04 34.25
N VAL C 303 -26.34 -6.06 34.31
CA VAL C 303 -26.05 -5.31 35.52
C VAL C 303 -26.27 -3.84 35.24
N VAL C 304 -27.18 -3.22 35.99
CA VAL C 304 -27.45 -1.79 35.90
C VAL C 304 -27.14 -1.18 37.26
N ARG C 305 -26.38 -0.09 37.27
CA ARG C 305 -25.88 0.49 38.50
C ARG C 305 -26.01 2.01 38.43
N PHE C 306 -26.88 2.56 39.24
CA PHE C 306 -27.21 3.98 39.25
C PHE C 306 -27.16 4.48 40.69
N PRO C 307 -26.90 5.77 40.88
CA PRO C 307 -26.85 6.30 42.25
C PRO C 307 -28.23 6.33 42.90
N ASN C 308 -28.23 6.30 44.24
CA ASN C 308 -29.47 6.28 45.01
C ASN C 308 -29.97 7.71 45.19
N ILE C 309 -30.68 8.19 44.17
CA ILE C 309 -31.28 9.51 44.14
C ILE C 309 -32.79 9.33 44.03
N THR C 310 -33.53 9.99 44.92
CA THR C 310 -34.97 9.77 45.03
C THR C 310 -35.82 10.95 44.57
N ASN C 311 -35.36 12.18 44.79
CA ASN C 311 -36.18 13.36 44.50
C ASN C 311 -36.31 13.57 43.00
N LEU C 312 -37.46 14.10 42.59
CA LEU C 312 -37.62 14.63 41.24
C LEU C 312 -37.09 16.06 41.23
N CYS C 313 -36.86 16.61 40.04
CA CYS C 313 -36.35 17.97 40.05
C CYS C 313 -37.19 18.91 39.19
N PRO C 314 -37.38 20.14 39.65
CA PRO C 314 -38.38 21.06 39.06
C PRO C 314 -38.01 21.66 37.71
N PHE C 315 -38.34 20.92 36.65
CA PHE C 315 -38.50 21.54 35.34
C PHE C 315 -39.68 22.49 35.29
N GLY C 316 -40.66 22.32 36.18
CA GLY C 316 -41.81 23.20 36.20
C GLY C 316 -41.48 24.61 36.66
N GLU C 317 -40.73 24.74 37.75
CA GLU C 317 -40.44 26.07 38.28
C GLU C 317 -39.42 26.82 37.44
N VAL C 318 -38.71 26.13 36.56
CA VAL C 318 -37.81 26.78 35.61
C VAL C 318 -38.57 27.22 34.37
N PHE C 319 -39.49 26.37 33.89
CA PHE C 319 -40.17 26.64 32.64
C PHE C 319 -41.43 27.47 32.85
N ASN C 320 -42.31 27.02 33.75
CA ASN C 320 -43.53 27.76 34.10
C ASN C 320 -43.16 28.75 35.21
N ALA C 321 -42.40 29.77 34.82
CA ALA C 321 -41.98 30.82 35.73
C ALA C 321 -42.57 32.16 35.30
N THR C 322 -42.75 33.05 36.26
CA THR C 322 -43.43 34.31 36.01
C THR C 322 -42.59 35.27 35.19
N LYS C 323 -41.41 35.66 35.69
CA LYS C 323 -40.59 36.69 35.07
C LYS C 323 -39.27 36.08 34.60
N PHE C 324 -38.94 36.29 33.32
CA PHE C 324 -37.64 35.93 32.79
C PHE C 324 -36.80 37.18 32.58
N PRO C 325 -35.55 37.20 33.04
CA PRO C 325 -34.70 38.39 32.87
C PRO C 325 -34.40 38.77 31.42
N SER C 326 -33.68 39.87 31.25
CA SER C 326 -33.25 40.36 29.95
C SER C 326 -32.07 39.54 29.44
N VAL C 327 -31.82 39.65 28.14
CA VAL C 327 -30.75 38.89 27.51
C VAL C 327 -29.37 39.36 27.93
N TYR C 328 -29.22 40.60 28.39
CA TYR C 328 -27.94 41.09 28.87
C TYR C 328 -27.69 40.75 30.33
N ALA C 329 -28.70 40.26 31.04
CA ALA C 329 -28.57 39.92 32.45
C ALA C 329 -29.22 38.58 32.73
N TRP C 330 -28.91 37.58 31.89
CA TRP C 330 -29.49 36.26 32.04
C TRP C 330 -29.00 35.60 33.32
N GLU C 331 -29.80 34.66 33.83
CA GLU C 331 -29.53 34.02 35.10
C GLU C 331 -29.23 32.54 34.90
N ARG C 332 -28.28 32.04 35.69
CA ARG C 332 -27.87 30.65 35.66
C ARG C 332 -28.43 29.94 36.87
N LYS C 333 -29.08 28.79 36.65
CA LYS C 333 -29.64 28.01 37.75
C LYS C 333 -29.25 26.55 37.62
N LYS C 334 -28.96 25.92 38.74
CA LYS C 334 -28.34 24.59 38.78
C LYS C 334 -29.38 23.54 39.15
N ILE C 335 -29.44 22.47 38.37
CA ILE C 335 -30.26 21.31 38.65
C ILE C 335 -29.32 20.16 38.98
N SER C 336 -29.46 19.62 40.19
CA SER C 336 -28.60 18.52 40.62
C SER C 336 -29.36 17.69 41.65
N ASN C 337 -28.93 16.43 41.77
CA ASN C 337 -29.50 15.43 42.69
C ASN C 337 -30.99 15.24 42.45
N CYS C 338 -31.32 14.75 41.26
CA CYS C 338 -32.71 14.52 40.93
C CYS C 338 -32.83 13.34 39.96
N VAL C 339 -34.07 12.99 39.66
CA VAL C 339 -34.40 12.00 38.65
C VAL C 339 -35.21 12.71 37.57
N ALA C 340 -34.55 13.08 36.49
CA ALA C 340 -35.17 13.85 35.41
C ALA C 340 -35.82 12.90 34.42
N ASP C 341 -37.02 13.27 33.96
CA ASP C 341 -37.79 12.40 33.09
C ASP C 341 -37.64 12.73 31.61
N TYR C 342 -37.62 14.03 31.28
CA TYR C 342 -37.43 14.60 29.93
C TYR C 342 -38.58 14.29 28.97
N SER C 343 -39.58 13.51 29.40
CA SER C 343 -40.66 13.13 28.50
C SER C 343 -41.58 14.32 28.21
N VAL C 344 -41.81 15.17 29.22
CA VAL C 344 -42.72 16.30 29.10
C VAL C 344 -42.15 17.35 28.15
N LEU C 345 -40.83 17.36 27.98
CA LEU C 345 -40.19 18.35 27.12
C LEU C 345 -40.46 18.07 25.64
N TYR C 346 -40.29 16.82 25.20
CA TYR C 346 -40.52 16.50 23.81
C TYR C 346 -41.90 15.87 23.56
N ASN C 347 -42.75 15.77 24.57
CA ASN C 347 -44.09 15.23 24.40
C ASN C 347 -45.16 16.32 24.28
N SER C 348 -44.74 17.58 24.16
CA SER C 348 -45.67 18.70 24.10
C SER C 348 -45.36 19.58 22.90
N THR C 349 -46.42 20.11 22.30
CA THR C 349 -46.32 21.02 21.16
C THR C 349 -46.23 22.48 21.59
N PHE C 350 -45.99 22.74 22.88
CA PHE C 350 -45.93 24.11 23.38
C PHE C 350 -44.75 24.87 22.80
N PHE C 351 -43.60 24.22 22.68
CA PHE C 351 -42.39 24.89 22.23
C PHE C 351 -42.43 25.15 20.73
N SER C 352 -41.76 26.23 20.32
CA SER C 352 -41.56 26.54 18.91
C SER C 352 -40.17 26.11 18.43
N THR C 353 -39.17 26.17 19.28
CA THR C 353 -37.81 25.76 18.95
C THR C 353 -37.31 24.78 20.00
N PHE C 354 -36.86 23.61 19.54
CA PHE C 354 -36.31 22.54 20.37
C PHE C 354 -35.12 21.96 19.61
N LYS C 355 -33.93 22.52 19.84
CA LYS C 355 -32.75 22.13 19.08
C LYS C 355 -31.67 21.65 20.04
N CYS C 356 -31.21 20.41 19.86
CA CYS C 356 -30.24 19.80 20.74
C CYS C 356 -28.96 19.49 19.97
N TYR C 357 -27.82 19.83 20.58
CA TYR C 357 -26.50 19.67 19.99
C TYR C 357 -25.76 18.60 20.77
N GLY C 358 -25.35 17.55 20.07
CA GLY C 358 -24.61 16.45 20.64
C GLY C 358 -25.44 15.24 21.02
N VAL C 359 -26.73 15.44 21.33
CA VAL C 359 -27.57 14.38 21.86
C VAL C 359 -28.90 14.37 21.09
N CYS C 360 -29.32 13.17 20.70
CA CYS C 360 -30.65 12.96 20.15
C CYS C 360 -31.64 12.89 21.30
N ALA C 361 -32.82 13.49 21.10
CA ALA C 361 -33.73 13.79 22.22
C ALA C 361 -34.29 12.53 22.87
N THR C 362 -34.72 11.57 22.05
CA THR C 362 -35.31 10.33 22.56
C THR C 362 -34.33 9.51 23.39
N LYS C 363 -33.03 9.65 23.13
CA LYS C 363 -31.99 8.98 23.90
C LYS C 363 -31.63 9.71 25.19
N LEU C 364 -32.26 10.87 25.44
CA LEU C 364 -31.92 11.64 26.64
C LEU C 364 -32.35 10.94 27.93
N ASN C 365 -33.34 10.05 27.84
CA ASN C 365 -33.93 9.49 29.04
C ASN C 365 -33.11 8.32 29.59
N ASP C 366 -32.11 7.84 28.84
CA ASP C 366 -31.39 6.64 29.24
C ASP C 366 -30.02 6.95 29.84
N LEU C 367 -29.43 8.09 29.51
CA LEU C 367 -28.05 8.38 29.89
C LEU C 367 -28.01 9.52 30.90
N CYS C 368 -27.09 9.39 31.86
CA CYS C 368 -27.06 10.21 33.06
C CYS C 368 -25.94 11.25 32.98
N PHE C 369 -26.05 12.27 33.83
CA PHE C 369 -25.16 13.43 33.81
C PHE C 369 -24.64 13.70 35.21
N SER C 370 -23.70 14.66 35.31
CA SER C 370 -23.26 15.14 36.61
C SER C 370 -24.25 16.13 37.18
N ASN C 371 -24.45 17.26 36.51
CA ASN C 371 -25.53 18.20 36.83
C ASN C 371 -25.84 19.05 35.61
N VAL C 372 -27.00 19.69 35.63
CA VAL C 372 -27.52 20.45 34.49
C VAL C 372 -27.58 21.91 34.88
N TYR C 373 -27.39 22.79 33.90
CA TYR C 373 -27.47 24.23 34.10
C TYR C 373 -28.49 24.82 33.13
N ALA C 374 -29.31 25.74 33.62
CA ALA C 374 -30.37 26.35 32.84
C ALA C 374 -30.20 27.86 32.82
N ASP C 375 -30.29 28.43 31.62
CA ASP C 375 -30.20 29.88 31.40
C ASP C 375 -31.50 30.35 30.78
N SER C 376 -32.11 31.38 31.36
CA SER C 376 -33.43 31.85 30.94
C SER C 376 -33.39 33.32 30.60
N PHE C 377 -33.95 33.69 29.43
CA PHE C 377 -34.08 35.09 29.07
C PHE C 377 -35.20 35.25 28.03
N VAL C 378 -35.41 36.50 27.59
CA VAL C 378 -36.44 36.84 26.63
C VAL C 378 -35.79 37.63 25.50
N VAL C 379 -36.03 37.19 24.25
CA VAL C 379 -35.47 37.85 23.09
C VAL C 379 -36.59 38.13 22.08
N LYS C 380 -36.19 38.74 20.97
CA LYS C 380 -37.08 39.01 19.85
C LYS C 380 -37.29 37.74 19.04
N GLY C 381 -38.38 37.72 18.25
CA GLY C 381 -38.77 36.51 17.55
C GLY C 381 -37.78 36.05 16.49
N ASP C 382 -37.08 36.98 15.85
CA ASP C 382 -36.09 36.63 14.83
C ASP C 382 -34.69 36.54 15.39
N ASP C 383 -34.51 36.71 16.69
CA ASP C 383 -33.20 36.58 17.32
C ASP C 383 -32.96 35.19 17.90
N VAL C 384 -33.90 34.26 17.75
CA VAL C 384 -33.69 32.91 18.26
C VAL C 384 -32.82 32.08 17.32
N ARG C 385 -32.58 32.56 16.10
CA ARG C 385 -31.64 31.90 15.21
C ARG C 385 -30.19 32.23 15.55
N GLN C 386 -29.95 33.29 16.34
CA GLN C 386 -28.61 33.64 16.76
C GLN C 386 -28.15 32.88 18.00
N ILE C 387 -29.04 32.10 18.62
CA ILE C 387 -28.67 31.32 19.80
C ILE C 387 -28.32 29.92 19.29
N ALA C 388 -27.05 29.77 18.90
CA ALA C 388 -26.49 28.54 18.34
C ALA C 388 -24.98 28.64 18.39
N PRO C 389 -24.25 27.52 18.36
CA PRO C 389 -22.79 27.59 18.27
C PRO C 389 -22.34 28.15 16.94
N GLY C 390 -21.45 29.13 16.99
CA GLY C 390 -20.94 29.75 15.79
C GLY C 390 -21.93 30.65 15.08
N GLN C 391 -22.31 31.74 15.73
CA GLN C 391 -23.27 32.67 15.15
C GLN C 391 -22.75 34.10 15.28
N THR C 392 -23.17 34.95 14.35
CA THR C 392 -22.82 36.37 14.37
C THR C 392 -24.10 37.17 14.54
N GLY C 393 -23.97 38.36 15.12
CA GLY C 393 -25.12 39.18 15.47
C GLY C 393 -24.88 39.87 16.79
N VAL C 394 -25.64 40.93 17.07
CA VAL C 394 -25.42 41.75 18.27
C VAL C 394 -25.69 40.94 19.53
N ILE C 395 -26.69 40.04 19.48
CA ILE C 395 -27.02 39.16 20.60
C ILE C 395 -25.87 38.17 20.80
N ALA C 396 -25.38 37.59 19.71
CA ALA C 396 -24.34 36.58 19.81
C ALA C 396 -22.98 37.21 20.12
N ASP C 397 -22.83 38.51 19.92
CA ASP C 397 -21.55 39.15 20.21
C ASP C 397 -21.52 39.72 21.62
N TYR C 398 -22.44 40.63 21.94
CA TYR C 398 -22.35 41.40 23.18
C TYR C 398 -23.30 40.94 24.27
N ASN C 399 -24.16 39.96 24.02
CA ASN C 399 -25.15 39.55 25.00
C ASN C 399 -25.00 38.11 25.46
N TYR C 400 -24.95 37.15 24.53
CA TYR C 400 -24.96 35.74 24.89
C TYR C 400 -24.28 34.93 23.80
N LYS C 401 -23.10 34.40 24.10
CA LYS C 401 -22.37 33.55 23.17
C LYS C 401 -22.33 32.12 23.68
N LEU C 402 -22.55 31.17 22.78
CA LEU C 402 -22.40 29.75 23.04
C LEU C 402 -21.07 29.27 22.48
N PRO C 403 -20.41 28.31 23.14
CA PRO C 403 -19.16 27.77 22.59
C PRO C 403 -19.43 26.90 21.38
N ASP C 404 -18.37 26.72 20.58
CA ASP C 404 -18.51 25.93 19.36
C ASP C 404 -18.68 24.44 19.65
N ASP C 405 -18.20 23.98 20.81
CA ASP C 405 -18.32 22.59 21.23
C ASP C 405 -19.46 22.38 22.21
N PHE C 406 -20.57 23.10 22.04
CA PHE C 406 -21.67 23.04 22.99
C PHE C 406 -22.36 21.68 22.95
N MET C 407 -22.71 21.18 24.13
CA MET C 407 -23.45 19.93 24.28
C MET C 407 -24.66 20.21 25.17
N GLY C 408 -25.85 20.18 24.57
CA GLY C 408 -27.04 20.51 25.33
C GLY C 408 -28.14 20.97 24.40
N CYS C 409 -29.21 21.47 25.01
CA CYS C 409 -30.42 21.79 24.26
C CYS C 409 -30.80 23.25 24.42
N VAL C 410 -31.48 23.78 23.40
CA VAL C 410 -32.00 25.14 23.38
C VAL C 410 -33.50 25.05 23.12
N LEU C 411 -34.29 25.68 23.98
CA LEU C 411 -35.74 25.64 23.89
C LEU C 411 -36.26 27.07 23.86
N ALA C 412 -37.26 27.32 23.02
CA ALA C 412 -37.80 28.67 22.87
C ALA C 412 -39.27 28.59 22.52
N TRP C 413 -40.10 29.39 23.19
CA TRP C 413 -41.53 29.42 22.91
C TRP C 413 -42.02 30.86 22.82
N ASN C 414 -43.14 31.02 22.11
CA ASN C 414 -43.73 32.33 21.88
C ASN C 414 -44.56 32.76 23.07
N THR C 415 -44.28 33.97 23.58
CA THR C 415 -45.06 34.57 24.66
C THR C 415 -45.45 36.00 24.25
N ARG C 416 -46.56 36.13 23.53
CA ARG C 416 -47.12 37.44 23.24
C ARG C 416 -48.28 37.79 24.15
N ASN C 417 -48.85 36.80 24.84
CA ASN C 417 -49.97 37.04 25.73
C ASN C 417 -49.56 37.74 27.01
N ILE C 418 -48.31 37.58 27.43
CA ILE C 418 -47.81 38.22 28.64
C ILE C 418 -46.55 39.01 28.31
N ASP C 419 -46.25 39.11 27.01
CA ASP C 419 -45.07 39.81 26.48
C ASP C 419 -43.76 39.32 27.10
N TYR C 428 -37.09 43.41 26.16
CA TYR C 428 -36.58 44.33 27.16
C TYR C 428 -35.26 44.97 26.70
N LYS C 429 -34.27 44.96 27.57
CA LYS C 429 -33.02 45.65 27.29
C LYS C 429 -31.98 44.68 26.70
N TYR C 430 -31.24 45.19 25.72
CA TYR C 430 -30.15 44.44 25.11
C TYR C 430 -29.01 45.37 24.75
N ARG C 431 -27.78 44.98 25.12
CA ARG C 431 -26.60 45.79 24.85
C ARG C 431 -26.27 45.77 23.37
N TYR C 432 -25.85 46.93 22.84
CA TYR C 432 -25.51 47.05 21.43
C TYR C 432 -24.22 47.81 21.15
N LEU C 433 -23.57 48.39 22.15
CA LEU C 433 -22.27 49.03 21.99
C LEU C 433 -21.31 48.47 23.03
N ARG C 434 -20.18 47.93 22.57
CA ARG C 434 -19.16 47.41 23.48
C ARG C 434 -17.83 47.36 22.74
N HIS C 435 -16.75 47.38 23.53
CA HIS C 435 -15.39 47.30 22.97
C HIS C 435 -14.91 45.85 22.99
N GLY C 436 -15.52 45.05 22.14
CA GLY C 436 -15.16 43.64 22.04
C GLY C 436 -16.32 42.70 22.29
N LYS C 437 -16.20 41.47 21.82
CA LYS C 437 -17.24 40.47 21.99
C LYS C 437 -17.11 39.84 23.38
N LEU C 438 -17.94 38.85 23.66
CA LEU C 438 -17.91 38.11 24.92
C LEU C 438 -17.34 36.73 24.70
N ARG C 439 -16.67 36.19 25.72
CA ARG C 439 -16.31 34.79 25.73
C ARG C 439 -17.56 33.95 26.00
N PRO C 440 -17.53 32.66 25.66
CA PRO C 440 -18.70 31.80 25.91
C PRO C 440 -19.05 31.72 27.40
N PHE C 441 -20.36 31.76 27.67
CA PHE C 441 -20.92 31.78 29.03
C PHE C 441 -20.33 32.90 29.89
N GLU C 442 -20.18 34.08 29.30
CA GLU C 442 -19.79 35.28 30.02
C GLU C 442 -20.95 36.27 30.05
N ARG C 443 -21.08 36.95 31.19
CA ARG C 443 -22.18 37.87 31.43
C ARG C 443 -21.63 39.22 31.84
N ASP C 444 -22.00 40.26 31.10
CA ASP C 444 -21.61 41.64 31.41
C ASP C 444 -22.85 42.37 31.91
N ILE C 445 -22.80 42.81 33.16
CA ILE C 445 -23.96 43.42 33.80
C ILE C 445 -23.61 44.80 34.33
N PRO C 467 -25.54 52.59 26.15
CA PRO C 467 -25.15 51.34 25.46
C PRO C 467 -26.26 50.30 25.49
N LEU C 468 -27.39 50.64 26.10
CA LEU C 468 -28.52 49.72 26.22
C LEU C 468 -29.66 50.18 25.34
N ASN C 469 -30.37 49.21 24.74
CA ASN C 469 -31.47 49.48 23.85
C ASN C 469 -32.68 48.70 24.32
N ASP C 470 -33.86 49.32 24.21
CA ASP C 470 -35.10 48.72 24.69
C ASP C 470 -35.89 48.13 23.53
N TYR C 471 -36.38 46.91 23.73
CA TYR C 471 -37.21 46.26 22.72
C TYR C 471 -38.57 46.93 22.62
N GLY C 472 -39.15 46.87 21.42
CA GLY C 472 -40.50 47.38 21.21
C GLY C 472 -41.54 46.30 21.38
N PHE C 473 -42.51 46.53 22.26
CA PHE C 473 -43.55 45.57 22.55
C PHE C 473 -44.49 45.38 21.35
N GLY C 480 -39.35 44.64 14.65
CA GLY C 480 -40.20 44.31 15.79
C GLY C 480 -41.03 43.05 15.58
N TYR C 481 -41.14 42.23 16.62
CA TYR C 481 -41.88 40.98 16.55
C TYR C 481 -42.26 40.61 17.96
N GLN C 482 -43.17 39.64 18.10
CA GLN C 482 -43.61 39.22 19.41
C GLN C 482 -42.48 38.55 20.17
N PRO C 483 -42.25 38.90 21.45
CA PRO C 483 -41.11 38.35 22.19
C PRO C 483 -41.25 36.86 22.46
N TYR C 484 -40.12 36.17 22.44
CA TYR C 484 -40.02 34.75 22.76
C TYR C 484 -39.20 34.55 24.02
N ARG C 485 -39.50 33.47 24.74
CA ARG C 485 -38.78 33.08 25.94
C ARG C 485 -37.87 31.91 25.59
N VAL C 486 -36.60 32.02 26.00
CA VAL C 486 -35.55 31.07 25.63
C VAL C 486 -34.92 30.52 26.91
N VAL C 487 -34.80 29.19 26.98
CA VAL C 487 -34.13 28.48 28.06
C VAL C 487 -33.12 27.52 27.45
N VAL C 488 -31.88 27.58 27.94
CA VAL C 488 -30.78 26.78 27.45
C VAL C 488 -30.34 25.82 28.54
N LEU C 489 -30.26 24.53 28.21
CA LEU C 489 -29.88 23.47 29.13
C LEU C 489 -28.50 22.95 28.73
N SER C 490 -27.57 22.97 29.67
CA SER C 490 -26.21 22.50 29.47
C SER C 490 -25.91 21.34 30.42
N PHE C 491 -25.27 20.31 29.90
CA PHE C 491 -24.99 19.08 30.63
C PHE C 491 -23.50 18.92 30.85
N GLU C 492 -23.09 18.68 32.10
CA GLU C 492 -21.74 18.24 32.37
C GLU C 492 -21.63 16.74 32.18
N LEU C 493 -20.57 16.30 31.51
CA LEU C 493 -20.41 14.90 31.12
C LEU C 493 -19.49 14.17 32.10
N LEU C 494 -20.05 13.85 33.26
CA LEU C 494 -19.47 12.92 34.23
C LEU C 494 -18.10 13.36 34.73
N ASN C 495 -17.91 14.68 34.86
CA ASN C 495 -16.68 15.20 35.45
C ASN C 495 -16.65 15.02 36.96
N ALA C 496 -17.80 14.75 37.57
CA ALA C 496 -17.98 14.58 39.00
C ALA C 496 -18.76 13.28 39.21
N PRO C 497 -19.01 12.84 40.44
CA PRO C 497 -20.02 11.78 40.65
C PRO C 497 -21.38 12.22 40.11
N ALA C 498 -22.08 11.27 39.49
CA ALA C 498 -23.31 11.60 38.77
C ALA C 498 -24.46 11.83 39.73
N THR C 499 -25.29 12.83 39.41
CA THR C 499 -26.47 13.15 40.20
C THR C 499 -27.77 13.19 39.39
N VAL C 500 -27.74 13.68 38.17
CA VAL C 500 -28.95 13.89 37.37
C VAL C 500 -29.05 12.74 36.37
N CYS C 501 -29.77 11.69 36.75
CA CYS C 501 -29.98 10.54 35.90
C CYS C 501 -31.46 10.38 35.59
N GLY C 502 -31.75 9.62 34.54
CA GLY C 502 -33.12 9.28 34.22
C GLY C 502 -33.65 8.19 35.12
N PRO C 503 -34.94 7.90 34.98
CA PRO C 503 -35.54 6.85 35.81
C PRO C 503 -35.19 5.45 35.33
N LYS C 504 -34.29 4.79 36.05
CA LYS C 504 -33.90 3.42 35.73
C LYS C 504 -33.73 2.65 37.02
N LEU C 505 -33.98 1.35 36.95
CA LEU C 505 -33.93 0.47 38.11
C LEU C 505 -32.58 -0.22 38.16
N SER C 506 -31.93 -0.14 39.32
CA SER C 506 -30.63 -0.77 39.53
C SER C 506 -30.80 -2.21 39.97
N THR C 507 -29.85 -3.05 39.58
CA THR C 507 -29.83 -4.46 39.94
C THR C 507 -28.58 -4.76 40.77
N ASP C 508 -28.50 -5.99 41.26
CA ASP C 508 -27.30 -6.43 41.94
C ASP C 508 -26.19 -6.69 40.93
N LEU C 509 -24.94 -6.59 41.37
CA LEU C 509 -23.82 -6.78 40.47
C LEU C 509 -23.29 -8.20 40.57
N ILE C 510 -22.96 -8.78 39.43
CA ILE C 510 -22.53 -10.16 39.31
C ILE C 510 -21.04 -10.16 38.95
N LYS C 511 -20.26 -10.92 39.69
CA LYS C 511 -18.83 -11.03 39.47
C LYS C 511 -18.50 -12.38 38.83
N ASN C 512 -17.35 -12.41 38.14
CA ASN C 512 -16.80 -13.63 37.53
C ASN C 512 -17.75 -14.26 36.52
N GLN C 513 -18.45 -13.41 35.76
CA GLN C 513 -19.40 -13.89 34.76
C GLN C 513 -19.53 -12.84 33.67
N CYS C 514 -19.62 -13.29 32.42
CA CYS C 514 -19.73 -12.38 31.28
C CYS C 514 -21.13 -11.80 31.23
N VAL C 515 -21.25 -10.49 31.46
CA VAL C 515 -22.52 -9.80 31.53
C VAL C 515 -22.46 -8.51 30.72
N ASN C 516 -23.64 -7.97 30.43
CA ASN C 516 -23.75 -6.59 30.00
C ASN C 516 -23.82 -5.70 31.24
N PHE C 517 -23.02 -4.64 31.26
CA PHE C 517 -22.98 -3.75 32.40
C PHE C 517 -23.29 -2.32 31.96
N ASN C 518 -23.76 -1.52 32.92
CA ASN C 518 -24.17 -0.15 32.70
C ASN C 518 -23.90 0.61 34.01
N PHE C 519 -22.77 1.29 34.08
CA PHE C 519 -22.39 2.08 35.24
C PHE C 519 -22.54 3.56 34.90
N ASN C 520 -23.59 4.19 35.44
CA ASN C 520 -23.86 5.62 35.29
C ASN C 520 -23.97 6.04 33.83
N GLY C 521 -24.63 5.22 33.03
CA GLY C 521 -24.76 5.49 31.61
C GLY C 521 -23.59 5.02 30.77
N LEU C 522 -22.54 4.49 31.38
CA LEU C 522 -21.40 3.92 30.65
C LEU C 522 -21.67 2.44 30.46
N THR C 523 -21.92 2.03 29.21
CA THR C 523 -22.41 0.70 28.89
C THR C 523 -21.30 -0.14 28.29
N GLY C 524 -21.44 -1.46 28.40
CA GLY C 524 -20.47 -2.34 27.79
C GLY C 524 -20.78 -3.79 28.09
N THR C 525 -19.86 -4.66 27.64
CA THR C 525 -19.97 -6.10 27.84
C THR C 525 -18.63 -6.62 28.35
N GLY C 526 -18.66 -7.39 29.43
CA GLY C 526 -17.42 -7.89 29.98
C GLY C 526 -17.64 -8.67 31.24
N VAL C 527 -16.54 -8.96 31.92
CA VAL C 527 -16.55 -9.68 33.19
C VAL C 527 -15.93 -8.79 34.26
N LEU C 528 -16.56 -8.77 35.43
CA LEU C 528 -16.21 -7.88 36.53
C LEU C 528 -15.45 -8.66 37.60
N THR C 529 -14.44 -8.02 38.18
CA THR C 529 -13.57 -8.66 39.14
C THR C 529 -13.24 -7.67 40.27
N PRO C 530 -13.14 -8.14 41.52
CA PRO C 530 -12.62 -7.27 42.58
C PRO C 530 -11.20 -6.83 42.30
N SER C 531 -10.87 -5.63 42.76
CA SER C 531 -9.68 -4.93 42.29
C SER C 531 -8.76 -4.56 43.45
N SER C 532 -7.49 -4.36 43.12
CA SER C 532 -6.48 -3.85 44.05
C SER C 532 -6.03 -2.44 43.71
N LYS C 533 -6.63 -1.81 42.71
CA LYS C 533 -6.29 -0.43 42.36
C LYS C 533 -6.76 0.51 43.47
N ARG C 534 -5.98 1.57 43.68
CA ARG C 534 -6.19 2.49 44.80
C ARG C 534 -6.58 3.87 44.23
N PHE C 535 -7.88 4.07 44.08
CA PHE C 535 -8.38 5.34 43.57
C PHE C 535 -8.27 6.42 44.63
N GLN C 536 -8.25 7.64 44.19
CA GLN C 536 -8.35 8.82 45.03
C GLN C 536 -9.75 9.41 44.93
N PRO C 537 -10.26 10.06 46.00
CA PRO C 537 -11.70 10.33 46.09
C PRO C 537 -12.28 11.22 44.99
N PHE C 538 -11.46 11.92 44.23
CA PHE C 538 -11.97 12.65 43.07
C PHE C 538 -11.99 11.82 41.79
N GLN C 539 -11.44 10.60 41.83
CA GLN C 539 -11.37 9.75 40.64
C GLN C 539 -12.56 8.82 40.58
N GLN C 540 -13.04 8.56 39.36
CA GLN C 540 -14.23 7.76 39.16
C GLN C 540 -14.03 6.50 38.33
N PHE C 541 -13.06 6.48 37.42
CA PHE C 541 -12.84 5.30 36.59
C PHE C 541 -11.42 5.32 36.03
N GLY C 542 -10.92 4.12 35.68
CA GLY C 542 -9.62 3.97 35.07
C GLY C 542 -9.69 3.98 33.55
N ARG C 543 -8.52 3.87 32.92
CA ARG C 543 -8.43 4.13 31.49
C ARG C 543 -7.24 3.37 30.89
N ASP C 544 -7.43 2.84 29.70
CA ASP C 544 -6.38 2.24 28.90
C ASP C 544 -5.79 3.23 27.90
N VAL C 545 -4.69 2.81 27.28
CA VAL C 545 -3.98 3.65 26.32
C VAL C 545 -4.81 3.86 25.05
N SER C 546 -5.63 2.88 24.71
CA SER C 546 -6.54 3.01 23.56
C SER C 546 -7.93 3.49 23.96
N ASP C 547 -8.02 4.27 25.04
CA ASP C 547 -9.25 4.90 25.54
C ASP C 547 -10.33 3.89 25.90
N PHE C 548 -9.93 2.70 26.33
CA PHE C 548 -10.85 1.74 26.90
C PHE C 548 -10.84 1.86 28.42
N THR C 549 -12.03 1.74 29.02
CA THR C 549 -12.14 1.76 30.47
C THR C 549 -11.86 0.38 31.01
N ASP C 550 -10.89 0.27 31.93
CA ASP C 550 -10.52 -1.02 32.50
C ASP C 550 -10.87 -1.18 33.96
N SER C 551 -11.27 -0.10 34.65
CA SER C 551 -11.74 -0.22 36.02
C SER C 551 -12.78 0.87 36.26
N VAL C 552 -13.63 0.65 37.27
CA VAL C 552 -14.73 1.55 37.54
C VAL C 552 -14.97 1.56 39.04
N ARG C 553 -15.59 2.63 39.53
CA ARG C 553 -15.95 2.74 40.94
C ARG C 553 -17.46 2.58 41.08
N ASP C 554 -17.87 1.72 42.02
CA ASP C 554 -19.28 1.41 42.21
C ASP C 554 -20.02 2.62 42.75
N PRO C 555 -21.09 3.08 42.10
CA PRO C 555 -21.82 4.26 42.57
C PRO C 555 -22.71 4.02 43.79
N LYS C 556 -22.69 2.83 44.39
CA LYS C 556 -23.43 2.62 45.64
C LYS C 556 -22.50 2.24 46.78
N THR C 557 -21.62 1.28 46.55
CA THR C 557 -20.77 0.74 47.61
C THR C 557 -19.36 1.32 47.61
N SER C 558 -19.01 2.13 46.58
CA SER C 558 -17.68 2.73 46.42
C SER C 558 -16.59 1.67 46.42
N GLU C 559 -16.76 0.65 45.59
CA GLU C 559 -15.80 -0.44 45.44
C GLU C 559 -15.27 -0.41 44.01
N ILE C 560 -13.96 -0.61 43.87
CA ILE C 560 -13.33 -0.58 42.56
C ILE C 560 -13.42 -1.96 41.92
N LEU C 561 -13.86 -2.00 40.67
CA LEU C 561 -14.03 -3.25 39.93
C LEU C 561 -13.26 -3.18 38.63
N ASP C 562 -12.49 -4.22 38.34
CA ASP C 562 -11.81 -4.37 37.06
C ASP C 562 -12.73 -5.01 36.03
N ILE C 563 -12.63 -4.52 34.80
CA ILE C 563 -13.42 -4.99 33.68
C ILE C 563 -12.49 -5.69 32.70
N SER C 564 -12.86 -6.90 32.30
CA SER C 564 -12.07 -7.67 31.35
C SER C 564 -12.97 -8.12 30.21
N PRO C 565 -12.42 -8.31 29.01
CA PRO C 565 -13.26 -8.78 27.91
C PRO C 565 -13.70 -10.23 28.09
N CYS C 566 -14.89 -10.53 27.58
CA CYS C 566 -15.34 -11.91 27.51
C CYS C 566 -14.49 -12.65 26.49
N SER C 567 -14.24 -13.94 26.75
CA SER C 567 -13.21 -14.66 26.02
C SER C 567 -13.60 -14.89 24.56
N PHE C 568 -12.66 -14.62 23.67
CA PHE C 568 -12.85 -14.70 22.23
C PHE C 568 -11.56 -15.22 21.63
N GLY C 569 -11.63 -15.64 20.36
CA GLY C 569 -10.42 -16.06 19.69
C GLY C 569 -10.73 -16.69 18.34
N GLY C 570 -9.76 -17.44 17.82
CA GLY C 570 -9.90 -18.09 16.53
C GLY C 570 -10.25 -19.57 16.64
N VAL C 571 -10.87 -20.09 15.59
CA VAL C 571 -11.27 -21.49 15.51
C VAL C 571 -10.57 -22.11 14.31
N SER C 572 -9.85 -23.20 14.53
CA SER C 572 -9.18 -23.91 13.46
C SER C 572 -9.74 -25.32 13.34
N VAL C 573 -9.88 -25.80 12.10
CA VAL C 573 -10.43 -27.11 11.80
C VAL C 573 -9.32 -27.98 11.22
N ILE C 574 -9.13 -29.16 11.79
CA ILE C 574 -8.11 -30.11 11.40
C ILE C 574 -8.81 -31.29 10.74
N THR C 575 -8.49 -31.55 9.48
CA THR C 575 -9.09 -32.65 8.74
C THR C 575 -8.02 -33.52 8.11
N PRO C 576 -8.27 -34.83 8.02
CA PRO C 576 -7.37 -35.71 7.26
C PRO C 576 -7.58 -35.68 5.76
N GLY C 577 -8.59 -34.98 5.28
CA GLY C 577 -8.95 -34.98 3.87
C GLY C 577 -10.33 -35.59 3.74
N THR C 578 -11.07 -35.14 2.72
CA THR C 578 -12.45 -35.59 2.56
C THR C 578 -12.52 -37.03 2.06
N ASN C 579 -11.61 -37.42 1.16
CA ASN C 579 -11.62 -38.78 0.65
C ASN C 579 -11.16 -39.79 1.69
N ALA C 580 -10.45 -39.34 2.72
CA ALA C 580 -10.01 -40.24 3.78
C ALA C 580 -11.12 -40.46 4.82
N SER C 581 -11.66 -39.38 5.37
CA SER C 581 -12.66 -39.48 6.42
C SER C 581 -13.48 -38.20 6.46
N SER C 582 -14.53 -38.23 7.29
CA SER C 582 -15.37 -37.07 7.52
C SER C 582 -15.25 -36.53 8.94
N GLU C 583 -14.37 -37.11 9.76
CA GLU C 583 -14.15 -36.62 11.11
C GLU C 583 -13.18 -35.43 11.08
N VAL C 584 -13.40 -34.48 12.00
CA VAL C 584 -12.55 -33.32 12.12
C VAL C 584 -12.23 -33.12 13.60
N ALA C 585 -11.14 -32.39 13.85
CA ALA C 585 -10.81 -31.90 15.18
C ALA C 585 -10.88 -30.38 15.16
N VAL C 586 -11.17 -29.79 16.31
CA VAL C 586 -11.35 -28.34 16.41
C VAL C 586 -10.40 -27.81 17.46
N LEU C 587 -9.65 -26.76 17.10
CA LEU C 587 -8.78 -26.06 18.03
C LEU C 587 -9.33 -24.67 18.29
N TYR C 588 -9.65 -24.39 19.55
CA TYR C 588 -10.02 -23.05 20.00
C TYR C 588 -8.76 -22.38 20.53
N GLN C 589 -8.32 -21.32 19.84
CA GLN C 589 -6.97 -20.81 20.04
C GLN C 589 -6.89 -19.89 21.25
N ASP C 590 -5.94 -20.17 22.14
CA ASP C 590 -5.61 -19.36 23.32
C ASP C 590 -6.81 -19.19 24.25
N VAL C 591 -7.24 -20.31 24.83
CA VAL C 591 -8.39 -20.31 25.73
C VAL C 591 -8.23 -21.48 26.70
N ASN C 592 -8.83 -21.35 27.88
CA ASN C 592 -8.88 -22.41 28.85
C ASN C 592 -10.00 -23.38 28.51
N CYS C 593 -9.78 -24.66 28.80
CA CYS C 593 -10.72 -25.70 28.36
C CYS C 593 -12.00 -25.72 29.17
N THR C 594 -11.94 -25.32 30.44
CA THR C 594 -13.15 -25.24 31.25
C THR C 594 -14.11 -24.19 30.73
N ASP C 595 -13.57 -23.07 30.23
CA ASP C 595 -14.42 -22.00 29.72
C ASP C 595 -15.20 -22.45 28.48
N VAL C 596 -14.51 -23.09 27.53
CA VAL C 596 -15.21 -23.53 26.32
C VAL C 596 -16.13 -24.69 26.62
N SER C 597 -15.77 -25.56 27.57
CA SER C 597 -16.66 -26.66 27.92
C SER C 597 -17.95 -26.16 28.55
N THR C 598 -17.85 -25.18 29.48
CA THR C 598 -19.05 -24.63 30.09
C THR C 598 -19.87 -23.80 29.10
N ALA C 599 -19.21 -23.10 28.17
CA ALA C 599 -19.95 -22.33 27.20
C ALA C 599 -20.65 -23.22 26.18
N ILE C 600 -20.05 -24.36 25.85
CA ILE C 600 -20.71 -25.31 24.95
C ILE C 600 -21.88 -25.99 25.65
N HIS C 601 -21.69 -26.43 26.89
CA HIS C 601 -22.77 -27.10 27.60
C HIS C 601 -23.89 -26.14 28.00
N ALA C 602 -23.61 -24.85 28.15
CA ALA C 602 -24.61 -23.87 28.50
C ALA C 602 -25.16 -23.12 27.30
N ASP C 603 -24.77 -23.53 26.09
CA ASP C 603 -25.25 -22.96 24.82
C ASP C 603 -24.95 -21.46 24.71
N GLN C 604 -23.68 -21.11 24.88
CA GLN C 604 -23.27 -19.72 24.94
C GLN C 604 -22.05 -19.40 24.07
N LEU C 605 -21.80 -20.17 23.01
CA LEU C 605 -20.77 -19.82 22.05
C LEU C 605 -21.40 -19.32 20.76
N THR C 606 -20.75 -18.34 20.13
CA THR C 606 -21.26 -17.82 18.85
C THR C 606 -21.23 -18.83 17.72
N PRO C 607 -20.12 -19.59 17.46
CA PRO C 607 -20.29 -20.64 16.42
C PRO C 607 -21.08 -21.83 16.97
N ALA C 608 -22.40 -21.68 16.96
CA ALA C 608 -23.30 -22.71 17.48
C ALA C 608 -23.57 -23.71 16.36
N TRP C 609 -22.96 -24.89 16.46
CA TRP C 609 -23.17 -25.95 15.49
C TRP C 609 -24.27 -26.86 16.00
N ARG C 610 -25.27 -27.12 15.15
CA ARG C 610 -26.47 -27.84 15.60
C ARG C 610 -26.15 -29.29 15.94
N ILE C 611 -25.43 -29.98 15.07
CA ILE C 611 -25.06 -31.37 15.34
C ILE C 611 -23.55 -31.41 15.64
N TYR C 612 -23.21 -31.28 16.91
CA TYR C 612 -21.81 -31.24 17.32
C TYR C 612 -21.74 -31.60 18.79
N SER C 613 -20.85 -32.53 19.12
CA SER C 613 -20.68 -33.00 20.49
C SER C 613 -19.24 -32.81 20.91
N THR C 614 -19.05 -32.36 22.16
CA THR C 614 -17.70 -32.19 22.68
C THR C 614 -17.01 -33.53 22.90
N GLY C 615 -17.70 -34.47 23.51
CA GLY C 615 -17.14 -35.78 23.76
C GLY C 615 -16.20 -35.81 24.94
N ASN C 616 -15.48 -36.92 25.05
CA ASN C 616 -14.52 -37.12 26.13
C ASN C 616 -13.10 -36.71 25.76
N ASN C 617 -12.86 -36.32 24.50
CA ASN C 617 -11.51 -36.00 24.03
C ASN C 617 -11.33 -34.48 24.06
N VAL C 618 -10.99 -33.98 25.24
CA VAL C 618 -10.63 -32.58 25.43
C VAL C 618 -9.21 -32.53 25.94
N PHE C 619 -8.35 -31.77 25.26
CA PHE C 619 -6.93 -31.77 25.57
C PHE C 619 -6.44 -30.33 25.59
N GLN C 620 -5.71 -29.97 26.64
CA GLN C 620 -5.20 -28.61 26.80
C GLN C 620 -3.77 -28.54 26.29
N THR C 621 -3.57 -27.78 25.22
CA THR C 621 -2.26 -27.46 24.69
C THR C 621 -1.90 -26.03 25.09
N GLN C 622 -0.73 -25.58 24.65
CA GLN C 622 -0.36 -24.19 24.86
C GLN C 622 -0.84 -23.32 23.70
N ALA C 623 -1.34 -23.94 22.62
CA ALA C 623 -1.95 -23.19 21.54
C ALA C 623 -3.43 -22.93 21.79
N GLY C 624 -4.04 -23.67 22.69
CA GLY C 624 -5.46 -23.56 22.96
C GLY C 624 -6.02 -24.93 23.32
N CYS C 625 -7.33 -25.05 23.19
CA CYS C 625 -8.04 -26.28 23.51
C CYS C 625 -8.28 -27.11 22.25
N LEU C 626 -7.95 -28.40 22.32
CA LEU C 626 -8.12 -29.31 21.20
C LEU C 626 -9.23 -30.29 21.53
N ILE C 627 -10.24 -30.34 20.67
CA ILE C 627 -11.40 -31.19 20.86
C ILE C 627 -11.54 -32.11 19.66
N GLY C 628 -11.65 -33.41 19.92
CA GLY C 628 -11.82 -34.39 18.87
C GLY C 628 -10.58 -35.16 18.50
N ALA C 629 -9.49 -35.00 19.24
CA ALA C 629 -8.24 -35.71 18.98
C ALA C 629 -7.80 -36.43 20.24
N GLU C 630 -7.26 -37.63 20.07
CA GLU C 630 -6.89 -38.49 21.18
C GLU C 630 -5.39 -38.39 21.42
N HIS C 631 -5.01 -38.12 22.66
CA HIS C 631 -3.61 -37.98 23.02
C HIS C 631 -2.94 -39.35 23.13
N VAL C 632 -1.81 -39.50 22.45
CA VAL C 632 -1.02 -40.73 22.48
C VAL C 632 0.37 -40.40 23.01
N ASP C 633 1.07 -41.43 23.46
CA ASP C 633 2.40 -41.26 24.04
C ASP C 633 3.53 -41.54 23.06
N THR C 634 3.24 -42.19 21.94
CA THR C 634 4.28 -42.40 20.93
C THR C 634 4.58 -41.11 20.19
N SER C 635 5.78 -41.03 19.63
CA SER C 635 6.21 -39.86 18.87
C SER C 635 6.48 -40.26 17.43
N TYR C 636 6.07 -39.39 16.50
CA TYR C 636 6.25 -39.60 15.08
C TYR C 636 6.74 -38.31 14.45
N GLU C 637 7.01 -38.37 13.15
CA GLU C 637 7.27 -37.16 12.38
C GLU C 637 6.01 -36.32 12.28
N CYS C 638 6.20 -35.01 12.22
CA CYS C 638 5.06 -34.10 12.21
C CYS C 638 4.31 -34.19 10.88
N ASP C 639 2.99 -34.26 10.98
CA ASP C 639 2.11 -34.32 9.82
C ASP C 639 1.26 -33.06 9.68
N ILE C 640 0.49 -32.72 10.72
CA ILE C 640 -0.27 -31.48 10.75
C ILE C 640 0.18 -30.69 11.97
N PRO C 641 0.86 -29.56 11.79
CA PRO C 641 1.39 -28.82 12.95
C PRO C 641 0.30 -28.08 13.71
N ILE C 642 0.26 -28.28 15.02
CA ILE C 642 -0.63 -27.53 15.90
C ILE C 642 0.12 -26.43 16.63
N GLY C 643 1.22 -26.76 17.27
CA GLY C 643 2.08 -25.75 17.87
C GLY C 643 2.68 -26.20 19.19
N ALA C 644 3.74 -25.50 19.59
CA ALA C 644 4.48 -25.76 20.84
C ALA C 644 4.97 -27.20 20.92
N GLY C 645 5.40 -27.74 19.78
CA GLY C 645 5.85 -29.11 19.70
C GLY C 645 4.75 -30.14 19.55
N ILE C 646 3.50 -29.71 19.43
CA ILE C 646 2.37 -30.62 19.33
C ILE C 646 1.95 -30.72 17.88
N CYS C 647 1.78 -31.95 17.40
CA CYS C 647 1.45 -32.26 16.02
C CYS C 647 0.29 -33.25 16.00
N ALA C 648 -0.41 -33.32 14.87
CA ALA C 648 -1.60 -34.16 14.74
C ALA C 648 -1.52 -35.01 13.49
N SER C 649 -2.16 -36.18 13.54
CA SER C 649 -2.15 -37.10 12.41
C SER C 649 -3.37 -38.00 12.47
N TYR C 650 -3.50 -38.88 11.48
CA TYR C 650 -4.65 -39.78 11.33
C TYR C 650 -4.13 -41.21 11.34
N HIS C 651 -4.26 -41.89 12.48
CA HIS C 651 -3.63 -43.19 12.67
C HIS C 651 -4.66 -44.23 13.06
N THR C 652 -4.20 -45.45 13.25
CA THR C 652 -5.07 -46.57 13.60
C THR C 652 -5.29 -46.64 15.11
N GLN C 661 -9.96 -49.47 12.02
CA GLN C 661 -10.58 -48.28 12.58
C GLN C 661 -9.54 -47.22 12.88
N LYS C 662 -9.69 -46.05 12.26
CA LYS C 662 -8.74 -44.96 12.37
C LYS C 662 -9.36 -43.78 13.10
N SER C 663 -8.50 -42.97 13.71
CA SER C 663 -8.92 -41.76 14.40
C SER C 663 -7.80 -40.73 14.33
N ILE C 664 -8.15 -39.50 14.65
CA ILE C 664 -7.18 -38.41 14.71
C ILE C 664 -6.49 -38.44 16.07
N VAL C 665 -5.15 -38.42 16.05
CA VAL C 665 -4.35 -38.48 17.25
C VAL C 665 -3.44 -37.26 17.30
N ALA C 666 -3.07 -36.88 18.53
CA ALA C 666 -2.20 -35.75 18.79
C ALA C 666 -1.01 -36.22 19.62
N TYR C 667 0.18 -35.79 19.23
CA TYR C 667 1.40 -36.29 19.85
C TYR C 667 2.44 -35.17 19.91
N THR C 668 3.53 -35.45 20.61
CA THR C 668 4.73 -34.62 20.60
C THR C 668 5.65 -35.14 19.49
N MET C 669 6.07 -34.24 18.61
CA MET C 669 6.84 -34.66 17.45
C MET C 669 8.25 -35.10 17.84
N SER C 670 8.78 -36.05 17.08
CA SER C 670 10.15 -36.51 17.27
C SER C 670 11.08 -35.74 16.33
N LEU C 671 12.26 -35.39 16.85
CA LEU C 671 13.17 -34.54 16.09
C LEU C 671 13.95 -35.31 15.04
N GLY C 672 14.10 -36.62 15.22
CA GLY C 672 14.82 -37.41 14.25
C GLY C 672 15.20 -38.74 14.84
N ALA C 673 15.86 -39.55 14.01
CA ALA C 673 16.33 -40.86 14.44
C ALA C 673 17.43 -40.72 15.47
N ASP C 674 17.38 -41.55 16.50
CA ASP C 674 18.34 -41.50 17.59
C ASP C 674 19.43 -42.52 17.35
N SER C 675 20.68 -42.07 17.37
CA SER C 675 21.82 -42.95 17.13
C SER C 675 22.98 -42.47 17.98
N SER C 676 23.84 -43.41 18.35
CA SER C 676 25.03 -43.11 19.14
C SER C 676 26.25 -43.66 18.43
N ILE C 677 27.22 -42.78 18.16
CA ILE C 677 28.54 -43.17 17.68
C ILE C 677 29.55 -42.83 18.76
N ALA C 678 30.46 -43.75 19.02
CA ALA C 678 31.35 -43.63 20.16
C ALA C 678 32.71 -43.07 19.70
N TYR C 679 33.12 -41.97 20.32
CA TYR C 679 34.42 -41.39 20.07
C TYR C 679 35.51 -42.32 20.60
N SER C 680 36.51 -42.58 19.77
CA SER C 680 37.75 -43.19 20.20
C SER C 680 38.89 -42.42 19.55
N ASN C 681 40.04 -42.43 20.21
CA ASN C 681 41.15 -41.60 19.79
C ASN C 681 42.18 -42.34 18.95
N ASN C 682 41.93 -43.62 18.61
CA ASN C 682 42.84 -44.31 17.71
C ASN C 682 42.13 -45.24 16.73
N THR C 683 40.89 -44.93 16.37
CA THR C 683 40.18 -45.72 15.36
C THR C 683 39.52 -44.80 14.35
N ILE C 684 39.34 -45.32 13.13
CA ILE C 684 38.78 -44.57 12.01
C ILE C 684 37.83 -45.47 11.24
N ALA C 685 36.80 -44.88 10.66
CA ALA C 685 35.84 -45.59 9.83
C ALA C 685 36.00 -45.16 8.38
N ILE C 686 36.18 -46.13 7.50
CA ILE C 686 36.46 -45.86 6.09
C ILE C 686 35.46 -46.60 5.21
N PRO C 687 34.86 -45.95 4.22
CA PRO C 687 33.87 -46.63 3.37
C PRO C 687 34.52 -47.58 2.38
N THR C 688 33.82 -48.70 2.13
CA THR C 688 34.31 -49.72 1.22
C THR C 688 33.47 -49.90 -0.02
N ASN C 689 32.42 -49.08 -0.21
CA ASN C 689 31.61 -49.15 -1.42
C ASN C 689 31.01 -47.77 -1.67
N PHE C 690 30.22 -47.64 -2.73
CA PHE C 690 29.56 -46.38 -3.02
C PHE C 690 28.29 -46.65 -3.81
N SER C 691 27.49 -45.61 -3.94
CA SER C 691 26.29 -45.65 -4.76
C SER C 691 26.16 -44.33 -5.50
N ILE C 692 25.45 -44.38 -6.62
CA ILE C 692 25.15 -43.22 -7.45
C ILE C 692 23.69 -42.87 -7.24
N SER C 693 23.42 -41.65 -6.80
CA SER C 693 22.05 -41.22 -6.55
C SER C 693 21.71 -40.03 -7.43
N ILE C 694 20.45 -39.93 -7.83
CA ILE C 694 19.98 -38.81 -8.63
C ILE C 694 18.82 -38.15 -7.88
N THR C 695 18.91 -36.84 -7.71
CA THR C 695 18.01 -36.07 -6.86
C THR C 695 17.37 -34.95 -7.66
N THR C 696 16.09 -34.69 -7.38
CA THR C 696 15.28 -33.71 -8.08
C THR C 696 15.17 -32.44 -7.24
N GLU C 697 15.36 -31.28 -7.88
CA GLU C 697 15.09 -30.00 -7.25
C GLU C 697 14.23 -29.13 -8.16
N VAL C 698 13.14 -28.59 -7.62
CA VAL C 698 12.14 -27.88 -8.40
C VAL C 698 12.20 -26.39 -8.02
N MET C 699 12.35 -25.52 -9.02
CA MET C 699 12.52 -24.10 -8.77
C MET C 699 11.56 -23.27 -9.62
N PRO C 700 10.83 -22.33 -9.02
CA PRO C 700 10.03 -21.40 -9.81
C PRO C 700 10.89 -20.33 -10.46
N VAL C 701 10.49 -19.94 -11.67
CA VAL C 701 11.24 -18.96 -12.46
C VAL C 701 10.41 -17.72 -12.75
N SER C 702 9.19 -17.90 -13.26
CA SER C 702 8.35 -16.78 -13.64
C SER C 702 6.93 -17.01 -13.17
N MET C 703 6.09 -15.99 -13.36
CA MET C 703 4.67 -16.08 -13.11
C MET C 703 3.92 -15.45 -14.29
N ALA C 704 2.60 -15.42 -14.20
CA ALA C 704 1.78 -14.96 -15.31
C ALA C 704 1.83 -13.43 -15.44
N LYS C 705 1.84 -12.97 -16.68
CA LYS C 705 1.87 -11.54 -16.98
C LYS C 705 0.44 -11.05 -17.14
N THR C 706 0.00 -10.20 -16.23
CA THR C 706 -1.39 -9.80 -16.19
C THR C 706 -1.52 -8.29 -16.35
N SER C 707 -2.65 -7.86 -16.89
CA SER C 707 -2.93 -6.45 -17.09
C SER C 707 -4.41 -6.19 -16.84
N VAL C 708 -4.71 -4.94 -16.51
CA VAL C 708 -6.07 -4.50 -16.23
C VAL C 708 -6.31 -3.17 -16.95
N ASP C 709 -7.48 -3.05 -17.57
CA ASP C 709 -7.93 -1.77 -18.11
C ASP C 709 -8.62 -1.04 -16.96
N CYS C 710 -7.96 0.03 -16.49
CA CYS C 710 -8.38 0.72 -15.26
C CYS C 710 -9.76 1.34 -15.42
N ASN C 711 -10.02 1.99 -16.56
CA ASN C 711 -11.33 2.57 -16.83
C ASN C 711 -12.41 1.51 -17.01
N MET C 712 -12.08 0.37 -17.61
CA MET C 712 -13.08 -0.69 -17.75
C MET C 712 -13.40 -1.35 -16.43
N TYR C 713 -12.41 -1.50 -15.54
CA TYR C 713 -12.70 -2.04 -14.22
C TYR C 713 -13.52 -1.07 -13.39
N ILE C 714 -13.12 0.20 -13.35
CA ILE C 714 -13.77 1.15 -12.47
C ILE C 714 -15.10 1.63 -13.04
N CYS C 715 -15.12 2.05 -14.30
CA CYS C 715 -16.26 2.76 -14.85
C CYS C 715 -17.08 1.98 -15.85
N GLY C 716 -16.48 1.04 -16.57
CA GLY C 716 -17.20 0.35 -17.62
C GLY C 716 -17.33 1.20 -18.86
N ASP C 717 -18.56 1.55 -19.24
CA ASP C 717 -18.82 2.30 -20.46
C ASP C 717 -19.52 3.62 -20.16
N SER C 718 -19.28 4.18 -18.98
CA SER C 718 -19.95 5.40 -18.55
C SER C 718 -19.08 6.62 -18.83
N THR C 719 -19.71 7.68 -19.33
CA THR C 719 -19.05 8.94 -19.59
C THR C 719 -19.00 9.83 -18.35
N GLU C 720 -20.03 9.78 -17.50
CA GLU C 720 -20.03 10.48 -16.23
C GLU C 720 -18.97 9.95 -15.28
N CYS C 721 -18.81 8.63 -15.21
CA CYS C 721 -17.81 8.03 -14.33
C CYS C 721 -16.40 8.39 -14.75
N ALA C 722 -16.13 8.47 -16.05
CA ALA C 722 -14.80 8.87 -16.52
C ALA C 722 -14.47 10.31 -16.17
N ASN C 723 -15.42 11.23 -16.32
CA ASN C 723 -15.22 12.61 -15.90
C ASN C 723 -15.11 12.76 -14.39
N LEU C 724 -15.75 11.89 -13.62
CA LEU C 724 -15.55 11.91 -12.18
C LEU C 724 -14.19 11.32 -11.80
N LEU C 725 -13.71 10.33 -12.55
CA LEU C 725 -12.42 9.70 -12.26
C LEU C 725 -11.26 10.60 -12.67
N LEU C 726 -11.49 11.52 -13.60
CA LEU C 726 -10.45 12.48 -13.98
C LEU C 726 -10.04 13.42 -12.83
N GLN C 727 -10.86 13.52 -11.78
CA GLN C 727 -10.56 14.40 -10.67
C GLN C 727 -9.50 13.85 -9.73
N TYR C 728 -9.08 12.59 -9.91
CA TYR C 728 -8.11 11.97 -9.03
C TYR C 728 -6.69 12.04 -9.58
N GLY C 729 -6.49 12.73 -10.71
CA GLY C 729 -5.16 12.91 -11.24
C GLY C 729 -4.72 11.77 -12.12
N SER C 730 -3.53 11.24 -11.86
CA SER C 730 -3.00 10.12 -12.63
C SER C 730 -2.83 8.94 -11.69
N PHE C 731 -3.93 8.19 -11.51
CA PHE C 731 -3.88 6.95 -10.76
C PHE C 731 -3.95 5.73 -11.67
N CYS C 732 -4.60 5.82 -12.82
CA CYS C 732 -4.66 4.66 -13.69
C CYS C 732 -3.34 4.45 -14.43
N THR C 733 -2.70 5.55 -14.84
CA THR C 733 -1.40 5.47 -15.53
C THR C 733 -0.33 4.84 -14.65
N GLN C 734 -0.33 5.18 -13.35
CA GLN C 734 0.70 4.68 -12.44
C GLN C 734 0.57 3.18 -12.20
N LEU C 735 -0.66 2.67 -12.02
CA LEU C 735 -0.86 1.24 -11.84
C LEU C 735 -0.62 0.46 -13.14
N ASN C 736 -0.97 1.05 -14.30
CA ASN C 736 -0.61 0.41 -15.57
C ASN C 736 0.90 0.31 -15.72
N ARG C 737 1.63 1.35 -15.33
CA ARG C 737 3.08 1.35 -15.43
C ARG C 737 3.70 0.30 -14.51
N ALA C 738 3.16 0.16 -13.29
CA ALA C 738 3.67 -0.85 -12.36
C ALA C 738 3.44 -2.27 -12.88
N LEU C 739 2.25 -2.54 -13.41
CA LEU C 739 1.94 -3.87 -13.93
C LEU C 739 2.77 -4.20 -15.16
N SER C 740 3.01 -3.19 -16.01
CA SER C 740 3.88 -3.39 -17.17
C SER C 740 5.31 -3.69 -16.75
N GLY C 741 5.79 -3.05 -15.69
CA GLY C 741 7.12 -3.35 -15.18
C GLY C 741 7.26 -4.77 -14.68
N ILE C 742 6.23 -5.27 -13.97
CA ILE C 742 6.22 -6.68 -13.56
C ILE C 742 6.25 -7.60 -14.77
N ALA C 743 5.43 -7.29 -15.79
CA ALA C 743 5.34 -8.14 -16.97
C ALA C 743 6.66 -8.22 -17.73
N ALA C 744 7.42 -7.12 -17.78
CA ALA C 744 8.72 -7.18 -18.43
C ALA C 744 9.75 -7.92 -17.57
N GLU C 745 9.64 -7.79 -16.25
CA GLU C 745 10.52 -8.48 -15.33
C GLU C 745 10.44 -10.00 -15.47
N GLN C 746 9.24 -10.53 -15.75
CA GLN C 746 9.09 -11.98 -15.89
C GLN C 746 9.90 -12.52 -17.09
N ASP C 747 9.84 -11.82 -18.22
CA ASP C 747 10.63 -12.21 -19.39
C ASP C 747 12.12 -12.10 -19.13
N ARG C 748 12.53 -11.06 -18.39
CA ARG C 748 13.94 -10.94 -18.01
C ARG C 748 14.39 -12.13 -17.16
N ASN C 749 13.55 -12.57 -16.22
CA ASN C 749 13.87 -13.74 -15.39
C ASN C 749 14.09 -14.98 -16.24
N THR C 750 13.15 -15.28 -17.14
CA THR C 750 13.27 -16.49 -17.96
C THR C 750 14.51 -16.43 -18.85
N ARG C 751 14.81 -15.25 -19.41
CA ARG C 751 15.99 -15.10 -20.25
C ARG C 751 17.27 -15.35 -19.47
N GLU C 752 17.39 -14.79 -18.27
CA GLU C 752 18.68 -14.92 -17.58
C GLU C 752 18.83 -16.31 -16.96
N VAL C 753 17.74 -17.07 -16.82
CA VAL C 753 17.88 -18.45 -16.38
C VAL C 753 18.28 -19.36 -17.54
N PHE C 754 17.51 -19.34 -18.64
CA PHE C 754 17.65 -20.39 -19.64
C PHE C 754 18.65 -20.10 -20.75
N ALA C 755 18.84 -18.84 -21.13
CA ALA C 755 19.68 -18.51 -22.30
C ALA C 755 21.13 -18.35 -21.87
N GLN C 756 21.75 -19.45 -21.49
CA GLN C 756 23.15 -19.43 -21.06
C GLN C 756 24.12 -20.04 -22.05
N VAL C 757 23.65 -20.63 -23.14
CA VAL C 757 24.52 -21.13 -24.19
C VAL C 757 24.54 -20.14 -25.34
N LYS C 758 25.67 -20.09 -26.04
CA LYS C 758 25.80 -19.31 -27.26
C LYS C 758 25.75 -20.19 -28.51
N GLN C 759 25.70 -21.50 -28.34
CA GLN C 759 25.68 -22.44 -29.46
C GLN C 759 24.51 -23.39 -29.28
N MET C 760 23.79 -23.68 -30.36
CA MET C 760 22.72 -24.66 -30.33
C MET C 760 23.32 -26.00 -30.74
N TYR C 761 23.82 -26.76 -29.77
CA TYR C 761 24.39 -28.06 -30.05
C TYR C 761 23.30 -29.04 -30.44
N LYS C 762 23.53 -29.75 -31.53
CA LYS C 762 22.55 -30.71 -32.03
C LYS C 762 22.53 -31.96 -31.16
N THR C 763 21.35 -32.56 -31.04
CA THR C 763 21.23 -33.80 -30.28
C THR C 763 21.90 -34.93 -31.05
N PRO C 764 22.75 -35.73 -30.39
CA PRO C 764 23.39 -36.84 -31.09
C PRO C 764 22.39 -37.91 -31.50
N THR C 765 22.71 -38.59 -32.61
CA THR C 765 21.87 -39.69 -33.08
C THR C 765 21.94 -40.88 -32.12
N LEU C 766 23.12 -41.17 -31.59
CA LEU C 766 23.30 -42.24 -30.61
C LEU C 766 23.25 -41.65 -29.21
N LYS C 767 22.45 -42.26 -28.34
CA LYS C 767 22.23 -41.77 -27.00
C LYS C 767 22.68 -42.78 -25.95
N TYR C 768 23.80 -43.45 -26.23
CA TYR C 768 24.38 -44.45 -25.34
C TYR C 768 25.89 -44.20 -25.32
N PHE C 769 26.38 -43.55 -24.26
CA PHE C 769 27.75 -43.07 -24.19
C PHE C 769 28.51 -43.90 -23.17
N GLY C 770 29.09 -45.00 -23.62
CA GLY C 770 29.89 -45.84 -22.73
C GLY C 770 29.07 -46.63 -21.73
N GLY C 771 27.81 -46.90 -22.04
CA GLY C 771 26.93 -47.61 -21.13
C GLY C 771 25.95 -46.73 -20.39
N PHE C 772 26.08 -45.42 -20.49
CA PHE C 772 25.16 -44.49 -19.85
C PHE C 772 24.06 -44.14 -20.83
N ASN C 773 22.82 -44.32 -20.42
CA ASN C 773 21.66 -44.20 -21.30
C ASN C 773 21.04 -42.81 -21.12
N PHE C 774 21.13 -41.98 -22.16
CA PHE C 774 20.65 -40.60 -22.12
C PHE C 774 19.35 -40.41 -22.88
N SER C 775 18.58 -41.48 -23.07
CA SER C 775 17.44 -41.41 -23.98
C SER C 775 16.26 -40.67 -23.37
N GLN C 776 16.07 -40.77 -22.06
CA GLN C 776 14.90 -40.20 -21.42
C GLN C 776 15.03 -38.72 -21.09
N ILE C 777 16.22 -38.13 -21.24
CA ILE C 777 16.41 -36.71 -20.98
C ILE C 777 16.76 -35.95 -22.25
N LEU C 778 16.74 -36.61 -23.40
CA LEU C 778 16.95 -36.00 -24.71
C LEU C 778 15.71 -36.17 -25.56
N PRO C 779 15.47 -35.30 -26.54
CA PRO C 779 14.27 -35.43 -27.38
C PRO C 779 14.35 -36.62 -28.32
N ASP C 780 13.18 -37.21 -28.59
CA ASP C 780 13.06 -38.36 -29.47
C ASP C 780 12.89 -37.89 -30.92
N PRO C 781 13.71 -38.36 -31.85
CA PRO C 781 13.55 -37.95 -33.26
C PRO C 781 12.27 -38.44 -33.92
N LEU C 782 11.61 -39.46 -33.37
CA LEU C 782 10.34 -39.94 -33.90
C LEU C 782 9.26 -39.77 -32.82
N LYS C 783 8.71 -38.56 -32.77
CA LYS C 783 7.70 -38.16 -31.80
C LYS C 783 7.11 -36.82 -32.23
N PRO C 784 5.78 -36.63 -32.12
CA PRO C 784 5.20 -35.32 -32.48
C PRO C 784 5.70 -34.18 -31.61
N THR C 785 5.89 -34.41 -30.31
CA THR C 785 6.37 -33.37 -29.44
C THR C 785 7.88 -33.18 -29.58
N LYS C 786 8.36 -32.01 -29.15
CA LYS C 786 9.76 -31.66 -29.20
C LYS C 786 10.39 -31.66 -27.81
N ARG C 787 9.75 -32.33 -26.86
CA ARG C 787 10.20 -32.40 -25.48
C ARG C 787 10.77 -33.79 -25.19
N SER C 788 11.34 -33.91 -24.00
CA SER C 788 11.79 -35.20 -23.50
C SER C 788 10.62 -35.97 -22.90
N PHE C 789 10.89 -37.22 -22.53
CA PHE C 789 9.90 -38.02 -21.83
C PHE C 789 9.63 -37.46 -20.44
N ILE C 790 10.70 -37.10 -19.72
CA ILE C 790 10.58 -36.54 -18.38
C ILE C 790 9.91 -35.17 -18.43
N GLU C 791 10.20 -34.39 -19.48
CA GLU C 791 9.55 -33.09 -19.63
C GLU C 791 8.07 -33.23 -19.94
N ASP C 792 7.68 -34.26 -20.71
CA ASP C 792 6.26 -34.54 -20.92
C ASP C 792 5.57 -34.90 -19.61
N LEU C 793 6.22 -35.71 -18.78
CA LEU C 793 5.66 -36.04 -17.47
C LEU C 793 5.50 -34.80 -16.60
N LEU C 794 6.51 -33.92 -16.59
CA LEU C 794 6.45 -32.70 -15.79
C LEU C 794 5.37 -31.75 -16.28
N PHE C 795 5.14 -31.72 -17.60
CA PHE C 795 4.07 -30.86 -18.10
C PHE C 795 2.70 -31.46 -17.84
N ASN C 796 2.60 -32.78 -17.71
CA ASN C 796 1.33 -33.39 -17.33
C ASN C 796 1.02 -33.18 -15.84
N LYS C 797 2.05 -33.09 -14.99
CA LYS C 797 1.78 -33.07 -13.56
C LYS C 797 1.25 -31.72 -13.06
N VAL C 798 1.28 -30.68 -13.87
CA VAL C 798 0.80 -29.36 -13.42
C VAL C 798 -0.59 -29.10 -13.98
N THR C 799 -1.52 -28.77 -13.08
CA THR C 799 -2.91 -28.54 -13.44
C THR C 799 -3.22 -27.05 -13.45
N LEU C 800 -3.76 -26.56 -14.55
CA LEU C 800 -4.11 -25.15 -14.67
C LEU C 800 -5.56 -24.91 -14.26
N ALA C 824 -11.92 -14.07 -26.43
CA ALA C 824 -13.15 -13.86 -25.68
C ALA C 824 -12.89 -13.04 -24.43
N GLN C 825 -13.21 -11.75 -24.50
CA GLN C 825 -13.02 -10.83 -23.40
C GLN C 825 -14.20 -10.86 -22.44
N LYS C 826 -14.02 -10.19 -21.30
CA LYS C 826 -15.03 -10.08 -20.27
C LYS C 826 -15.24 -8.61 -19.95
N PHE C 827 -16.33 -8.32 -19.23
CA PHE C 827 -16.64 -6.94 -18.87
C PHE C 827 -15.74 -6.40 -17.77
N ASN C 828 -14.96 -7.25 -17.09
CA ASN C 828 -14.16 -6.79 -15.97
C ASN C 828 -12.82 -6.19 -16.41
N GLY C 829 -12.37 -6.46 -17.63
CA GLY C 829 -11.20 -5.80 -18.16
C GLY C 829 -9.86 -6.40 -17.82
N LEU C 830 -9.81 -7.68 -17.45
CA LEU C 830 -8.58 -8.35 -17.03
C LEU C 830 -8.04 -9.21 -18.17
N THR C 831 -6.72 -9.22 -18.34
CA THR C 831 -6.10 -9.84 -19.50
C THR C 831 -4.79 -10.50 -19.07
N VAL C 832 -4.45 -11.62 -19.71
CA VAL C 832 -3.17 -12.30 -19.50
C VAL C 832 -2.39 -12.28 -20.82
N LEU C 833 -1.18 -11.71 -20.78
CA LEU C 833 -0.28 -11.59 -21.93
C LEU C 833 0.51 -12.89 -22.13
N PRO C 834 0.92 -13.17 -23.36
CA PRO C 834 1.70 -14.39 -23.61
C PRO C 834 3.18 -14.17 -23.31
N PRO C 835 3.90 -15.22 -22.94
CA PRO C 835 5.35 -15.09 -22.73
C PRO C 835 6.10 -14.87 -24.03
N LEU C 836 7.27 -14.25 -23.92
CA LEU C 836 8.10 -13.98 -25.09
C LEU C 836 8.70 -15.26 -25.65
N LEU C 837 9.26 -16.10 -24.79
CA LEU C 837 9.82 -17.38 -25.21
C LEU C 837 8.74 -18.45 -25.10
N THR C 838 8.49 -19.15 -26.20
CA THR C 838 7.54 -20.25 -26.18
C THR C 838 8.16 -21.47 -25.50
N ASP C 839 7.32 -22.47 -25.24
CA ASP C 839 7.78 -23.69 -24.58
C ASP C 839 8.73 -24.49 -25.46
N ASP C 840 8.58 -24.38 -26.78
CA ASP C 840 9.48 -25.10 -27.68
C ASP C 840 10.89 -24.50 -27.65
N MET C 841 11.00 -23.18 -27.52
CA MET C 841 12.30 -22.54 -27.39
C MET C 841 12.99 -22.95 -26.09
N ILE C 842 12.24 -23.04 -24.99
CA ILE C 842 12.81 -23.45 -23.71
C ILE C 842 13.24 -24.91 -23.77
N ALA C 843 12.44 -25.76 -24.41
CA ALA C 843 12.83 -27.17 -24.57
C ALA C 843 14.06 -27.31 -25.46
N ALA C 844 14.19 -26.46 -26.48
CA ALA C 844 15.40 -26.46 -27.31
C ALA C 844 16.62 -26.03 -26.51
N TYR C 845 16.46 -25.04 -25.64
CA TYR C 845 17.56 -24.59 -24.78
C TYR C 845 18.03 -25.71 -23.86
N THR C 846 17.09 -26.43 -23.24
CA THR C 846 17.48 -27.50 -22.32
C THR C 846 18.09 -28.68 -23.06
N ALA C 847 17.58 -28.98 -24.26
CA ALA C 847 18.18 -30.03 -25.08
C ALA C 847 19.61 -29.67 -25.48
N ALA C 848 19.86 -28.39 -25.82
CA ALA C 848 21.20 -27.96 -26.16
C ALA C 848 22.14 -28.08 -24.96
N LEU C 849 21.66 -27.73 -23.76
CA LEU C 849 22.50 -27.85 -22.57
C LEU C 849 22.84 -29.31 -22.27
N VAL C 850 21.86 -30.21 -22.38
CA VAL C 850 22.13 -31.62 -22.09
C VAL C 850 23.06 -32.24 -23.14
N SER C 851 22.88 -31.86 -24.42
CA SER C 851 23.77 -32.36 -25.46
C SER C 851 25.19 -31.84 -25.30
N GLY C 852 25.34 -30.57 -24.91
CA GLY C 852 26.66 -30.03 -24.66
C GLY C 852 27.35 -30.71 -23.48
N THR C 853 26.58 -31.01 -22.44
CA THR C 853 27.16 -31.75 -21.31
C THR C 853 27.58 -33.15 -21.72
N ALA C 854 26.76 -33.86 -22.50
CA ALA C 854 27.07 -35.22 -22.87
C ALA C 854 28.19 -35.32 -23.90
N THR C 855 28.46 -34.25 -24.65
CA THR C 855 29.46 -34.33 -25.72
C THR C 855 30.77 -33.62 -25.38
N ALA C 856 30.71 -32.48 -24.67
CA ALA C 856 31.90 -31.68 -24.46
C ALA C 856 32.26 -31.47 -22.99
N GLY C 857 31.48 -32.00 -22.07
CA GLY C 857 31.86 -31.96 -20.66
C GLY C 857 31.49 -30.62 -20.00
N TRP C 858 32.51 -29.85 -19.64
CA TRP C 858 32.34 -28.61 -18.91
C TRP C 858 33.01 -27.43 -19.61
N THR C 859 33.67 -27.67 -20.74
CA THR C 859 34.54 -26.66 -21.34
C THR C 859 33.78 -25.57 -22.09
N PHE C 860 32.50 -25.79 -22.38
CA PHE C 860 31.76 -24.82 -23.17
C PHE C 860 31.24 -23.65 -22.33
N GLY C 861 31.26 -23.76 -21.00
CA GLY C 861 30.92 -22.63 -20.17
C GLY C 861 32.08 -21.68 -19.98
N ALA C 862 33.31 -22.18 -20.11
CA ALA C 862 34.50 -21.37 -19.95
C ALA C 862 35.09 -20.87 -21.27
N GLY C 863 34.54 -21.30 -22.40
CA GLY C 863 35.07 -20.90 -23.69
C GLY C 863 34.41 -21.64 -24.83
N ALA C 864 35.22 -22.16 -25.76
CA ALA C 864 34.74 -22.99 -26.83
C ALA C 864 34.61 -24.43 -26.34
N ALA C 865 33.67 -25.17 -26.92
CA ALA C 865 33.43 -26.54 -26.51
C ALA C 865 34.54 -27.46 -27.01
N LEU C 866 35.11 -28.23 -26.09
CA LEU C 866 36.13 -29.23 -26.41
C LEU C 866 35.54 -30.60 -26.14
N GLN C 867 35.58 -31.47 -27.14
CA GLN C 867 34.91 -32.76 -27.03
C GLN C 867 35.82 -33.81 -26.43
N ILE C 868 35.21 -34.72 -25.67
CA ILE C 868 35.91 -35.70 -24.84
C ILE C 868 34.98 -36.91 -24.71
N PRO C 869 35.50 -38.14 -24.63
CA PRO C 869 34.62 -39.28 -24.33
C PRO C 869 34.01 -39.17 -22.94
N PHE C 870 32.87 -39.84 -22.76
CA PHE C 870 32.08 -39.63 -21.56
C PHE C 870 32.72 -40.27 -20.33
N ALA C 871 33.36 -41.42 -20.49
CA ALA C 871 33.98 -42.08 -19.35
C ALA C 871 35.19 -41.30 -18.85
N MET C 872 35.89 -40.61 -19.75
CA MET C 872 37.02 -39.78 -19.34
C MET C 872 36.55 -38.54 -18.59
N GLN C 873 35.41 -37.98 -19.01
CA GLN C 873 34.81 -36.88 -18.27
C GLN C 873 34.37 -37.32 -16.88
N MET C 874 33.77 -38.51 -16.77
CA MET C 874 33.37 -39.01 -15.46
C MET C 874 34.57 -39.33 -14.58
N ALA C 875 35.68 -39.78 -15.17
CA ALA C 875 36.91 -40.01 -14.40
C ALA C 875 37.49 -38.69 -13.90
N TYR C 876 37.42 -37.64 -14.71
CA TYR C 876 37.86 -36.31 -14.25
C TYR C 876 36.99 -35.81 -13.10
N ARG C 877 35.68 -36.08 -13.15
CA ARG C 877 34.81 -35.66 -12.06
C ARG C 877 35.06 -36.46 -10.78
N PHE C 878 35.35 -37.76 -10.92
CA PHE C 878 35.77 -38.56 -9.77
C PHE C 878 37.06 -38.02 -9.15
N ASN C 879 38.01 -37.60 -9.98
CA ASN C 879 39.19 -36.91 -9.46
C ASN C 879 38.80 -35.63 -8.75
N GLY C 880 37.77 -34.93 -9.25
CA GLY C 880 37.32 -33.71 -8.61
C GLY C 880 36.78 -33.92 -7.21
N ILE C 881 36.12 -35.06 -6.98
CA ILE C 881 35.62 -35.33 -5.62
C ILE C 881 36.61 -36.09 -4.75
N GLY C 882 37.86 -36.24 -5.18
CA GLY C 882 38.88 -36.86 -4.36
C GLY C 882 39.01 -38.36 -4.45
N VAL C 883 38.56 -38.98 -5.53
CA VAL C 883 38.70 -40.42 -5.75
C VAL C 883 39.52 -40.61 -7.02
N THR C 884 40.41 -41.59 -7.01
CA THR C 884 41.31 -41.78 -8.15
C THR C 884 40.56 -42.39 -9.34
N GLN C 885 41.21 -42.32 -10.51
CA GLN C 885 40.56 -42.66 -11.77
C GLN C 885 40.36 -44.16 -11.95
N ASN C 886 41.23 -44.97 -11.35
CA ASN C 886 41.09 -46.43 -11.47
C ASN C 886 39.83 -46.94 -10.82
N VAL C 887 39.29 -46.21 -9.85
CA VAL C 887 38.05 -46.61 -9.20
C VAL C 887 36.89 -46.56 -10.20
N LEU C 888 36.89 -45.56 -11.09
CA LEU C 888 35.88 -45.52 -12.13
C LEU C 888 36.18 -46.51 -13.24
N TYR C 889 37.45 -46.60 -13.67
CA TYR C 889 37.74 -47.44 -14.82
C TYR C 889 37.62 -48.93 -14.53
N GLU C 890 37.72 -49.34 -13.27
CA GLU C 890 37.60 -50.75 -12.91
C GLU C 890 36.22 -51.10 -12.37
N ASN C 891 35.30 -50.13 -12.30
CA ASN C 891 33.95 -50.37 -11.84
C ASN C 891 32.93 -49.73 -12.78
N GLN C 892 33.26 -49.63 -14.07
CA GLN C 892 32.50 -48.79 -14.99
C GLN C 892 31.10 -49.33 -15.25
N LYS C 893 30.98 -50.65 -15.42
CA LYS C 893 29.68 -51.25 -15.72
C LYS C 893 28.72 -51.11 -14.55
N GLN C 894 29.22 -51.31 -13.32
CA GLN C 894 28.41 -51.14 -12.13
C GLN C 894 27.90 -49.70 -11.99
N ILE C 895 28.78 -48.72 -12.24
CA ILE C 895 28.41 -47.32 -12.13
C ILE C 895 27.37 -46.96 -13.18
N ALA C 896 27.55 -47.45 -14.41
CA ALA C 896 26.57 -47.20 -15.48
C ALA C 896 25.22 -47.83 -15.16
N ASN C 897 25.22 -49.05 -14.60
CA ASN C 897 23.97 -49.70 -14.23
C ASN C 897 23.24 -48.95 -13.13
N GLN C 898 23.98 -48.46 -12.13
CA GLN C 898 23.36 -47.66 -11.08
C GLN C 898 22.80 -46.34 -11.62
N PHE C 899 23.50 -45.71 -12.57
CA PHE C 899 23.00 -44.49 -13.19
C PHE C 899 21.69 -44.75 -13.94
N ASN C 900 21.64 -45.83 -14.72
CA ASN C 900 20.44 -46.16 -15.48
C ASN C 900 19.26 -46.48 -14.57
N LYS C 901 19.52 -47.25 -13.50
CA LYS C 901 18.44 -47.58 -12.56
C LYS C 901 17.93 -46.34 -11.83
N ALA C 902 18.83 -45.44 -11.46
CA ALA C 902 18.40 -44.22 -10.79
C ALA C 902 17.62 -43.28 -11.71
N ILE C 903 17.94 -43.28 -13.01
CA ILE C 903 17.10 -42.54 -13.96
C ILE C 903 15.71 -43.16 -14.06
N SER C 904 15.63 -44.49 -14.18
CA SER C 904 14.34 -45.15 -14.30
C SER C 904 13.48 -45.04 -13.04
N GLN C 905 14.09 -44.87 -11.87
CA GLN C 905 13.32 -44.62 -10.66
C GLN C 905 12.63 -43.25 -10.65
N ILE C 906 13.30 -42.21 -11.13
CA ILE C 906 12.65 -40.91 -11.29
C ILE C 906 11.56 -40.97 -12.34
N GLN C 907 11.81 -41.71 -13.43
CA GLN C 907 10.83 -41.89 -14.49
C GLN C 907 9.52 -42.51 -14.00
N GLU C 908 9.54 -43.30 -12.93
CA GLU C 908 8.31 -43.84 -12.37
C GLU C 908 7.78 -43.06 -11.16
N SER C 909 8.65 -42.41 -10.39
CA SER C 909 8.17 -41.52 -9.34
C SER C 909 7.43 -40.31 -9.88
N LEU C 910 7.79 -39.84 -11.08
CA LEU C 910 7.04 -38.78 -11.73
C LEU C 910 5.79 -39.29 -12.41
N THR C 911 5.69 -40.60 -12.64
CA THR C 911 4.49 -41.21 -13.18
C THR C 911 3.44 -41.40 -12.08
N THR C 912 3.86 -41.90 -10.93
CA THR C 912 2.98 -41.98 -9.76
C THR C 912 2.66 -40.57 -9.29
N THR C 913 1.36 -40.29 -9.09
CA THR C 913 0.92 -38.94 -8.73
C THR C 913 1.37 -38.58 -7.33
N SER C 914 1.97 -37.40 -7.20
CA SER C 914 2.54 -36.94 -5.94
C SER C 914 2.65 -35.43 -5.97
N THR C 915 2.91 -34.84 -4.81
CA THR C 915 3.15 -33.40 -4.70
C THR C 915 4.64 -33.09 -4.80
N ALA C 916 5.26 -33.63 -5.85
CA ALA C 916 6.66 -33.32 -6.12
C ALA C 916 6.82 -31.93 -6.70
N LEU C 917 5.82 -31.44 -7.42
CA LEU C 917 5.89 -30.15 -8.09
C LEU C 917 5.03 -29.13 -7.36
N GLY C 918 4.85 -29.33 -6.06
CA GLY C 918 4.03 -28.46 -5.24
C GLY C 918 4.50 -27.02 -5.16
N LYS C 919 5.79 -26.75 -5.35
CA LYS C 919 6.25 -25.37 -5.40
C LYS C 919 5.80 -24.66 -6.67
N LEU C 920 5.54 -25.40 -7.73
CA LEU C 920 5.08 -24.79 -8.96
C LEU C 920 3.57 -24.63 -9.02
N GLN C 921 2.83 -25.50 -8.32
CA GLN C 921 1.39 -25.35 -8.28
C GLN C 921 0.97 -24.15 -7.43
N ASP C 922 1.62 -23.97 -6.27
CA ASP C 922 1.23 -22.94 -5.31
C ASP C 922 1.25 -21.56 -5.93
N VAL C 923 2.33 -21.24 -6.66
CA VAL C 923 2.44 -19.96 -7.36
C VAL C 923 1.24 -19.75 -8.27
N VAL C 924 0.91 -20.77 -9.07
CA VAL C 924 -0.25 -20.69 -9.96
C VAL C 924 -1.51 -20.43 -9.16
N ASN C 925 -1.69 -21.20 -8.08
CA ASN C 925 -2.89 -21.04 -7.25
C ASN C 925 -2.96 -19.66 -6.67
N GLN C 926 -1.81 -19.14 -6.22
CA GLN C 926 -1.77 -17.82 -5.61
C GLN C 926 -2.28 -16.77 -6.57
N ASN C 927 -1.81 -16.84 -7.83
CA ASN C 927 -2.20 -15.85 -8.81
C ASN C 927 -3.70 -15.92 -9.06
N ALA C 928 -4.22 -17.14 -9.18
CA ALA C 928 -5.64 -17.32 -9.46
C ALA C 928 -6.46 -16.74 -8.32
N GLN C 929 -6.02 -17.01 -7.08
CA GLN C 929 -6.76 -16.55 -5.91
C GLN C 929 -6.86 -15.03 -5.91
N ALA C 930 -5.74 -14.36 -6.24
CA ALA C 930 -5.72 -12.91 -6.22
C ALA C 930 -6.73 -12.36 -7.21
N LEU C 931 -6.74 -12.92 -8.43
CA LEU C 931 -7.62 -12.41 -9.45
C LEU C 931 -9.07 -12.63 -9.08
N ASN C 932 -9.35 -13.75 -8.39
CA ASN C 932 -10.72 -14.04 -7.98
C ASN C 932 -11.24 -12.96 -7.06
N THR C 933 -10.38 -12.52 -6.11
CA THR C 933 -10.79 -11.47 -5.19
C THR C 933 -11.09 -10.20 -5.95
N LEU C 934 -10.25 -9.86 -6.93
CA LEU C 934 -10.42 -8.63 -7.69
C LEU C 934 -11.69 -8.67 -8.53
N VAL C 935 -12.19 -9.86 -8.87
CA VAL C 935 -13.46 -9.91 -9.58
C VAL C 935 -14.62 -9.77 -8.61
N LYS C 936 -14.54 -10.45 -7.46
CA LYS C 936 -15.69 -10.52 -6.57
C LYS C 936 -15.95 -9.19 -5.90
N GLN C 937 -14.93 -8.36 -5.76
CA GLN C 937 -15.08 -7.04 -5.19
C GLN C 937 -15.86 -6.09 -6.10
N LEU C 938 -16.12 -6.48 -7.35
CA LEU C 938 -17.04 -5.69 -8.17
C LEU C 938 -18.49 -5.85 -7.74
N SER C 939 -18.80 -6.84 -6.89
CA SER C 939 -20.17 -7.07 -6.44
C SER C 939 -20.52 -6.28 -5.18
N SER C 940 -19.58 -5.55 -4.60
CA SER C 940 -19.83 -4.77 -3.41
C SER C 940 -20.28 -3.36 -3.79
N ASN C 941 -21.13 -2.76 -2.96
CA ASN C 941 -21.67 -1.44 -3.25
C ASN C 941 -21.02 -0.33 -2.44
N PHE C 942 -20.23 -0.66 -1.41
CA PHE C 942 -19.40 0.29 -0.67
C PHE C 942 -20.22 1.41 -0.02
N GLY C 943 -21.44 1.08 0.38
CA GLY C 943 -22.33 2.06 0.98
C GLY C 943 -23.24 2.78 0.02
N ALA C 944 -23.16 2.49 -1.28
CA ALA C 944 -24.10 3.04 -2.24
C ALA C 944 -25.36 2.19 -2.28
N ILE C 945 -26.28 2.55 -3.18
CA ILE C 945 -27.55 1.84 -3.24
C ILE C 945 -27.49 0.60 -4.13
N SER C 946 -26.45 0.47 -4.95
CA SER C 946 -26.32 -0.67 -5.84
C SER C 946 -24.86 -0.81 -6.22
N SER C 947 -24.52 -1.98 -6.77
CA SER C 947 -23.17 -2.24 -7.25
C SER C 947 -23.05 -2.14 -8.75
N VAL C 948 -24.14 -1.85 -9.46
CA VAL C 948 -24.12 -1.70 -10.91
C VAL C 948 -24.33 -0.24 -11.25
N LEU C 949 -23.49 0.28 -12.14
CA LEU C 949 -23.53 1.70 -12.49
C LEU C 949 -24.71 2.04 -13.38
N ASN C 950 -25.15 1.09 -14.21
CA ASN C 950 -26.25 1.36 -15.13
C ASN C 950 -27.55 1.62 -14.39
N ASP C 951 -27.80 0.87 -13.31
CA ASP C 951 -29.01 1.09 -12.52
C ASP C 951 -29.00 2.45 -11.85
N ILE C 952 -27.87 2.84 -11.25
CA ILE C 952 -27.75 4.14 -10.59
C ILE C 952 -27.94 5.26 -11.61
N LEU C 953 -27.35 5.12 -12.79
CA LEU C 953 -27.49 6.15 -13.81
C LEU C 953 -28.86 6.15 -14.46
N SER C 954 -29.59 5.04 -14.39
CA SER C 954 -30.88 4.96 -15.07
C SER C 954 -32.07 5.28 -14.18
N ARG C 955 -31.93 5.20 -12.86
CA ARG C 955 -33.08 5.46 -12.01
C ARG C 955 -32.85 6.62 -11.03
N LEU C 956 -31.83 7.44 -11.25
CA LEU C 956 -31.60 8.59 -10.39
C LEU C 956 -31.28 9.82 -11.24
N CYS C 957 -31.56 10.98 -10.66
CA CYS C 957 -31.15 12.23 -11.28
C CYS C 957 -29.73 12.57 -10.85
N LYS C 958 -29.17 13.61 -11.47
CA LYS C 958 -27.72 13.67 -11.69
C LYS C 958 -26.92 13.81 -10.38
N VAL C 959 -27.27 14.75 -9.51
CA VAL C 959 -26.38 15.12 -8.40
C VAL C 959 -26.24 13.97 -7.39
N GLU C 960 -27.36 13.28 -7.11
CA GLU C 960 -27.27 12.09 -6.28
C GLU C 960 -26.51 10.98 -7.01
N ALA C 961 -26.53 10.99 -8.35
CA ALA C 961 -25.77 10.00 -9.08
C ALA C 961 -24.26 10.25 -8.96
N GLU C 962 -23.80 11.51 -8.97
CA GLU C 962 -22.37 11.69 -8.66
C GLU C 962 -22.04 11.29 -7.23
N VAL C 963 -22.98 11.47 -6.29
CA VAL C 963 -22.71 11.03 -4.92
C VAL C 963 -22.48 9.52 -4.86
N GLN C 964 -23.41 8.75 -5.45
CA GLN C 964 -23.29 7.28 -5.40
C GLN C 964 -22.12 6.78 -6.24
N ILE C 965 -21.85 7.40 -7.39
CA ILE C 965 -20.74 6.98 -8.22
C ILE C 965 -19.41 7.28 -7.53
N ASP C 966 -19.33 8.37 -6.77
CA ASP C 966 -18.13 8.63 -5.98
C ASP C 966 -17.90 7.56 -4.92
N ARG C 967 -18.99 7.12 -4.27
CA ARG C 967 -18.87 6.02 -3.30
C ARG C 967 -18.35 4.74 -3.96
N LEU C 968 -18.83 4.44 -5.17
CA LEU C 968 -18.33 3.24 -5.87
C LEU C 968 -16.88 3.39 -6.31
N ILE C 969 -16.51 4.58 -6.79
CA ILE C 969 -15.17 4.82 -7.33
C ILE C 969 -14.11 4.69 -6.25
N THR C 970 -14.40 5.18 -5.05
CA THR C 970 -13.43 5.09 -3.95
C THR C 970 -13.11 3.64 -3.61
N GLY C 971 -14.14 2.80 -3.48
CA GLY C 971 -13.91 1.41 -3.15
C GLY C 971 -13.21 0.63 -4.24
N ARG C 972 -13.55 0.90 -5.50
CA ARG C 972 -12.90 0.18 -6.60
C ARG C 972 -11.44 0.58 -6.74
N LEU C 973 -11.13 1.88 -6.55
CA LEU C 973 -9.73 2.33 -6.55
C LEU C 973 -8.93 1.65 -5.44
N GLN C 974 -9.52 1.57 -4.25
CA GLN C 974 -8.83 0.93 -3.12
C GLN C 974 -8.54 -0.54 -3.40
N SER C 975 -9.52 -1.26 -3.96
CA SER C 975 -9.33 -2.68 -4.28
C SER C 975 -8.22 -2.88 -5.30
N LEU C 976 -8.21 -2.07 -6.35
CA LEU C 976 -7.23 -2.23 -7.42
C LEU C 976 -5.82 -1.88 -6.94
N GLN C 977 -5.71 -0.87 -6.08
CA GLN C 977 -4.41 -0.51 -5.49
C GLN C 977 -3.88 -1.62 -4.59
N THR C 978 -4.75 -2.25 -3.81
CA THR C 978 -4.34 -3.36 -2.96
C THR C 978 -3.82 -4.53 -3.79
N TYR C 979 -4.52 -4.84 -4.88
CA TYR C 979 -4.06 -5.90 -5.79
C TYR C 979 -2.68 -5.60 -6.35
N VAL C 980 -2.45 -4.37 -6.83
CA VAL C 980 -1.16 -4.03 -7.44
C VAL C 980 -0.03 -4.11 -6.42
N THR C 981 -0.26 -3.64 -5.19
CA THR C 981 0.78 -3.71 -4.17
C THR C 981 1.16 -5.15 -3.83
N GLN C 982 0.17 -6.03 -3.67
CA GLN C 982 0.50 -7.41 -3.35
C GLN C 982 1.16 -8.13 -4.53
N GLN C 983 0.86 -7.70 -5.76
CA GLN C 983 1.54 -8.29 -6.92
C GLN C 983 3.02 -7.89 -6.97
N LEU C 984 3.33 -6.63 -6.63
CA LEU C 984 4.73 -6.22 -6.57
C LEU C 984 5.51 -6.99 -5.51
N ILE C 985 4.88 -7.19 -4.34
CA ILE C 985 5.55 -7.92 -3.26
C ILE C 985 5.79 -9.39 -3.66
N ARG C 986 4.84 -9.98 -4.40
CA ARG C 986 5.04 -11.36 -4.86
C ARG C 986 6.11 -11.45 -5.96
N ALA C 987 6.17 -10.43 -6.82
CA ALA C 987 7.13 -10.43 -7.92
C ALA C 987 8.57 -10.36 -7.43
N ALA C 988 8.81 -9.63 -6.33
CA ALA C 988 10.16 -9.59 -5.77
C ALA C 988 10.64 -10.99 -5.34
N GLU C 989 9.75 -11.79 -4.74
CA GLU C 989 10.13 -13.12 -4.31
C GLU C 989 10.36 -14.06 -5.49
N ILE C 990 9.55 -13.92 -6.55
CA ILE C 990 9.79 -14.68 -7.77
C ILE C 990 11.15 -14.31 -8.37
N ARG C 991 11.53 -13.04 -8.28
CA ARG C 991 12.84 -12.62 -8.79
C ARG C 991 13.98 -13.26 -8.00
N ALA C 992 13.85 -13.35 -6.68
CA ALA C 992 14.88 -14.00 -5.87
C ALA C 992 15.03 -15.48 -6.24
N SER C 993 13.90 -16.17 -6.41
CA SER C 993 13.95 -17.58 -6.79
C SER C 993 14.58 -17.78 -8.16
N ALA C 994 14.27 -16.90 -9.11
CA ALA C 994 14.85 -17.01 -10.45
C ALA C 994 16.36 -16.74 -10.43
N ASN C 995 16.81 -15.80 -9.60
CA ASN C 995 18.25 -15.56 -9.47
C ASN C 995 18.97 -16.78 -8.91
N LEU C 996 18.37 -17.45 -7.92
CA LEU C 996 18.95 -18.68 -7.41
C LEU C 996 18.99 -19.78 -8.47
N ALA C 997 17.92 -19.89 -9.28
CA ALA C 997 17.92 -20.88 -10.36
C ALA C 997 19.02 -20.61 -11.38
N ALA C 998 19.27 -19.34 -11.71
CA ALA C 998 20.31 -19.01 -12.67
C ALA C 998 21.70 -19.33 -12.12
N THR C 999 21.96 -19.04 -10.84
CA THR C 999 23.29 -19.38 -10.32
C THR C 999 23.46 -20.89 -10.18
N LYS C 1000 22.38 -21.64 -9.92
CA LYS C 1000 22.50 -23.10 -9.91
C LYS C 1000 22.77 -23.66 -11.30
N MET C 1001 22.12 -23.10 -12.32
CA MET C 1001 22.39 -23.52 -13.70
C MET C 1001 23.83 -23.20 -14.09
N SER C 1002 24.35 -22.07 -13.61
CA SER C 1002 25.71 -21.70 -13.99
C SER C 1002 26.75 -22.56 -13.28
N GLU C 1003 26.56 -22.85 -12.00
CA GLU C 1003 27.61 -23.48 -11.21
C GLU C 1003 27.44 -24.99 -11.04
N CYS C 1004 26.34 -25.57 -11.50
CA CYS C 1004 26.14 -27.01 -11.36
C CYS C 1004 25.91 -27.74 -12.67
N VAL C 1005 25.48 -27.06 -13.73
CA VAL C 1005 25.34 -27.67 -15.03
C VAL C 1005 26.58 -27.43 -15.90
N LEU C 1006 27.13 -26.22 -15.85
CA LEU C 1006 28.30 -25.86 -16.63
C LEU C 1006 29.60 -26.11 -15.89
N GLY C 1007 29.54 -26.63 -14.66
CA GLY C 1007 30.74 -26.97 -13.94
C GLY C 1007 30.44 -27.97 -12.84
N GLN C 1008 31.45 -28.22 -12.03
CA GLN C 1008 31.33 -29.08 -10.85
C GLN C 1008 31.64 -28.24 -9.63
N SER C 1009 30.78 -28.30 -8.61
CA SER C 1009 30.86 -27.40 -7.48
C SER C 1009 31.34 -28.11 -6.23
N LYS C 1010 32.10 -27.39 -5.40
CA LYS C 1010 32.61 -27.89 -4.14
C LYS C 1010 31.80 -27.39 -2.94
N ARG C 1011 30.84 -26.51 -3.17
CA ARG C 1011 29.98 -26.03 -2.10
C ARG C 1011 29.11 -27.16 -1.56
N VAL C 1012 29.02 -27.25 -0.24
CA VAL C 1012 28.36 -28.38 0.40
C VAL C 1012 26.86 -28.20 0.33
N ASP C 1013 26.17 -29.20 -0.23
CA ASP C 1013 24.71 -29.30 -0.37
C ASP C 1013 24.11 -28.19 -1.22
N PHE C 1014 24.92 -27.52 -2.04
CA PHE C 1014 24.37 -26.53 -2.95
C PHE C 1014 23.65 -27.18 -4.11
N CYS C 1015 24.12 -28.34 -4.56
CA CYS C 1015 23.45 -29.10 -5.62
C CYS C 1015 23.43 -30.58 -5.24
N GLY C 1016 22.39 -30.96 -4.50
CA GLY C 1016 22.20 -32.34 -4.11
C GLY C 1016 22.84 -32.69 -2.78
N LYS C 1017 22.54 -33.89 -2.30
CA LYS C 1017 23.09 -34.41 -1.06
C LYS C 1017 24.11 -35.49 -1.39
N GLY C 1018 25.36 -35.26 -1.02
CA GLY C 1018 26.44 -36.14 -1.40
C GLY C 1018 27.55 -35.35 -2.06
N TYR C 1019 28.44 -36.04 -2.78
CA TYR C 1019 29.49 -35.38 -3.54
C TYR C 1019 29.01 -35.18 -4.96
N HIS C 1020 28.94 -33.92 -5.39
CA HIS C 1020 28.34 -33.58 -6.67
C HIS C 1020 29.22 -34.03 -7.83
N LEU C 1021 28.61 -34.67 -8.83
CA LEU C 1021 29.32 -35.03 -10.05
C LEU C 1021 28.88 -34.22 -11.24
N MET C 1022 27.59 -34.24 -11.60
CA MET C 1022 27.07 -33.45 -12.70
C MET C 1022 25.57 -33.28 -12.49
N SER C 1023 24.94 -32.50 -13.37
CA SER C 1023 23.56 -32.13 -13.20
C SER C 1023 22.93 -31.84 -14.55
N PHE C 1024 21.63 -32.09 -14.67
CA PHE C 1024 20.89 -31.92 -15.91
C PHE C 1024 19.65 -31.06 -15.68
N PRO C 1025 19.39 -30.07 -16.53
CA PRO C 1025 18.16 -29.28 -16.42
C PRO C 1025 17.02 -29.80 -17.29
N GLN C 1026 15.80 -29.61 -16.79
CA GLN C 1026 14.59 -29.98 -17.51
C GLN C 1026 13.56 -28.87 -17.35
N ALA C 1027 12.87 -28.55 -18.44
CA ALA C 1027 11.89 -27.47 -18.42
C ALA C 1027 10.60 -27.91 -17.72
N ALA C 1028 10.01 -26.98 -16.98
CA ALA C 1028 8.77 -27.23 -16.27
C ALA C 1028 7.89 -26.01 -16.45
N PRO C 1029 6.55 -26.15 -16.30
CA PRO C 1029 5.67 -24.98 -16.41
C PRO C 1029 6.00 -23.88 -15.41
N HIS C 1030 6.44 -22.74 -15.95
CA HIS C 1030 6.94 -21.59 -15.19
C HIS C 1030 8.13 -21.93 -14.30
N GLY C 1031 8.92 -22.92 -14.66
CA GLY C 1031 10.01 -23.28 -13.76
C GLY C 1031 11.00 -24.24 -14.36
N VAL C 1032 11.91 -24.70 -13.51
CA VAL C 1032 12.99 -25.57 -13.93
C VAL C 1032 13.13 -26.69 -12.92
N VAL C 1033 13.51 -27.88 -13.39
CA VAL C 1033 13.80 -29.01 -12.53
C VAL C 1033 15.24 -29.43 -12.79
N PHE C 1034 16.02 -29.53 -11.73
CA PHE C 1034 17.41 -29.96 -11.80
C PHE C 1034 17.52 -31.41 -11.32
N LEU C 1035 18.27 -32.21 -12.06
CA LEU C 1035 18.60 -33.59 -11.67
C LEU C 1035 20.08 -33.63 -11.36
N HIS C 1036 20.41 -33.77 -10.08
CA HIS C 1036 21.79 -33.82 -9.62
C HIS C 1036 22.20 -35.27 -9.43
N VAL C 1037 23.38 -35.65 -9.92
CA VAL C 1037 23.92 -36.98 -9.65
C VAL C 1037 25.02 -36.84 -8.61
N THR C 1038 24.97 -37.69 -7.59
CA THR C 1038 25.88 -37.58 -6.46
C THR C 1038 26.47 -38.95 -6.12
N TYR C 1039 27.66 -38.89 -5.54
CA TYR C 1039 28.40 -40.04 -5.04
C TYR C 1039 28.11 -40.17 -3.55
N VAL C 1040 27.67 -41.35 -3.12
CA VAL C 1040 27.33 -41.60 -1.73
C VAL C 1040 28.16 -42.77 -1.22
N PRO C 1041 29.05 -42.58 -0.25
CA PRO C 1041 29.82 -43.70 0.28
C PRO C 1041 28.97 -44.64 1.12
N SER C 1042 29.38 -45.91 1.14
CA SER C 1042 28.59 -46.95 1.81
C SER C 1042 29.51 -48.01 2.38
N GLN C 1043 28.98 -48.74 3.37
CA GLN C 1043 29.57 -49.95 3.96
C GLN C 1043 30.96 -49.66 4.56
N GLU C 1044 30.94 -48.85 5.60
CA GLU C 1044 32.19 -48.47 6.26
C GLU C 1044 32.73 -49.61 7.13
N ARG C 1045 34.00 -49.46 7.50
CA ARG C 1045 34.74 -50.48 8.24
C ARG C 1045 35.68 -49.79 9.21
N ASN C 1046 35.90 -50.40 10.37
CA ASN C 1046 36.76 -49.81 11.40
C ASN C 1046 38.20 -50.27 11.21
N PHE C 1047 39.13 -49.35 11.39
CA PHE C 1047 40.55 -49.64 11.39
C PHE C 1047 41.19 -48.88 12.55
N THR C 1048 42.31 -49.39 13.05
CA THR C 1048 43.11 -48.60 13.97
C THR C 1048 44.09 -47.78 13.15
N THR C 1049 44.32 -46.54 13.57
CA THR C 1049 45.05 -45.58 12.76
C THR C 1049 46.10 -44.88 13.59
N ALA C 1050 47.06 -44.26 12.90
CA ALA C 1050 48.18 -43.60 13.54
C ALA C 1050 48.42 -42.26 12.85
N PRO C 1051 48.93 -41.26 13.58
CA PRO C 1051 49.29 -40.00 12.91
C PRO C 1051 50.54 -40.10 12.07
N ALA C 1052 51.57 -40.79 12.56
CA ALA C 1052 52.85 -40.89 11.86
C ALA C 1052 53.50 -42.21 12.25
N ILE C 1053 54.47 -42.63 11.44
CA ILE C 1053 55.26 -43.81 11.74
C ILE C 1053 56.72 -43.41 11.81
N CYS C 1054 57.51 -44.24 12.50
CA CYS C 1054 58.91 -43.95 12.82
C CYS C 1054 59.78 -45.06 12.28
N HIS C 1055 60.51 -44.78 11.19
CA HIS C 1055 61.36 -45.82 10.62
C HIS C 1055 62.72 -45.90 11.31
N GLU C 1056 63.55 -44.87 11.16
CA GLU C 1056 64.85 -44.82 11.85
C GLU C 1056 65.04 -43.41 12.38
N GLY C 1057 64.50 -43.14 13.57
CA GLY C 1057 64.62 -41.84 14.20
C GLY C 1057 64.02 -40.68 13.42
N LYS C 1058 63.12 -40.97 12.48
CA LYS C 1058 62.53 -39.95 11.62
C LYS C 1058 61.03 -40.19 11.51
N ALA C 1059 60.26 -39.10 11.56
CA ALA C 1059 58.81 -39.17 11.45
C ALA C 1059 58.39 -39.13 9.99
N TYR C 1060 57.44 -40.01 9.65
CA TYR C 1060 56.94 -40.13 8.29
C TYR C 1060 55.45 -39.80 8.28
N PHE C 1061 55.05 -38.90 7.39
CA PHE C 1061 53.69 -38.44 7.32
C PHE C 1061 53.11 -38.74 5.94
N PRO C 1062 51.85 -39.16 5.88
CA PRO C 1062 51.25 -39.45 4.57
C PRO C 1062 51.04 -38.18 3.75
N ARG C 1063 51.12 -38.33 2.44
CA ARG C 1063 50.91 -37.17 1.57
C ARG C 1063 49.42 -36.88 1.41
N GLU C 1064 48.68 -37.83 0.88
CA GLU C 1064 47.21 -37.81 0.97
C GLU C 1064 46.75 -39.20 1.36
N GLY C 1065 45.89 -39.27 2.37
CA GLY C 1065 45.42 -40.53 2.88
C GLY C 1065 45.72 -40.64 4.36
N VAL C 1066 45.42 -41.82 4.91
CA VAL C 1066 45.66 -42.10 6.32
C VAL C 1066 46.31 -43.48 6.43
N PHE C 1067 47.08 -43.66 7.50
CA PHE C 1067 47.67 -44.94 7.85
C PHE C 1067 46.61 -45.81 8.52
N VAL C 1068 46.43 -47.04 8.04
CA VAL C 1068 45.45 -47.95 8.61
C VAL C 1068 46.10 -49.30 8.85
N PHE C 1069 45.45 -50.09 9.70
CA PHE C 1069 45.98 -51.38 10.16
C PHE C 1069 44.93 -52.45 9.91
N ASN C 1070 45.24 -53.43 9.05
CA ASN C 1070 44.32 -54.51 8.73
C ASN C 1070 44.06 -55.44 9.91
N GLY C 1071 44.94 -55.45 10.90
CA GLY C 1071 45.05 -56.56 11.83
C GLY C 1071 46.24 -57.43 11.55
N THR C 1072 46.85 -57.27 10.38
CA THR C 1072 48.08 -57.97 10.02
C THR C 1072 49.21 -57.00 9.73
N SER C 1073 48.97 -55.97 8.91
CA SER C 1073 50.02 -55.06 8.47
C SER C 1073 49.46 -53.65 8.38
N TRP C 1074 50.35 -52.69 8.17
CA TRP C 1074 50.00 -51.29 8.02
C TRP C 1074 50.02 -50.89 6.54
N PHE C 1075 49.00 -50.16 6.12
CA PHE C 1075 48.87 -49.66 4.77
C PHE C 1075 48.51 -48.18 4.81
N ILE C 1076 48.43 -47.58 3.62
CA ILE C 1076 48.00 -46.20 3.46
C ILE C 1076 46.81 -46.19 2.51
N THR C 1077 45.77 -45.44 2.87
CA THR C 1077 44.55 -45.40 2.06
C THR C 1077 44.15 -43.97 1.79
N GLN C 1078 43.27 -43.81 0.81
CA GLN C 1078 42.53 -42.59 0.61
C GLN C 1078 41.24 -42.64 1.42
N ARG C 1079 40.70 -41.45 1.71
CA ARG C 1079 39.70 -41.34 2.78
C ARG C 1079 38.33 -41.86 2.35
N ASN C 1080 37.95 -41.66 1.09
CA ASN C 1080 36.58 -41.93 0.67
C ASN C 1080 36.38 -43.31 0.05
N PHE C 1081 37.44 -44.10 -0.09
CA PHE C 1081 37.32 -45.43 -0.68
C PHE C 1081 38.48 -46.27 -0.17
N PHE C 1082 38.17 -47.41 0.41
CA PHE C 1082 39.20 -48.27 0.99
C PHE C 1082 39.96 -48.97 -0.14
N SER C 1083 41.22 -48.62 -0.30
CA SER C 1083 42.10 -49.28 -1.26
C SER C 1083 43.52 -49.20 -0.72
N PRO C 1084 43.98 -50.26 -0.05
CA PRO C 1084 45.26 -50.17 0.67
C PRO C 1084 46.46 -50.24 -0.27
N GLN C 1085 47.50 -49.48 0.10
CA GLN C 1085 48.74 -49.42 -0.66
C GLN C 1085 49.92 -49.67 0.26
N ILE C 1086 51.02 -50.15 -0.32
CA ILE C 1086 52.25 -50.36 0.44
C ILE C 1086 52.84 -49.01 0.81
N ILE C 1087 53.21 -48.85 2.07
CA ILE C 1087 53.84 -47.62 2.54
C ILE C 1087 55.25 -47.56 1.98
N THR C 1088 55.49 -46.66 1.03
CA THR C 1088 56.79 -46.45 0.43
C THR C 1088 57.25 -45.02 0.71
N THR C 1089 58.38 -44.65 0.12
CA THR C 1089 58.87 -43.29 0.21
C THR C 1089 58.20 -42.38 -0.82
N ASP C 1090 57.55 -42.97 -1.83
CA ASP C 1090 56.94 -42.18 -2.89
C ASP C 1090 55.64 -41.54 -2.46
N ASN C 1091 54.95 -42.11 -1.48
CA ASN C 1091 53.67 -41.59 -1.00
C ASN C 1091 53.75 -41.07 0.43
N THR C 1092 54.92 -40.60 0.84
CA THR C 1092 55.16 -40.24 2.24
C THR C 1092 56.24 -39.16 2.26
N PHE C 1093 56.18 -38.26 3.24
CA PHE C 1093 57.24 -37.26 3.40
C PHE C 1093 57.76 -37.25 4.83
N VAL C 1094 58.99 -36.76 4.99
CA VAL C 1094 59.75 -36.87 6.22
C VAL C 1094 59.84 -35.49 6.86
N SER C 1095 59.66 -35.43 8.18
CA SER C 1095 59.79 -34.18 8.91
C SER C 1095 60.11 -34.47 10.37
N GLY C 1096 61.26 -34.02 10.84
CA GLY C 1096 61.57 -34.11 12.26
C GLY C 1096 61.99 -35.49 12.69
N ASN C 1097 61.99 -35.69 14.01
CA ASN C 1097 62.33 -36.96 14.63
C ASN C 1097 61.13 -37.53 15.38
N CYS C 1098 61.35 -38.66 16.03
CA CYS C 1098 60.29 -39.40 16.70
C CYS C 1098 60.22 -39.03 18.19
N ASP C 1099 60.02 -37.75 18.46
CA ASP C 1099 60.09 -37.27 19.84
C ASP C 1099 58.92 -36.38 20.24
N VAL C 1100 58.22 -35.74 19.31
CA VAL C 1100 57.21 -34.75 19.66
C VAL C 1100 55.80 -35.17 19.26
N VAL C 1101 55.63 -36.04 18.25
CA VAL C 1101 54.30 -36.43 17.81
C VAL C 1101 53.67 -37.39 18.82
N ILE C 1102 52.40 -37.17 19.12
CA ILE C 1102 51.66 -37.95 20.10
C ILE C 1102 50.94 -39.08 19.38
N GLY C 1103 51.38 -40.30 19.61
CA GLY C 1103 50.80 -41.47 18.99
C GLY C 1103 51.58 -42.09 17.84
N ILE C 1104 52.85 -41.76 17.69
CA ILE C 1104 53.68 -42.29 16.62
C ILE C 1104 54.01 -43.76 16.91
N ILE C 1105 54.05 -44.58 15.86
CA ILE C 1105 54.29 -46.00 15.97
C ILE C 1105 55.59 -46.36 15.27
N ASN C 1106 55.96 -47.64 15.37
CA ASN C 1106 57.14 -48.18 14.72
C ASN C 1106 56.71 -49.08 13.57
N ASN C 1107 57.18 -48.76 12.36
CA ASN C 1107 56.95 -49.62 11.19
C ASN C 1107 58.01 -49.29 10.16
N THR C 1108 58.17 -50.19 9.20
CA THR C 1108 59.17 -50.03 8.15
C THR C 1108 58.59 -49.31 6.95
N VAL C 1109 59.41 -48.48 6.32
CA VAL C 1109 59.06 -47.79 5.08
C VAL C 1109 59.83 -48.46 3.95
N TYR C 1110 59.09 -49.04 3.01
CA TYR C 1110 59.72 -49.70 1.87
C TYR C 1110 60.30 -48.67 0.92
N ASP C 1111 61.36 -49.07 0.21
CA ASP C 1111 61.94 -48.18 -0.78
C ASP C 1111 62.15 -48.93 -2.09
N PRO C 1112 62.05 -48.25 -3.24
CA PRO C 1112 62.29 -48.90 -4.52
C PRO C 1112 63.76 -49.09 -4.88
N LEU C 1113 64.67 -48.93 -3.92
CA LEU C 1113 66.12 -49.10 -4.08
C LEU C 1113 66.68 -48.17 -5.15
C1 NAG D . -28.88 30.42 -33.67
C2 NAG D . -29.58 29.49 -32.65
C3 NAG D . -29.85 28.11 -33.29
C4 NAG D . -30.50 28.22 -34.67
C5 NAG D . -29.73 29.22 -35.54
C6 NAG D . -30.40 29.51 -36.86
C7 NAG D . -29.20 28.92 -30.28
C8 NAG D . -28.20 28.84 -29.18
N2 NAG D . -28.75 29.35 -31.47
O3 NAG D . -30.69 27.35 -32.44
O4 NAG D . -30.45 26.97 -35.34
O5 NAG D . -29.65 30.47 -34.85
O6 NAG D . -30.53 30.90 -37.08
O7 NAG D . -30.38 28.60 -30.12
C1 NAG D . -31.68 26.23 -35.38
C2 NAG D . -32.02 25.79 -36.82
C3 NAG D . -33.24 24.88 -36.82
C4 NAG D . -33.04 23.71 -35.88
C5 NAG D . -32.72 24.21 -34.48
C6 NAG D . -32.40 23.11 -33.51
C7 NAG D . -31.95 26.93 -38.99
C8 NAG D . -32.25 28.20 -39.74
N2 NAG D . -32.24 26.94 -37.69
O3 NAG D . -33.50 24.40 -38.14
O4 NAG D . -34.21 22.91 -35.83
O5 NAG D . -31.55 25.07 -34.53
O6 NAG D . -31.41 22.22 -34.03
O7 NAG D . -31.46 25.95 -39.55
C1 NAG E . -11.03 18.02 -46.40
C2 NAG E . -10.00 17.34 -47.34
C3 NAG E . -10.68 16.22 -48.15
C4 NAG E . -11.40 15.24 -47.24
C5 NAG E . -12.41 15.99 -46.40
C6 NAG E . -13.11 15.11 -45.40
C7 NAG E . -8.25 18.12 -48.90
C8 NAG E . -7.80 19.25 -49.78
N2 NAG E . -9.40 18.32 -48.24
O3 NAG E . -9.70 15.51 -48.92
O4 NAG E . -12.05 14.25 -48.01
O5 NAG E . -11.74 17.00 -45.64
O6 NAG E . -12.26 14.78 -44.31
O7 NAG E . -7.61 17.09 -48.80
C1 NAG F . 54.94 -35.61 -31.97
C2 NAG F . 55.12 -34.85 -33.30
C3 NAG F . 56.38 -35.32 -34.02
C4 NAG F . 57.58 -35.20 -33.10
C5 NAG F . 57.33 -36.00 -31.82
C6 NAG F . 58.46 -35.86 -30.82
C7 NAG F . 53.48 -34.02 -34.94
C8 NAG F . 52.28 -34.36 -35.76
N2 NAG F . 53.96 -35.00 -34.16
O3 NAG F . 56.58 -34.53 -35.19
O4 NAG F . 58.74 -35.72 -33.75
O5 NAG F . 56.14 -35.51 -31.18
O6 NAG F . 58.27 -34.71 -30.00
O7 NAG F . 53.99 -32.91 -34.96
C1 NAG G . -14.47 56.60 -39.18
C2 NAG G . -15.57 56.19 -38.18
C3 NAG G . -15.98 57.38 -37.31
C4 NAG G . -14.76 58.04 -36.69
C5 NAG G . -13.73 58.38 -37.77
C6 NAG G . -12.46 58.98 -37.23
C7 NAG G . -17.58 54.79 -38.33
C8 NAG G . -18.72 54.34 -39.21
N2 NAG G . -16.72 55.65 -38.89
O3 NAG G . -16.85 56.95 -36.28
O4 NAG G . -15.14 59.23 -36.01
O5 NAG G . -13.37 57.19 -38.47
O6 NAG G . -11.35 58.67 -38.06
O7 NAG G . -17.47 54.40 -37.18
C1 NAG H . -36.75 46.33 -30.70
C2 NAG H . -37.84 46.12 -31.76
C3 NAG H . -39.24 46.10 -31.10
C4 NAG H . -39.28 45.13 -29.93
C5 NAG H . -38.16 45.46 -28.96
C6 NAG H . -38.07 44.49 -27.80
C7 NAG H . -38.29 47.03 -34.00
C8 NAG H . -38.16 48.22 -34.91
N2 NAG H . -37.79 47.17 -32.77
O3 NAG H . -40.22 45.72 -32.06
O4 NAG H . -40.53 45.23 -29.26
O5 NAG H . -36.91 45.38 -29.64
O6 NAG H . -36.72 44.27 -27.41
O7 NAG H . -38.83 45.99 -34.38
C1 NAG I . 15.64 35.78 -24.61
C2 NAG I . 16.35 34.85 -25.59
C3 NAG I . 17.83 35.21 -25.70
C4 NAG I . 18.00 36.68 -26.04
C5 NAG I . 17.22 37.54 -25.05
C6 NAG I . 17.24 39.01 -25.41
C7 NAG I . 15.99 32.47 -26.10
C8 NAG I . 15.85 31.09 -25.53
N2 NAG I . 16.19 33.46 -25.21
O3 NAG I . 18.44 34.40 -26.69
O4 NAG I . 19.37 37.04 -26.00
O5 NAG I . 15.84 37.15 -25.01
O6 NAG I . 17.45 39.19 -26.81
O7 NAG I . 15.94 32.68 -27.30
C1 NAG J . -45.64 -10.46 -28.84
C2 NAG J . -45.98 -11.88 -28.41
C3 NAG J . -45.34 -12.89 -29.35
C4 NAG J . -45.69 -12.59 -30.79
C5 NAG J . -45.35 -11.15 -31.12
C6 NAG J . -45.77 -10.74 -32.52
C7 NAG J . -46.40 -12.09 -25.99
C8 NAG J . -45.80 -12.37 -24.65
N2 NAG J . -45.56 -12.13 -27.03
O3 NAG J . -45.77 -14.20 -28.99
O4 NAG J . -44.99 -13.46 -31.66
O5 NAG J . -46.01 -10.26 -30.21
O6 NAG J . -45.36 -11.69 -33.48
O7 NAG J . -47.60 -11.84 -26.13
C1 NAG K . -10.71 -13.55 -37.37
C2 NAG K . -10.48 -14.98 -36.90
C3 NAG K . -10.38 -15.92 -38.10
C4 NAG K . -11.61 -15.77 -38.99
C5 NAG K . -11.84 -14.31 -39.37
C6 NAG K . -13.12 -14.08 -40.12
C7 NAG K . -9.33 -15.09 -34.74
C8 NAG K . -8.01 -15.19 -34.03
N2 NAG K . -9.29 -15.08 -36.07
O3 NAG K . -10.26 -17.26 -37.65
O4 NAG K . -11.45 -16.54 -40.18
O5 NAG K . -11.90 -13.49 -38.18
O6 NAG K . -14.26 -14.29 -39.29
O7 NAG K . -10.39 -15.00 -34.12
C1 NAG L . 34.96 -47.00 -29.13
C2 NAG L . 35.29 -48.22 -28.28
C3 NAG L . 35.65 -49.41 -29.17
C4 NAG L . 34.56 -49.67 -30.19
C5 NAG L . 34.24 -48.40 -30.97
C6 NAG L . 33.07 -48.55 -31.90
C7 NAG L . 36.17 -47.75 -26.04
C8 NAG L . 37.39 -47.43 -25.23
N2 NAG L . 36.36 -47.93 -27.34
O3 NAG L . 35.85 -50.56 -28.35
O4 NAG L . 34.96 -50.69 -31.10
O5 NAG L . 33.90 -47.34 -30.05
O6 NAG L . 31.84 -48.19 -31.27
O7 NAG L . 35.06 -47.85 -25.53
C1 NAG M . 49.05 -17.54 -29.69
C2 NAG M . 50.24 -17.94 -30.54
C3 NAG M . 51.26 -16.81 -30.59
C4 NAG M . 50.60 -15.53 -31.06
C5 NAG M . 49.37 -15.21 -30.21
C6 NAG M . 48.59 -14.03 -30.74
C7 NAG M . 51.11 -20.22 -30.83
C8 NAG M . 51.73 -21.40 -30.16
N2 NAG M . 50.85 -19.16 -30.04
O3 NAG M . 52.32 -17.17 -31.47
O4 NAG M . 51.53 -14.45 -30.98
O5 NAG M . 48.47 -16.32 -30.21
O6 NAG M . 47.94 -14.35 -31.96
O7 NAG M . 50.84 -20.22 -32.03
C1 NAG N . 50.66 2.95 -19.91
C2 NAG N . 51.93 3.39 -20.64
C3 NAG N . 51.90 4.89 -20.89
C4 NAG N . 50.62 5.30 -21.61
C5 NAG N . 49.43 4.83 -20.79
C6 NAG N . 48.10 5.11 -21.48
C7 NAG N . 54.19 2.40 -20.46
C8 NAG N . 54.08 2.08 -21.93
N2 NAG N . 53.13 3.01 -19.91
O3 NAG N . 53.04 5.27 -21.67
O4 NAG N . 50.57 6.71 -21.76
O5 NAG N . 49.50 3.41 -20.62
O6 NAG N . 47.82 4.15 -22.49
O7 NAG N . 55.18 2.12 -19.81
C1 NAG O . 40.35 -33.32 -35.31
C2 NAG O . 39.47 -33.35 -36.57
C3 NAG O . 39.94 -34.47 -37.50
C4 NAG O . 41.44 -34.36 -37.77
C5 NAG O . 42.23 -34.22 -36.45
C6 NAG O . 43.70 -33.98 -36.66
C7 NAG O . 37.18 -32.53 -36.28
C8 NAG O . 35.78 -32.87 -35.91
N2 NAG O . 38.07 -33.52 -36.24
O3 NAG O . 39.22 -34.41 -38.73
O4 NAG O . 41.89 -35.52 -38.45
O5 NAG O . 41.71 -33.12 -35.68
O6 NAG O . 44.44 -35.19 -36.57
O7 NAG O . 37.51 -31.39 -36.61
C1 NAG P . 49.70 -56.06 -25.74
C2 NAG P . 48.61 -56.44 -26.76
C3 NAG P . 48.02 -57.80 -26.41
C4 NAG P . 49.12 -58.85 -26.26
C5 NAG P . 50.15 -58.36 -25.25
C6 NAG P . 51.34 -59.30 -25.11
C7 NAG P . 46.95 -55.10 -27.96
C8 NAG P . 45.89 -54.03 -27.84
N2 NAG P . 47.57 -55.44 -26.82
O3 NAG P . 47.11 -58.20 -27.43
O4 NAG P . 48.57 -60.08 -25.82
O5 NAG P . 50.67 -57.09 -25.66
O6 NAG P . 52.47 -58.62 -24.55
O7 NAG P . 47.23 -55.62 -29.03
C1 NAG Q . 11.93 36.17 34.05
C2 NAG Q . 12.59 37.45 33.55
C3 NAG Q . 11.67 38.19 32.59
C4 NAG Q . 11.22 37.27 31.46
C5 NAG Q . 10.61 35.99 32.03
C6 NAG Q . 10.26 34.98 30.98
C7 NAG Q . 14.23 38.70 34.88
C8 NAG Q . 14.45 39.58 36.07
N2 NAG Q . 12.97 38.31 34.66
O3 NAG Q . 12.33 39.33 32.07
O4 NAG Q . 10.25 37.93 30.65
O5 NAG Q . 11.54 35.36 32.92
O6 NAG Q . 11.06 35.14 29.81
O7 NAG Q . 15.16 38.34 34.15
C1 NAG R . 69.57 -20.12 6.62
C2 NAG R . 69.91 -19.57 8.03
C3 NAG R . 71.25 -20.12 8.49
C4 NAG R . 71.28 -21.64 8.42
C5 NAG R . 70.96 -22.09 7.00
C6 NAG R . 70.86 -23.59 6.87
C7 NAG R . 69.53 -17.41 9.11
C8 NAG R . 69.60 -15.92 8.96
N2 NAG R . 69.92 -18.12 8.05
O3 NAG R . 71.50 -19.70 9.83
O4 NAG R . 72.57 -22.13 8.78
O5 NAG R . 69.68 -21.55 6.61
O6 NAG R . 69.81 -24.10 7.70
O7 NAG R . 69.13 -17.94 10.14
C1 NAG S . -17.60 34.09 59.20
C2 NAG S . -18.22 34.72 57.95
C3 NAG S . -19.74 34.62 58.00
C4 NAG S . -20.17 33.17 58.23
C5 NAG S . -19.50 32.61 59.48
C6 NAG S . -19.80 31.16 59.72
C7 NAG S . -16.81 36.51 57.02
C8 NAG S . -16.52 37.98 57.01
N2 NAG S . -17.80 36.11 57.82
O3 NAG S . -20.29 35.11 56.79
O4 NAG S . -21.58 33.11 58.39
O5 NAG S . -18.07 32.72 59.35
O6 NAG S . -20.07 30.48 58.49
O7 NAG S . -16.16 35.71 56.34
C1 NAG T . -28.65 45.65 39.69
C2 NAG T . -28.65 47.19 39.71
C3 NAG T . -29.81 47.74 38.88
C4 NAG T . -29.83 47.12 37.48
C5 NAG T . -29.84 45.60 37.58
C6 NAG T . -29.76 44.92 36.25
C7 NAG T . -28.23 48.89 41.43
C8 NAG T . -28.40 49.25 42.87
N2 NAG T . -28.71 47.69 41.06
O3 NAG T . -29.71 49.15 38.78
O4 NAG T . -30.99 47.55 36.78
O5 NAG T . -28.68 45.18 38.33
O6 NAG T . -28.47 45.08 35.65
O7 NAG T . -27.69 49.65 40.63
C1 NAG U . -13.07 41.84 31.04
C2 NAG U . -13.58 41.70 29.59
C3 NAG U . -12.51 42.20 28.59
C4 NAG U . -12.07 43.61 28.94
C5 NAG U . -11.56 43.65 30.36
C6 NAG U . -11.18 45.03 30.82
C7 NAG U . -14.84 39.97 28.38
C8 NAG U . -15.08 38.49 28.23
N2 NAG U . -13.93 40.33 29.30
O3 NAG U . -13.03 42.17 27.27
O4 NAG U . -11.04 44.02 28.06
O5 NAG U . -12.60 43.20 31.25
O6 NAG U . -12.10 45.55 31.77
O7 NAG U . -15.45 40.79 27.71
C1 NAG V . 2.87 2.53 45.92
C2 NAG V . 3.12 2.32 47.43
C3 NAG V . 4.46 2.94 47.83
C4 NAG V . 5.58 2.38 46.96
C5 NAG V . 5.27 2.63 45.49
C6 NAG V . 6.28 2.00 44.55
C7 NAG V . 1.58 2.29 49.34
C8 NAG V . 0.48 2.99 50.05
N2 NAG V . 2.05 2.87 48.23
O3 NAG V . 4.73 2.68 49.21
O4 NAG V . 6.81 3.01 47.30
O5 NAG V . 3.99 2.04 45.17
O6 NAG V . 7.20 1.18 45.26
O7 NAG V . 2.05 1.23 49.76
C1 NAG W . -0.40 54.36 -9.18
C2 NAG W . 0.28 54.58 -10.52
C3 NAG W . 1.77 54.84 -10.33
C4 NAG W . 2.00 55.97 -9.33
C5 NAG W . 1.27 55.66 -8.03
C6 NAG W . 1.36 56.79 -7.02
C7 NAG W . -0.86 53.43 -12.37
C8 NAG W . -0.94 52.18 -13.19
N2 NAG W . 0.07 53.45 -11.41
O3 NAG W . 2.35 55.18 -11.58
O4 NAG W . 3.39 56.11 -9.08
O5 NAG W . -0.12 55.45 -8.29
O6 NAG W . 0.07 57.23 -6.62
O7 NAG W . -1.62 54.38 -12.56
C1 NAG X . 23.70 32.58 3.34
C2 NAG X . 24.29 31.97 2.06
C3 NAG X . 25.47 32.81 1.58
C4 NAG X . 25.07 34.27 1.43
C5 NAG X . 24.44 34.79 2.72
C6 NAG X . 23.88 36.19 2.60
C7 NAG X . 23.96 29.55 1.89
C8 NAG X . 24.52 28.20 2.21
N2 NAG X . 24.69 30.60 2.29
O3 NAG X . 25.93 32.30 0.34
O4 NAG X . 26.21 35.07 1.14
O5 NAG X . 23.34 33.94 3.10
O6 NAG X . 22.76 36.23 1.72
O7 NAG X . 22.90 29.69 1.30
C1 NAG Y . 64.24 -6.55 -10.78
C2 NAG Y . 64.57 -7.38 -12.00
C3 NAG Y . 66.05 -7.23 -12.37
C4 NAG Y . 66.40 -5.77 -12.54
C5 NAG Y . 66.00 -4.98 -11.29
C6 NAG Y . 66.20 -3.48 -11.45
C7 NAG Y . 63.20 -9.39 -12.36
C8 NAG Y . 63.00 -10.83 -12.02
N2 NAG Y . 64.24 -8.78 -11.78
O3 NAG Y . 66.31 -7.95 -13.57
O4 NAG Y . 67.80 -5.63 -12.76
O5 NAG Y . 64.60 -5.17 -11.02
O6 NAG Y . 65.83 -3.04 -12.74
O7 NAG Y . 62.46 -8.80 -13.14
C1 NAG Z . 54.30 -18.12 18.00
C2 NAG Z . 55.61 -18.38 18.73
C3 NAG Z . 55.34 -19.08 20.05
C4 NAG Z . 54.34 -18.29 20.88
C5 NAG Z . 53.08 -18.02 20.08
C6 NAG Z . 52.10 -17.12 20.79
C7 NAG Z . 57.78 -18.79 17.65
C8 NAG Z . 58.58 -19.71 16.79
N2 NAG Z . 56.52 -19.16 17.90
O3 NAG Z . 56.55 -19.24 20.77
O4 NAG Z . 53.99 -19.02 22.06
O5 NAG Z . 53.42 -17.36 18.84
O6 NAG Z . 51.21 -16.48 19.88
O7 NAG Z . 58.24 -17.74 18.10
C1 NAG AA . 37.21 -27.04 30.33
C2 NAG AA . 38.05 -27.62 31.48
C3 NAG AA . 37.27 -27.55 32.79
C4 NAG AA . 36.80 -26.12 33.05
C5 NAG AA . 36.00 -25.61 31.87
C6 NAG AA . 35.59 -24.16 32.01
C7 NAG AA . 39.68 -29.47 31.35
C8 NAG AA . 40.71 -28.50 31.82
N2 NAG AA . 38.44 -29.00 31.20
O3 NAG AA . 38.10 -27.98 33.86
O4 NAG AA . 36.00 -26.07 34.23
O5 NAG AA . 36.79 -25.70 30.67
O6 NAG AA . 36.64 -23.29 31.61
O7 NAG AA . 39.95 -30.64 31.11
C1 NAG BA . 61.78 -5.69 5.03
C2 NAG BA . 61.66 -4.87 3.76
C3 NAG BA . 61.32 -3.42 4.10
C4 NAG BA . 60.10 -3.35 5.01
C5 NAG BA . 60.26 -4.28 6.21
C6 NAG BA . 59.03 -4.37 7.08
C7 NAG BA . 62.90 -4.87 1.64
C8 NAG BA . 64.26 -4.96 1.00
N2 NAG BA . 62.89 -4.93 2.97
O3 NAG BA . 61.07 -2.69 2.91
O4 NAG BA . 59.93 -2.02 5.48
O5 NAG BA . 60.56 -5.62 5.78
O6 NAG BA . 57.92 -3.73 6.46
O7 NAG BA . 61.88 -4.76 0.97
C1 NAG CA . 75.21 -18.83 -14.48
C2 NAG CA . 75.44 -17.33 -14.68
C3 NAG CA . 75.67 -17.02 -16.15
C4 NAG CA . 76.78 -17.89 -16.72
C5 NAG CA . 76.49 -19.35 -16.45
C6 NAG CA . 77.61 -20.28 -16.88
C7 NAG CA . 74.43 -15.32 -13.67
C8 NAG CA . 73.17 -14.68 -13.18
N2 NAG CA . 74.31 -16.56 -14.16
O3 NAG CA . 76.01 -15.64 -16.31
O4 NAG CA . 76.89 -17.68 -18.12
O5 NAG CA . 76.30 -19.56 -15.05
O6 NAG CA . 77.29 -20.95 -18.09
O7 NAG CA . 75.51 -14.73 -13.64
C1 NAG DA . -35.60 -32.89 17.48
C2 NAG DA . -35.75 -33.40 18.92
C3 NAG DA . -35.99 -32.23 19.88
C4 NAG DA . -34.88 -31.19 19.72
C5 NAG DA . -34.74 -30.78 18.26
C6 NAG DA . -33.57 -29.85 18.03
C7 NAG DA . -36.71 -35.55 19.60
C8 NAG DA . -37.93 -36.42 19.61
N2 NAG DA . -36.84 -34.36 19.01
O3 NAG DA . -36.02 -32.72 21.21
O4 NAG DA . -35.18 -30.05 20.51
O5 NAG DA . -34.54 -31.93 17.43
O6 NAG DA . -33.58 -28.76 18.94
O7 NAG DA . -35.65 -35.93 20.10
C1 NAG EA . 45.17 -57.06 5.27
C2 NAG EA . 44.21 -58.26 5.34
C3 NAG EA . 44.97 -59.57 5.19
C4 NAG EA . 45.84 -59.55 3.93
C5 NAG EA . 46.77 -58.35 3.97
C6 NAG EA . 47.61 -58.21 2.72
C7 NAG EA . 42.19 -58.67 6.65
C8 NAG EA . 41.56 -58.59 8.02
N2 NAG EA . 43.46 -58.25 6.57
O3 NAG EA . 44.06 -60.65 5.12
O4 NAG EA . 46.62 -60.75 3.86
O5 NAG EA . 45.98 -57.16 4.08
O6 NAG EA . 46.87 -57.60 1.67
O7 NAG EA . 41.57 -59.09 5.68
C1 NAG FA . -65.27 -25.15 -6.45
C2 NAG FA . -65.26 -24.01 -5.43
C3 NAG FA . -66.07 -22.83 -5.94
C4 NAG FA . -65.58 -22.40 -7.31
C5 NAG FA . -65.61 -23.59 -8.26
C6 NAG FA . -65.06 -23.28 -9.63
C7 NAG FA . -65.28 -24.04 -2.96
C8 NAG FA . -65.93 -24.61 -1.74
N2 NAG FA . -65.76 -24.46 -4.14
O3 NAG FA . -65.96 -21.74 -5.03
O4 NAG FA . -66.41 -21.37 -7.83
O5 NAG FA . -64.81 -24.66 -7.73
O6 NAG FA . -64.87 -24.46 -10.40
O7 NAG FA . -64.36 -23.23 -2.90
C1 NAG GA . -50.32 -11.15 14.63
C2 NAG GA . -49.60 -9.85 15.05
C3 NAG GA . -48.76 -10.09 16.30
C4 NAG GA . -49.60 -10.68 17.42
C5 NAG GA . -50.22 -11.97 16.94
C6 NAG GA . -51.15 -12.59 17.98
C7 NAG GA . -48.47 -8.05 13.83
C8 NAG GA . -47.61 -7.70 12.65
N2 NAG GA . -48.79 -9.34 13.97
O3 NAG GA . -48.17 -8.86 16.73
O4 NAG GA . -48.78 -10.93 18.56
O5 NAG GA . -51.03 -11.71 15.78
O6 NAG GA . -52.49 -12.20 17.77
O7 NAG GA . -48.85 -7.20 14.63
C1 NAG HA . -28.01 -31.12 -19.34
C2 NAG HA . -27.60 -32.49 -18.80
C3 NAG HA . -27.27 -33.43 -19.95
C4 NAG HA . -28.43 -33.52 -20.93
C5 NAG HA . -28.81 -32.12 -21.40
C6 NAG HA . -30.05 -32.11 -22.28
C7 NAG HA . -26.27 -33.21 -16.86
C8 NAG HA . -25.04 -32.94 -16.04
N2 NAG HA . -26.47 -32.38 -17.89
O3 NAG HA . -26.97 -34.73 -19.44
O4 NAG HA . -28.07 -34.32 -22.04
O5 NAG HA . -29.11 -31.28 -20.28
O6 NAG HA . -30.81 -33.30 -22.11
O7 NAG HA . -27.04 -34.12 -16.61
C1 NAG IA . -27.12 3.67 47.99
C2 NAG IA . -26.41 5.01 48.28
C3 NAG IA . -25.28 4.78 49.27
C4 NAG IA . -25.79 4.06 50.52
C5 NAG IA . -26.52 2.79 50.12
C6 NAG IA . -27.15 2.08 51.31
C7 NAG IA . -25.78 6.94 46.90
C8 NAG IA . -25.25 7.40 45.58
N2 NAG IA . -25.91 5.62 47.06
O3 NAG IA . -24.71 6.04 49.65
O4 NAG IA . -24.68 3.72 51.36
O5 NAG IA . -27.58 3.09 49.21
O6 NAG IA . -28.21 1.23 50.89
O7 NAG IA . -26.09 7.73 47.78
C1 NAG JA . -8.02 -23.62 33.38
C2 NAG JA . -6.63 -23.81 34.00
C3 NAG JA . -6.71 -24.75 35.21
C4 NAG JA . -7.75 -24.25 36.21
C5 NAG JA . -9.09 -24.07 35.51
C6 NAG JA . -10.14 -23.46 36.41
C7 NAG JA . -4.45 -23.84 32.82
C8 NAG JA . -4.06 -22.68 33.69
N2 NAG JA . -5.69 -24.33 33.02
O3 NAG JA . -5.43 -24.81 35.84
O4 NAG JA . -7.90 -25.19 37.26
O5 NAG JA . -8.94 -23.16 34.39
O6 NAG JA . -9.97 -22.06 36.54
O7 NAG JA . -3.69 -24.32 31.99
C1 NAG KA . 44.39 -42.63 23.20
C2 NAG KA . 45.77 -42.04 23.46
C3 NAG KA . 46.55 -42.92 24.45
C4 NAG KA . 45.72 -43.15 25.71
C5 NAG KA . 44.35 -43.70 25.35
C6 NAG KA . 43.44 -43.86 26.55
C7 NAG KA . 46.58 -40.72 21.55
C8 NAG KA . 47.39 -40.75 20.29
N2 NAG KA . 46.52 -41.87 22.23
O3 NAG KA . 47.77 -42.29 24.78
O4 NAG KA . 46.40 -44.08 26.56
O5 NAG KA . 43.69 -42.81 24.44
O6 NAG KA . 42.45 -44.84 26.32
O7 NAG KA . 45.99 -39.72 21.94
C1 NAG LA . 29.00 -52.59 -3.79
C2 NAG LA . 29.49 -54.04 -3.79
C3 NAG LA . 29.13 -54.72 -5.10
C4 NAG LA . 27.63 -54.60 -5.36
C5 NAG LA . 27.20 -53.14 -5.30
C6 NAG LA . 25.71 -52.96 -5.43
C7 NAG LA . 31.47 -54.66 -2.46
C8 NAG LA . 32.96 -54.64 -2.39
N2 NAG LA . 30.93 -54.10 -3.56
O3 NAG LA . 29.51 -56.09 -5.04
O4 NAG LA . 27.33 -55.13 -6.65
O5 NAG LA . 27.59 -52.57 -4.03
O6 NAG LA . 25.34 -51.60 -5.27
O7 NAG LA . 30.78 -55.16 -1.58
C1 NAG MA . 17.76 -46.76 -22.95
C2 NAG MA . 17.97 -48.06 -23.74
C3 NAG MA . 16.77 -48.33 -24.64
C4 NAG MA . 15.48 -48.32 -23.84
C5 NAG MA . 15.36 -47.01 -23.08
C6 NAG MA . 14.15 -46.95 -22.18
C7 NAG MA . 20.12 -48.95 -24.57
C8 NAG MA . 19.87 -50.16 -23.71
N2 NAG MA . 19.19 -48.00 -24.54
O3 NAG MA . 16.94 -49.59 -25.28
O4 NAG MA . 14.36 -48.47 -24.70
O5 NAG MA . 16.51 -46.83 -22.25
O6 NAG MA . 14.54 -46.78 -20.82
O7 NAG MA . 21.13 -48.86 -25.26
C1 NAG NA . 32.90 -51.33 13.94
C2 NAG NA . 32.40 -50.43 15.08
C3 NAG NA . 30.94 -50.75 15.38
C4 NAG NA . 30.09 -50.69 14.13
C5 NAG NA . 30.70 -51.56 13.03
C6 NAG NA . 29.98 -51.45 11.71
C7 NAG NA . 33.42 -49.60 17.15
C8 NAG NA . 34.31 -49.94 18.30
N2 NAG NA . 33.23 -50.59 16.26
O3 NAG NA . 30.44 -49.82 16.35
O4 NAG NA . 28.77 -51.15 14.41
O5 NAG NA . 32.05 -51.17 12.80
O6 NAG NA . 30.73 -52.06 10.67
O7 NAG NA . 32.90 -48.51 17.03
C1 NAG OA . 60.10 -47.96 18.68
C2 NAG OA . 59.47 -48.30 20.04
C3 NAG OA . 60.25 -47.59 21.15
C4 NAG OA . 61.73 -47.92 21.07
C5 NAG OA . 62.26 -47.60 19.68
C6 NAG OA . 63.70 -48.01 19.49
C7 NAG OA . 57.15 -48.55 20.77
C8 NAG OA . 55.75 -48.00 20.69
N2 NAG OA . 58.08 -47.90 20.06
O3 NAG OA . 59.73 -48.01 22.42
O4 NAG OA . 62.45 -47.18 22.04
O5 NAG OA . 61.50 -48.31 18.69
O6 NAG OA . 63.80 -49.22 18.75
O7 NAG OA . 57.41 -49.54 21.45
#